data_1ONB
#
_entry.id   1ONB
#
_entity_poly.entity_id   1
_entity_poly.type   'polypeptide(L)'
_entity_poly.pdbx_seq_one_letter_code
;GSHMGSVTVPHPNIEEVALSTTGEIPFYGKAIPLEVIKGGRHLIFCHSKKKCDELAAKLVALGINAVAYYRGLDVSVIPT
NGDVVVVATDALMTGFTGDFDSVIDCNTSDGKPQDAVSRTQRRGRTGRGKPGIYRFVAPGER
;
_entity_poly.pdbx_strand_id   A
#
# COMPACT_ATOMS: atom_id res chain seq x y z
N GLY A 5 25.75 -1.89 6.97
CA GLY A 5 24.69 -2.29 7.93
C GLY A 5 23.84 -3.41 7.33
N SER A 6 22.57 -3.17 7.16
CA SER A 6 21.69 -4.23 6.57
C SER A 6 21.59 -4.05 5.06
N VAL A 7 21.70 -5.11 4.31
CA VAL A 7 21.60 -5.00 2.83
C VAL A 7 20.33 -5.69 2.33
N THR A 8 19.34 -4.93 1.98
CA THR A 8 18.07 -5.53 1.49
C THR A 8 18.25 -6.11 0.09
N VAL A 9 17.60 -7.21 -0.20
CA VAL A 9 17.74 -7.83 -1.54
C VAL A 9 17.09 -6.91 -2.60
N PRO A 10 17.65 -6.94 -3.77
CA PRO A 10 17.12 -6.11 -4.88
C PRO A 10 15.81 -6.69 -5.41
N HIS A 11 15.31 -6.12 -6.47
CA HIS A 11 14.04 -6.61 -7.09
C HIS A 11 13.59 -5.61 -8.16
N PRO A 12 14.24 -5.66 -9.30
CA PRO A 12 13.91 -4.75 -10.41
C PRO A 12 12.53 -5.06 -11.00
N ASN A 13 12.01 -6.22 -10.73
CA ASN A 13 10.66 -6.56 -11.27
C ASN A 13 9.63 -5.52 -10.82
N ILE A 14 9.88 -4.85 -9.74
CA ILE A 14 8.92 -3.82 -9.26
C ILE A 14 9.48 -2.42 -9.53
N GLU A 15 8.67 -1.55 -10.07
CA GLU A 15 9.14 -0.16 -10.34
C GLU A 15 8.95 0.68 -9.07
N GLU A 16 9.96 1.35 -8.62
CA GLU A 16 9.81 2.17 -7.39
C GLU A 16 9.34 3.58 -7.72
N VAL A 17 8.44 4.12 -6.94
CA VAL A 17 7.92 5.49 -7.22
C VAL A 17 7.93 6.32 -5.94
N ALA A 18 7.98 7.62 -6.08
CA ALA A 18 7.98 8.49 -4.86
C ALA A 18 6.64 9.22 -4.74
N LEU A 19 5.88 8.92 -3.74
CA LEU A 19 4.56 9.60 -3.56
C LEU A 19 4.77 11.13 -3.54
N SER A 20 3.89 11.86 -4.18
CA SER A 20 4.03 13.34 -4.19
C SER A 20 2.68 14.00 -3.94
N THR A 21 2.67 15.31 -3.79
CA THR A 21 1.39 16.02 -3.54
C THR A 21 0.55 16.03 -4.82
N THR A 22 0.01 14.91 -5.20
CA THR A 22 -0.82 14.86 -6.45
C THR A 22 -1.95 13.85 -6.29
N GLY A 23 -3.18 14.30 -6.19
CA GLY A 23 -4.28 13.32 -6.06
C GLY A 23 -5.42 13.88 -5.22
N GLU A 24 -6.40 13.06 -4.94
CA GLU A 24 -7.57 13.52 -4.13
C GLU A 24 -7.52 12.91 -2.74
N ILE A 25 -6.84 11.80 -2.58
CA ILE A 25 -6.79 11.19 -1.22
C ILE A 25 -5.52 11.65 -0.49
N PRO A 26 -5.70 12.58 0.41
CA PRO A 26 -4.55 13.13 1.18
C PRO A 26 -3.89 12.03 2.01
N PHE A 27 -2.59 12.03 2.07
CA PHE A 27 -1.87 10.97 2.84
C PHE A 27 -0.78 11.58 3.73
N TYR A 28 0.12 10.76 4.21
CA TYR A 28 1.23 11.26 5.09
C TYR A 28 2.05 12.34 4.40
N GLY A 29 1.58 13.56 4.41
CA GLY A 29 2.34 14.66 3.74
C GLY A 29 2.35 14.47 2.23
N LYS A 30 1.65 13.49 1.73
CA LYS A 30 1.62 13.25 0.26
C LYS A 30 0.18 13.10 -0.21
N ALA A 31 -0.10 13.37 -1.46
CA ALA A 31 -1.49 13.20 -1.94
C ALA A 31 -1.55 12.04 -2.92
N ILE A 32 -2.12 10.95 -2.52
CA ILE A 32 -2.17 9.77 -3.43
C ILE A 32 -3.10 10.04 -4.62
N PRO A 33 -2.53 10.09 -5.80
CA PRO A 33 -3.36 10.25 -7.01
C PRO A 33 -4.13 8.95 -7.19
N LEU A 34 -5.43 9.01 -7.35
CA LEU A 34 -6.21 7.74 -7.48
C LEU A 34 -5.68 6.90 -8.64
N GLU A 35 -4.94 7.47 -9.55
CA GLU A 35 -4.41 6.67 -10.69
C GLU A 35 -3.52 5.52 -10.16
N VAL A 36 -3.09 5.60 -8.93
CA VAL A 36 -2.22 4.52 -8.38
C VAL A 36 -3.06 3.43 -7.69
N ILE A 37 -4.24 3.76 -7.22
CA ILE A 37 -5.08 2.74 -6.54
C ILE A 37 -6.40 2.53 -7.30
N LYS A 38 -6.76 3.44 -8.16
CA LYS A 38 -8.03 3.26 -8.94
C LYS A 38 -7.71 2.73 -10.33
N GLY A 39 -8.61 1.95 -10.87
CA GLY A 39 -8.36 1.37 -12.22
C GLY A 39 -8.10 -0.12 -12.09
N GLY A 40 -8.01 -0.63 -10.88
CA GLY A 40 -7.76 -2.09 -10.71
C GLY A 40 -7.66 -2.45 -9.23
N ARG A 41 -6.71 -3.26 -8.87
CA ARG A 41 -6.56 -3.67 -7.44
C ARG A 41 -5.21 -3.20 -6.89
N HIS A 42 -5.21 -2.59 -5.74
CA HIS A 42 -3.92 -2.10 -5.17
C HIS A 42 -3.87 -2.36 -3.66
N LEU A 43 -2.70 -2.55 -3.13
CA LEU A 43 -2.58 -2.79 -1.65
C LEU A 43 -1.87 -1.61 -0.99
N ILE A 44 -2.55 -0.90 -0.15
CA ILE A 44 -1.91 0.25 0.53
C ILE A 44 -1.43 -0.15 1.92
N PHE A 45 -0.21 0.10 2.22
CA PHE A 45 0.33 -0.27 3.57
C PHE A 45 0.24 0.93 4.51
N CYS A 46 -0.43 0.77 5.63
CA CYS A 46 -0.55 1.91 6.59
C CYS A 46 0.11 1.55 7.92
N HIS A 47 0.44 2.54 8.70
CA HIS A 47 1.06 2.28 10.03
C HIS A 47 0.06 2.54 11.15
N SER A 48 -1.14 2.94 10.84
CA SER A 48 -2.14 3.22 11.90
C SER A 48 -3.50 2.59 11.56
N LYS A 49 -4.13 1.99 12.53
CA LYS A 49 -5.44 1.34 12.30
C LYS A 49 -6.54 2.40 12.09
N LYS A 50 -6.50 3.47 12.83
CA LYS A 50 -7.53 4.53 12.69
C LYS A 50 -7.55 5.07 11.25
N LYS A 51 -6.40 5.17 10.65
CA LYS A 51 -6.33 5.68 9.26
C LYS A 51 -6.83 4.62 8.29
N CYS A 52 -6.59 3.38 8.59
CA CYS A 52 -7.06 2.28 7.70
C CYS A 52 -8.58 2.34 7.60
N ASP A 53 -9.24 2.72 8.67
CA ASP A 53 -10.73 2.79 8.63
C ASP A 53 -11.19 3.93 7.72
N GLU A 54 -10.63 5.10 7.92
CA GLU A 54 -11.04 6.27 7.06
C GLU A 54 -10.49 6.11 5.65
N LEU A 55 -9.25 5.71 5.54
CA LEU A 55 -8.63 5.55 4.19
C LEU A 55 -9.44 4.56 3.33
N ALA A 56 -9.87 3.47 3.90
CA ALA A 56 -10.65 2.49 3.09
C ALA A 56 -12.07 3.00 2.85
N ALA A 57 -12.77 3.40 3.87
CA ALA A 57 -14.16 3.92 3.66
C ALA A 57 -14.11 5.15 2.75
N LYS A 58 -13.11 5.98 2.93
CA LYS A 58 -12.99 7.19 2.07
C LYS A 58 -12.88 6.76 0.60
N LEU A 59 -12.05 5.79 0.32
CA LEU A 59 -11.89 5.33 -1.09
C LEU A 59 -13.26 4.94 -1.66
N VAL A 60 -14.09 4.29 -0.88
CA VAL A 60 -15.44 3.92 -1.39
C VAL A 60 -16.16 5.19 -1.87
N ALA A 61 -15.92 6.29 -1.21
CA ALA A 61 -16.56 7.57 -1.60
C ALA A 61 -15.88 8.13 -2.86
N LEU A 62 -14.61 7.88 -3.01
CA LEU A 62 -13.88 8.38 -4.21
C LEU A 62 -14.31 7.62 -5.45
N GLY A 63 -14.77 6.42 -5.25
CA GLY A 63 -15.23 5.57 -6.39
C GLY A 63 -14.41 4.27 -6.42
N ILE A 64 -13.58 4.07 -5.44
CA ILE A 64 -12.74 2.84 -5.39
C ILE A 64 -13.25 1.91 -4.28
N ASN A 65 -13.22 0.62 -4.49
CA ASN A 65 -13.67 -0.29 -3.40
C ASN A 65 -12.46 -0.53 -2.51
N ALA A 66 -12.46 0.03 -1.34
CA ALA A 66 -11.27 -0.13 -0.47
C ALA A 66 -11.62 -0.79 0.86
N VAL A 67 -10.69 -1.51 1.42
CA VAL A 67 -10.94 -2.17 2.73
C VAL A 67 -9.71 -2.03 3.61
N ALA A 68 -9.88 -2.03 4.91
CA ALA A 68 -8.71 -1.91 5.79
C ALA A 68 -8.53 -3.20 6.60
N TYR A 69 -7.34 -3.74 6.63
CA TYR A 69 -7.11 -5.00 7.40
C TYR A 69 -6.04 -4.77 8.47
N TYR A 70 -6.39 -5.02 9.71
CA TYR A 70 -5.41 -4.83 10.82
C TYR A 70 -5.82 -5.70 12.02
N ARG A 71 -5.05 -5.71 13.06
CA ARG A 71 -5.40 -6.55 14.24
C ARG A 71 -6.81 -6.24 14.72
N GLY A 72 -7.66 -7.24 14.80
CA GLY A 72 -9.06 -7.01 15.26
C GLY A 72 -9.91 -6.49 14.10
N LEU A 73 -9.69 -7.01 12.93
CA LEU A 73 -10.49 -6.54 11.75
C LEU A 73 -11.31 -7.71 11.18
N ASP A 74 -12.38 -7.41 10.50
CA ASP A 74 -13.24 -8.48 9.93
C ASP A 74 -12.88 -8.73 8.46
N VAL A 75 -13.03 -9.93 8.00
CA VAL A 75 -12.71 -10.21 6.58
C VAL A 75 -13.65 -9.38 5.69
N SER A 76 -13.11 -8.41 5.02
CA SER A 76 -13.95 -7.55 4.15
C SER A 76 -13.31 -7.38 2.77
N VAL A 77 -12.00 -7.31 2.72
CA VAL A 77 -11.32 -7.15 1.41
C VAL A 77 -11.81 -8.21 0.42
N ILE A 78 -12.21 -7.80 -0.76
CA ILE A 78 -12.69 -8.79 -1.76
C ILE A 78 -12.15 -8.44 -3.16
N PRO A 79 -11.33 -9.32 -3.70
CA PRO A 79 -10.76 -9.09 -5.04
C PRO A 79 -11.69 -9.61 -6.14
N THR A 80 -12.97 -9.44 -5.99
CA THR A 80 -13.91 -9.95 -7.03
C THR A 80 -15.10 -9.00 -7.18
N ASN A 81 -14.85 -7.72 -7.27
CA ASN A 81 -15.97 -6.75 -7.43
C ASN A 81 -15.56 -5.62 -8.37
N GLY A 82 -14.66 -5.90 -9.27
CA GLY A 82 -14.22 -4.85 -10.23
C GLY A 82 -12.85 -4.33 -9.82
N ASP A 83 -12.81 -3.25 -9.08
CA ASP A 83 -11.49 -2.70 -8.64
C ASP A 83 -11.49 -2.47 -7.13
N VAL A 84 -10.76 -3.29 -6.44
CA VAL A 84 -10.70 -3.15 -4.96
C VAL A 84 -9.27 -2.82 -4.51
N VAL A 85 -9.16 -1.88 -3.63
CA VAL A 85 -7.82 -1.51 -3.11
C VAL A 85 -7.74 -1.88 -1.64
N VAL A 86 -6.80 -2.69 -1.28
CA VAL A 86 -6.71 -3.14 0.14
C VAL A 86 -5.70 -2.28 0.90
N VAL A 87 -6.13 -1.59 1.93
CA VAL A 87 -5.17 -0.75 2.70
C VAL A 87 -4.99 -1.37 4.08
N ALA A 88 -3.92 -2.09 4.28
CA ALA A 88 -3.73 -2.76 5.60
C ALA A 88 -2.25 -2.72 6.03
N THR A 89 -2.01 -2.95 7.29
CA THR A 89 -0.61 -2.94 7.81
C THR A 89 -0.05 -4.36 7.77
N ASP A 90 0.63 -4.80 8.81
CA ASP A 90 1.19 -6.17 8.81
C ASP A 90 0.15 -7.18 9.32
N ALA A 91 -1.05 -7.11 8.83
CA ALA A 91 -2.09 -8.07 9.30
C ALA A 91 -2.58 -8.93 8.14
N LEU A 92 -2.42 -8.47 6.93
CA LEU A 92 -2.87 -9.28 5.75
C LEU A 92 -2.01 -10.55 5.65
N MET A 93 -0.79 -10.48 6.10
CA MET A 93 0.11 -11.67 6.04
C MET A 93 0.08 -12.31 4.65
N THR A 94 0.16 -11.50 3.62
CA THR A 94 0.17 -12.02 2.20
C THR A 94 -0.72 -13.28 2.04
N GLY A 95 -0.15 -14.40 1.66
CA GLY A 95 -0.98 -15.62 1.49
C GLY A 95 -1.58 -15.64 0.09
N PHE A 96 -2.41 -14.67 -0.22
CA PHE A 96 -3.02 -14.61 -1.57
C PHE A 96 -2.65 -13.30 -2.26
N THR A 97 -1.85 -12.47 -1.62
CA THR A 97 -1.45 -11.18 -2.24
C THR A 97 -0.55 -11.43 -3.45
N GLY A 98 0.27 -10.47 -3.80
CA GLY A 98 1.18 -10.65 -4.95
C GLY A 98 0.50 -10.17 -6.24
N ASP A 99 -0.76 -10.45 -6.41
CA ASP A 99 -1.46 -10.01 -7.65
C ASP A 99 -1.96 -8.57 -7.51
N PHE A 100 -1.08 -7.64 -7.25
CA PHE A 100 -1.52 -6.21 -7.13
C PHE A 100 -0.81 -5.36 -8.18
N ASP A 101 -1.46 -4.37 -8.68
CA ASP A 101 -0.83 -3.50 -9.69
C ASP A 101 0.24 -2.63 -9.03
N SER A 102 0.03 -2.23 -7.79
CA SER A 102 1.04 -1.39 -7.11
C SER A 102 0.82 -1.39 -5.59
N VAL A 103 1.81 -0.97 -4.85
CA VAL A 103 1.66 -0.92 -3.35
C VAL A 103 2.00 0.47 -2.84
N ILE A 104 1.03 1.17 -2.29
CA ILE A 104 1.32 2.54 -1.75
C ILE A 104 1.63 2.41 -0.26
N ASP A 105 2.84 2.72 0.13
CA ASP A 105 3.22 2.58 1.57
C ASP A 105 3.69 3.90 2.16
N CYS A 106 3.66 3.99 3.46
CA CYS A 106 4.14 5.22 4.14
C CYS A 106 5.64 5.06 4.47
N ASN A 107 6.18 3.87 4.26
CA ASN A 107 7.64 3.64 4.53
C ASN A 107 8.05 4.10 5.93
N THR A 108 7.11 4.26 6.82
CA THR A 108 7.48 4.71 8.20
C THR A 108 6.49 4.09 9.21
N SER A 109 6.97 3.21 10.05
CA SER A 109 6.06 2.57 11.05
C SER A 109 5.98 3.42 12.32
N ASP A 110 4.81 3.53 12.90
CA ASP A 110 4.66 4.34 14.15
C ASP A 110 5.24 5.74 13.96
N GLY A 111 5.24 6.24 12.75
CA GLY A 111 5.80 7.61 12.51
C GLY A 111 7.30 7.53 12.26
N LYS A 112 7.92 6.41 12.56
CA LYS A 112 9.39 6.28 12.33
C LYS A 112 9.64 5.58 11.00
N PRO A 113 10.80 5.80 10.44
CA PRO A 113 11.15 5.17 9.15
C PRO A 113 11.20 3.65 9.30
N GLN A 114 10.61 2.93 8.39
CA GLN A 114 10.60 1.44 8.48
C GLN A 114 12.02 0.88 8.53
N ASP A 115 12.14 -0.42 8.56
CA ASP A 115 13.50 -1.06 8.60
C ASP A 115 13.83 -1.71 7.25
N ALA A 116 15.09 -1.97 7.03
CA ALA A 116 15.54 -2.59 5.74
C ALA A 116 14.59 -3.70 5.26
N VAL A 117 14.34 -4.70 6.07
CA VAL A 117 13.44 -5.80 5.61
C VAL A 117 12.01 -5.33 5.39
N SER A 118 11.58 -4.33 6.13
CA SER A 118 10.17 -3.84 5.96
C SER A 118 9.85 -3.65 4.47
N ARG A 119 10.59 -2.84 3.78
CA ARG A 119 10.32 -2.65 2.33
C ARG A 119 10.60 -3.96 1.61
N THR A 120 11.56 -4.71 2.06
CA THR A 120 11.84 -6.01 1.40
C THR A 120 10.58 -6.87 1.51
N GLN A 121 10.02 -6.98 2.68
CA GLN A 121 8.78 -7.79 2.86
C GLN A 121 7.58 -7.05 2.26
N ARG A 122 7.49 -5.75 2.45
CA ARG A 122 6.33 -5.00 1.89
C ARG A 122 6.42 -4.92 0.36
N ARG A 123 7.57 -4.64 -0.17
CA ARG A 123 7.70 -4.56 -1.66
C ARG A 123 7.19 -5.84 -2.31
N GLY A 124 7.44 -6.97 -1.70
CA GLY A 124 6.97 -8.26 -2.29
C GLY A 124 5.44 -8.29 -2.30
N ARG A 125 4.84 -7.60 -3.22
CA ARG A 125 3.36 -7.57 -3.32
C ARG A 125 2.96 -7.33 -4.78
N THR A 126 3.64 -6.42 -5.43
CA THR A 126 3.34 -6.14 -6.86
C THR A 126 4.42 -6.77 -7.75
N GLY A 127 4.06 -7.35 -8.86
CA GLY A 127 5.10 -7.95 -9.73
C GLY A 127 4.83 -9.44 -9.94
N ARG A 128 3.63 -9.89 -9.72
CA ARG A 128 3.34 -11.34 -9.91
C ARG A 128 2.79 -11.57 -11.32
N GLY A 129 3.67 -11.67 -12.29
CA GLY A 129 3.21 -11.89 -13.69
C GLY A 129 3.73 -10.75 -14.56
N LYS A 130 3.88 -9.59 -13.98
CA LYS A 130 4.38 -8.42 -14.74
C LYS A 130 5.24 -7.56 -13.80
N PRO A 131 5.58 -6.37 -14.24
CA PRO A 131 6.40 -5.49 -13.38
C PRO A 131 5.52 -4.73 -12.39
N GLY A 132 5.61 -5.03 -11.12
CA GLY A 132 4.76 -4.32 -10.13
C GLY A 132 5.30 -2.92 -9.90
N ILE A 133 4.54 -2.09 -9.22
CA ILE A 133 5.00 -0.71 -8.94
C ILE A 133 4.89 -0.44 -7.44
N TYR A 134 5.83 0.28 -6.88
CA TYR A 134 5.76 0.57 -5.43
C TYR A 134 5.89 2.07 -5.16
N ARG A 135 4.86 2.68 -4.65
CA ARG A 135 4.92 4.13 -4.36
C ARG A 135 5.02 4.34 -2.85
N PHE A 136 6.03 5.02 -2.40
CA PHE A 136 6.18 5.25 -0.93
C PHE A 136 6.15 6.75 -0.60
N VAL A 137 5.79 7.09 0.60
CA VAL A 137 5.76 8.53 0.97
C VAL A 137 7.19 9.05 1.12
N ALA A 138 7.94 8.49 2.03
CA ALA A 138 9.35 8.94 2.23
C ALA A 138 10.30 7.97 1.51
N PRO A 139 11.40 8.51 1.03
CA PRO A 139 12.40 7.69 0.31
C PRO A 139 13.15 6.78 1.30
N GLY A 140 13.61 7.33 2.38
CA GLY A 140 14.35 6.50 3.38
C GLY A 140 14.68 7.36 4.60
N GLU A 141 15.94 7.43 4.96
CA GLU A 141 16.33 8.26 6.14
C GLU A 141 17.12 9.49 5.69
N ARG A 142 18.25 9.30 5.07
CA ARG A 142 19.06 10.46 4.61
C ARG A 142 19.76 10.13 3.29
N GLY A 5 24.97 -5.92 9.36
CA GLY A 5 23.87 -4.96 9.06
C GLY A 5 22.72 -5.70 8.38
N SER A 6 21.78 -4.96 7.83
CA SER A 6 20.63 -5.62 7.14
C SER A 6 20.76 -5.46 5.63
N VAL A 7 20.73 -6.53 4.91
CA VAL A 7 20.84 -6.44 3.42
C VAL A 7 19.53 -6.87 2.77
N THR A 8 18.77 -5.92 2.29
CA THR A 8 17.48 -6.26 1.64
C THR A 8 17.71 -6.76 0.21
N VAL A 9 16.94 -7.73 -0.22
CA VAL A 9 17.12 -8.25 -1.60
C VAL A 9 16.54 -7.24 -2.60
N PRO A 10 17.15 -7.21 -3.76
CA PRO A 10 16.69 -6.29 -4.82
C PRO A 10 15.33 -6.72 -5.37
N HIS A 11 14.90 -6.13 -6.45
CA HIS A 11 13.57 -6.49 -7.03
C HIS A 11 13.26 -5.59 -8.23
N PRO A 12 13.84 -5.92 -9.36
CA PRO A 12 13.61 -5.12 -10.59
C PRO A 12 12.20 -5.37 -11.14
N ASN A 13 11.55 -6.40 -10.68
CA ASN A 13 10.18 -6.70 -11.18
C ASN A 13 9.21 -5.59 -10.75
N ILE A 14 9.50 -4.89 -9.69
CA ILE A 14 8.57 -3.81 -9.25
C ILE A 14 9.21 -2.44 -9.51
N GLU A 15 8.44 -1.53 -10.04
CA GLU A 15 8.97 -0.17 -10.31
C GLU A 15 8.86 0.69 -9.05
N GLU A 16 9.93 1.31 -8.64
CA GLU A 16 9.88 2.15 -7.41
C GLU A 16 9.47 3.58 -7.76
N VAL A 17 8.52 4.12 -7.04
CA VAL A 17 8.06 5.51 -7.33
C VAL A 17 8.12 6.37 -6.07
N ALA A 18 8.18 7.67 -6.22
CA ALA A 18 8.23 8.56 -5.03
C ALA A 18 6.88 9.25 -4.85
N LEU A 19 6.13 8.87 -3.86
CA LEU A 19 4.79 9.52 -3.65
C LEU A 19 4.97 11.03 -3.53
N SER A 20 4.09 11.78 -4.12
CA SER A 20 4.22 13.27 -4.05
C SER A 20 2.85 13.90 -3.79
N THR A 21 2.80 15.21 -3.71
CA THR A 21 1.50 15.89 -3.45
C THR A 21 0.69 15.98 -4.75
N THR A 22 0.13 14.87 -5.17
CA THR A 22 -0.67 14.88 -6.43
C THR A 22 -1.81 13.86 -6.34
N GLY A 23 -3.04 14.32 -6.32
CA GLY A 23 -4.15 13.35 -6.24
C GLY A 23 -5.30 13.91 -5.39
N GLU A 24 -6.17 13.05 -4.95
CA GLU A 24 -7.31 13.51 -4.12
C GLU A 24 -7.26 12.87 -2.74
N ILE A 25 -6.59 11.76 -2.61
CA ILE A 25 -6.54 11.12 -1.27
C ILE A 25 -5.24 11.50 -0.54
N PRO A 26 -5.35 12.45 0.36
CA PRO A 26 -4.17 12.90 1.12
C PRO A 26 -3.61 11.75 1.95
N PHE A 27 -2.32 11.71 2.16
CA PHE A 27 -1.74 10.57 2.92
C PHE A 27 -0.34 10.91 3.45
N TYR A 28 -0.25 11.34 4.68
CA TYR A 28 1.08 11.68 5.29
C TYR A 28 1.80 12.77 4.50
N GLY A 29 1.27 13.97 4.52
CA GLY A 29 1.93 15.09 3.78
C GLY A 29 2.08 14.74 2.30
N LYS A 30 1.40 13.73 1.84
CA LYS A 30 1.51 13.35 0.41
C LYS A 30 0.10 13.18 -0.17
N ALA A 31 -0.06 13.31 -1.46
CA ALA A 31 -1.42 13.14 -2.04
C ALA A 31 -1.41 11.96 -3.01
N ILE A 32 -2.00 10.88 -2.63
CA ILE A 32 -2.02 9.70 -3.53
C ILE A 32 -2.96 9.97 -4.72
N PRO A 33 -2.40 10.04 -5.90
CA PRO A 33 -3.23 10.21 -7.10
C PRO A 33 -4.00 8.91 -7.29
N LEU A 34 -5.29 8.97 -7.47
CA LEU A 34 -6.07 7.70 -7.60
C LEU A 34 -5.52 6.84 -8.73
N GLU A 35 -4.78 7.41 -9.64
CA GLU A 35 -4.21 6.58 -10.75
C GLU A 35 -3.32 5.46 -10.18
N VAL A 36 -2.92 5.56 -8.95
CA VAL A 36 -2.04 4.51 -8.37
C VAL A 36 -2.88 3.42 -7.67
N ILE A 37 -4.06 3.75 -7.22
CA ILE A 37 -4.90 2.71 -6.53
C ILE A 37 -6.20 2.46 -7.31
N LYS A 38 -6.60 3.38 -8.15
CA LYS A 38 -7.85 3.17 -8.94
C LYS A 38 -7.52 2.59 -10.31
N GLY A 39 -8.40 1.79 -10.84
CA GLY A 39 -8.13 1.18 -12.17
C GLY A 39 -7.86 -0.32 -11.99
N GLY A 40 -7.77 -0.79 -10.77
CA GLY A 40 -7.51 -2.24 -10.57
C GLY A 40 -7.38 -2.56 -9.08
N ARG A 41 -6.45 -3.42 -8.73
CA ARG A 41 -6.27 -3.78 -7.30
C ARG A 41 -4.95 -3.25 -6.78
N HIS A 42 -4.96 -2.59 -5.64
CA HIS A 42 -3.68 -2.05 -5.09
C HIS A 42 -3.62 -2.25 -3.58
N LEU A 43 -2.43 -2.36 -3.03
CA LEU A 43 -2.31 -2.56 -1.56
C LEU A 43 -1.62 -1.34 -0.92
N ILE A 44 -2.28 -0.71 0.01
CA ILE A 44 -1.65 0.47 0.67
C ILE A 44 -1.16 0.07 2.06
N PHE A 45 0.06 0.37 2.37
CA PHE A 45 0.61 0.01 3.70
C PHE A 45 0.46 1.19 4.67
N CYS A 46 -0.19 0.98 5.79
CA CYS A 46 -0.36 2.10 6.75
C CYS A 46 0.34 1.79 8.07
N HIS A 47 0.63 2.80 8.85
CA HIS A 47 1.31 2.56 10.15
C HIS A 47 0.32 2.82 11.31
N SER A 48 -0.91 3.16 11.01
CA SER A 48 -1.90 3.41 12.08
C SER A 48 -3.24 2.77 11.74
N LYS A 49 -3.90 2.23 12.71
CA LYS A 49 -5.22 1.57 12.47
C LYS A 49 -6.30 2.62 12.19
N LYS A 50 -6.27 3.72 12.90
CA LYS A 50 -7.30 4.78 12.70
C LYS A 50 -7.25 5.29 11.25
N LYS A 51 -6.10 5.33 10.66
CA LYS A 51 -6.00 5.82 9.26
C LYS A 51 -6.59 4.78 8.31
N CYS A 52 -6.42 3.52 8.62
CA CYS A 52 -6.98 2.46 7.76
C CYS A 52 -8.50 2.60 7.70
N ASP A 53 -9.10 3.02 8.77
CA ASP A 53 -10.58 3.16 8.78
C ASP A 53 -11.03 4.31 7.85
N GLU A 54 -10.44 5.47 8.00
CA GLU A 54 -10.83 6.62 7.14
C GLU A 54 -10.29 6.43 5.72
N LEU A 55 -9.04 6.06 5.61
CA LEU A 55 -8.43 5.88 4.26
C LEU A 55 -9.22 4.85 3.43
N ALA A 56 -9.71 3.81 4.04
CA ALA A 56 -10.47 2.80 3.25
C ALA A 56 -11.88 3.32 2.92
N ALA A 57 -12.60 3.79 3.91
CA ALA A 57 -13.97 4.32 3.64
C ALA A 57 -13.90 5.51 2.71
N LYS A 58 -12.91 6.36 2.89
CA LYS A 58 -12.79 7.54 1.99
C LYS A 58 -12.68 7.08 0.54
N LEU A 59 -11.89 6.07 0.31
CA LEU A 59 -11.73 5.56 -1.08
C LEU A 59 -13.08 5.18 -1.67
N VAL A 60 -13.92 4.55 -0.91
CA VAL A 60 -15.27 4.19 -1.43
C VAL A 60 -15.98 5.46 -1.92
N ALA A 61 -15.72 6.57 -1.28
CA ALA A 61 -16.37 7.85 -1.70
C ALA A 61 -15.68 8.39 -2.96
N LEU A 62 -14.41 8.12 -3.11
CA LEU A 62 -13.67 8.60 -4.31
C LEU A 62 -14.12 7.79 -5.53
N GLY A 63 -14.57 6.61 -5.29
CA GLY A 63 -15.02 5.72 -6.41
C GLY A 63 -14.20 4.42 -6.40
N ILE A 64 -13.36 4.25 -5.41
CA ILE A 64 -12.52 3.01 -5.33
C ILE A 64 -13.03 2.10 -4.22
N ASN A 65 -12.99 0.81 -4.39
CA ASN A 65 -13.43 -0.08 -3.29
C ASN A 65 -12.21 -0.34 -2.42
N ALA A 66 -12.15 0.25 -1.26
CA ALA A 66 -10.94 0.08 -0.43
C ALA A 66 -11.26 -0.63 0.89
N VAL A 67 -10.35 -1.45 1.34
CA VAL A 67 -10.58 -2.19 2.63
C VAL A 67 -9.41 -1.92 3.57
N ALA A 68 -9.68 -1.89 4.84
CA ALA A 68 -8.57 -1.67 5.81
C ALA A 68 -8.36 -2.93 6.65
N TYR A 69 -7.18 -3.48 6.64
CA TYR A 69 -6.94 -4.72 7.43
C TYR A 69 -5.88 -4.48 8.52
N TYR A 70 -6.13 -4.97 9.70
CA TYR A 70 -5.15 -4.79 10.81
C TYR A 70 -5.54 -5.67 12.00
N ARG A 71 -4.74 -5.68 13.03
CA ARG A 71 -5.07 -6.55 14.20
C ARG A 71 -6.50 -6.31 14.68
N GLY A 72 -7.29 -7.35 14.73
CA GLY A 72 -8.71 -7.21 15.18
C GLY A 72 -9.57 -6.67 14.04
N LEU A 73 -9.34 -7.11 12.84
CA LEU A 73 -10.17 -6.62 11.70
C LEU A 73 -10.95 -7.78 11.08
N ASP A 74 -12.05 -7.50 10.44
CA ASP A 74 -12.87 -8.58 9.83
C ASP A 74 -12.50 -8.76 8.36
N VAL A 75 -12.61 -9.96 7.86
CA VAL A 75 -12.27 -10.18 6.44
C VAL A 75 -13.22 -9.36 5.55
N SER A 76 -12.70 -8.34 4.92
CA SER A 76 -13.55 -7.49 4.05
C SER A 76 -12.87 -7.25 2.69
N VAL A 77 -11.60 -7.48 2.60
CA VAL A 77 -10.88 -7.27 1.31
C VAL A 77 -11.40 -8.24 0.27
N ILE A 78 -11.53 -7.81 -0.96
CA ILE A 78 -12.05 -8.72 -2.02
C ILE A 78 -11.22 -8.56 -3.30
N PRO A 79 -10.20 -9.36 -3.43
CA PRO A 79 -9.31 -9.32 -4.60
C PRO A 79 -9.80 -10.31 -5.66
N THR A 80 -11.08 -10.40 -5.88
CA THR A 80 -11.60 -11.36 -6.89
C THR A 80 -12.37 -10.63 -8.00
N ASN A 81 -12.89 -9.47 -7.70
CA ASN A 81 -13.66 -8.72 -8.75
C ASN A 81 -13.81 -7.25 -8.34
N GLY A 82 -14.13 -6.40 -9.27
CA GLY A 82 -14.30 -4.95 -8.94
C GLY A 82 -12.96 -4.38 -8.48
N ASP A 83 -12.59 -3.23 -8.96
CA ASP A 83 -11.29 -2.63 -8.54
C ASP A 83 -11.30 -2.38 -7.04
N VAL A 84 -10.57 -3.19 -6.33
CA VAL A 84 -10.51 -3.07 -4.85
C VAL A 84 -9.08 -2.74 -4.42
N VAL A 85 -8.96 -1.80 -3.56
CA VAL A 85 -7.60 -1.44 -3.05
C VAL A 85 -7.51 -1.79 -1.56
N VAL A 86 -6.54 -2.58 -1.20
CA VAL A 86 -6.44 -2.99 0.23
C VAL A 86 -5.45 -2.12 0.98
N VAL A 87 -5.88 -1.42 1.99
CA VAL A 87 -4.93 -0.56 2.76
C VAL A 87 -4.77 -1.15 4.16
N ALA A 88 -3.70 -1.86 4.38
CA ALA A 88 -3.53 -2.50 5.72
C ALA A 88 -2.07 -2.48 6.16
N THR A 89 -1.83 -2.68 7.42
CA THR A 89 -0.44 -2.70 7.94
C THR A 89 0.15 -4.11 7.73
N ASP A 90 0.66 -4.74 8.75
CA ASP A 90 1.23 -6.11 8.57
C ASP A 90 0.24 -7.16 9.05
N ALA A 91 -1.02 -6.98 8.78
CA ALA A 91 -2.05 -7.97 9.22
C ALA A 91 -2.55 -8.77 8.02
N LEU A 92 -2.65 -8.13 6.88
CA LEU A 92 -3.12 -8.86 5.66
C LEU A 92 -2.08 -9.87 5.21
N MET A 93 -0.85 -9.71 5.65
CA MET A 93 0.22 -10.66 5.25
C MET A 93 0.26 -10.79 3.72
N THR A 94 0.66 -11.92 3.23
CA THR A 94 0.72 -12.11 1.75
C THR A 94 0.48 -13.58 1.39
N GLY A 95 -0.29 -14.27 2.17
CA GLY A 95 -0.56 -15.71 1.89
C GLY A 95 -1.39 -15.83 0.61
N PHE A 96 -2.20 -14.85 0.31
CA PHE A 96 -3.05 -14.93 -0.91
C PHE A 96 -2.96 -13.62 -1.71
N THR A 97 -1.94 -12.83 -1.48
CA THR A 97 -1.82 -11.56 -2.23
C THR A 97 -1.01 -11.76 -3.51
N GLY A 98 -0.38 -10.73 -4.00
CA GLY A 98 0.43 -10.87 -5.24
C GLY A 98 -0.31 -10.30 -6.44
N ASP A 99 -1.62 -10.39 -6.44
CA ASP A 99 -2.39 -9.86 -7.60
C ASP A 99 -2.64 -8.36 -7.44
N PHE A 100 -1.61 -7.59 -7.22
CA PHE A 100 -1.81 -6.12 -7.07
C PHE A 100 -1.04 -5.36 -8.15
N ASP A 101 -1.59 -4.27 -8.61
CA ASP A 101 -0.88 -3.48 -9.65
C ASP A 101 0.22 -2.64 -9.01
N SER A 102 0.03 -2.21 -7.78
CA SER A 102 1.07 -1.39 -7.11
C SER A 102 0.87 -1.37 -5.60
N VAL A 103 1.89 -0.96 -4.87
CA VAL A 103 1.77 -0.89 -3.38
C VAL A 103 2.19 0.50 -2.89
N ILE A 104 1.27 1.23 -2.31
CA ILE A 104 1.62 2.59 -1.79
C ILE A 104 2.00 2.47 -0.30
N ASP A 105 3.25 2.71 0.01
CA ASP A 105 3.68 2.57 1.44
C ASP A 105 4.16 3.90 2.02
N CYS A 106 4.20 3.98 3.31
CA CYS A 106 4.68 5.22 3.97
C CYS A 106 6.12 5.01 4.49
N ASN A 107 6.72 3.90 4.15
CA ASN A 107 8.12 3.61 4.62
C ASN A 107 8.26 3.89 6.11
N THR A 108 7.19 3.80 6.86
CA THR A 108 7.27 4.04 8.33
C THR A 108 6.28 3.15 9.09
N SER A 109 6.73 2.51 10.13
CA SER A 109 5.82 1.63 10.91
C SER A 109 5.61 2.23 12.31
N ASP A 110 4.38 2.26 12.77
CA ASP A 110 4.10 2.83 14.12
C ASP A 110 4.77 4.20 14.28
N GLY A 111 4.94 4.92 13.20
CA GLY A 111 5.59 6.26 13.30
C GLY A 111 7.09 6.13 13.03
N LYS A 112 7.67 5.03 13.41
CA LYS A 112 9.14 4.84 13.20
C LYS A 112 9.40 4.48 11.72
N PRO A 113 10.61 4.73 11.28
CA PRO A 113 10.97 4.43 9.87
C PRO A 113 10.92 2.92 9.62
N GLN A 114 10.31 2.51 8.55
CA GLN A 114 10.21 1.05 8.25
C GLN A 114 11.58 0.37 8.39
N ASP A 115 11.61 -0.88 8.76
CA ASP A 115 12.90 -1.61 8.90
C ASP A 115 13.32 -2.25 7.57
N ALA A 116 14.57 -2.58 7.44
CA ALA A 116 15.09 -3.18 6.16
C ALA A 116 14.11 -4.22 5.58
N VAL A 117 13.72 -5.20 6.34
CA VAL A 117 12.80 -6.23 5.79
C VAL A 117 11.40 -5.65 5.51
N SER A 118 11.00 -4.65 6.27
CA SER A 118 9.65 -4.06 6.05
C SER A 118 9.41 -3.78 4.56
N ARG A 119 10.27 -3.02 3.94
CA ARG A 119 10.08 -2.75 2.48
C ARG A 119 10.32 -4.04 1.72
N THR A 120 11.23 -4.86 2.19
CA THR A 120 11.48 -6.15 1.49
C THR A 120 10.18 -6.95 1.49
N GLN A 121 9.56 -7.08 2.63
CA GLN A 121 8.28 -7.83 2.71
C GLN A 121 7.15 -6.99 2.10
N ARG A 122 7.18 -5.69 2.28
CA ARG A 122 6.11 -4.83 1.71
C ARG A 122 6.21 -4.76 0.19
N ARG A 123 7.40 -4.57 -0.34
CA ARG A 123 7.54 -4.49 -1.82
C ARG A 123 7.09 -5.79 -2.48
N GLY A 124 7.43 -6.91 -1.91
CA GLY A 124 7.02 -8.22 -2.50
C GLY A 124 5.50 -8.36 -2.43
N ARG A 125 4.81 -7.83 -3.40
CA ARG A 125 3.31 -7.92 -3.41
C ARG A 125 2.83 -7.57 -4.81
N THR A 126 3.36 -6.52 -5.38
CA THR A 126 2.95 -6.14 -6.76
C THR A 126 4.01 -6.66 -7.73
N GLY A 127 3.63 -7.11 -8.88
CA GLY A 127 4.65 -7.62 -9.84
C GLY A 127 4.46 -9.12 -10.07
N ARG A 128 3.38 -9.69 -9.61
CA ARG A 128 3.17 -11.15 -9.83
C ARG A 128 2.55 -11.39 -11.21
N GLY A 129 3.36 -11.44 -12.22
CA GLY A 129 2.84 -11.66 -13.61
C GLY A 129 3.18 -10.43 -14.46
N LYS A 130 3.39 -9.31 -13.83
CA LYS A 130 3.74 -8.07 -14.58
C LYS A 130 4.67 -7.22 -13.69
N PRO A 131 4.93 -5.99 -14.07
CA PRO A 131 5.79 -5.13 -13.26
C PRO A 131 4.97 -4.39 -12.20
N GLY A 132 5.13 -4.73 -10.94
CA GLY A 132 4.33 -4.04 -9.88
C GLY A 132 4.90 -2.64 -9.61
N ILE A 133 4.08 -1.74 -9.20
CA ILE A 133 4.57 -0.35 -8.90
C ILE A 133 4.58 -0.14 -7.39
N TYR A 134 5.57 0.53 -6.87
CA TYR A 134 5.62 0.76 -5.41
C TYR A 134 5.91 2.23 -5.10
N ARG A 135 4.98 2.90 -4.47
CA ARG A 135 5.20 4.33 -4.12
C ARG A 135 5.47 4.46 -2.62
N PHE A 136 6.55 5.08 -2.24
CA PHE A 136 6.85 5.23 -0.79
C PHE A 136 6.81 6.71 -0.39
N VAL A 137 6.60 6.98 0.87
CA VAL A 137 6.56 8.41 1.32
C VAL A 137 7.97 8.87 1.71
N ALA A 138 8.51 8.30 2.74
CA ALA A 138 9.86 8.71 3.21
C ALA A 138 9.91 10.23 3.44
N PRO A 139 9.73 10.63 4.67
CA PRO A 139 9.74 12.07 5.02
C PRO A 139 11.16 12.64 4.93
N GLY A 140 12.10 11.97 5.54
CA GLY A 140 13.51 12.45 5.50
C GLY A 140 14.43 11.29 5.12
N GLU A 141 13.89 10.29 4.46
CA GLU A 141 14.74 9.13 4.06
C GLU A 141 14.91 9.11 2.54
N ARG A 142 15.84 8.31 2.06
CA ARG A 142 16.06 8.24 0.58
C ARG A 142 16.30 6.80 0.16
N GLY A 5 25.81 -3.61 7.29
CA GLY A 5 24.75 -3.70 8.33
C GLY A 5 23.49 -4.28 7.71
N SER A 6 22.41 -3.54 7.75
CA SER A 6 21.15 -4.05 7.15
C SER A 6 21.14 -3.83 5.63
N VAL A 7 21.30 -4.88 4.88
CA VAL A 7 21.31 -4.74 3.40
C VAL A 7 20.08 -5.41 2.80
N THR A 8 19.12 -4.64 2.40
CA THR A 8 17.88 -5.23 1.80
C THR A 8 18.17 -5.75 0.39
N VAL A 9 17.55 -6.82 0.01
CA VAL A 9 17.79 -7.36 -1.35
C VAL A 9 16.95 -6.58 -2.38
N PRO A 10 17.50 -6.46 -3.55
CA PRO A 10 16.81 -5.72 -4.64
C PRO A 10 15.64 -6.55 -5.19
N HIS A 11 15.14 -6.16 -6.33
CA HIS A 11 14.02 -6.91 -6.95
C HIS A 11 13.68 -6.26 -8.30
N PRO A 12 14.44 -6.63 -9.30
CA PRO A 12 14.24 -6.07 -10.66
C PRO A 12 12.87 -6.49 -11.21
N ASN A 13 11.84 -5.80 -10.81
CA ASN A 13 10.47 -6.12 -11.29
C ASN A 13 9.48 -5.04 -10.83
N ILE A 14 9.67 -4.54 -9.64
CA ILE A 14 8.75 -3.48 -9.13
C ILE A 14 9.35 -2.09 -9.39
N GLU A 15 8.59 -1.20 -9.96
CA GLU A 15 9.10 0.16 -10.22
C GLU A 15 8.91 1.03 -8.97
N GLU A 16 9.95 1.69 -8.53
CA GLU A 16 9.81 2.54 -7.31
C GLU A 16 9.35 3.95 -7.69
N VAL A 17 8.38 4.48 -7.01
CA VAL A 17 7.86 5.83 -7.35
C VAL A 17 7.87 6.73 -6.12
N ALA A 18 7.88 8.02 -6.31
CA ALA A 18 7.87 8.95 -5.14
C ALA A 18 6.49 9.61 -5.01
N LEU A 19 5.75 9.26 -3.99
CA LEU A 19 4.41 9.88 -3.81
C LEU A 19 4.52 11.39 -3.77
N SER A 20 3.61 12.09 -4.38
CA SER A 20 3.68 13.58 -4.37
C SER A 20 2.30 14.18 -4.08
N THR A 21 2.23 15.46 -3.85
CA THR A 21 0.91 16.10 -3.56
C THR A 21 0.06 16.12 -4.83
N THR A 22 -0.29 14.98 -5.33
CA THR A 22 -1.13 14.93 -6.56
C THR A 22 -2.26 13.92 -6.40
N GLY A 23 -3.49 14.38 -6.34
CA GLY A 23 -4.61 13.41 -6.19
C GLY A 23 -5.72 14.00 -5.32
N GLU A 24 -6.60 13.16 -4.88
CA GLU A 24 -7.72 13.64 -4.02
C GLU A 24 -7.66 13.00 -2.65
N ILE A 25 -6.97 11.89 -2.51
CA ILE A 25 -6.92 11.24 -1.18
C ILE A 25 -5.65 11.66 -0.42
N PRO A 26 -5.84 12.40 0.65
CA PRO A 26 -4.69 12.86 1.46
C PRO A 26 -3.99 11.66 2.11
N PHE A 27 -2.70 11.70 2.23
CA PHE A 27 -2.00 10.52 2.82
C PHE A 27 -0.58 10.89 3.29
N TYR A 28 -0.43 11.15 4.56
CA TYR A 28 0.92 11.48 5.13
C TYR A 28 1.56 12.66 4.39
N GLY A 29 0.97 13.83 4.51
CA GLY A 29 1.54 15.02 3.83
C GLY A 29 1.66 14.77 2.32
N LYS A 30 1.03 13.74 1.82
CA LYS A 30 1.10 13.45 0.36
C LYS A 30 -0.31 13.24 -0.17
N ALA A 31 -0.53 13.44 -1.44
CA ALA A 31 -1.90 13.23 -1.98
C ALA A 31 -1.88 12.08 -2.97
N ILE A 32 -2.41 10.96 -2.57
CA ILE A 32 -2.43 9.79 -3.49
C ILE A 32 -3.38 10.06 -4.68
N PRO A 33 -2.81 10.14 -5.85
CA PRO A 33 -3.67 10.30 -7.04
C PRO A 33 -4.42 8.99 -7.23
N LEU A 34 -5.72 9.04 -7.37
CA LEU A 34 -6.48 7.76 -7.49
C LEU A 34 -5.94 6.92 -8.65
N GLU A 35 -5.21 7.53 -9.56
CA GLU A 35 -4.67 6.73 -10.70
C GLU A 35 -3.76 5.60 -10.20
N VAL A 36 -3.33 5.67 -8.96
CA VAL A 36 -2.44 4.59 -8.42
C VAL A 36 -3.27 3.51 -7.72
N ILE A 37 -4.44 3.81 -7.26
CA ILE A 37 -5.25 2.78 -6.56
C ILE A 37 -6.59 2.55 -7.28
N LYS A 38 -7.02 3.48 -8.09
CA LYS A 38 -8.30 3.30 -8.83
C LYS A 38 -8.05 2.70 -10.21
N GLY A 39 -8.97 1.93 -10.70
CA GLY A 39 -8.80 1.31 -12.03
C GLY A 39 -8.22 -0.10 -11.88
N GLY A 40 -7.92 -0.52 -10.68
CA GLY A 40 -7.35 -1.90 -10.51
C GLY A 40 -7.24 -2.25 -9.03
N ARG A 41 -6.39 -3.20 -8.70
CA ARG A 41 -6.23 -3.61 -7.28
C ARG A 41 -4.89 -3.11 -6.74
N HIS A 42 -4.89 -2.51 -5.59
CA HIS A 42 -3.61 -1.99 -5.01
C HIS A 42 -3.55 -2.23 -3.50
N LEU A 43 -2.36 -2.34 -2.97
CA LEU A 43 -2.23 -2.57 -1.49
C LEU A 43 -1.59 -1.35 -0.83
N ILE A 44 -2.31 -0.67 0.01
CA ILE A 44 -1.72 0.52 0.69
C ILE A 44 -1.24 0.12 2.08
N PHE A 45 -0.02 0.43 2.40
CA PHE A 45 0.51 0.06 3.74
C PHE A 45 0.41 1.25 4.71
N CYS A 46 -0.25 1.08 5.81
CA CYS A 46 -0.39 2.19 6.80
C CYS A 46 0.28 1.81 8.13
N HIS A 47 0.60 2.78 8.93
CA HIS A 47 1.23 2.48 10.24
C HIS A 47 0.21 2.65 11.38
N SER A 48 -0.97 3.14 11.07
CA SER A 48 -2.00 3.33 12.13
C SER A 48 -3.31 2.67 11.76
N LYS A 49 -3.96 2.05 12.71
CA LYS A 49 -5.25 1.37 12.43
C LYS A 49 -6.36 2.40 12.21
N LYS A 50 -6.36 3.47 12.96
CA LYS A 50 -7.40 4.52 12.81
C LYS A 50 -7.39 5.08 11.39
N LYS A 51 -6.24 5.16 10.79
CA LYS A 51 -6.15 5.72 9.41
C LYS A 51 -6.72 4.72 8.41
N CYS A 52 -6.50 3.46 8.63
CA CYS A 52 -7.04 2.43 7.71
C CYS A 52 -8.57 2.50 7.70
N ASP A 53 -9.17 2.77 8.83
CA ASP A 53 -10.66 2.84 8.87
C ASP A 53 -11.15 4.04 8.04
N GLU A 54 -10.60 5.20 8.27
CA GLU A 54 -11.02 6.40 7.51
C GLU A 54 -10.51 6.33 6.06
N LEU A 55 -9.27 5.96 5.90
CA LEU A 55 -8.66 5.89 4.54
C LEU A 55 -9.40 4.87 3.66
N ALA A 56 -9.83 3.77 4.21
CA ALA A 56 -10.55 2.76 3.37
C ALA A 56 -11.97 3.21 3.05
N ALA A 57 -12.73 3.58 4.04
CA ALA A 57 -14.12 4.03 3.78
C ALA A 57 -14.11 5.23 2.84
N LYS A 58 -13.14 6.10 3.00
CA LYS A 58 -13.04 7.28 2.11
C LYS A 58 -12.94 6.81 0.65
N LEU A 59 -12.10 5.85 0.40
CA LEU A 59 -11.95 5.35 -1.00
C LEU A 59 -13.31 4.91 -1.54
N VAL A 60 -14.11 4.27 -0.75
CA VAL A 60 -15.44 3.84 -1.25
C VAL A 60 -16.23 5.08 -1.71
N ALA A 61 -16.00 6.21 -1.09
CA ALA A 61 -16.71 7.45 -1.49
C ALA A 61 -16.12 8.00 -2.79
N LEU A 62 -14.84 7.83 -2.99
CA LEU A 62 -14.20 8.33 -4.23
C LEU A 62 -14.62 7.48 -5.42
N GLY A 63 -14.99 6.26 -5.16
CA GLY A 63 -15.42 5.34 -6.25
C GLY A 63 -14.51 4.11 -6.25
N ILE A 64 -13.65 3.98 -5.27
CA ILE A 64 -12.74 2.82 -5.21
C ILE A 64 -13.17 1.88 -4.09
N ASN A 65 -13.05 0.59 -4.27
CA ASN A 65 -13.42 -0.32 -3.17
C ASN A 65 -12.19 -0.52 -2.33
N ALA A 66 -12.15 0.07 -1.17
CA ALA A 66 -10.92 -0.05 -0.34
C ALA A 66 -11.19 -0.79 0.96
N VAL A 67 -10.27 -1.61 1.37
CA VAL A 67 -10.45 -2.37 2.64
C VAL A 67 -9.31 -2.08 3.60
N ALA A 68 -9.59 -2.01 4.87
CA ALA A 68 -8.49 -1.75 5.84
C ALA A 68 -8.27 -3.01 6.68
N TYR A 69 -7.10 -3.60 6.61
CA TYR A 69 -6.86 -4.83 7.41
C TYR A 69 -5.90 -4.55 8.56
N TYR A 70 -6.30 -4.91 9.75
CA TYR A 70 -5.42 -4.69 10.95
C TYR A 70 -5.83 -5.67 12.06
N ARG A 71 -5.18 -5.59 13.19
CA ARG A 71 -5.53 -6.52 14.30
C ARG A 71 -7.01 -6.44 14.64
N GLY A 72 -7.69 -7.57 14.66
CA GLY A 72 -9.14 -7.56 15.00
C GLY A 72 -9.95 -7.05 13.81
N LEU A 73 -9.64 -7.50 12.63
CA LEU A 73 -10.40 -7.02 11.44
C LEU A 73 -11.14 -8.20 10.79
N ASP A 74 -12.21 -7.93 10.09
CA ASP A 74 -12.99 -9.04 9.45
C ASP A 74 -12.55 -9.22 8.01
N VAL A 75 -12.63 -10.41 7.49
CA VAL A 75 -12.22 -10.62 6.08
C VAL A 75 -13.13 -9.79 5.18
N SER A 76 -12.59 -8.77 4.58
CA SER A 76 -13.41 -7.89 3.69
C SER A 76 -12.69 -7.68 2.36
N VAL A 77 -11.40 -7.62 2.37
CA VAL A 77 -10.62 -7.44 1.11
C VAL A 77 -11.15 -8.39 0.04
N ILE A 78 -11.44 -7.90 -1.14
CA ILE A 78 -11.97 -8.80 -2.20
C ILE A 78 -11.30 -8.50 -3.55
N PRO A 79 -10.24 -9.23 -3.84
CA PRO A 79 -9.54 -9.07 -5.12
C PRO A 79 -10.25 -9.87 -6.21
N THR A 80 -11.53 -9.66 -6.37
CA THR A 80 -12.29 -10.41 -7.41
C THR A 80 -13.40 -9.55 -7.99
N ASN A 81 -13.32 -8.26 -7.84
CA ASN A 81 -14.38 -7.36 -8.38
C ASN A 81 -13.76 -6.33 -9.33
N GLY A 82 -14.48 -5.29 -9.65
CA GLY A 82 -13.93 -4.26 -10.58
C GLY A 82 -12.54 -3.84 -10.11
N ASP A 83 -12.46 -3.01 -9.11
CA ASP A 83 -11.12 -2.56 -8.61
C ASP A 83 -11.16 -2.34 -7.10
N VAL A 84 -10.46 -3.16 -6.37
CA VAL A 84 -10.43 -3.04 -4.90
C VAL A 84 -9.02 -2.71 -4.42
N VAL A 85 -8.90 -1.77 -3.55
CA VAL A 85 -7.56 -1.42 -3.02
C VAL A 85 -7.50 -1.79 -1.54
N VAL A 86 -6.57 -2.62 -1.17
CA VAL A 86 -6.49 -3.06 0.26
C VAL A 86 -5.48 -2.23 1.03
N VAL A 87 -5.90 -1.53 2.05
CA VAL A 87 -4.93 -0.73 2.82
C VAL A 87 -4.73 -1.36 4.21
N ALA A 88 -3.69 -2.10 4.38
CA ALA A 88 -3.46 -2.78 5.69
C ALA A 88 -2.01 -2.56 6.15
N THR A 89 -1.75 -2.76 7.40
CA THR A 89 -0.37 -2.54 7.92
C THR A 89 0.38 -3.87 8.03
N ASP A 90 -0.33 -4.94 8.23
CA ASP A 90 0.34 -6.28 8.35
C ASP A 90 -0.70 -7.37 8.64
N ALA A 91 -1.78 -7.02 9.31
CA ALA A 91 -2.83 -8.03 9.63
C ALA A 91 -3.17 -8.87 8.39
N LEU A 92 -2.97 -8.34 7.22
CA LEU A 92 -3.28 -9.12 5.98
C LEU A 92 -2.41 -10.38 5.94
N MET A 93 -1.21 -10.29 6.42
CA MET A 93 -0.30 -11.47 6.42
C MET A 93 -0.29 -12.14 5.04
N THR A 94 -0.15 -11.37 4.00
CA THR A 94 -0.11 -11.91 2.59
C THR A 94 -1.04 -13.14 2.42
N GLY A 95 -0.54 -14.24 1.91
CA GLY A 95 -1.41 -15.43 1.72
C GLY A 95 -1.96 -15.39 0.30
N PHE A 96 -2.71 -14.37 -0.03
CA PHE A 96 -3.27 -14.25 -1.40
C PHE A 96 -2.80 -12.94 -2.04
N THR A 97 -1.97 -12.18 -1.36
CA THR A 97 -1.48 -10.90 -1.94
C THR A 97 -0.58 -11.19 -3.15
N GLY A 98 0.24 -10.24 -3.53
CA GLY A 98 1.14 -10.47 -4.70
C GLY A 98 0.46 -10.01 -5.98
N ASP A 99 -0.82 -10.27 -6.12
CA ASP A 99 -1.53 -9.84 -7.35
C ASP A 99 -1.98 -8.39 -7.27
N PHE A 100 -1.06 -7.48 -7.04
CA PHE A 100 -1.44 -6.04 -6.97
C PHE A 100 -0.73 -5.25 -8.06
N ASP A 101 -1.34 -4.21 -8.54
CA ASP A 101 -0.70 -3.39 -9.59
C ASP A 101 0.36 -2.48 -8.96
N SER A 102 0.14 -2.07 -7.73
CA SER A 102 1.14 -1.17 -7.07
C SER A 102 0.94 -1.18 -5.54
N VAL A 103 1.93 -0.73 -4.81
CA VAL A 103 1.80 -0.69 -3.31
C VAL A 103 2.15 0.71 -2.80
N ILE A 104 1.21 1.41 -2.23
CA ILE A 104 1.50 2.77 -1.68
C ILE A 104 1.84 2.62 -0.19
N ASP A 105 3.06 2.88 0.17
CA ASP A 105 3.46 2.71 1.61
C ASP A 105 3.93 4.03 2.22
N CYS A 106 3.93 4.09 3.53
CA CYS A 106 4.41 5.32 4.21
C CYS A 106 5.86 5.10 4.66
N ASN A 107 6.43 3.97 4.35
CA ASN A 107 7.84 3.70 4.76
C ASN A 107 8.03 3.91 6.27
N THR A 108 6.99 3.77 7.03
CA THR A 108 7.13 3.96 8.51
C THR A 108 6.16 3.05 9.26
N SER A 109 6.66 2.32 10.22
CA SER A 109 5.77 1.42 11.02
C SER A 109 5.50 2.06 12.38
N ASP A 110 4.26 2.06 12.82
CA ASP A 110 3.93 2.67 14.13
C ASP A 110 4.55 4.08 14.24
N GLY A 111 4.74 4.73 13.13
CA GLY A 111 5.34 6.10 13.16
C GLY A 111 6.87 6.01 12.96
N LYS A 112 7.46 4.96 13.45
CA LYS A 112 8.94 4.80 13.30
C LYS A 112 9.28 4.35 11.88
N PRO A 113 10.50 4.62 11.47
CA PRO A 113 10.94 4.24 10.10
C PRO A 113 10.92 2.72 9.94
N GLN A 114 10.31 2.23 8.89
CA GLN A 114 10.23 0.76 8.68
C GLN A 114 11.63 0.11 8.78
N ASP A 115 11.69 -1.14 9.13
CA ASP A 115 13.02 -1.82 9.24
C ASP A 115 13.45 -2.36 7.86
N ALA A 116 14.72 -2.64 7.71
CA ALA A 116 15.24 -3.13 6.40
C ALA A 116 14.31 -4.17 5.74
N VAL A 117 14.02 -5.25 6.40
CA VAL A 117 13.14 -6.29 5.77
C VAL A 117 11.70 -5.77 5.59
N SER A 118 11.26 -4.88 6.44
CA SER A 118 9.86 -4.36 6.31
C SER A 118 9.57 -3.97 4.85
N ARG A 119 10.37 -3.10 4.29
CA ARG A 119 10.14 -2.72 2.88
C ARG A 119 10.41 -3.93 1.99
N THR A 120 11.36 -4.74 2.36
CA THR A 120 11.64 -5.95 1.54
C THR A 120 10.37 -6.80 1.49
N GLN A 121 9.77 -7.05 2.62
CA GLN A 121 8.52 -7.85 2.62
C GLN A 121 7.36 -7.00 2.06
N ARG A 122 7.35 -5.72 2.34
CA ARG A 122 6.25 -4.87 1.82
C ARG A 122 6.36 -4.69 0.30
N ARG A 123 7.54 -4.43 -0.19
CA ARG A 123 7.71 -4.25 -1.67
C ARG A 123 7.28 -5.52 -2.39
N GLY A 124 7.63 -6.67 -1.85
CA GLY A 124 7.24 -7.95 -2.52
C GLY A 124 5.72 -8.11 -2.50
N ARG A 125 5.04 -7.40 -3.35
CA ARG A 125 3.56 -7.50 -3.42
C ARG A 125 3.11 -7.23 -4.86
N THR A 126 3.66 -6.22 -5.47
CA THR A 126 3.31 -5.92 -6.87
C THR A 126 4.39 -6.51 -7.79
N GLY A 127 4.02 -7.00 -8.93
CA GLY A 127 5.05 -7.59 -9.84
C GLY A 127 4.84 -9.09 -10.00
N ARG A 128 3.72 -9.60 -9.56
CA ARG A 128 3.47 -11.07 -9.70
C ARG A 128 3.04 -11.39 -11.14
N GLY A 129 3.97 -11.58 -12.02
CA GLY A 129 3.62 -11.87 -13.44
C GLY A 129 3.71 -10.59 -14.26
N LYS A 130 4.38 -9.59 -13.74
CA LYS A 130 4.51 -8.29 -14.47
C LYS A 130 5.41 -7.36 -13.63
N PRO A 131 5.59 -6.15 -14.09
CA PRO A 131 6.41 -5.19 -13.33
C PRO A 131 5.53 -4.43 -12.33
N GLY A 132 5.64 -4.72 -11.06
CA GLY A 132 4.79 -4.02 -10.06
C GLY A 132 5.28 -2.58 -9.86
N ILE A 133 4.55 -1.81 -9.10
CA ILE A 133 4.96 -0.41 -8.83
C ILE A 133 4.91 -0.16 -7.32
N TYR A 134 5.84 0.58 -6.80
CA TYR A 134 5.81 0.84 -5.33
C TYR A 134 6.02 2.33 -5.05
N ARG A 135 5.02 2.97 -4.48
CA ARG A 135 5.14 4.41 -4.16
C ARG A 135 5.41 4.57 -2.66
N PHE A 136 6.50 5.18 -2.29
CA PHE A 136 6.80 5.34 -0.84
C PHE A 136 6.77 6.83 -0.45
N VAL A 137 6.58 7.12 0.80
CA VAL A 137 6.55 8.55 1.24
C VAL A 137 7.91 8.97 1.80
N ALA A 138 8.62 8.06 2.39
CA ALA A 138 9.95 8.42 2.98
C ALA A 138 11.07 8.10 1.99
N PRO A 139 11.79 9.12 1.57
CA PRO A 139 12.91 8.92 0.62
C PRO A 139 14.19 8.55 1.38
N GLY A 140 14.12 7.62 2.28
CA GLY A 140 15.33 7.22 3.06
C GLY A 140 16.34 6.55 2.12
N GLU A 141 16.94 5.48 2.54
CA GLU A 141 17.94 4.78 1.68
C GLU A 141 19.05 5.76 1.26
N ARG A 142 19.40 6.66 2.13
CA ARG A 142 20.48 7.64 1.79
C ARG A 142 21.84 7.00 2.02
N GLY A 5 24.05 1.02 6.43
CA GLY A 5 22.83 1.11 5.59
C GLY A 5 22.24 -0.29 5.40
N SER A 6 20.95 -0.37 5.15
CA SER A 6 20.31 -1.69 4.97
C SER A 6 20.63 -2.25 3.58
N VAL A 7 20.82 -3.53 3.45
CA VAL A 7 21.12 -4.11 2.13
C VAL A 7 19.97 -5.01 1.67
N THR A 8 19.19 -4.51 0.75
CA THR A 8 18.03 -5.34 0.25
C THR A 8 18.36 -5.92 -1.13
N VAL A 9 17.93 -7.11 -1.39
CA VAL A 9 18.20 -7.73 -2.72
C VAL A 9 17.43 -6.95 -3.80
N PRO A 10 18.00 -6.93 -4.98
CA PRO A 10 17.36 -6.23 -6.11
C PRO A 10 16.09 -6.97 -6.55
N HIS A 11 15.58 -6.65 -7.70
CA HIS A 11 14.34 -7.33 -8.20
C HIS A 11 13.87 -6.66 -9.49
N PRO A 12 14.47 -7.06 -10.59
CA PRO A 12 14.10 -6.48 -11.91
C PRO A 12 12.69 -6.96 -12.29
N ASN A 13 11.70 -6.54 -11.56
CA ASN A 13 10.30 -6.95 -11.86
C ASN A 13 9.30 -5.90 -11.35
N ILE A 14 9.58 -5.27 -10.24
CA ILE A 14 8.65 -4.24 -9.71
C ILE A 14 9.18 -2.83 -10.01
N GLU A 15 8.37 -1.99 -10.59
CA GLU A 15 8.84 -0.61 -10.89
C GLU A 15 8.64 0.27 -9.65
N GLU A 16 9.65 0.95 -9.21
CA GLU A 16 9.50 1.80 -8.00
C GLU A 16 9.04 3.21 -8.37
N VAL A 17 8.19 3.79 -7.57
CA VAL A 17 7.68 5.15 -7.89
C VAL A 17 7.85 6.06 -6.67
N ALA A 18 7.88 7.35 -6.87
CA ALA A 18 8.03 8.27 -5.71
C ALA A 18 6.70 8.95 -5.40
N LEU A 19 6.11 8.64 -4.27
CA LEU A 19 4.82 9.27 -3.91
C LEU A 19 5.02 10.78 -3.75
N SER A 20 4.14 11.58 -4.28
CA SER A 20 4.30 13.06 -4.17
C SER A 20 2.96 13.73 -3.84
N THR A 21 2.96 15.02 -3.75
CA THR A 21 1.68 15.75 -3.44
C THR A 21 0.82 15.83 -4.70
N THR A 22 0.10 14.78 -5.00
CA THR A 22 -0.76 14.80 -6.23
C THR A 22 -1.90 13.80 -6.10
N GLY A 23 -3.12 14.24 -6.02
CA GLY A 23 -4.23 13.26 -5.91
C GLY A 23 -5.37 13.82 -5.07
N GLU A 24 -6.29 12.97 -4.72
CA GLU A 24 -7.45 13.43 -3.89
C GLU A 24 -7.41 12.75 -2.52
N ILE A 25 -6.74 11.63 -2.40
CA ILE A 25 -6.70 10.96 -1.08
C ILE A 25 -5.41 11.35 -0.33
N PRO A 26 -5.58 12.16 0.69
CA PRO A 26 -4.41 12.64 1.49
C PRO A 26 -3.73 11.47 2.21
N PHE A 27 -2.45 11.34 2.01
CA PHE A 27 -1.71 10.22 2.67
C PHE A 27 -0.66 10.78 3.66
N TYR A 28 0.20 9.94 4.15
CA TYR A 28 1.24 10.39 5.13
C TYR A 28 2.10 11.52 4.55
N GLY A 29 1.62 12.74 4.59
CA GLY A 29 2.43 13.88 4.06
C GLY A 29 2.41 13.88 2.53
N LYS A 30 1.76 12.94 1.91
CA LYS A 30 1.72 12.91 0.41
C LYS A 30 0.28 12.77 -0.07
N ALA A 31 -0.01 13.18 -1.27
CA ALA A 31 -1.40 13.04 -1.78
C ALA A 31 -1.45 11.88 -2.77
N ILE A 32 -2.03 10.78 -2.38
CA ILE A 32 -2.09 9.62 -3.31
C ILE A 32 -3.01 9.93 -4.50
N PRO A 33 -2.43 10.01 -5.66
CA PRO A 33 -3.24 10.20 -6.88
C PRO A 33 -4.03 8.92 -7.11
N LEU A 34 -5.31 9.00 -7.32
CA LEU A 34 -6.09 7.74 -7.50
C LEU A 34 -5.50 6.92 -8.65
N GLU A 35 -4.73 7.52 -9.51
CA GLU A 35 -4.14 6.73 -10.64
C GLU A 35 -3.28 5.59 -10.09
N VAL A 36 -2.91 5.64 -8.83
CA VAL A 36 -2.05 4.55 -8.27
C VAL A 36 -2.93 3.45 -7.64
N ILE A 37 -4.12 3.79 -7.22
CA ILE A 37 -4.99 2.75 -6.58
C ILE A 37 -6.29 2.56 -7.37
N LYS A 38 -6.67 3.51 -8.18
CA LYS A 38 -7.93 3.37 -8.98
C LYS A 38 -7.60 2.79 -10.35
N GLY A 39 -8.51 2.03 -10.90
CA GLY A 39 -8.26 1.42 -12.23
C GLY A 39 -7.93 -0.06 -12.05
N GLY A 40 -7.81 -0.52 -10.84
CA GLY A 40 -7.49 -1.97 -10.64
C GLY A 40 -7.37 -2.29 -9.15
N ARG A 41 -6.68 -3.34 -8.82
CA ARG A 41 -6.51 -3.72 -7.39
C ARG A 41 -5.16 -3.22 -6.87
N HIS A 42 -5.16 -2.59 -5.72
CA HIS A 42 -3.86 -2.08 -5.16
C HIS A 42 -3.81 -2.31 -3.65
N LEU A 43 -2.62 -2.52 -3.13
CA LEU A 43 -2.49 -2.73 -1.66
C LEU A 43 -1.78 -1.54 -1.02
N ILE A 44 -2.46 -0.80 -0.19
CA ILE A 44 -1.81 0.37 0.47
C ILE A 44 -1.32 -0.04 1.86
N PHE A 45 -0.07 0.22 2.13
CA PHE A 45 0.48 -0.14 3.47
C PHE A 45 0.42 1.07 4.41
N CYS A 46 -0.21 0.93 5.54
CA CYS A 46 -0.30 2.08 6.49
C CYS A 46 0.38 1.74 7.81
N HIS A 47 0.78 2.73 8.55
CA HIS A 47 1.44 2.47 9.86
C HIS A 47 0.46 2.78 11.01
N SER A 48 -0.75 3.18 10.69
CA SER A 48 -1.74 3.49 11.76
C SER A 48 -3.07 2.81 11.46
N LYS A 49 -3.69 2.25 12.46
CA LYS A 49 -4.99 1.55 12.25
C LYS A 49 -6.12 2.56 11.98
N LYS A 50 -6.14 3.65 12.69
CA LYS A 50 -7.20 4.67 12.50
C LYS A 50 -7.18 5.21 11.06
N LYS A 51 -6.02 5.30 10.48
CA LYS A 51 -5.93 5.83 9.09
C LYS A 51 -6.56 4.84 8.11
N CYS A 52 -6.36 3.57 8.33
CA CYS A 52 -6.95 2.56 7.42
C CYS A 52 -8.48 2.68 7.45
N ASP A 53 -9.03 3.00 8.59
CA ASP A 53 -10.52 3.11 8.67
C ASP A 53 -11.01 4.28 7.80
N GLU A 54 -10.43 5.43 7.96
CA GLU A 54 -10.85 6.60 7.14
C GLU A 54 -10.36 6.46 5.70
N LEU A 55 -9.12 6.08 5.53
CA LEU A 55 -8.55 5.94 4.16
C LEU A 55 -9.35 4.94 3.32
N ALA A 56 -9.86 3.89 3.92
CA ALA A 56 -10.64 2.90 3.13
C ALA A 56 -12.04 3.44 2.81
N ALA A 57 -12.75 3.90 3.80
CA ALA A 57 -14.12 4.45 3.55
C ALA A 57 -14.03 5.63 2.59
N LYS A 58 -13.04 6.47 2.75
CA LYS A 58 -12.90 7.64 1.85
C LYS A 58 -12.82 7.16 0.40
N LEU A 59 -12.02 6.16 0.15
CA LEU A 59 -11.88 5.63 -1.23
C LEU A 59 -13.26 5.25 -1.79
N VAL A 60 -14.09 4.67 -0.99
CA VAL A 60 -15.44 4.30 -1.49
C VAL A 60 -16.15 5.56 -2.00
N ALA A 61 -15.91 6.67 -1.38
CA ALA A 61 -16.55 7.95 -1.83
C ALA A 61 -15.87 8.47 -3.09
N LEU A 62 -14.61 8.20 -3.24
CA LEU A 62 -13.86 8.66 -4.45
C LEU A 62 -14.31 7.86 -5.67
N GLY A 63 -14.78 6.67 -5.44
CA GLY A 63 -15.22 5.79 -6.56
C GLY A 63 -14.40 4.50 -6.54
N ILE A 64 -13.56 4.33 -5.55
CA ILE A 64 -12.73 3.11 -5.46
C ILE A 64 -13.23 2.21 -4.33
N ASN A 65 -13.20 0.93 -4.50
CA ASN A 65 -13.65 0.04 -3.40
C ASN A 65 -12.43 -0.23 -2.53
N ALA A 66 -12.38 0.36 -1.37
CA ALA A 66 -11.16 0.17 -0.55
C ALA A 66 -11.46 -0.53 0.78
N VAL A 67 -10.56 -1.37 1.21
CA VAL A 67 -10.76 -2.09 2.50
C VAL A 67 -9.57 -1.82 3.42
N ALA A 68 -9.78 -1.86 4.70
CA ALA A 68 -8.64 -1.63 5.63
C ALA A 68 -8.46 -2.85 6.53
N TYR A 69 -7.33 -3.50 6.45
CA TYR A 69 -7.09 -4.70 7.30
C TYR A 69 -6.07 -4.40 8.40
N TYR A 70 -6.35 -4.79 9.60
CA TYR A 70 -5.40 -4.53 10.73
C TYR A 70 -5.79 -5.38 11.95
N ARG A 71 -5.13 -5.16 13.05
CA ARG A 71 -5.45 -5.96 14.27
C ARG A 71 -6.91 -5.78 14.67
N GLY A 72 -7.64 -6.86 14.80
CA GLY A 72 -9.07 -6.76 15.20
C GLY A 72 -9.90 -6.28 14.01
N LEU A 73 -9.64 -6.80 12.84
CA LEU A 73 -10.42 -6.36 11.65
C LEU A 73 -11.20 -7.55 11.07
N ASP A 74 -12.27 -7.29 10.38
CA ASP A 74 -13.09 -8.40 9.80
C ASP A 74 -12.72 -8.64 8.34
N VAL A 75 -12.82 -9.85 7.89
CA VAL A 75 -12.49 -10.13 6.46
C VAL A 75 -13.45 -9.35 5.56
N SER A 76 -12.95 -8.37 4.88
CA SER A 76 -13.83 -7.55 3.98
C SER A 76 -13.20 -7.40 2.60
N VAL A 77 -11.89 -7.36 2.54
CA VAL A 77 -11.20 -7.21 1.22
C VAL A 77 -11.78 -8.18 0.20
N ILE A 78 -12.05 -7.74 -1.00
CA ILE A 78 -12.61 -8.65 -2.02
C ILE A 78 -11.95 -8.44 -3.39
N PRO A 79 -10.91 -9.20 -3.64
CA PRO A 79 -10.21 -9.10 -4.94
C PRO A 79 -10.94 -9.93 -5.99
N THR A 80 -12.22 -9.74 -6.14
CA THR A 80 -12.99 -10.54 -7.13
C THR A 80 -14.13 -9.71 -7.75
N ASN A 81 -14.11 -8.42 -7.56
CA ASN A 81 -15.19 -7.57 -8.14
C ASN A 81 -14.58 -6.32 -8.79
N GLY A 82 -15.30 -5.23 -8.81
CA GLY A 82 -14.75 -3.99 -9.41
C GLY A 82 -13.37 -3.69 -8.83
N ASP A 83 -12.69 -2.69 -9.33
CA ASP A 83 -11.34 -2.37 -8.79
C ASP A 83 -11.41 -2.12 -7.29
N VAL A 84 -10.78 -2.97 -6.53
CA VAL A 84 -10.77 -2.83 -5.06
C VAL A 84 -9.34 -2.58 -4.57
N VAL A 85 -9.19 -1.64 -3.71
CA VAL A 85 -7.84 -1.34 -3.18
C VAL A 85 -7.76 -1.71 -1.70
N VAL A 86 -6.85 -2.55 -1.33
CA VAL A 86 -6.76 -2.97 0.10
C VAL A 86 -5.70 -2.16 0.84
N VAL A 87 -6.10 -1.40 1.82
CA VAL A 87 -5.09 -0.59 2.58
C VAL A 87 -4.92 -1.22 3.96
N ALA A 88 -3.88 -1.98 4.15
CA ALA A 88 -3.69 -2.64 5.47
C ALA A 88 -2.24 -2.53 5.94
N THR A 89 -2.02 -2.75 7.21
CA THR A 89 -0.64 -2.67 7.75
C THR A 89 0.01 -4.06 7.72
N ASP A 90 0.63 -4.49 8.78
CA ASP A 90 1.28 -5.84 8.76
C ASP A 90 0.29 -6.92 9.23
N ALA A 91 -0.99 -6.64 9.15
CA ALA A 91 -2.00 -7.66 9.59
C ALA A 91 -2.38 -8.53 8.40
N LEU A 92 -2.43 -7.97 7.22
CA LEU A 92 -2.78 -8.77 6.02
C LEU A 92 -1.66 -9.75 5.69
N MET A 93 -0.43 -9.27 5.70
CA MET A 93 0.72 -10.17 5.40
C MET A 93 0.49 -10.88 4.06
N THR A 94 -0.36 -10.34 3.22
CA THR A 94 -0.64 -10.99 1.90
C THR A 94 -0.84 -12.51 2.06
N GLY A 95 -1.45 -12.92 3.13
CA GLY A 95 -1.68 -14.39 3.33
C GLY A 95 -2.36 -14.97 2.10
N PHE A 96 -3.61 -14.65 1.89
CA PHE A 96 -4.31 -15.17 0.69
C PHE A 96 -4.34 -14.09 -0.38
N THR A 97 -3.23 -13.41 -0.55
CA THR A 97 -3.15 -12.33 -1.56
C THR A 97 -1.81 -12.37 -2.28
N GLY A 98 -1.39 -11.27 -2.84
CA GLY A 98 -0.07 -11.25 -3.54
C GLY A 98 -0.25 -10.71 -4.96
N ASP A 99 -1.41 -10.84 -5.52
CA ASP A 99 -1.63 -10.35 -6.91
C ASP A 99 -2.11 -8.89 -6.89
N PHE A 100 -1.19 -7.96 -6.74
CA PHE A 100 -1.60 -6.52 -6.73
C PHE A 100 -0.91 -5.78 -7.87
N ASP A 101 -1.55 -4.79 -8.41
CA ASP A 101 -0.92 -4.02 -9.52
C ASP A 101 0.15 -3.09 -8.94
N SER A 102 -0.05 -2.62 -7.74
CA SER A 102 0.95 -1.72 -7.12
C SER A 102 0.77 -1.64 -5.60
N VAL A 103 1.77 -1.17 -4.90
CA VAL A 103 1.66 -1.07 -3.41
C VAL A 103 2.06 0.34 -2.93
N ILE A 104 1.14 1.05 -2.32
CA ILE A 104 1.48 2.41 -1.81
C ILE A 104 1.89 2.27 -0.34
N ASP A 105 3.13 2.51 -0.03
CA ASP A 105 3.59 2.35 1.38
C ASP A 105 4.15 3.65 1.94
N CYS A 106 4.22 3.75 3.24
CA CYS A 106 4.79 4.97 3.87
C CYS A 106 6.24 4.70 4.30
N ASN A 107 6.78 3.57 3.91
CA ASN A 107 8.19 3.23 4.30
C ASN A 107 8.42 3.50 5.78
N THR A 108 7.38 3.45 6.57
CA THR A 108 7.54 3.68 8.04
C THR A 108 6.52 2.83 8.81
N SER A 109 6.98 2.11 9.80
CA SER A 109 6.03 1.27 10.59
C SER A 109 5.95 1.79 12.03
N ASP A 110 4.75 1.92 12.56
CA ASP A 110 4.61 2.42 13.95
C ASP A 110 5.34 3.75 14.13
N GLY A 111 5.47 4.50 13.08
CA GLY A 111 6.17 5.82 13.19
C GLY A 111 7.65 5.65 12.83
N LYS A 112 8.23 4.53 13.18
CA LYS A 112 9.67 4.30 12.85
C LYS A 112 9.82 3.89 11.39
N PRO A 113 10.99 4.11 10.84
CA PRO A 113 11.24 3.76 9.43
C PRO A 113 11.20 2.24 9.24
N GLN A 114 10.55 1.78 8.22
CA GLN A 114 10.45 0.31 7.99
C GLN A 114 11.82 -0.36 8.09
N ASP A 115 11.86 -1.66 8.20
CA ASP A 115 13.17 -2.37 8.29
C ASP A 115 13.58 -2.89 6.91
N ALA A 116 14.84 -3.20 6.74
CA ALA A 116 15.35 -3.69 5.42
C ALA A 116 14.41 -4.73 4.80
N VAL A 117 14.07 -5.76 5.50
CA VAL A 117 13.17 -6.81 4.91
C VAL A 117 11.75 -6.28 4.72
N SER A 118 11.32 -5.36 5.54
CA SER A 118 9.93 -4.82 5.41
C SER A 118 9.62 -4.48 3.95
N ARG A 119 10.42 -3.64 3.35
CA ARG A 119 10.18 -3.30 1.92
C ARG A 119 10.48 -4.52 1.07
N THR A 120 11.46 -5.30 1.46
CA THR A 120 11.79 -6.52 0.66
C THR A 120 10.56 -7.41 0.63
N GLN A 121 9.98 -7.66 1.78
CA GLN A 121 8.76 -8.52 1.82
C GLN A 121 7.56 -7.73 1.29
N ARG A 122 7.47 -6.46 1.60
CA ARG A 122 6.32 -5.65 1.13
C ARG A 122 6.40 -5.41 -0.38
N ARG A 123 7.56 -5.07 -0.87
CA ARG A 123 7.72 -4.81 -2.33
C ARG A 123 7.24 -6.03 -3.14
N GLY A 124 7.69 -7.19 -2.78
CA GLY A 124 7.32 -8.43 -3.53
C GLY A 124 5.79 -8.53 -3.76
N ARG A 125 4.99 -7.82 -3.02
CA ARG A 125 3.51 -7.93 -3.22
C ARG A 125 3.09 -7.63 -4.67
N THR A 126 3.75 -6.70 -5.32
CA THR A 126 3.36 -6.37 -6.73
C THR A 126 4.27 -7.05 -7.75
N GLY A 127 3.72 -7.45 -8.85
CA GLY A 127 4.57 -8.10 -9.90
C GLY A 127 4.57 -9.61 -9.73
N ARG A 128 3.76 -10.12 -8.85
CA ARG A 128 3.73 -11.60 -8.67
C ARG A 128 3.30 -12.27 -9.98
N GLY A 129 4.23 -12.53 -10.85
CA GLY A 129 3.87 -13.14 -12.17
C GLY A 129 3.98 -12.07 -13.26
N LYS A 130 3.92 -10.82 -12.88
CA LYS A 130 4.01 -9.71 -13.88
C LYS A 130 4.88 -8.58 -13.29
N PRO A 131 4.89 -7.44 -13.94
CA PRO A 131 5.69 -6.30 -13.45
C PRO A 131 4.88 -5.46 -12.45
N GLY A 132 5.22 -5.53 -11.19
CA GLY A 132 4.45 -4.73 -10.16
C GLY A 132 4.98 -3.30 -10.07
N ILE A 133 4.25 -2.46 -9.40
CA ILE A 133 4.68 -1.04 -9.20
C ILE A 133 4.72 -0.73 -7.71
N TYR A 134 5.64 0.04 -7.24
CA TYR A 134 5.67 0.34 -5.79
C TYR A 134 5.79 1.85 -5.51
N ARG A 135 4.83 2.38 -4.80
CA ARG A 135 4.88 3.83 -4.45
C ARG A 135 5.22 3.98 -2.97
N PHE A 136 6.25 4.72 -2.65
CA PHE A 136 6.62 4.87 -1.21
C PHE A 136 6.65 6.35 -0.82
N VAL A 137 6.47 6.63 0.45
CA VAL A 137 6.51 8.05 0.91
C VAL A 137 7.97 8.46 1.15
N ALA A 138 8.58 7.89 2.15
CA ALA A 138 10.00 8.24 2.45
C ALA A 138 10.16 9.77 2.57
N PRO A 139 9.84 10.29 3.73
CA PRO A 139 9.96 11.75 3.96
C PRO A 139 11.43 12.17 4.07
N GLY A 140 12.17 11.53 4.94
CA GLY A 140 13.61 11.90 5.08
C GLY A 140 13.82 12.56 6.44
N GLU A 141 14.85 12.20 7.14
CA GLU A 141 15.11 12.82 8.47
C GLU A 141 16.22 13.88 8.36
N ARG A 142 17.43 13.45 8.10
CA ARG A 142 18.56 14.43 7.98
C ARG A 142 19.40 14.11 6.74
N GLY A 5 25.80 -1.24 6.42
CA GLY A 5 24.37 -0.97 6.80
C GLY A 5 23.53 -2.20 6.46
N SER A 6 22.27 -1.99 6.15
CA SER A 6 21.39 -3.14 5.79
C SER A 6 21.41 -3.39 4.29
N VAL A 7 21.48 -4.62 3.87
CA VAL A 7 21.48 -4.93 2.42
C VAL A 7 20.20 -5.65 2.03
N THR A 8 19.30 -4.95 1.39
CA THR A 8 18.02 -5.59 0.97
C THR A 8 18.14 -6.13 -0.45
N VAL A 9 17.51 -7.23 -0.74
CA VAL A 9 17.60 -7.79 -2.12
C VAL A 9 16.89 -6.85 -3.11
N PRO A 10 17.41 -6.81 -4.31
CA PRO A 10 16.83 -5.96 -5.36
C PRO A 10 15.49 -6.54 -5.83
N HIS A 11 14.98 -6.04 -6.92
CA HIS A 11 13.68 -6.54 -7.46
C HIS A 11 13.25 -5.68 -8.65
N PRO A 12 13.78 -6.00 -9.80
CA PRO A 12 13.45 -5.24 -11.03
C PRO A 12 12.03 -5.54 -11.50
N ASN A 13 11.41 -6.58 -10.99
CA ASN A 13 10.03 -6.92 -11.41
C ASN A 13 9.06 -5.81 -11.01
N ILE A 14 9.32 -5.14 -9.93
CA ILE A 14 8.39 -4.04 -9.49
C ILE A 14 9.04 -2.68 -9.77
N GLU A 15 8.27 -1.76 -10.29
CA GLU A 15 8.83 -0.40 -10.56
C GLU A 15 8.74 0.45 -9.30
N GLU A 16 9.81 1.05 -8.89
CA GLU A 16 9.78 1.89 -7.65
C GLU A 16 9.40 3.32 -7.99
N VAL A 17 8.37 3.84 -7.36
CA VAL A 17 7.93 5.22 -7.66
C VAL A 17 8.06 6.10 -6.41
N ALA A 18 8.20 7.38 -6.58
CA ALA A 18 8.31 8.28 -5.41
C ALA A 18 7.00 9.04 -5.21
N LEU A 19 6.28 8.73 -4.17
CA LEU A 19 4.98 9.43 -3.93
C LEU A 19 5.21 10.94 -3.87
N SER A 20 4.38 11.71 -4.52
CA SER A 20 4.55 13.18 -4.49
C SER A 20 3.22 13.88 -4.24
N THR A 21 3.24 15.15 -3.94
CA THR A 21 1.97 15.88 -3.69
C THR A 21 1.12 15.92 -4.97
N THR A 22 0.44 14.85 -5.26
CA THR A 22 -0.39 14.82 -6.50
C THR A 22 -1.54 13.83 -6.35
N GLY A 23 -2.76 14.30 -6.24
CA GLY A 23 -3.89 13.34 -6.12
C GLY A 23 -5.02 13.94 -5.30
N GLU A 24 -5.99 13.13 -4.96
CA GLU A 24 -7.15 13.62 -4.17
C GLU A 24 -7.12 13.01 -2.77
N ILE A 25 -6.45 11.90 -2.60
CA ILE A 25 -6.41 11.30 -1.23
C ILE A 25 -5.12 11.71 -0.51
N PRO A 26 -5.25 12.62 0.44
CA PRO A 26 -4.08 13.11 1.18
C PRO A 26 -3.44 11.99 2.00
N PHE A 27 -2.15 11.85 1.90
CA PHE A 27 -1.44 10.77 2.64
C PHE A 27 -0.37 11.36 3.58
N TYR A 28 0.52 10.54 4.07
CA TYR A 28 1.59 11.02 5.01
C TYR A 28 2.44 12.12 4.34
N GLY A 29 1.97 13.33 4.34
CA GLY A 29 2.75 14.45 3.72
C GLY A 29 2.76 14.31 2.20
N LYS A 30 2.08 13.33 1.65
CA LYS A 30 2.06 13.16 0.18
C LYS A 30 0.61 13.00 -0.30
N ALA A 31 0.33 13.29 -1.52
CA ALA A 31 -1.07 13.15 -2.00
C ALA A 31 -1.16 11.99 -2.99
N ILE A 32 -1.75 10.90 -2.57
CA ILE A 32 -1.86 9.73 -3.48
C ILE A 32 -2.79 10.03 -4.67
N PRO A 33 -2.22 10.07 -5.84
CA PRO A 33 -3.06 10.25 -7.05
C PRO A 33 -3.86 8.97 -7.23
N LEU A 34 -5.15 9.05 -7.36
CA LEU A 34 -5.96 7.80 -7.48
C LEU A 34 -5.46 6.95 -8.65
N GLU A 35 -4.74 7.52 -9.57
CA GLU A 35 -4.25 6.70 -10.72
C GLU A 35 -3.36 5.54 -10.21
N VAL A 36 -2.90 5.62 -8.99
CA VAL A 36 -2.03 4.52 -8.46
C VAL A 36 -2.87 3.44 -7.77
N ILE A 37 -4.04 3.79 -7.29
CA ILE A 37 -4.87 2.77 -6.60
C ILE A 37 -6.20 2.56 -7.35
N LYS A 38 -6.56 3.45 -8.22
CA LYS A 38 -7.82 3.29 -8.99
C LYS A 38 -7.54 2.67 -10.35
N GLY A 39 -8.46 1.89 -10.85
CA GLY A 39 -8.25 1.25 -12.17
C GLY A 39 -7.84 -0.20 -11.97
N GLY A 40 -7.66 -0.64 -10.75
CA GLY A 40 -7.24 -2.06 -10.53
C GLY A 40 -7.12 -2.38 -9.04
N ARG A 41 -6.41 -3.43 -8.72
CA ARG A 41 -6.24 -3.82 -7.29
C ARG A 41 -4.91 -3.30 -6.75
N HIS A 42 -4.93 -2.61 -5.64
CA HIS A 42 -3.66 -2.08 -5.08
C HIS A 42 -3.60 -2.31 -3.57
N LEU A 43 -2.43 -2.57 -3.05
CA LEU A 43 -2.30 -2.78 -1.58
C LEU A 43 -1.60 -1.58 -0.93
N ILE A 44 -2.31 -0.86 -0.11
CA ILE A 44 -1.68 0.32 0.55
C ILE A 44 -1.20 -0.09 1.94
N PHE A 45 0.03 0.20 2.24
CA PHE A 45 0.56 -0.16 3.59
C PHE A 45 0.43 1.03 4.54
N CYS A 46 -0.22 0.84 5.65
CA CYS A 46 -0.40 1.97 6.62
C CYS A 46 0.29 1.66 7.94
N HIS A 47 0.57 2.69 8.72
CA HIS A 47 1.21 2.47 10.03
C HIS A 47 0.25 2.82 11.16
N SER A 48 -0.99 3.11 10.85
CA SER A 48 -1.97 3.47 11.91
C SER A 48 -3.32 2.80 11.64
N LYS A 49 -3.94 2.26 12.66
CA LYS A 49 -5.26 1.61 12.48
C LYS A 49 -6.35 2.66 12.22
N LYS A 50 -6.30 3.76 12.92
CA LYS A 50 -7.31 4.82 12.72
C LYS A 50 -7.27 5.33 11.27
N LYS A 51 -6.11 5.41 10.70
CA LYS A 51 -5.98 5.90 9.30
C LYS A 51 -6.51 4.83 8.34
N CYS A 52 -6.29 3.59 8.67
CA CYS A 52 -6.78 2.49 7.78
C CYS A 52 -8.30 2.58 7.66
N ASP A 53 -8.96 3.00 8.71
CA ASP A 53 -10.44 3.09 8.65
C ASP A 53 -10.87 4.21 7.70
N GLU A 54 -10.30 5.38 7.86
CA GLU A 54 -10.67 6.53 6.97
C GLU A 54 -10.14 6.31 5.56
N LEU A 55 -8.91 5.86 5.44
CA LEU A 55 -8.31 5.65 4.09
C LEU A 55 -9.16 4.70 3.25
N ALA A 56 -9.67 3.64 3.85
CA ALA A 56 -10.50 2.69 3.06
C ALA A 56 -11.90 3.27 2.81
N ALA A 57 -12.57 3.72 3.84
CA ALA A 57 -13.92 4.29 3.64
C ALA A 57 -13.83 5.51 2.73
N LYS A 58 -12.85 6.34 2.93
CA LYS A 58 -12.70 7.54 2.08
C LYS A 58 -12.59 7.13 0.61
N LEU A 59 -11.77 6.15 0.33
CA LEU A 59 -11.61 5.70 -1.08
C LEU A 59 -12.98 5.34 -1.66
N VAL A 60 -13.81 4.68 -0.90
CA VAL A 60 -15.17 4.34 -1.42
C VAL A 60 -15.86 5.64 -1.86
N ALA A 61 -15.55 6.73 -1.22
CA ALA A 61 -16.16 8.05 -1.60
C ALA A 61 -15.51 8.56 -2.89
N LEU A 62 -14.25 8.29 -3.08
CA LEU A 62 -13.54 8.77 -4.30
C LEU A 62 -14.03 7.97 -5.51
N GLY A 63 -14.49 6.77 -5.26
CA GLY A 63 -14.98 5.89 -6.37
C GLY A 63 -14.17 4.60 -6.39
N ILE A 64 -13.33 4.40 -5.40
CA ILE A 64 -12.50 3.17 -5.35
C ILE A 64 -12.99 2.25 -4.23
N ASN A 65 -12.95 0.96 -4.43
CA ASN A 65 -13.37 0.04 -3.34
C ASN A 65 -12.16 -0.18 -2.45
N ALA A 66 -12.13 0.39 -1.30
CA ALA A 66 -10.94 0.22 -0.43
C ALA A 66 -11.30 -0.42 0.90
N VAL A 67 -10.43 -1.25 1.40
CA VAL A 67 -10.70 -1.91 2.71
C VAL A 67 -9.48 -1.78 3.60
N ALA A 68 -9.65 -1.74 4.88
CA ALA A 68 -8.48 -1.63 5.77
C ALA A 68 -8.33 -2.91 6.60
N TYR A 69 -7.17 -3.51 6.56
CA TYR A 69 -6.97 -4.77 7.34
C TYR A 69 -5.87 -4.56 8.40
N TYR A 70 -6.20 -4.78 9.64
CA TYR A 70 -5.20 -4.62 10.73
C TYR A 70 -5.58 -5.50 11.92
N ARG A 71 -4.80 -5.47 12.97
CA ARG A 71 -5.12 -6.33 14.14
C ARG A 71 -6.56 -6.12 14.60
N GLY A 72 -7.32 -7.18 14.70
CA GLY A 72 -8.74 -7.06 15.16
C GLY A 72 -9.60 -6.47 14.04
N LEU A 73 -9.45 -6.95 12.83
CA LEU A 73 -10.27 -6.41 11.71
C LEU A 73 -11.14 -7.53 11.11
N ASP A 74 -12.23 -7.16 10.48
CA ASP A 74 -13.13 -8.21 9.89
C ASP A 74 -12.79 -8.44 8.42
N VAL A 75 -12.99 -9.64 7.95
CA VAL A 75 -12.69 -9.91 6.52
C VAL A 75 -13.58 -9.04 5.64
N SER A 76 -13.01 -8.09 4.97
CA SER A 76 -13.82 -7.19 4.09
C SER A 76 -13.16 -7.02 2.72
N VAL A 77 -11.85 -7.04 2.66
CA VAL A 77 -11.16 -6.86 1.35
C VAL A 77 -11.67 -7.92 0.35
N ILE A 78 -11.89 -7.54 -0.87
CA ILE A 78 -12.39 -8.51 -1.88
C ILE A 78 -11.65 -8.35 -3.23
N PRO A 79 -10.59 -9.10 -3.39
CA PRO A 79 -9.81 -9.04 -4.65
C PRO A 79 -10.40 -10.03 -5.65
N THR A 80 -11.69 -9.99 -5.88
CA THR A 80 -12.30 -10.94 -6.83
C THR A 80 -13.04 -10.21 -7.97
N ASN A 81 -13.47 -9.00 -7.73
CA ASN A 81 -14.20 -8.26 -8.81
C ASN A 81 -14.15 -6.76 -8.55
N GLY A 82 -14.38 -5.96 -9.57
CA GLY A 82 -14.35 -4.48 -9.39
C GLY A 82 -12.96 -4.06 -8.90
N ASP A 83 -12.63 -2.82 -9.06
CA ASP A 83 -11.29 -2.34 -8.60
C ASP A 83 -11.29 -2.15 -7.09
N VAL A 84 -10.58 -2.98 -6.40
CA VAL A 84 -10.52 -2.88 -4.92
C VAL A 84 -9.09 -2.59 -4.47
N VAL A 85 -8.95 -1.66 -3.59
CA VAL A 85 -7.59 -1.33 -3.08
C VAL A 85 -7.51 -1.74 -1.60
N VAL A 86 -6.57 -2.56 -1.25
CA VAL A 86 -6.47 -3.02 0.16
C VAL A 86 -5.46 -2.19 0.93
N VAL A 87 -5.89 -1.46 1.92
CA VAL A 87 -4.92 -0.65 2.70
C VAL A 87 -4.74 -1.28 4.08
N ALA A 88 -3.68 -2.01 4.27
CA ALA A 88 -3.48 -2.68 5.58
C ALA A 88 -2.00 -2.66 5.98
N THR A 89 -1.73 -2.90 7.23
CA THR A 89 -0.32 -2.91 7.70
C THR A 89 0.24 -4.34 7.62
N ASP A 90 0.86 -4.83 8.67
CA ASP A 90 1.41 -6.22 8.62
C ASP A 90 0.36 -7.23 9.12
N ALA A 91 -0.90 -6.97 8.85
CA ALA A 91 -1.96 -7.90 9.32
C ALA A 91 -2.38 -8.84 8.19
N LEU A 92 -2.30 -8.39 6.96
CA LEU A 92 -2.70 -9.28 5.82
C LEU A 92 -1.76 -10.49 5.79
N MET A 93 -0.50 -10.29 6.10
CA MET A 93 0.48 -11.41 6.10
C MET A 93 0.34 -12.25 4.84
N THR A 94 0.20 -11.60 3.70
CA THR A 94 0.05 -12.32 2.39
C THR A 94 -0.76 -13.63 2.54
N GLY A 95 -0.19 -14.76 2.24
CA GLY A 95 -0.96 -16.02 2.37
C GLY A 95 -1.87 -16.18 1.16
N PHE A 96 -2.74 -15.24 0.92
CA PHE A 96 -3.65 -15.34 -0.25
C PHE A 96 -3.47 -14.11 -1.17
N THR A 97 -2.36 -13.43 -1.05
CA THR A 97 -2.11 -12.23 -1.91
C THR A 97 -1.32 -12.62 -3.16
N GLY A 98 -0.89 -11.66 -3.92
CA GLY A 98 -0.10 -11.98 -5.15
C GLY A 98 -0.81 -11.46 -6.40
N ASP A 99 -1.89 -10.74 -6.24
CA ASP A 99 -2.60 -10.22 -7.45
C ASP A 99 -2.78 -8.70 -7.35
N PHE A 100 -1.70 -7.95 -7.23
CA PHE A 100 -1.86 -6.47 -7.13
C PHE A 100 -1.12 -5.78 -8.27
N ASP A 101 -1.58 -4.63 -8.65
CA ASP A 101 -0.91 -3.88 -9.75
C ASP A 101 0.18 -2.98 -9.15
N SER A 102 -0.01 -2.54 -7.94
CA SER A 102 1.01 -1.65 -7.30
C SER A 102 0.83 -1.65 -5.78
N VAL A 103 1.83 -1.19 -5.07
CA VAL A 103 1.73 -1.15 -3.56
C VAL A 103 2.02 0.27 -3.06
N ILE A 104 1.07 0.88 -2.40
CA ILE A 104 1.31 2.25 -1.86
C ILE A 104 1.74 2.14 -0.39
N ASP A 105 2.96 2.46 -0.09
CA ASP A 105 3.43 2.35 1.33
C ASP A 105 3.87 3.69 1.89
N CYS A 106 3.93 3.79 3.19
CA CYS A 106 4.39 5.06 3.83
C CYS A 106 5.86 4.89 4.24
N ASN A 107 6.44 3.74 4.00
CA ASN A 107 7.87 3.50 4.37
C ASN A 107 8.17 3.89 5.82
N THR A 108 7.18 3.99 6.65
CA THR A 108 7.43 4.35 8.06
C THR A 108 6.44 3.61 8.98
N SER A 109 6.93 2.81 9.89
CA SER A 109 6.02 2.07 10.80
C SER A 109 5.97 2.74 12.17
N ASP A 110 4.82 2.78 12.78
CA ASP A 110 4.71 3.42 14.13
C ASP A 110 5.30 4.84 14.10
N GLY A 111 5.27 5.48 12.97
CA GLY A 111 5.84 6.87 12.89
C GLY A 111 7.34 6.80 12.60
N LYS A 112 7.94 5.66 12.74
CA LYS A 112 9.41 5.54 12.47
C LYS A 112 9.65 5.02 11.04
N PRO A 113 10.81 5.32 10.52
CA PRO A 113 11.14 4.88 9.14
C PRO A 113 11.18 3.35 9.05
N GLN A 114 10.50 2.80 8.09
CA GLN A 114 10.48 1.31 7.93
C GLN A 114 11.89 0.72 8.00
N ASP A 115 11.97 -0.57 8.12
CA ASP A 115 13.30 -1.24 8.17
C ASP A 115 13.64 -1.90 6.83
N ALA A 116 14.89 -2.19 6.60
CA ALA A 116 15.31 -2.80 5.30
C ALA A 116 14.35 -3.90 4.83
N VAL A 117 14.11 -4.90 5.63
CA VAL A 117 13.20 -5.99 5.17
C VAL A 117 11.76 -5.48 4.96
N SER A 118 11.36 -4.47 5.69
CA SER A 118 9.97 -3.94 5.54
C SER A 118 9.64 -3.73 4.06
N ARG A 119 10.42 -2.96 3.36
CA ARG A 119 10.16 -2.76 1.92
C ARG A 119 10.37 -4.08 1.17
N THR A 120 11.31 -4.87 1.62
CA THR A 120 11.54 -6.19 0.96
C THR A 120 10.26 -7.01 1.08
N GLN A 121 9.72 -7.11 2.27
CA GLN A 121 8.46 -7.88 2.46
C GLN A 121 7.28 -7.09 1.91
N ARG A 122 7.27 -5.79 2.09
CA ARG A 122 6.13 -4.97 1.60
C ARG A 122 6.15 -4.85 0.08
N ARG A 123 7.29 -4.59 -0.51
CA ARG A 123 7.34 -4.48 -1.99
C ARG A 123 6.92 -5.79 -2.66
N GLY A 124 7.35 -6.90 -2.11
CA GLY A 124 6.99 -8.22 -2.70
C GLY A 124 5.48 -8.43 -2.64
N ARG A 125 4.75 -7.76 -3.49
CA ARG A 125 3.27 -7.90 -3.51
C ARG A 125 2.78 -7.71 -4.94
N THR A 126 3.24 -6.67 -5.58
CA THR A 126 2.84 -6.41 -6.99
C THR A 126 3.89 -6.98 -7.93
N GLY A 127 3.51 -7.51 -9.05
CA GLY A 127 4.53 -8.07 -9.99
C GLY A 127 4.28 -9.57 -10.21
N ARG A 128 3.11 -10.05 -9.90
CA ARG A 128 2.83 -11.50 -10.10
C ARG A 128 2.23 -11.73 -11.49
N GLY A 129 3.07 -11.81 -12.50
CA GLY A 129 2.57 -12.02 -13.89
C GLY A 129 3.05 -10.86 -14.76
N LYS A 130 3.18 -9.70 -14.18
CA LYS A 130 3.66 -8.52 -14.93
C LYS A 130 4.54 -7.67 -13.98
N PRO A 131 4.89 -6.48 -14.39
CA PRO A 131 5.73 -5.62 -13.53
C PRO A 131 4.85 -4.85 -12.53
N GLY A 132 5.00 -5.11 -11.26
CA GLY A 132 4.18 -4.38 -10.25
C GLY A 132 4.78 -2.99 -10.02
N ILE A 133 4.05 -2.11 -9.39
CA ILE A 133 4.60 -0.75 -9.12
C ILE A 133 4.62 -0.51 -7.62
N TYR A 134 5.66 0.12 -7.13
CA TYR A 134 5.71 0.37 -5.67
C TYR A 134 5.84 1.87 -5.40
N ARG A 135 4.85 2.45 -4.79
CA ARG A 135 4.90 3.90 -4.48
C ARG A 135 5.08 4.10 -2.98
N PHE A 136 6.06 4.85 -2.57
CA PHE A 136 6.29 5.04 -1.11
C PHE A 136 6.35 6.53 -0.77
N VAL A 137 6.09 6.88 0.46
CA VAL A 137 6.15 8.31 0.87
C VAL A 137 7.62 8.70 1.07
N ALA A 138 8.23 8.17 2.10
CA ALA A 138 9.67 8.49 2.37
C ALA A 138 9.88 10.01 2.46
N PRO A 139 9.62 10.55 3.62
CA PRO A 139 9.80 12.01 3.83
C PRO A 139 11.27 12.31 4.16
N GLY A 140 12.14 11.35 4.06
CA GLY A 140 13.58 11.60 4.38
C GLY A 140 14.08 10.50 5.30
N GLU A 141 14.63 10.85 6.44
CA GLU A 141 15.13 9.82 7.38
C GLU A 141 15.28 10.41 8.79
N ARG A 142 15.22 9.58 9.80
CA ARG A 142 15.35 10.10 11.19
C ARG A 142 16.37 9.28 11.97
N GLY A 5 23.13 -4.13 9.89
CA GLY A 5 23.66 -3.89 8.51
C GLY A 5 23.01 -4.88 7.54
N SER A 6 21.81 -4.62 7.11
CA SER A 6 21.14 -5.55 6.16
C SER A 6 21.03 -4.92 4.78
N VAL A 7 21.22 -5.69 3.74
CA VAL A 7 21.12 -5.14 2.37
C VAL A 7 19.90 -5.74 1.66
N THR A 8 18.86 -4.98 1.52
CA THR A 8 17.63 -5.49 0.85
C THR A 8 17.90 -5.75 -0.64
N VAL A 9 17.28 -6.77 -1.19
CA VAL A 9 17.49 -7.07 -2.63
C VAL A 9 16.78 -6.01 -3.49
N PRO A 10 17.34 -5.78 -4.66
CA PRO A 10 16.77 -4.79 -5.59
C PRO A 10 15.58 -5.34 -6.38
N HIS A 11 15.82 -6.32 -7.20
CA HIS A 11 14.73 -6.90 -8.05
C HIS A 11 13.86 -5.78 -8.64
N PRO A 12 14.27 -5.30 -9.80
CA PRO A 12 13.56 -4.19 -10.48
C PRO A 12 12.22 -4.65 -11.07
N ASN A 13 11.83 -5.88 -10.89
CA ASN A 13 10.51 -6.32 -11.44
C ASN A 13 9.43 -5.35 -11.00
N ILE A 14 9.64 -4.68 -9.91
CA ILE A 14 8.64 -3.69 -9.42
C ILE A 14 9.17 -2.28 -9.69
N GLU A 15 8.35 -1.42 -10.23
CA GLU A 15 8.83 -0.02 -10.48
C GLU A 15 8.66 0.82 -9.21
N GLU A 16 9.70 1.46 -8.77
CA GLU A 16 9.59 2.28 -7.53
C GLU A 16 9.15 3.71 -7.87
N VAL A 17 8.11 4.18 -7.25
CA VAL A 17 7.62 5.55 -7.56
C VAL A 17 7.74 6.45 -6.33
N ALA A 18 7.85 7.74 -6.52
CA ALA A 18 7.95 8.65 -5.36
C ALA A 18 6.62 9.34 -5.13
N LEU A 19 5.89 8.94 -4.13
CA LEU A 19 4.58 9.57 -3.87
C LEU A 19 4.74 11.09 -3.71
N SER A 20 3.93 11.86 -4.37
CA SER A 20 4.05 13.34 -4.26
C SER A 20 2.67 13.97 -4.08
N THR A 21 2.62 15.25 -3.83
CA THR A 21 1.31 15.93 -3.63
C THR A 21 0.52 15.91 -4.95
N THR A 22 -0.09 14.80 -5.26
CA THR A 22 -0.87 14.72 -6.54
C THR A 22 -2.01 13.71 -6.40
N GLY A 23 -3.23 14.16 -6.33
CA GLY A 23 -4.35 13.19 -6.23
C GLY A 23 -5.49 13.78 -5.40
N GLU A 24 -6.41 12.94 -5.00
CA GLU A 24 -7.55 13.43 -4.18
C GLU A 24 -7.51 12.80 -2.80
N ILE A 25 -6.79 11.72 -2.63
CA ILE A 25 -6.75 11.09 -1.27
C ILE A 25 -5.44 11.48 -0.55
N PRO A 26 -5.55 12.37 0.39
CA PRO A 26 -4.37 12.82 1.16
C PRO A 26 -3.78 11.63 1.94
N PHE A 27 -2.49 11.62 2.14
CA PHE A 27 -1.87 10.48 2.85
C PHE A 27 -0.47 10.84 3.37
N TYR A 28 -0.36 11.25 4.60
CA TYR A 28 0.97 11.61 5.19
C TYR A 28 1.63 12.75 4.41
N GLY A 29 1.06 13.92 4.44
CA GLY A 29 1.66 15.08 3.71
C GLY A 29 1.81 14.75 2.22
N LYS A 30 1.16 13.71 1.76
CA LYS A 30 1.27 13.35 0.32
C LYS A 30 -0.14 13.15 -0.25
N ALA A 31 -0.32 13.27 -1.53
CA ALA A 31 -1.67 13.07 -2.09
C ALA A 31 -1.67 11.89 -3.04
N ILE A 32 -2.24 10.79 -2.65
CA ILE A 32 -2.26 9.60 -3.53
C ILE A 32 -3.19 9.86 -4.74
N PRO A 33 -2.61 9.92 -5.91
CA PRO A 33 -3.44 10.08 -7.11
C PRO A 33 -4.23 8.78 -7.29
N LEU A 34 -5.52 8.86 -7.48
CA LEU A 34 -6.31 7.60 -7.60
C LEU A 34 -5.77 6.72 -8.75
N GLU A 35 -5.00 7.28 -9.63
CA GLU A 35 -4.45 6.45 -10.75
C GLU A 35 -3.57 5.32 -10.18
N VAL A 36 -3.15 5.42 -8.94
CA VAL A 36 -2.28 4.35 -8.37
C VAL A 36 -3.11 3.28 -7.66
N ILE A 37 -4.29 3.61 -7.21
CA ILE A 37 -5.11 2.59 -6.50
C ILE A 37 -6.45 2.37 -7.22
N LYS A 38 -6.88 3.34 -7.98
CA LYS A 38 -8.18 3.18 -8.70
C LYS A 38 -7.96 2.60 -10.09
N GLY A 39 -8.89 1.84 -10.58
CA GLY A 39 -8.74 1.24 -11.92
C GLY A 39 -8.27 -0.21 -11.79
N GLY A 40 -8.01 -0.67 -10.59
CA GLY A 40 -7.55 -2.08 -10.44
C GLY A 40 -7.40 -2.45 -8.96
N ARG A 41 -6.58 -3.42 -8.67
CA ARG A 41 -6.39 -3.84 -7.26
C ARG A 41 -5.05 -3.33 -6.73
N HIS A 42 -5.04 -2.72 -5.58
CA HIS A 42 -3.75 -2.20 -5.04
C HIS A 42 -3.66 -2.41 -3.52
N LEU A 43 -2.47 -2.53 -3.01
CA LEU A 43 -2.31 -2.74 -1.54
C LEU A 43 -1.66 -1.52 -0.90
N ILE A 44 -2.35 -0.84 -0.04
CA ILE A 44 -1.76 0.36 0.62
C ILE A 44 -1.28 0.00 2.02
N PHE A 45 -0.06 0.31 2.33
CA PHE A 45 0.45 -0.01 3.69
C PHE A 45 0.35 1.21 4.60
N CYS A 46 -0.32 1.07 5.72
CA CYS A 46 -0.47 2.23 6.65
C CYS A 46 0.23 1.94 7.97
N HIS A 47 0.55 2.97 8.71
CA HIS A 47 1.21 2.76 10.03
C HIS A 47 0.22 3.03 11.17
N SER A 48 -1.02 3.28 10.86
CA SER A 48 -2.03 3.54 11.92
C SER A 48 -3.33 2.81 11.63
N LYS A 49 -3.90 2.20 12.63
CA LYS A 49 -5.18 1.46 12.44
C LYS A 49 -6.34 2.44 12.23
N LYS A 50 -6.26 3.60 12.83
CA LYS A 50 -7.35 4.61 12.66
C LYS A 50 -7.34 5.18 11.25
N LYS A 51 -6.18 5.24 10.65
CA LYS A 51 -6.08 5.79 9.26
C LYS A 51 -6.67 4.79 8.28
N CYS A 52 -6.46 3.52 8.51
CA CYS A 52 -7.01 2.49 7.59
C CYS A 52 -8.53 2.59 7.57
N ASP A 53 -9.13 2.87 8.70
CA ASP A 53 -10.62 2.99 8.72
C ASP A 53 -11.06 4.14 7.82
N GLU A 54 -10.47 5.29 7.98
CA GLU A 54 -10.85 6.46 7.12
C GLU A 54 -10.35 6.28 5.70
N LEU A 55 -9.09 5.90 5.56
CA LEU A 55 -8.50 5.71 4.21
C LEU A 55 -9.32 4.70 3.39
N ALA A 56 -9.78 3.65 4.01
CA ALA A 56 -10.58 2.65 3.25
C ALA A 56 -11.99 3.17 2.99
N ALA A 57 -12.67 3.63 4.02
CA ALA A 57 -14.04 4.18 3.81
C ALA A 57 -13.99 5.38 2.86
N LYS A 58 -13.03 6.24 3.04
CA LYS A 58 -12.91 7.43 2.13
C LYS A 58 -12.81 6.95 0.69
N LEU A 59 -11.99 5.97 0.44
CA LEU A 59 -11.83 5.45 -0.95
C LEU A 59 -13.19 5.06 -1.51
N VAL A 60 -14.00 4.42 -0.72
CA VAL A 60 -15.36 4.02 -1.21
C VAL A 60 -16.09 5.27 -1.71
N ALA A 61 -15.85 6.40 -1.09
CA ALA A 61 -16.52 7.67 -1.52
C ALA A 61 -15.87 8.19 -2.82
N LEU A 62 -14.59 7.95 -2.98
CA LEU A 62 -13.88 8.42 -4.21
C LEU A 62 -14.35 7.60 -5.41
N GLY A 63 -14.78 6.40 -5.16
CA GLY A 63 -15.25 5.51 -6.26
C GLY A 63 -14.43 4.21 -6.25
N ILE A 64 -13.57 4.04 -5.28
CA ILE A 64 -12.73 2.82 -5.21
C ILE A 64 -13.20 1.91 -4.07
N ASN A 65 -13.14 0.62 -4.24
CA ASN A 65 -13.56 -0.26 -3.12
C ASN A 65 -12.32 -0.50 -2.27
N ALA A 66 -12.25 0.10 -1.13
CA ALA A 66 -11.03 -0.06 -0.31
C ALA A 66 -11.32 -0.75 1.01
N VAL A 67 -10.40 -1.58 1.44
CA VAL A 67 -10.60 -2.31 2.74
C VAL A 67 -9.42 -1.99 3.66
N ALA A 68 -9.65 -1.98 4.94
CA ALA A 68 -8.52 -1.72 5.87
C ALA A 68 -8.29 -2.96 6.73
N TYR A 69 -7.14 -3.56 6.62
CA TYR A 69 -6.86 -4.79 7.42
C TYR A 69 -5.86 -4.50 8.54
N TYR A 70 -6.13 -4.99 9.72
CA TYR A 70 -5.20 -4.76 10.87
C TYR A 70 -5.58 -5.66 12.05
N ARG A 71 -4.82 -5.63 13.11
CA ARG A 71 -5.15 -6.49 14.28
C ARG A 71 -6.61 -6.34 14.69
N GLY A 72 -7.33 -7.42 14.77
CA GLY A 72 -8.77 -7.34 15.18
C GLY A 72 -9.62 -6.80 14.03
N LEU A 73 -9.41 -7.28 12.83
CA LEU A 73 -10.22 -6.78 11.68
C LEU A 73 -11.04 -7.92 11.09
N ASP A 74 -12.15 -7.61 10.48
CA ASP A 74 -13.01 -8.68 9.89
C ASP A 74 -12.63 -8.95 8.44
N VAL A 75 -12.80 -10.15 7.98
CA VAL A 75 -12.46 -10.44 6.56
C VAL A 75 -13.35 -9.59 5.65
N SER A 76 -12.78 -8.65 4.97
CA SER A 76 -13.58 -7.77 4.07
C SER A 76 -12.89 -7.60 2.71
N VAL A 77 -11.58 -7.58 2.70
CA VAL A 77 -10.86 -7.40 1.40
C VAL A 77 -11.39 -8.40 0.37
N ILE A 78 -11.73 -7.93 -0.80
CA ILE A 78 -12.26 -8.86 -1.84
C ILE A 78 -11.68 -8.52 -3.22
N PRO A 79 -10.61 -9.20 -3.58
CA PRO A 79 -9.98 -8.97 -4.90
C PRO A 79 -10.77 -9.68 -5.99
N THR A 80 -12.03 -9.36 -6.13
CA THR A 80 -12.86 -10.02 -7.19
C THR A 80 -14.17 -9.25 -7.40
N ASN A 81 -14.10 -7.95 -7.43
CA ASN A 81 -15.34 -7.15 -7.63
C ASN A 81 -15.06 -5.94 -8.53
N GLY A 82 -14.12 -6.07 -9.42
CA GLY A 82 -13.79 -4.93 -10.33
C GLY A 82 -12.46 -4.30 -9.90
N ASP A 83 -12.51 -3.34 -9.01
CA ASP A 83 -11.25 -2.69 -8.56
C ASP A 83 -11.32 -2.42 -7.06
N VAL A 84 -10.66 -3.23 -6.31
CA VAL A 84 -10.63 -3.07 -4.84
C VAL A 84 -9.20 -2.79 -4.37
N VAL A 85 -9.06 -1.86 -3.51
CA VAL A 85 -7.70 -1.52 -2.99
C VAL A 85 -7.62 -1.90 -1.52
N VAL A 86 -6.66 -2.70 -1.15
CA VAL A 86 -6.56 -3.13 0.28
C VAL A 86 -5.54 -2.26 1.01
N VAL A 87 -5.95 -1.55 2.03
CA VAL A 87 -4.98 -0.71 2.77
C VAL A 87 -4.80 -1.30 4.18
N ALA A 88 -3.75 -2.04 4.38
CA ALA A 88 -3.54 -2.67 5.71
C ALA A 88 -2.09 -2.47 6.18
N THR A 89 -1.86 -2.59 7.46
CA THR A 89 -0.47 -2.40 7.98
C THR A 89 0.29 -3.73 8.01
N ASP A 90 -0.41 -4.82 8.17
CA ASP A 90 0.28 -6.15 8.22
C ASP A 90 -0.72 -7.28 8.44
N ALA A 91 -1.79 -7.02 9.14
CA ALA A 91 -2.81 -8.08 9.40
C ALA A 91 -3.15 -8.84 8.12
N LEU A 92 -3.23 -8.16 7.00
CA LEU A 92 -3.57 -8.85 5.72
C LEU A 92 -2.43 -9.76 5.27
N MET A 93 -1.20 -9.38 5.55
CA MET A 93 -0.05 -10.22 5.12
C MET A 93 -0.17 -10.50 3.61
N THR A 94 0.22 -11.67 3.17
CA THR A 94 0.11 -11.98 1.72
C THR A 94 0.01 -13.50 1.50
N GLY A 95 -0.45 -14.23 2.48
CA GLY A 95 -0.57 -15.71 2.32
C GLY A 95 -1.37 -16.00 1.05
N PHE A 96 -2.61 -15.58 1.01
CA PHE A 96 -3.42 -15.80 -0.21
C PHE A 96 -3.47 -14.51 -1.02
N THR A 97 -2.38 -13.80 -1.01
CA THR A 97 -2.33 -12.51 -1.76
C THR A 97 -1.04 -12.42 -2.58
N GLY A 98 -0.73 -11.27 -3.09
CA GLY A 98 0.52 -11.13 -3.89
C GLY A 98 0.17 -10.66 -5.30
N ASP A 99 -1.03 -10.90 -5.74
CA ASP A 99 -1.41 -10.45 -7.12
C ASP A 99 -1.88 -8.99 -7.08
N PHE A 100 -0.97 -8.07 -6.93
CA PHE A 100 -1.36 -6.63 -6.90
C PHE A 100 -0.67 -5.88 -8.03
N ASP A 101 -1.27 -4.82 -8.49
CA ASP A 101 -0.65 -4.02 -9.58
C ASP A 101 0.34 -3.03 -9.00
N SER A 102 0.12 -2.58 -7.79
CA SER A 102 1.07 -1.61 -7.16
C SER A 102 0.89 -1.58 -5.64
N VAL A 103 1.85 -1.03 -4.94
CA VAL A 103 1.75 -0.97 -3.45
C VAL A 103 2.10 0.45 -2.97
N ILE A 104 1.16 1.15 -2.37
CA ILE A 104 1.45 2.52 -1.88
C ILE A 104 1.85 2.43 -0.40
N ASP A 105 3.09 2.69 -0.08
CA ASP A 105 3.53 2.59 1.34
C ASP A 105 3.93 3.95 1.90
N CYS A 106 3.97 4.05 3.20
CA CYS A 106 4.39 5.32 3.85
C CYS A 106 5.82 5.16 4.39
N ASN A 107 6.49 4.08 4.05
CA ASN A 107 7.88 3.86 4.54
C ASN A 107 7.99 4.15 6.05
N THR A 108 6.91 4.00 6.77
CA THR A 108 6.95 4.25 8.23
C THR A 108 6.05 3.27 8.97
N SER A 109 6.54 2.69 10.03
CA SER A 109 5.71 1.73 10.81
C SER A 109 5.41 2.32 12.20
N ASP A 110 4.17 2.34 12.59
CA ASP A 110 3.83 2.92 13.92
C ASP A 110 4.36 4.35 14.01
N GLY A 111 4.87 4.76 15.15
CA GLY A 111 5.41 6.14 15.27
C GLY A 111 6.90 6.17 14.87
N LYS A 112 7.34 5.17 14.16
CA LYS A 112 8.76 5.12 13.73
C LYS A 112 8.85 4.72 12.25
N PRO A 113 9.93 5.09 11.61
CA PRO A 113 10.11 4.76 10.17
C PRO A 113 10.16 3.25 9.97
N GLN A 114 9.88 2.78 8.78
CA GLN A 114 9.88 1.31 8.53
C GLN A 114 11.29 0.72 8.70
N ASP A 115 11.37 -0.58 8.80
CA ASP A 115 12.69 -1.23 8.96
C ASP A 115 13.16 -1.81 7.62
N ALA A 116 14.44 -2.09 7.50
CA ALA A 116 14.99 -2.63 6.21
C ALA A 116 14.06 -3.68 5.59
N VAL A 117 13.82 -4.77 6.25
CA VAL A 117 12.95 -5.83 5.68
C VAL A 117 11.54 -5.29 5.37
N SER A 118 11.09 -4.31 6.11
CA SER A 118 9.70 -3.79 5.86
C SER A 118 9.48 -3.52 4.37
N ARG A 119 10.30 -2.71 3.75
CA ARG A 119 10.10 -2.46 2.29
C ARG A 119 10.39 -3.76 1.54
N THR A 120 11.32 -4.53 2.01
CA THR A 120 11.62 -5.82 1.33
C THR A 120 10.33 -6.67 1.35
N GLN A 121 9.73 -6.78 2.50
CA GLN A 121 8.47 -7.56 2.60
C GLN A 121 7.31 -6.79 1.96
N ARG A 122 7.25 -5.49 2.16
CA ARG A 122 6.13 -4.70 1.56
C ARG A 122 6.28 -4.64 0.03
N ARG A 123 7.47 -4.38 -0.44
CA ARG A 123 7.67 -4.33 -1.93
C ARG A 123 7.33 -5.68 -2.53
N GLY A 124 7.64 -6.75 -1.83
CA GLY A 124 7.34 -8.12 -2.35
C GLY A 124 5.82 -8.32 -2.39
N ARG A 125 5.14 -7.60 -3.22
CA ARG A 125 3.67 -7.74 -3.32
C ARG A 125 3.25 -7.55 -4.78
N THR A 126 3.69 -6.49 -5.40
CA THR A 126 3.35 -6.26 -6.82
C THR A 126 4.45 -6.86 -7.70
N GLY A 127 4.11 -7.44 -8.82
CA GLY A 127 5.17 -8.04 -9.68
C GLY A 127 4.88 -9.51 -9.96
N ARG A 128 3.66 -9.96 -9.74
CA ARG A 128 3.34 -11.39 -10.00
C ARG A 128 2.75 -11.55 -11.40
N GLY A 129 3.59 -11.61 -12.40
CA GLY A 129 3.10 -11.76 -13.80
C GLY A 129 3.57 -10.55 -14.60
N LYS A 130 3.31 -9.38 -14.10
CA LYS A 130 3.75 -8.13 -14.79
C LYS A 130 4.57 -7.29 -13.81
N PRO A 131 5.26 -6.30 -14.31
CA PRO A 131 6.09 -5.44 -13.42
C PRO A 131 5.19 -4.69 -12.43
N GLY A 132 5.36 -4.94 -11.16
CA GLY A 132 4.52 -4.25 -10.15
C GLY A 132 5.04 -2.83 -9.90
N ILE A 133 4.30 -2.05 -9.15
CA ILE A 133 4.76 -0.67 -8.86
C ILE A 133 4.76 -0.46 -7.34
N TYR A 134 5.73 0.24 -6.84
CA TYR A 134 5.77 0.47 -5.36
C TYR A 134 5.98 1.95 -5.06
N ARG A 135 5.01 2.58 -4.45
CA ARG A 135 5.14 4.02 -4.13
C ARG A 135 5.53 4.17 -2.65
N PHE A 136 6.29 5.19 -2.32
CA PHE A 136 6.70 5.37 -0.90
C PHE A 136 6.60 6.85 -0.51
N VAL A 137 6.35 7.13 0.74
CA VAL A 137 6.26 8.56 1.17
C VAL A 137 7.66 9.07 1.54
N ALA A 138 8.43 8.25 2.21
CA ALA A 138 9.81 8.69 2.61
C ALA A 138 10.81 8.29 1.52
N PRO A 139 11.38 9.27 0.86
CA PRO A 139 12.36 8.98 -0.21
C PRO A 139 13.68 8.47 0.38
N GLY A 140 13.94 8.77 1.61
CA GLY A 140 15.21 8.29 2.24
C GLY A 140 15.57 9.19 3.43
N GLU A 141 16.20 8.64 4.44
CA GLU A 141 16.57 9.45 5.62
C GLU A 141 17.97 10.04 5.43
N ARG A 142 18.84 9.33 4.76
CA ARG A 142 20.22 9.86 4.54
C ARG A 142 20.49 10.02 3.05
N GLY A 5 23.73 0.79 6.36
CA GLY A 5 23.74 -0.60 6.92
C GLY A 5 22.59 -1.40 6.33
N SER A 6 21.53 -0.75 5.95
CA SER A 6 20.38 -1.49 5.36
C SER A 6 20.53 -1.59 3.84
N VAL A 7 20.87 -2.74 3.34
CA VAL A 7 21.03 -2.91 1.87
C VAL A 7 19.94 -3.84 1.33
N THR A 8 18.96 -3.27 0.69
CA THR A 8 17.85 -4.13 0.15
C THR A 8 18.16 -4.59 -1.28
N VAL A 9 17.78 -5.80 -1.61
CA VAL A 9 18.04 -6.30 -2.97
C VAL A 9 17.18 -5.53 -3.99
N PRO A 10 17.71 -5.39 -5.17
CA PRO A 10 16.98 -4.67 -6.24
C PRO A 10 15.75 -5.46 -6.68
N HIS A 11 15.17 -5.08 -7.78
CA HIS A 11 13.96 -5.78 -8.29
C HIS A 11 13.44 -5.06 -9.55
N PRO A 12 14.04 -5.39 -10.67
CA PRO A 12 13.64 -4.76 -11.95
C PRO A 12 12.22 -5.19 -12.36
N ASN A 13 11.66 -6.15 -11.69
CA ASN A 13 10.27 -6.59 -12.05
C ASN A 13 9.26 -5.59 -11.49
N ILE A 14 9.58 -4.94 -10.40
CA ILE A 14 8.63 -3.94 -9.83
C ILE A 14 9.16 -2.53 -10.08
N GLU A 15 8.34 -1.64 -10.56
CA GLU A 15 8.81 -0.26 -10.80
C GLU A 15 8.72 0.54 -9.50
N GLU A 16 9.80 1.17 -9.09
CA GLU A 16 9.77 1.94 -7.83
C GLU A 16 9.34 3.38 -8.11
N VAL A 17 8.36 3.86 -7.39
CA VAL A 17 7.89 5.25 -7.61
C VAL A 17 7.94 6.05 -6.31
N ALA A 18 7.98 7.35 -6.41
CA ALA A 18 8.03 8.18 -5.18
C ALA A 18 6.72 8.96 -5.03
N LEU A 19 5.93 8.62 -4.06
CA LEU A 19 4.63 9.34 -3.87
C LEU A 19 4.87 10.85 -3.78
N SER A 20 4.08 11.63 -4.48
CA SER A 20 4.26 13.10 -4.45
C SER A 20 2.91 13.80 -4.30
N THR A 21 2.90 15.10 -4.19
CA THR A 21 1.61 15.83 -4.06
C THR A 21 0.84 15.78 -5.38
N THR A 22 0.43 14.61 -5.78
CA THR A 22 -0.32 14.49 -7.07
C THR A 22 -1.51 13.55 -6.90
N GLY A 23 -2.71 14.05 -6.93
CA GLY A 23 -3.88 13.14 -6.77
C GLY A 23 -5.00 13.82 -6.00
N GLU A 24 -5.93 13.04 -5.53
CA GLU A 24 -7.07 13.64 -4.76
C GLU A 24 -7.10 13.07 -3.35
N ILE A 25 -6.50 11.93 -3.11
CA ILE A 25 -6.53 11.37 -1.74
C ILE A 25 -5.24 11.74 -0.98
N PRO A 26 -5.39 12.63 -0.03
CA PRO A 26 -4.21 13.07 0.77
C PRO A 26 -3.66 11.91 1.61
N PHE A 27 -2.37 11.90 1.86
CA PHE A 27 -1.79 10.78 2.65
C PHE A 27 -0.35 11.10 3.07
N TYR A 28 -0.13 11.36 4.33
CA TYR A 28 1.25 11.66 4.82
C TYR A 28 1.86 12.85 4.07
N GLY A 29 1.24 14.00 4.14
CA GLY A 29 1.79 15.18 3.42
C GLY A 29 1.98 14.85 1.93
N LYS A 30 1.35 13.81 1.47
CA LYS A 30 1.48 13.43 0.03
C LYS A 30 0.10 13.19 -0.56
N ALA A 31 -0.06 13.29 -1.85
CA ALA A 31 -1.40 13.10 -2.44
C ALA A 31 -1.40 11.87 -3.34
N ILE A 32 -2.01 10.80 -2.91
CA ILE A 32 -2.04 9.58 -3.75
C ILE A 32 -2.91 9.81 -5.00
N PRO A 33 -2.29 9.80 -6.14
CA PRO A 33 -3.07 9.92 -7.39
C PRO A 33 -3.87 8.63 -7.53
N LEU A 34 -5.16 8.72 -7.73
CA LEU A 34 -5.97 7.47 -7.82
C LEU A 34 -5.42 6.52 -8.89
N GLU A 35 -4.62 7.01 -9.80
CA GLU A 35 -4.08 6.11 -10.85
C GLU A 35 -3.26 4.96 -10.22
N VAL A 36 -2.89 5.09 -8.98
CA VAL A 36 -2.08 4.01 -8.32
C VAL A 36 -2.99 2.99 -7.62
N ILE A 37 -4.18 3.39 -7.23
CA ILE A 37 -5.09 2.43 -6.53
C ILE A 37 -6.39 2.25 -7.32
N LYS A 38 -6.69 3.14 -8.23
CA LYS A 38 -7.94 2.98 -9.02
C LYS A 38 -7.63 2.35 -10.38
N GLY A 39 -8.54 1.59 -10.90
CA GLY A 39 -8.31 0.94 -12.21
C GLY A 39 -7.96 -0.53 -11.99
N GLY A 40 -7.81 -0.96 -10.77
CA GLY A 40 -7.48 -2.39 -10.53
C GLY A 40 -7.38 -2.67 -9.03
N ARG A 41 -6.57 -3.64 -8.67
CA ARG A 41 -6.42 -3.98 -7.23
C ARG A 41 -5.07 -3.50 -6.69
N HIS A 42 -5.06 -2.84 -5.57
CA HIS A 42 -3.77 -2.35 -5.02
C HIS A 42 -3.70 -2.55 -3.50
N LEU A 43 -2.52 -2.72 -2.98
CA LEU A 43 -2.38 -2.92 -1.51
C LEU A 43 -1.69 -1.71 -0.88
N ILE A 44 -2.35 -1.05 0.03
CA ILE A 44 -1.72 0.13 0.69
C ILE A 44 -1.28 -0.26 2.09
N PHE A 45 -0.05 -0.03 2.41
CA PHE A 45 0.47 -0.40 3.76
C PHE A 45 0.40 0.81 4.70
N CYS A 46 -0.27 0.66 5.81
CA CYS A 46 -0.39 1.79 6.77
C CYS A 46 0.27 1.44 8.11
N HIS A 47 0.60 2.43 8.90
CA HIS A 47 1.24 2.14 10.21
C HIS A 47 0.23 2.37 11.35
N SER A 48 -0.95 2.84 11.04
CA SER A 48 -1.96 3.08 12.11
C SER A 48 -3.34 2.58 11.71
N LYS A 49 -4.09 2.09 12.66
CA LYS A 49 -5.46 1.58 12.36
C LYS A 49 -6.43 2.73 12.06
N LYS A 50 -6.33 3.81 12.79
CA LYS A 50 -7.25 4.96 12.56
C LYS A 50 -7.10 5.48 11.12
N LYS A 51 -5.92 5.45 10.58
CA LYS A 51 -5.71 5.93 9.19
C LYS A 51 -6.35 4.95 8.20
N CYS A 52 -6.21 3.68 8.46
CA CYS A 52 -6.80 2.67 7.54
C CYS A 52 -8.33 2.82 7.52
N ASP A 53 -8.93 3.13 8.63
CA ASP A 53 -10.42 3.29 8.65
C ASP A 53 -10.86 4.40 7.70
N GLU A 54 -10.25 5.56 7.81
CA GLU A 54 -10.64 6.68 6.91
C GLU A 54 -10.14 6.42 5.48
N LEU A 55 -8.91 5.98 5.36
CA LEU A 55 -8.34 5.71 4.01
C LEU A 55 -9.19 4.73 3.22
N ALA A 56 -9.68 3.69 3.85
CA ALA A 56 -10.52 2.70 3.10
C ALA A 56 -11.91 3.29 2.84
N ALA A 57 -12.56 3.79 3.85
CA ALA A 57 -13.92 4.38 3.63
C ALA A 57 -13.83 5.55 2.66
N LYS A 58 -12.84 6.38 2.81
CA LYS A 58 -12.69 7.53 1.88
C LYS A 58 -12.59 7.04 0.45
N LEU A 59 -11.80 6.04 0.21
CA LEU A 59 -11.67 5.51 -1.18
C LEU A 59 -13.04 5.15 -1.72
N VAL A 60 -13.87 4.54 -0.92
CA VAL A 60 -15.24 4.20 -1.41
C VAL A 60 -15.93 5.49 -1.87
N ALA A 61 -15.59 6.59 -1.27
CA ALA A 61 -16.19 7.91 -1.66
C ALA A 61 -15.57 8.39 -2.98
N LEU A 62 -14.32 8.10 -3.19
CA LEU A 62 -13.64 8.53 -4.44
C LEU A 62 -14.16 7.70 -5.62
N GLY A 63 -14.62 6.52 -5.32
CA GLY A 63 -15.15 5.62 -6.39
C GLY A 63 -14.34 4.31 -6.39
N ILE A 64 -13.48 4.14 -5.42
CA ILE A 64 -12.64 2.91 -5.34
C ILE A 64 -13.13 2.02 -4.21
N ASN A 65 -13.11 0.73 -4.37
CA ASN A 65 -13.54 -0.14 -3.25
C ASN A 65 -12.32 -0.39 -2.38
N ALA A 66 -12.28 0.22 -1.23
CA ALA A 66 -11.09 0.05 -0.37
C ALA A 66 -11.46 -0.54 0.99
N VAL A 67 -10.59 -1.36 1.53
CA VAL A 67 -10.88 -1.96 2.86
C VAL A 67 -9.65 -1.83 3.75
N ALA A 68 -9.85 -1.59 5.01
CA ALA A 68 -8.68 -1.47 5.91
C ALA A 68 -8.59 -2.71 6.81
N TYR A 69 -7.47 -3.39 6.77
CA TYR A 69 -7.33 -4.61 7.62
C TYR A 69 -6.27 -4.38 8.71
N TYR A 70 -6.68 -4.47 9.95
CA TYR A 70 -5.72 -4.28 11.07
C TYR A 70 -6.10 -5.17 12.25
N ARG A 71 -5.30 -5.20 13.28
CA ARG A 71 -5.62 -6.07 14.46
C ARG A 71 -7.05 -5.80 14.95
N GLY A 72 -7.87 -6.80 14.95
CA GLY A 72 -9.28 -6.62 15.43
C GLY A 72 -10.17 -6.15 14.28
N LEU A 73 -9.91 -6.63 13.09
CA LEU A 73 -10.75 -6.20 11.93
C LEU A 73 -11.49 -7.41 11.34
N ASP A 74 -12.59 -7.17 10.68
CA ASP A 74 -13.37 -8.30 10.08
C ASP A 74 -12.98 -8.49 8.62
N VAL A 75 -13.05 -9.70 8.13
CA VAL A 75 -12.68 -9.92 6.71
C VAL A 75 -13.65 -9.11 5.82
N SER A 76 -13.15 -8.09 5.20
CA SER A 76 -14.02 -7.25 4.32
C SER A 76 -13.36 -7.00 2.97
N VAL A 77 -12.07 -7.15 2.87
CA VAL A 77 -11.38 -6.91 1.58
C VAL A 77 -11.84 -7.97 0.57
N ILE A 78 -12.20 -7.54 -0.62
CA ILE A 78 -12.67 -8.52 -1.64
C ILE A 78 -11.87 -8.37 -2.94
N PRO A 79 -10.87 -9.20 -3.10
CA PRO A 79 -10.04 -9.16 -4.33
C PRO A 79 -10.73 -9.94 -5.44
N THR A 80 -11.96 -9.61 -5.74
CA THR A 80 -12.69 -10.35 -6.82
C THR A 80 -13.83 -9.50 -7.38
N ASN A 81 -13.59 -8.23 -7.59
CA ASN A 81 -14.65 -7.35 -8.14
C ASN A 81 -14.06 -6.36 -9.14
N GLY A 82 -14.79 -5.32 -9.48
CA GLY A 82 -14.26 -4.32 -10.46
C GLY A 82 -12.86 -3.89 -10.04
N ASP A 83 -12.75 -3.10 -9.00
CA ASP A 83 -11.41 -2.64 -8.54
C ASP A 83 -11.42 -2.41 -7.04
N VAL A 84 -10.73 -3.24 -6.32
CA VAL A 84 -10.67 -3.10 -4.84
C VAL A 84 -9.24 -2.82 -4.39
N VAL A 85 -9.09 -1.88 -3.52
CA VAL A 85 -7.73 -1.56 -3.00
C VAL A 85 -7.66 -1.94 -1.52
N VAL A 86 -6.71 -2.75 -1.16
CA VAL A 86 -6.62 -3.18 0.26
C VAL A 86 -5.60 -2.33 1.01
N VAL A 87 -6.01 -1.63 2.04
CA VAL A 87 -5.04 -0.79 2.79
C VAL A 87 -4.89 -1.36 4.20
N ALA A 88 -3.85 -2.09 4.44
CA ALA A 88 -3.69 -2.70 5.78
C ALA A 88 -2.23 -2.77 6.22
N THR A 89 -2.01 -2.99 7.48
CA THR A 89 -0.61 -3.08 7.99
C THR A 89 -0.17 -4.55 8.01
N ASP A 90 0.66 -4.93 8.94
CA ASP A 90 1.11 -6.36 9.01
C ASP A 90 -0.09 -7.28 9.27
N ALA A 91 -1.20 -6.73 9.69
CA ALA A 91 -2.40 -7.58 9.97
C ALA A 91 -2.67 -8.50 8.77
N LEU A 92 -2.61 -7.98 7.58
CA LEU A 92 -2.84 -8.84 6.39
C LEU A 92 -1.76 -9.91 6.31
N MET A 93 -0.61 -9.62 6.87
CA MET A 93 0.52 -10.60 6.86
C MET A 93 0.69 -11.24 5.49
N THR A 94 0.40 -10.51 4.45
CA THR A 94 0.55 -11.06 3.07
C THR A 94 -0.01 -12.48 2.97
N GLY A 95 -1.07 -12.77 3.67
CA GLY A 95 -1.66 -14.14 3.61
C GLY A 95 -1.92 -14.52 2.15
N PHE A 96 -2.80 -13.81 1.49
CA PHE A 96 -3.09 -14.12 0.07
C PHE A 96 -2.83 -12.89 -0.81
N THR A 97 -1.76 -12.20 -0.53
CA THR A 97 -1.43 -10.98 -1.33
C THR A 97 -0.54 -11.33 -2.52
N GLY A 98 0.16 -10.36 -3.05
CA GLY A 98 1.07 -10.63 -4.20
C GLY A 98 0.35 -10.30 -5.52
N ASP A 99 -0.93 -10.57 -5.60
CA ASP A 99 -1.66 -10.28 -6.87
C ASP A 99 -2.11 -8.81 -6.89
N PHE A 100 -1.20 -7.88 -6.73
CA PHE A 100 -1.61 -6.45 -6.76
C PHE A 100 -0.88 -5.72 -7.88
N ASP A 101 -1.50 -4.73 -8.46
CA ASP A 101 -0.85 -3.97 -9.56
C ASP A 101 0.19 -3.02 -8.99
N SER A 102 0.00 -2.55 -7.79
CA SER A 102 0.98 -1.61 -7.18
C SER A 102 0.84 -1.57 -5.66
N VAL A 103 1.82 -1.06 -4.98
CA VAL A 103 1.75 -0.99 -3.48
C VAL A 103 2.06 0.42 -3.00
N ILE A 104 1.12 1.06 -2.35
CA ILE A 104 1.38 2.42 -1.81
C ILE A 104 1.72 2.29 -0.33
N ASP A 105 2.95 2.55 0.04
CA ASP A 105 3.36 2.40 1.47
C ASP A 105 3.84 3.72 2.06
N CYS A 106 3.80 3.81 3.36
CA CYS A 106 4.29 5.05 4.04
C CYS A 106 5.75 4.83 4.48
N ASN A 107 6.33 3.71 4.15
CA ASN A 107 7.75 3.45 4.53
C ASN A 107 7.96 3.65 6.04
N THR A 108 6.92 3.46 6.81
CA THR A 108 7.08 3.62 8.29
C THR A 108 6.15 2.65 9.03
N SER A 109 6.67 1.94 9.99
CA SER A 109 5.83 0.98 10.75
C SER A 109 5.68 1.45 12.20
N ASP A 110 4.47 1.54 12.68
CA ASP A 110 4.25 2.01 14.08
C ASP A 110 4.92 3.36 14.31
N GLY A 111 5.06 4.15 13.28
CA GLY A 111 5.69 5.49 13.43
C GLY A 111 7.17 5.42 13.07
N LYS A 112 7.82 4.35 13.40
CA LYS A 112 9.28 4.21 13.08
C LYS A 112 9.44 3.86 11.59
N PRO A 113 10.60 4.17 11.05
CA PRO A 113 10.87 3.87 9.62
C PRO A 113 10.90 2.36 9.41
N GLN A 114 10.22 1.88 8.40
CA GLN A 114 10.19 0.41 8.15
C GLN A 114 11.61 -0.18 8.15
N ASP A 115 11.72 -1.48 8.12
CA ASP A 115 13.08 -2.11 8.11
C ASP A 115 13.47 -2.50 6.68
N ALA A 116 14.74 -2.70 6.45
CA ALA A 116 15.23 -3.08 5.08
C ALA A 116 14.34 -4.14 4.42
N VAL A 117 14.10 -5.24 5.06
CA VAL A 117 13.25 -6.30 4.43
C VAL A 117 11.79 -5.87 4.33
N SER A 118 11.32 -5.04 5.23
CA SER A 118 9.89 -4.61 5.17
C SER A 118 9.51 -4.20 3.75
N ARG A 119 10.22 -3.26 3.19
CA ARG A 119 9.89 -2.84 1.80
C ARG A 119 10.26 -3.96 0.84
N THR A 120 11.31 -4.69 1.14
CA THR A 120 11.69 -5.83 0.26
C THR A 120 10.52 -6.81 0.21
N GLN A 121 10.00 -7.18 1.34
CA GLN A 121 8.84 -8.11 1.37
C GLN A 121 7.57 -7.38 0.94
N ARG A 122 7.41 -6.14 1.32
CA ARG A 122 6.18 -5.38 0.94
C ARG A 122 6.17 -5.03 -0.55
N ARG A 123 7.27 -4.54 -1.08
CA ARG A 123 7.31 -4.17 -2.52
C ARG A 123 7.00 -5.39 -3.38
N GLY A 124 7.70 -6.48 -3.14
CA GLY A 124 7.48 -7.72 -3.95
C GLY A 124 5.99 -7.99 -4.15
N ARG A 125 5.16 -7.54 -3.25
CA ARG A 125 3.69 -7.78 -3.39
C ARG A 125 3.19 -7.48 -4.81
N THR A 126 3.78 -6.53 -5.49
CA THR A 126 3.32 -6.22 -6.87
C THR A 126 4.26 -6.84 -7.91
N GLY A 127 3.71 -7.28 -9.01
CA GLY A 127 4.58 -7.88 -10.07
C GLY A 127 4.46 -9.40 -10.06
N ARG A 128 3.47 -9.93 -9.40
CA ARG A 128 3.32 -11.41 -9.36
C ARG A 128 2.87 -11.91 -10.74
N GLY A 129 3.80 -12.12 -11.63
CA GLY A 129 3.44 -12.60 -13.00
C GLY A 129 3.70 -11.47 -14.00
N LYS A 130 3.65 -10.25 -13.54
CA LYS A 130 3.90 -9.10 -14.45
C LYS A 130 4.78 -8.06 -13.70
N PRO A 131 4.92 -6.89 -14.25
CA PRO A 131 5.74 -5.85 -13.59
C PRO A 131 4.91 -5.04 -12.58
N GLY A 132 5.18 -5.20 -11.31
CA GLY A 132 4.40 -4.45 -10.28
C GLY A 132 4.96 -3.03 -10.13
N ILE A 133 4.26 -2.21 -9.40
CA ILE A 133 4.74 -0.82 -9.17
C ILE A 133 4.76 -0.56 -7.66
N TYR A 134 5.74 0.15 -7.17
CA TYR A 134 5.77 0.42 -5.71
C TYR A 134 5.92 1.90 -5.43
N ARG A 135 4.93 2.50 -4.84
CA ARG A 135 5.00 3.95 -4.52
C ARG A 135 5.23 4.12 -3.01
N PHE A 136 6.28 4.78 -2.63
CA PHE A 136 6.55 4.94 -1.17
C PHE A 136 6.61 6.42 -0.78
N VAL A 137 6.40 6.73 0.47
CA VAL A 137 6.46 8.16 0.90
C VAL A 137 7.87 8.47 1.44
N ALA A 138 8.29 7.71 2.42
CA ALA A 138 9.64 7.93 3.03
C ALA A 138 9.67 9.25 3.81
N PRO A 139 10.41 9.27 4.89
CA PRO A 139 10.51 10.48 5.73
C PRO A 139 11.48 11.47 5.09
N GLY A 140 12.69 11.07 4.85
CA GLY A 140 13.69 11.99 4.23
C GLY A 140 15.03 11.83 4.93
N GLU A 141 15.02 11.54 6.20
CA GLU A 141 16.30 11.37 6.95
C GLU A 141 16.15 10.32 8.04
N ARG A 142 17.03 10.32 9.01
CA ARG A 142 16.92 9.32 10.10
C ARG A 142 17.60 9.86 11.37
N GLY A 5 25.54 -6.24 9.04
CA GLY A 5 24.85 -5.13 8.32
C GLY A 5 23.62 -5.69 7.59
N SER A 6 22.47 -5.14 7.84
CA SER A 6 21.24 -5.64 7.16
C SER A 6 21.18 -5.12 5.72
N VAL A 7 21.39 -5.97 4.76
CA VAL A 7 21.35 -5.52 3.34
C VAL A 7 20.15 -6.18 2.63
N THR A 8 19.11 -5.43 2.41
CA THR A 8 17.91 -6.00 1.73
C THR A 8 18.26 -6.42 0.30
N VAL A 9 17.75 -7.54 -0.13
CA VAL A 9 18.05 -7.99 -1.52
C VAL A 9 17.36 -7.07 -2.53
N PRO A 10 17.98 -6.93 -3.67
CA PRO A 10 17.42 -6.08 -4.74
C PRO A 10 16.20 -6.74 -5.38
N HIS A 11 15.79 -6.24 -6.51
CA HIS A 11 14.60 -6.83 -7.22
C HIS A 11 14.25 -5.97 -8.45
N PRO A 12 14.98 -6.18 -9.52
CA PRO A 12 14.76 -5.41 -10.76
C PRO A 12 13.49 -5.88 -11.49
N ASN A 13 12.37 -5.88 -10.83
CA ASN A 13 11.11 -6.32 -11.51
C ASN A 13 9.93 -5.42 -11.10
N ILE A 14 10.17 -4.39 -10.35
CA ILE A 14 9.06 -3.48 -9.95
C ILE A 14 9.44 -2.02 -10.26
N GLU A 15 8.53 -1.26 -10.79
CA GLU A 15 8.85 0.16 -11.10
C GLU A 15 8.69 1.00 -9.83
N GLU A 16 9.69 1.76 -9.48
CA GLU A 16 9.61 2.59 -8.25
C GLU A 16 9.01 3.97 -8.56
N VAL A 17 8.16 4.47 -7.70
CA VAL A 17 7.55 5.80 -7.95
C VAL A 17 7.64 6.67 -6.70
N ALA A 18 7.60 7.96 -6.86
CA ALA A 18 7.67 8.85 -5.66
C ALA A 18 6.31 9.48 -5.39
N LEU A 19 5.66 9.08 -4.34
CA LEU A 19 4.33 9.67 -4.00
C LEU A 19 4.46 11.19 -3.91
N SER A 20 3.48 11.91 -4.39
CA SER A 20 3.57 13.39 -4.32
C SER A 20 2.20 14.01 -4.03
N THR A 21 2.14 15.30 -3.84
CA THR A 21 0.84 15.96 -3.56
C THR A 21 -0.03 16.00 -4.83
N THR A 22 -0.66 14.91 -5.15
CA THR A 22 -1.52 14.88 -6.38
C THR A 22 -2.59 13.80 -6.26
N GLY A 23 -3.83 14.17 -6.10
CA GLY A 23 -4.88 13.12 -6.00
C GLY A 23 -6.02 13.59 -5.09
N GLU A 24 -6.92 12.69 -4.79
CA GLU A 24 -8.07 13.05 -3.91
C GLU A 24 -7.95 12.37 -2.56
N ILE A 25 -7.21 11.29 -2.49
CA ILE A 25 -7.08 10.60 -1.17
C ILE A 25 -5.80 11.09 -0.46
N PRO A 26 -5.99 11.88 0.56
CA PRO A 26 -4.83 12.45 1.30
C PRO A 26 -4.01 11.35 1.99
N PHE A 27 -2.71 11.52 2.04
CA PHE A 27 -1.86 10.49 2.68
C PHE A 27 -0.81 11.16 3.59
N TYR A 28 0.18 10.41 3.99
CA TYR A 28 1.24 10.99 4.89
C TYR A 28 1.94 12.17 4.22
N GLY A 29 1.36 13.33 4.29
CA GLY A 29 1.99 14.53 3.66
C GLY A 29 1.95 14.40 2.13
N LYS A 30 1.31 13.40 1.61
CA LYS A 30 1.25 13.23 0.14
C LYS A 30 -0.20 12.99 -0.30
N ALA A 31 -0.52 13.27 -1.52
CA ALA A 31 -1.91 13.05 -1.99
C ALA A 31 -1.92 11.92 -3.01
N ILE A 32 -2.43 10.78 -2.63
CA ILE A 32 -2.45 9.64 -3.56
C ILE A 32 -3.43 9.89 -4.72
N PRO A 33 -2.91 10.00 -5.91
CA PRO A 33 -3.78 10.16 -7.08
C PRO A 33 -4.49 8.83 -7.30
N LEU A 34 -5.78 8.85 -7.49
CA LEU A 34 -6.51 7.56 -7.65
C LEU A 34 -5.94 6.73 -8.82
N GLU A 35 -5.15 7.33 -9.68
CA GLU A 35 -4.58 6.55 -10.81
C GLU A 35 -3.66 5.44 -10.30
N VAL A 36 -3.25 5.50 -9.05
CA VAL A 36 -2.34 4.45 -8.51
C VAL A 36 -3.14 3.35 -7.80
N ILE A 37 -4.32 3.66 -7.33
CA ILE A 37 -5.13 2.63 -6.62
C ILE A 37 -6.44 2.36 -7.39
N LYS A 38 -6.92 3.33 -8.12
CA LYS A 38 -8.17 3.14 -8.89
C LYS A 38 -7.88 2.57 -10.27
N GLY A 39 -8.78 1.79 -10.79
CA GLY A 39 -8.55 1.18 -12.12
C GLY A 39 -8.18 -0.29 -11.95
N GLY A 40 -8.01 -0.76 -10.74
CA GLY A 40 -7.65 -2.19 -10.54
C GLY A 40 -7.49 -2.51 -9.05
N ARG A 41 -6.60 -3.41 -8.73
CA ARG A 41 -6.41 -3.78 -7.30
C ARG A 41 -5.06 -3.25 -6.79
N HIS A 42 -5.04 -2.62 -5.66
CA HIS A 42 -3.76 -2.08 -5.12
C HIS A 42 -3.68 -2.29 -3.61
N LEU A 43 -2.50 -2.47 -3.09
CA LEU A 43 -2.35 -2.66 -1.62
C LEU A 43 -1.65 -1.44 -1.02
N ILE A 44 -2.34 -0.70 -0.20
CA ILE A 44 -1.71 0.50 0.43
C ILE A 44 -1.20 0.14 1.82
N PHE A 45 0.04 0.41 2.08
CA PHE A 45 0.60 0.09 3.43
C PHE A 45 0.52 1.31 4.36
N CYS A 46 -0.13 1.16 5.47
CA CYS A 46 -0.25 2.32 6.43
C CYS A 46 0.41 1.99 7.76
N HIS A 47 0.74 2.99 8.52
CA HIS A 47 1.37 2.74 9.85
C HIS A 47 0.38 3.10 10.97
N SER A 48 -0.84 3.47 10.64
CA SER A 48 -1.82 3.83 11.69
C SER A 48 -3.14 3.08 11.50
N LYS A 49 -3.69 2.57 12.57
CA LYS A 49 -4.97 1.81 12.49
C LYS A 49 -6.15 2.76 12.21
N LYS A 50 -6.12 3.93 12.78
CA LYS A 50 -7.24 4.90 12.57
C LYS A 50 -7.22 5.44 11.13
N LYS A 51 -6.06 5.66 10.59
CA LYS A 51 -5.98 6.19 9.20
C LYS A 51 -6.51 5.15 8.23
N CYS A 52 -6.29 3.90 8.50
CA CYS A 52 -6.80 2.82 7.61
C CYS A 52 -8.33 2.88 7.55
N ASP A 53 -8.95 3.26 8.64
CA ASP A 53 -10.44 3.32 8.64
C ASP A 53 -10.96 4.42 7.72
N GLU A 54 -10.43 5.60 7.85
CA GLU A 54 -10.89 6.73 6.98
C GLU A 54 -10.39 6.55 5.55
N LEU A 55 -9.15 6.19 5.40
CA LEU A 55 -8.56 6.01 4.05
C LEU A 55 -9.35 4.97 3.22
N ALA A 56 -9.82 3.92 3.84
CA ALA A 56 -10.60 2.91 3.07
C ALA A 56 -12.01 3.42 2.77
N ALA A 57 -12.71 3.87 3.77
CA ALA A 57 -14.10 4.38 3.53
C ALA A 57 -14.07 5.55 2.53
N LYS A 58 -13.10 6.40 2.64
CA LYS A 58 -13.00 7.55 1.70
C LYS A 58 -12.94 7.04 0.26
N LEU A 59 -12.13 6.05 0.03
CA LEU A 59 -12.00 5.49 -1.34
C LEU A 59 -13.38 5.04 -1.86
N VAL A 60 -14.18 4.46 -1.00
CA VAL A 60 -15.53 4.02 -1.46
C VAL A 60 -16.30 5.22 -2.00
N ALA A 61 -16.10 6.39 -1.43
CA ALA A 61 -16.80 7.60 -1.91
C ALA A 61 -16.18 8.08 -3.23
N LEU A 62 -14.91 7.86 -3.39
CA LEU A 62 -14.22 8.29 -4.65
C LEU A 62 -14.65 7.41 -5.81
N GLY A 63 -15.06 6.22 -5.51
CA GLY A 63 -15.50 5.26 -6.57
C GLY A 63 -14.60 4.01 -6.52
N ILE A 64 -13.75 3.92 -5.53
CA ILE A 64 -12.84 2.75 -5.41
C ILE A 64 -13.29 1.88 -4.25
N ASN A 65 -13.19 0.59 -4.36
CA ASN A 65 -13.58 -0.26 -3.21
C ASN A 65 -12.33 -0.44 -2.36
N ALA A 66 -12.26 0.21 -1.24
CA ALA A 66 -11.03 0.11 -0.43
C ALA A 66 -11.29 -0.55 0.92
N VAL A 67 -10.36 -1.35 1.37
CA VAL A 67 -10.54 -2.03 2.69
C VAL A 67 -9.35 -1.73 3.59
N ALA A 68 -9.55 -1.69 4.87
CA ALA A 68 -8.40 -1.43 5.77
C ALA A 68 -8.19 -2.66 6.68
N TYR A 69 -7.04 -3.28 6.60
CA TYR A 69 -6.79 -4.48 7.45
C TYR A 69 -5.70 -4.20 8.48
N TYR A 70 -5.94 -4.56 9.71
CA TYR A 70 -4.93 -4.34 10.78
C TYR A 70 -5.31 -5.12 12.04
N ARG A 71 -4.50 -5.09 13.05
CA ARG A 71 -4.83 -5.86 14.29
C ARG A 71 -6.24 -5.52 14.77
N GLY A 72 -7.07 -6.51 14.96
CA GLY A 72 -8.46 -6.25 15.44
C GLY A 72 -9.34 -5.81 14.28
N LEU A 73 -9.14 -6.38 13.12
CA LEU A 73 -9.98 -5.98 11.95
C LEU A 73 -10.80 -7.18 11.45
N ASP A 74 -11.88 -6.93 10.76
CA ASP A 74 -12.73 -8.05 10.26
C ASP A 74 -12.39 -8.38 8.82
N VAL A 75 -12.52 -9.60 8.42
CA VAL A 75 -12.22 -9.96 7.01
C VAL A 75 -13.18 -9.21 6.09
N SER A 76 -12.67 -8.27 5.33
CA SER A 76 -13.54 -7.48 4.42
C SER A 76 -12.91 -7.40 3.03
N VAL A 77 -11.61 -7.31 2.96
CA VAL A 77 -10.93 -7.21 1.62
C VAL A 77 -11.47 -8.28 0.67
N ILE A 78 -12.03 -7.87 -0.44
CA ILE A 78 -12.57 -8.87 -1.41
C ILE A 78 -12.21 -8.48 -2.84
N PRO A 79 -11.33 -9.24 -3.45
CA PRO A 79 -10.91 -8.96 -4.84
C PRO A 79 -11.85 -9.65 -5.84
N THR A 80 -13.13 -9.64 -5.56
CA THR A 80 -14.09 -10.30 -6.50
C THR A 80 -15.32 -9.41 -6.70
N ASN A 81 -15.17 -8.12 -6.54
CA ASN A 81 -16.33 -7.20 -6.73
C ASN A 81 -15.91 -5.98 -7.54
N GLY A 82 -14.92 -6.13 -8.37
CA GLY A 82 -14.45 -4.98 -9.20
C GLY A 82 -13.06 -4.55 -8.73
N ASP A 83 -12.69 -3.33 -8.99
CA ASP A 83 -11.34 -2.86 -8.56
C ASP A 83 -11.35 -2.53 -7.07
N VAL A 84 -10.64 -3.30 -6.30
CA VAL A 84 -10.59 -3.07 -4.84
C VAL A 84 -9.16 -2.74 -4.41
N VAL A 85 -9.03 -1.76 -3.58
CA VAL A 85 -7.67 -1.37 -3.08
C VAL A 85 -7.59 -1.69 -1.58
N VAL A 86 -6.69 -2.54 -1.19
CA VAL A 86 -6.60 -2.89 0.25
C VAL A 86 -5.54 -2.04 0.94
N VAL A 87 -5.92 -1.28 1.93
CA VAL A 87 -4.91 -0.45 2.64
C VAL A 87 -4.69 -1.03 4.04
N ALA A 88 -3.63 -1.77 4.22
CA ALA A 88 -3.39 -2.40 5.54
C ALA A 88 -1.91 -2.32 5.92
N THR A 89 -1.60 -2.49 7.18
CA THR A 89 -0.19 -2.44 7.62
C THR A 89 0.45 -3.83 7.49
N ASP A 90 1.13 -4.30 8.50
CA ASP A 90 1.75 -5.65 8.41
C ASP A 90 0.80 -6.72 8.93
N ALA A 91 -0.48 -6.52 8.82
CA ALA A 91 -1.45 -7.52 9.31
C ALA A 91 -2.02 -8.34 8.13
N LEU A 92 -2.08 -7.75 6.98
CA LEU A 92 -2.61 -8.50 5.80
C LEU A 92 -1.57 -9.49 5.30
N MET A 93 -0.32 -9.15 5.41
CA MET A 93 0.76 -10.07 4.94
C MET A 93 0.48 -10.53 3.50
N THR A 94 0.07 -11.75 3.30
CA THR A 94 -0.22 -12.21 1.90
C THR A 94 -0.63 -13.69 1.91
N GLY A 95 -1.43 -14.10 2.86
CA GLY A 95 -1.86 -15.54 2.89
C GLY A 95 -2.47 -15.89 1.53
N PHE A 96 -3.10 -14.93 0.90
CA PHE A 96 -3.73 -15.17 -0.42
C PHE A 96 -3.62 -13.91 -1.29
N THR A 97 -2.51 -13.21 -1.20
CA THR A 97 -2.34 -11.97 -2.01
C THR A 97 -1.04 -12.03 -2.81
N GLY A 98 -0.56 -10.91 -3.30
CA GLY A 98 0.71 -10.92 -4.07
C GLY A 98 0.50 -10.31 -5.46
N ASP A 99 -0.60 -10.60 -6.08
CA ASP A 99 -0.86 -10.04 -7.45
C ASP A 99 -1.46 -8.63 -7.36
N PHE A 100 -0.66 -7.64 -7.14
CA PHE A 100 -1.21 -6.25 -7.06
C PHE A 100 -0.60 -5.37 -8.14
N ASP A 101 -1.33 -4.43 -8.64
CA ASP A 101 -0.79 -3.54 -9.69
C ASP A 101 0.25 -2.61 -9.07
N SER A 102 0.04 -2.19 -7.85
CA SER A 102 1.03 -1.28 -7.20
C SER A 102 0.84 -1.27 -5.67
N VAL A 103 1.83 -0.80 -4.97
CA VAL A 103 1.73 -0.73 -3.47
C VAL A 103 2.08 0.68 -2.99
N ILE A 104 1.16 1.34 -2.36
CA ILE A 104 1.47 2.70 -1.82
C ILE A 104 1.92 2.54 -0.38
N ASP A 105 3.17 2.81 -0.11
CA ASP A 105 3.68 2.63 1.29
C ASP A 105 4.16 3.95 1.88
N CYS A 106 4.25 4.00 3.18
CA CYS A 106 4.75 5.21 3.85
C CYS A 106 6.19 4.98 4.30
N ASN A 107 6.78 3.86 3.93
CA ASN A 107 8.18 3.56 4.34
C ASN A 107 8.40 3.84 5.84
N THR A 108 7.35 3.77 6.61
CA THR A 108 7.48 4.02 8.08
C THR A 108 6.47 3.16 8.85
N SER A 109 6.92 2.45 9.85
CA SER A 109 5.98 1.61 10.65
C SER A 109 5.89 2.17 12.07
N ASP A 110 4.70 2.33 12.59
CA ASP A 110 4.56 2.87 13.98
C ASP A 110 5.31 4.21 14.08
N GLY A 111 5.95 4.47 15.19
CA GLY A 111 6.70 5.75 15.34
C GLY A 111 8.12 5.60 14.80
N LYS A 112 8.37 4.60 14.00
CA LYS A 112 9.75 4.40 13.45
C LYS A 112 9.65 4.10 11.94
N PRO A 113 10.72 4.38 11.24
CA PRO A 113 10.75 4.13 9.78
C PRO A 113 10.63 2.64 9.49
N GLN A 114 10.23 2.28 8.30
CA GLN A 114 10.08 0.83 7.97
C GLN A 114 11.40 0.09 8.19
N ASP A 115 11.33 -1.18 8.46
CA ASP A 115 12.56 -1.97 8.69
C ASP A 115 13.07 -2.58 7.38
N ALA A 116 14.31 -2.96 7.34
CA ALA A 116 14.91 -3.53 6.09
C ALA A 116 13.95 -4.52 5.39
N VAL A 117 13.45 -5.49 6.10
CA VAL A 117 12.54 -6.48 5.44
C VAL A 117 11.19 -5.85 5.10
N SER A 118 10.76 -4.88 5.85
CA SER A 118 9.44 -4.24 5.56
C SER A 118 9.31 -3.92 4.07
N ARG A 119 10.24 -3.16 3.53
CA ARG A 119 10.17 -2.84 2.07
C ARG A 119 10.45 -4.12 1.28
N THR A 120 11.31 -4.96 1.79
CA THR A 120 11.60 -6.23 1.07
C THR A 120 10.30 -7.02 0.94
N GLN A 121 9.60 -7.18 2.03
CA GLN A 121 8.30 -7.92 1.98
C GLN A 121 7.24 -7.05 1.31
N ARG A 122 7.22 -5.78 1.61
CA ARG A 122 6.21 -4.89 0.98
C ARG A 122 6.45 -4.78 -0.53
N ARG A 123 7.69 -4.61 -0.94
CA ARG A 123 7.98 -4.52 -2.40
C ARG A 123 7.64 -5.85 -3.09
N GLY A 124 7.83 -6.95 -2.42
CA GLY A 124 7.54 -8.28 -3.04
C GLY A 124 6.03 -8.52 -3.23
N ARG A 125 5.20 -7.52 -3.09
CA ARG A 125 3.74 -7.72 -3.31
C ARG A 125 3.35 -7.18 -4.69
N THR A 126 4.27 -6.57 -5.38
CA THR A 126 3.98 -6.02 -6.75
C THR A 126 4.92 -6.67 -7.76
N GLY A 127 4.43 -6.94 -8.94
CA GLY A 127 5.31 -7.55 -9.98
C GLY A 127 5.49 -9.05 -9.70
N ARG A 128 4.56 -9.67 -9.05
CA ARG A 128 4.70 -11.13 -8.77
C ARG A 128 4.89 -11.89 -10.08
N GLY A 129 4.11 -11.58 -11.08
CA GLY A 129 4.25 -12.29 -12.38
C GLY A 129 4.43 -11.27 -13.50
N LYS A 130 4.93 -10.11 -13.17
CA LYS A 130 5.13 -9.05 -14.20
C LYS A 130 5.86 -7.85 -13.55
N PRO A 131 5.92 -6.75 -14.27
CA PRO A 131 6.59 -5.56 -13.71
C PRO A 131 5.60 -4.77 -12.84
N GLY A 132 5.67 -4.94 -11.54
CA GLY A 132 4.71 -4.21 -10.67
C GLY A 132 5.22 -2.79 -10.39
N ILE A 133 4.45 -2.01 -9.68
CA ILE A 133 4.87 -0.61 -9.36
C ILE A 133 4.87 -0.39 -7.85
N TYR A 134 5.81 0.38 -7.35
CA TYR A 134 5.83 0.62 -5.88
C TYR A 134 5.91 2.11 -5.57
N ARG A 135 4.91 2.62 -4.92
CA ARG A 135 4.92 4.07 -4.55
C ARG A 135 5.34 4.21 -3.09
N PHE A 136 6.17 5.17 -2.78
CA PHE A 136 6.61 5.33 -1.36
C PHE A 136 6.63 6.81 -0.96
N VAL A 137 6.48 7.09 0.31
CA VAL A 137 6.51 8.51 0.76
C VAL A 137 7.96 8.96 0.95
N ALA A 138 8.75 8.16 1.62
CA ALA A 138 10.18 8.55 1.84
C ALA A 138 11.11 7.51 1.20
N PRO A 139 12.33 7.91 0.98
CA PRO A 139 13.33 7.00 0.36
C PRO A 139 13.75 5.91 1.35
N GLY A 140 13.68 6.19 2.62
CA GLY A 140 14.08 5.16 3.63
C GLY A 140 14.91 5.83 4.74
N GLU A 141 14.26 6.47 5.66
CA GLU A 141 15.01 7.13 6.77
C GLU A 141 14.03 7.74 7.78
N ARG A 142 14.37 7.69 9.04
CA ARG A 142 13.45 8.27 10.08
C ARG A 142 13.18 9.74 9.78
N GLY A 5 22.10 -3.71 10.69
CA GLY A 5 22.67 -3.46 9.34
C GLY A 5 22.17 -4.54 8.37
N SER A 6 20.91 -4.53 8.04
CA SER A 6 20.38 -5.57 7.10
C SER A 6 20.41 -5.04 5.67
N VAL A 7 20.55 -5.92 4.71
CA VAL A 7 20.58 -5.48 3.28
C VAL A 7 19.33 -6.00 2.56
N THR A 8 18.40 -5.14 2.29
CA THR A 8 17.17 -5.57 1.58
C THR A 8 17.50 -5.99 0.16
N VAL A 9 16.80 -6.97 -0.36
CA VAL A 9 17.08 -7.43 -1.75
C VAL A 9 16.61 -6.37 -2.75
N PRO A 10 17.31 -6.29 -3.85
CA PRO A 10 16.98 -5.31 -4.90
C PRO A 10 15.72 -5.69 -5.68
N HIS A 11 15.77 -6.79 -6.39
CA HIS A 11 14.61 -7.24 -7.22
C HIS A 11 13.94 -6.04 -7.94
N PRO A 12 14.46 -5.73 -9.11
CA PRO A 12 13.92 -4.60 -9.90
C PRO A 12 12.58 -4.95 -10.55
N ASN A 13 12.07 -6.14 -10.34
CA ASN A 13 10.76 -6.52 -10.95
C ASN A 13 9.71 -5.46 -10.64
N ILE A 14 9.88 -4.70 -9.60
CA ILE A 14 8.87 -3.66 -9.25
C ILE A 14 9.46 -2.26 -9.47
N GLU A 15 8.71 -1.38 -10.07
CA GLU A 15 9.22 0.01 -10.30
C GLU A 15 8.94 0.86 -9.06
N GLU A 16 9.94 1.54 -8.56
CA GLU A 16 9.72 2.38 -7.34
C GLU A 16 9.28 3.80 -7.73
N VAL A 17 8.29 4.32 -7.06
CA VAL A 17 7.80 5.70 -7.40
C VAL A 17 7.81 6.58 -6.14
N ALA A 18 7.84 7.87 -6.31
CA ALA A 18 7.85 8.77 -5.11
C ALA A 18 6.48 9.41 -4.93
N LEU A 19 5.82 9.11 -3.85
CA LEU A 19 4.48 9.71 -3.61
C LEU A 19 4.62 11.23 -3.45
N SER A 20 3.77 11.99 -4.07
CA SER A 20 3.87 13.47 -3.96
C SER A 20 2.49 14.10 -3.69
N THR A 21 2.46 15.38 -3.40
CA THR A 21 1.15 16.04 -3.15
C THR A 21 0.32 16.11 -4.43
N THR A 22 -0.26 15.01 -4.83
CA THR A 22 -1.08 15.01 -6.08
C THR A 22 -2.20 13.99 -5.97
N GLY A 23 -3.43 14.43 -5.93
CA GLY A 23 -4.55 13.45 -5.83
C GLY A 23 -5.65 13.97 -4.91
N GLU A 24 -6.49 13.09 -4.45
CA GLU A 24 -7.61 13.52 -3.57
C GLU A 24 -7.53 12.79 -2.23
N ILE A 25 -6.90 11.64 -2.16
CA ILE A 25 -6.84 10.92 -0.86
C ILE A 25 -5.57 11.30 -0.10
N PRO A 26 -5.75 11.98 1.01
CA PRO A 26 -4.59 12.40 1.83
C PRO A 26 -3.88 11.18 2.40
N PHE A 27 -2.57 11.20 2.45
CA PHE A 27 -1.84 10.01 2.98
C PHE A 27 -0.47 10.40 3.56
N TYR A 28 -0.44 10.72 4.83
CA TYR A 28 0.86 11.09 5.50
C TYR A 28 1.51 12.29 4.82
N GLY A 29 0.91 13.45 4.94
CA GLY A 29 1.50 14.67 4.33
C GLY A 29 1.62 14.50 2.80
N LYS A 30 1.01 13.49 2.25
CA LYS A 30 1.09 13.28 0.77
C LYS A 30 -0.32 13.09 0.22
N ALA A 31 -0.52 13.35 -1.04
CA ALA A 31 -1.89 13.16 -1.61
C ALA A 31 -1.84 12.02 -2.62
N ILE A 32 -2.37 10.89 -2.27
CA ILE A 32 -2.35 9.75 -3.21
C ILE A 32 -3.29 10.01 -4.39
N PRO A 33 -2.73 10.14 -5.56
CA PRO A 33 -3.59 10.31 -6.75
C PRO A 33 -4.36 9.02 -6.97
N LEU A 34 -5.66 9.10 -7.14
CA LEU A 34 -6.44 7.83 -7.31
C LEU A 34 -5.90 7.01 -8.48
N GLU A 35 -5.11 7.58 -9.34
CA GLU A 35 -4.56 6.80 -10.49
C GLU A 35 -3.66 5.65 -9.98
N VAL A 36 -3.24 5.72 -8.74
CA VAL A 36 -2.35 4.64 -8.21
C VAL A 36 -3.16 3.54 -7.52
N ILE A 37 -4.33 3.86 -7.04
CA ILE A 37 -5.16 2.84 -6.35
C ILE A 37 -6.45 2.60 -7.13
N LYS A 38 -6.93 3.60 -7.82
CA LYS A 38 -8.17 3.45 -8.61
C LYS A 38 -7.85 2.96 -10.02
N GLY A 39 -8.73 2.21 -10.60
CA GLY A 39 -8.48 1.67 -11.96
C GLY A 39 -8.08 0.20 -11.87
N GLY A 40 -7.92 -0.32 -10.68
CA GLY A 40 -7.52 -1.75 -10.56
C GLY A 40 -7.36 -2.16 -9.09
N ARG A 41 -6.54 -3.13 -8.82
CA ARG A 41 -6.33 -3.57 -7.42
C ARG A 41 -5.02 -3.04 -6.87
N HIS A 42 -5.04 -2.41 -5.72
CA HIS A 42 -3.78 -1.87 -5.15
C HIS A 42 -3.75 -2.11 -3.63
N LEU A 43 -2.57 -2.27 -3.08
CA LEU A 43 -2.47 -2.50 -1.62
C LEU A 43 -1.80 -1.30 -0.93
N ILE A 44 -2.51 -0.64 -0.05
CA ILE A 44 -1.91 0.53 0.65
C ILE A 44 -1.36 0.07 2.00
N PHE A 45 -0.14 0.36 2.29
CA PHE A 45 0.44 -0.08 3.59
C PHE A 45 0.31 1.06 4.62
N CYS A 46 -0.35 0.80 5.71
CA CYS A 46 -0.50 1.85 6.75
C CYS A 46 0.15 1.41 8.06
N HIS A 47 0.47 2.34 8.91
CA HIS A 47 1.07 1.98 10.23
C HIS A 47 0.08 2.29 11.35
N SER A 48 -1.11 2.72 11.02
CA SER A 48 -2.11 3.04 12.07
C SER A 48 -3.47 2.43 11.73
N LYS A 49 -4.16 1.93 12.72
CA LYS A 49 -5.48 1.31 12.47
C LYS A 49 -6.53 2.39 12.14
N LYS A 50 -6.43 3.54 12.75
CA LYS A 50 -7.42 4.62 12.49
C LYS A 50 -7.32 5.08 11.02
N LYS A 51 -6.13 5.29 10.54
CA LYS A 51 -5.97 5.75 9.13
C LYS A 51 -6.54 4.70 8.19
N CYS A 52 -6.36 3.46 8.50
CA CYS A 52 -6.90 2.38 7.63
C CYS A 52 -8.43 2.49 7.57
N ASP A 53 -9.04 2.91 8.65
CA ASP A 53 -10.53 3.04 8.64
C ASP A 53 -10.98 4.15 7.67
N GLU A 54 -10.37 5.30 7.75
CA GLU A 54 -10.78 6.41 6.84
C GLU A 54 -10.32 6.13 5.41
N LEU A 55 -9.11 5.67 5.24
CA LEU A 55 -8.59 5.39 3.88
C LEU A 55 -9.51 4.41 3.14
N ALA A 56 -9.94 3.36 3.79
CA ALA A 56 -10.83 2.39 3.09
C ALA A 56 -12.22 2.98 2.88
N ALA A 57 -12.82 3.50 3.93
CA ALA A 57 -14.18 4.09 3.78
C ALA A 57 -14.14 5.28 2.83
N LYS A 58 -13.15 6.13 2.97
CA LYS A 58 -13.04 7.31 2.08
C LYS A 58 -13.00 6.85 0.62
N LEU A 59 -12.20 5.85 0.34
CA LEU A 59 -12.09 5.34 -1.05
C LEU A 59 -13.48 4.93 -1.57
N VAL A 60 -14.27 4.30 -0.74
CA VAL A 60 -15.63 3.89 -1.20
C VAL A 60 -16.39 5.14 -1.68
N ALA A 61 -16.17 6.26 -1.04
CA ALA A 61 -16.86 7.52 -1.45
C ALA A 61 -16.23 8.08 -2.73
N LEU A 62 -14.95 7.87 -2.89
CA LEU A 62 -14.26 8.38 -4.11
C LEU A 62 -14.69 7.59 -5.33
N GLY A 63 -15.10 6.38 -5.11
CA GLY A 63 -15.54 5.49 -6.23
C GLY A 63 -14.66 4.24 -6.27
N ILE A 64 -13.81 4.08 -5.28
CA ILE A 64 -12.90 2.90 -5.23
C ILE A 64 -13.35 1.95 -4.12
N ASN A 65 -13.25 0.67 -4.31
CA ASN A 65 -13.64 -0.25 -3.23
C ASN A 65 -12.40 -0.49 -2.38
N ALA A 66 -12.34 0.09 -1.22
CA ALA A 66 -11.12 -0.07 -0.40
C ALA A 66 -11.41 -0.76 0.93
N VAL A 67 -10.50 -1.58 1.39
CA VAL A 67 -10.71 -2.27 2.70
C VAL A 67 -9.52 -2.04 3.60
N ALA A 68 -9.73 -1.95 4.88
CA ALA A 68 -8.58 -1.75 5.80
C ALA A 68 -8.36 -3.01 6.62
N TYR A 69 -7.21 -3.60 6.50
CA TYR A 69 -6.93 -4.84 7.28
C TYR A 69 -5.78 -4.62 8.27
N TYR A 70 -5.99 -4.93 9.52
CA TYR A 70 -4.92 -4.74 10.54
C TYR A 70 -5.13 -5.73 11.69
N ARG A 71 -4.37 -5.58 12.75
CA ARG A 71 -4.50 -6.52 13.90
C ARG A 71 -5.96 -6.61 14.38
N GLY A 72 -6.47 -7.81 14.48
CA GLY A 72 -7.88 -7.99 14.95
C GLY A 72 -8.87 -7.41 13.94
N LEU A 73 -8.75 -7.75 12.70
CA LEU A 73 -9.70 -7.20 11.69
C LEU A 73 -10.50 -8.34 11.05
N ASP A 74 -11.67 -8.04 10.54
CA ASP A 74 -12.51 -9.11 9.92
C ASP A 74 -12.23 -9.23 8.43
N VAL A 75 -12.37 -10.39 7.88
CA VAL A 75 -12.11 -10.55 6.42
C VAL A 75 -13.10 -9.69 5.63
N SER A 76 -12.62 -8.66 5.01
CA SER A 76 -13.52 -7.76 4.22
C SER A 76 -12.95 -7.48 2.83
N VAL A 77 -11.66 -7.59 2.67
CA VAL A 77 -11.03 -7.33 1.35
C VAL A 77 -11.62 -8.27 0.29
N ILE A 78 -11.89 -7.78 -0.89
CA ILE A 78 -12.46 -8.66 -1.96
C ILE A 78 -11.78 -8.37 -3.31
N PRO A 79 -10.84 -9.20 -3.67
CA PRO A 79 -10.12 -9.03 -4.96
C PRO A 79 -10.88 -9.75 -6.09
N THR A 80 -12.18 -9.73 -6.06
CA THR A 80 -12.96 -10.41 -7.14
C THR A 80 -14.00 -9.46 -7.74
N ASN A 81 -13.87 -8.19 -7.52
CA ASN A 81 -14.85 -7.22 -8.08
C ASN A 81 -14.16 -6.29 -9.08
N GLY A 82 -14.80 -5.20 -9.45
CA GLY A 82 -14.17 -4.26 -10.43
C GLY A 82 -12.77 -3.90 -9.95
N ASP A 83 -12.66 -2.89 -9.13
CA ASP A 83 -11.31 -2.48 -8.63
C ASP A 83 -11.34 -2.29 -7.12
N VAL A 84 -10.62 -3.13 -6.43
CA VAL A 84 -10.58 -3.03 -4.95
C VAL A 84 -9.16 -2.71 -4.48
N VAL A 85 -9.04 -1.79 -3.59
CA VAL A 85 -7.70 -1.42 -3.06
C VAL A 85 -7.63 -1.81 -1.59
N VAL A 86 -6.67 -2.60 -1.22
CA VAL A 86 -6.58 -3.04 0.20
C VAL A 86 -5.57 -2.18 0.97
N VAL A 87 -6.02 -1.49 1.98
CA VAL A 87 -5.07 -0.65 2.76
C VAL A 87 -4.83 -1.32 4.11
N ALA A 88 -3.74 -2.02 4.26
CA ALA A 88 -3.48 -2.73 5.54
C ALA A 88 -1.99 -2.71 5.89
N THR A 89 -1.68 -2.98 7.12
CA THR A 89 -0.25 -3.00 7.55
C THR A 89 0.27 -4.43 7.44
N ASP A 90 1.04 -4.89 8.40
CA ASP A 90 1.56 -6.29 8.32
C ASP A 90 0.53 -7.25 8.92
N ALA A 91 -0.70 -7.16 8.50
CA ALA A 91 -1.75 -8.09 9.05
C ALA A 91 -2.33 -8.96 7.94
N LEU A 92 -2.16 -8.57 6.70
CA LEU A 92 -2.72 -9.40 5.59
C LEU A 92 -2.05 -10.78 5.60
N MET A 93 -0.88 -10.88 6.16
CA MET A 93 -0.16 -12.20 6.20
C MET A 93 -0.21 -12.88 4.84
N THR A 94 -0.28 -12.10 3.79
CA THR A 94 -0.32 -12.65 2.40
C THR A 94 -1.08 -13.99 2.31
N GLY A 95 -0.48 -15.03 1.78
CA GLY A 95 -1.20 -16.32 1.66
C GLY A 95 -1.91 -16.36 0.32
N PHE A 96 -2.66 -15.33 0.02
CA PHE A 96 -3.38 -15.27 -1.28
C PHE A 96 -3.17 -13.89 -1.91
N THR A 97 -2.12 -13.21 -1.54
CA THR A 97 -1.86 -11.85 -2.09
C THR A 97 -0.84 -11.92 -3.24
N GLY A 98 -0.16 -10.83 -3.50
CA GLY A 98 0.87 -10.83 -4.59
C GLY A 98 0.25 -10.33 -5.89
N ASP A 99 -1.04 -10.47 -6.05
CA ASP A 99 -1.69 -10.01 -7.32
C ASP A 99 -2.08 -8.53 -7.22
N PHE A 100 -1.12 -7.66 -7.05
CA PHE A 100 -1.44 -6.20 -6.97
C PHE A 100 -0.73 -5.43 -8.07
N ASP A 101 -1.34 -4.41 -8.58
CA ASP A 101 -0.72 -3.60 -9.65
C ASP A 101 0.37 -2.71 -9.04
N SER A 102 0.14 -2.23 -7.84
CA SER A 102 1.16 -1.35 -7.19
C SER A 102 0.94 -1.29 -5.68
N VAL A 103 1.92 -0.85 -4.94
CA VAL A 103 1.77 -0.75 -3.45
C VAL A 103 2.18 0.64 -2.97
N ILE A 104 1.27 1.37 -2.39
CA ILE A 104 1.61 2.74 -1.88
C ILE A 104 1.95 2.66 -0.40
N ASP A 105 3.16 3.00 -0.02
CA ASP A 105 3.55 2.93 1.41
C ASP A 105 4.07 4.27 1.93
N CYS A 106 4.08 4.42 3.22
CA CYS A 106 4.61 5.67 3.83
C CYS A 106 6.07 5.43 4.25
N ASN A 107 6.55 4.21 4.15
CA ASN A 107 7.96 3.92 4.54
C ASN A 107 8.26 4.35 5.98
N THR A 108 7.25 4.61 6.77
CA THR A 108 7.50 5.03 8.17
C THR A 108 6.43 4.43 9.09
N SER A 109 6.83 3.64 10.05
CA SER A 109 5.84 3.03 10.98
C SER A 109 5.74 3.86 12.27
N ASP A 110 4.56 4.34 12.58
CA ASP A 110 4.38 5.14 13.83
C ASP A 110 5.25 6.41 13.78
N GLY A 111 5.45 6.95 12.62
CA GLY A 111 6.27 8.20 12.51
C GLY A 111 7.74 7.84 12.25
N LYS A 112 8.18 6.69 12.69
CA LYS A 112 9.60 6.30 12.47
C LYS A 112 9.74 5.57 11.13
N PRO A 113 10.92 5.61 10.57
CA PRO A 113 11.17 4.95 9.27
C PRO A 113 10.98 3.43 9.38
N GLN A 114 10.19 2.87 8.51
CA GLN A 114 9.93 1.39 8.55
C GLN A 114 11.24 0.61 8.73
N ASP A 115 11.14 -0.67 9.00
CA ASP A 115 12.37 -1.49 9.19
C ASP A 115 12.83 -2.06 7.83
N ALA A 116 14.07 -2.46 7.75
CA ALA A 116 14.60 -2.99 6.46
C ALA A 116 13.66 -4.03 5.83
N VAL A 117 13.39 -5.10 6.53
CA VAL A 117 12.50 -6.16 5.95
C VAL A 117 11.10 -5.62 5.62
N SER A 118 10.64 -4.63 6.34
CA SER A 118 9.26 -4.10 6.05
C SER A 118 9.09 -3.85 4.56
N ARG A 119 9.95 -3.07 3.97
CA ARG A 119 9.84 -2.82 2.51
C ARG A 119 10.19 -4.10 1.76
N THR A 120 11.09 -4.89 2.29
CA THR A 120 11.44 -6.16 1.60
C THR A 120 10.19 -7.03 1.52
N GLN A 121 9.51 -7.19 2.63
CA GLN A 121 8.26 -8.01 2.62
C GLN A 121 7.13 -7.22 1.95
N ARG A 122 7.09 -5.92 2.15
CA ARG A 122 6.01 -5.11 1.52
C ARG A 122 6.21 -4.98 0.01
N ARG A 123 7.41 -4.73 -0.44
CA ARG A 123 7.64 -4.60 -1.90
C ARG A 123 7.18 -5.87 -2.62
N GLY A 124 7.47 -7.01 -2.05
CA GLY A 124 7.06 -8.29 -2.70
C GLY A 124 5.52 -8.41 -2.70
N ARG A 125 4.87 -7.62 -3.50
CA ARG A 125 3.38 -7.67 -3.57
C ARG A 125 2.96 -7.40 -5.01
N THR A 126 3.54 -6.41 -5.62
CA THR A 126 3.20 -6.09 -7.03
C THR A 126 4.28 -6.65 -7.96
N GLY A 127 3.91 -7.14 -9.10
CA GLY A 127 4.93 -7.69 -10.02
C GLY A 127 4.73 -9.20 -10.20
N ARG A 128 3.70 -9.75 -9.61
CA ARG A 128 3.46 -11.22 -9.75
C ARG A 128 3.01 -11.53 -11.18
N GLY A 129 3.94 -11.71 -12.08
CA GLY A 129 3.58 -12.00 -13.50
C GLY A 129 3.79 -10.75 -14.35
N LYS A 130 4.40 -9.73 -13.79
CA LYS A 130 4.63 -8.48 -14.56
C LYS A 130 5.48 -7.53 -13.69
N PRO A 131 5.68 -6.32 -14.16
CA PRO A 131 6.48 -5.34 -13.38
C PRO A 131 5.58 -4.57 -12.41
N GLY A 132 5.63 -4.87 -11.13
CA GLY A 132 4.76 -4.14 -10.16
C GLY A 132 5.30 -2.74 -9.93
N ILE A 133 4.54 -1.91 -9.25
CA ILE A 133 4.98 -0.53 -8.96
C ILE A 133 4.89 -0.28 -7.45
N TYR A 134 5.82 0.44 -6.89
CA TYR A 134 5.74 0.71 -5.44
C TYR A 134 5.89 2.20 -5.15
N ARG A 135 4.86 2.82 -4.64
CA ARG A 135 4.93 4.27 -4.31
C ARG A 135 5.24 4.44 -2.82
N PHE A 136 6.30 5.13 -2.49
CA PHE A 136 6.63 5.32 -1.05
C PHE A 136 6.68 6.82 -0.71
N VAL A 137 6.34 7.18 0.50
CA VAL A 137 6.38 8.61 0.88
C VAL A 137 7.84 9.05 1.08
N ALA A 138 8.69 8.15 1.51
CA ALA A 138 10.13 8.52 1.72
C ALA A 138 11.03 7.52 0.98
N PRO A 139 12.01 8.03 0.28
CA PRO A 139 12.94 7.16 -0.47
C PRO A 139 13.92 6.47 0.48
N GLY A 140 14.08 6.99 1.67
CA GLY A 140 15.02 6.37 2.64
C GLY A 140 16.25 7.27 2.80
N GLU A 141 16.76 7.79 1.71
CA GLU A 141 17.95 8.67 1.79
C GLU A 141 19.11 7.95 2.51
N ARG A 142 19.18 8.06 3.81
CA ARG A 142 20.28 7.39 4.55
C ARG A 142 19.72 6.42 5.59
N GLY A 5 23.00 -3.71 10.64
CA GLY A 5 23.68 -3.80 9.32
C GLY A 5 22.99 -4.86 8.46
N SER A 6 21.84 -4.55 7.93
CA SER A 6 21.11 -5.54 7.08
C SER A 6 20.97 -5.01 5.66
N VAL A 7 21.13 -5.86 4.68
CA VAL A 7 21.00 -5.41 3.27
C VAL A 7 19.77 -6.06 2.64
N THR A 8 18.72 -5.31 2.48
CA THR A 8 17.47 -5.87 1.88
C THR A 8 17.74 -6.33 0.44
N VAL A 9 17.15 -7.43 0.05
CA VAL A 9 17.37 -7.92 -1.34
C VAL A 9 16.74 -6.94 -2.33
N PRO A 10 17.33 -6.85 -3.50
CA PRO A 10 16.82 -5.94 -4.54
C PRO A 10 15.49 -6.44 -5.08
N HIS A 11 15.01 -5.82 -6.13
CA HIS A 11 13.70 -6.23 -6.72
C HIS A 11 13.33 -5.27 -7.86
N PRO A 12 14.01 -5.43 -8.98
CA PRO A 12 13.74 -4.55 -10.14
C PRO A 12 12.38 -4.87 -10.76
N ASN A 13 11.78 -5.98 -10.41
CA ASN A 13 10.45 -6.32 -10.99
C ASN A 13 9.43 -5.23 -10.66
N ILE A 14 9.71 -4.42 -9.68
CA ILE A 14 8.74 -3.34 -9.32
C ILE A 14 9.37 -1.96 -9.52
N GLU A 15 8.64 -1.05 -10.10
CA GLU A 15 9.18 0.32 -10.31
C GLU A 15 8.99 1.15 -9.03
N GLU A 16 10.01 1.78 -8.56
CA GLU A 16 9.89 2.58 -7.30
C GLU A 16 9.43 4.00 -7.62
N VAL A 17 8.40 4.47 -6.96
CA VAL A 17 7.91 5.85 -7.22
C VAL A 17 7.88 6.66 -5.93
N ALA A 18 7.93 7.95 -6.01
CA ALA A 18 7.90 8.78 -4.78
C ALA A 18 6.55 9.48 -4.65
N LEU A 19 5.76 9.09 -3.68
CA LEU A 19 4.43 9.74 -3.51
C LEU A 19 4.59 11.25 -3.37
N SER A 20 3.77 12.01 -4.04
CA SER A 20 3.89 13.50 -3.95
C SER A 20 2.51 14.13 -3.79
N THR A 21 2.45 15.42 -3.58
CA THR A 21 1.13 16.09 -3.42
C THR A 21 0.37 16.06 -4.76
N THR A 22 -0.14 14.92 -5.13
CA THR A 22 -0.89 14.83 -6.42
C THR A 22 -2.04 13.83 -6.29
N GLY A 23 -3.25 14.30 -6.28
CA GLY A 23 -4.40 13.35 -6.18
C GLY A 23 -5.53 13.97 -5.36
N GLU A 24 -6.40 13.14 -4.85
CA GLU A 24 -7.53 13.65 -4.04
C GLU A 24 -7.52 13.01 -2.65
N ILE A 25 -6.94 11.85 -2.50
CA ILE A 25 -6.93 11.23 -1.15
C ILE A 25 -5.64 11.59 -0.40
N PRO A 26 -5.78 12.39 0.63
CA PRO A 26 -4.61 12.82 1.42
C PRO A 26 -3.97 11.60 2.12
N PHE A 27 -2.66 11.58 2.22
CA PHE A 27 -2.01 10.41 2.86
C PHE A 27 -0.62 10.79 3.41
N TYR A 28 -0.56 11.13 4.68
CA TYR A 28 0.74 11.49 5.32
C TYR A 28 1.40 12.67 4.60
N GLY A 29 0.81 13.84 4.68
CA GLY A 29 1.41 15.03 4.02
C GLY A 29 1.58 14.79 2.51
N LYS A 30 0.96 13.76 1.98
CA LYS A 30 1.08 13.48 0.53
C LYS A 30 -0.31 13.25 -0.06
N ALA A 31 -0.49 13.45 -1.33
CA ALA A 31 -1.84 13.23 -1.92
C ALA A 31 -1.82 12.03 -2.84
N ILE A 32 -2.41 10.95 -2.44
CA ILE A 32 -2.42 9.75 -3.31
C ILE A 32 -3.33 9.99 -4.53
N PRO A 33 -2.72 10.04 -5.68
CA PRO A 33 -3.52 10.18 -6.91
C PRO A 33 -4.30 8.88 -7.10
N LEU A 34 -5.59 8.94 -7.30
CA LEU A 34 -6.37 7.68 -7.43
C LEU A 34 -5.82 6.80 -8.56
N GLU A 35 -5.02 7.35 -9.44
CA GLU A 35 -4.48 6.52 -10.55
C GLU A 35 -3.57 5.39 -10.01
N VAL A 36 -3.13 5.51 -8.77
CA VAL A 36 -2.23 4.44 -8.21
C VAL A 36 -3.04 3.33 -7.54
N ILE A 37 -4.22 3.64 -7.07
CA ILE A 37 -5.04 2.59 -6.40
C ILE A 37 -6.33 2.35 -7.18
N LYS A 38 -6.76 3.32 -7.94
CA LYS A 38 -8.01 3.16 -8.74
C LYS A 38 -7.69 2.64 -10.13
N GLY A 39 -8.59 1.89 -10.69
CA GLY A 39 -8.35 1.33 -12.06
C GLY A 39 -7.93 -0.13 -11.94
N GLY A 40 -7.77 -0.64 -10.74
CA GLY A 40 -7.37 -2.07 -10.60
C GLY A 40 -7.25 -2.44 -9.13
N ARG A 41 -6.42 -3.39 -8.81
CA ARG A 41 -6.26 -3.81 -7.39
C ARG A 41 -4.92 -3.30 -6.84
N HIS A 42 -4.95 -2.69 -5.69
CA HIS A 42 -3.68 -2.16 -5.10
C HIS A 42 -3.65 -2.37 -3.58
N LEU A 43 -2.48 -2.56 -3.03
CA LEU A 43 -2.38 -2.76 -1.56
C LEU A 43 -1.72 -1.54 -0.91
N ILE A 44 -2.39 -0.93 0.03
CA ILE A 44 -1.80 0.25 0.70
C ILE A 44 -1.33 -0.16 2.10
N PHE A 45 -0.12 0.14 2.43
CA PHE A 45 0.40 -0.24 3.77
C PHE A 45 0.23 0.91 4.76
N CYS A 46 -0.46 0.66 5.84
CA CYS A 46 -0.67 1.74 6.86
C CYS A 46 -0.04 1.36 8.20
N HIS A 47 0.22 2.33 9.02
CA HIS A 47 0.81 2.03 10.36
C HIS A 47 -0.19 2.42 11.47
N SER A 48 -1.38 2.82 11.10
CA SER A 48 -2.37 3.21 12.14
C SER A 48 -3.74 2.58 11.85
N LYS A 49 -4.38 2.10 12.87
CA LYS A 49 -5.72 1.47 12.70
C LYS A 49 -6.79 2.53 12.39
N LYS A 50 -6.76 3.63 13.08
CA LYS A 50 -7.76 4.70 12.83
C LYS A 50 -7.67 5.20 11.39
N LYS A 51 -6.48 5.25 10.84
CA LYS A 51 -6.33 5.73 9.43
C LYS A 51 -6.85 4.68 8.47
N CYS A 52 -6.62 3.44 8.75
CA CYS A 52 -7.10 2.36 7.85
C CYS A 52 -8.63 2.40 7.76
N ASP A 53 -9.29 2.75 8.82
CA ASP A 53 -10.77 2.81 8.79
C ASP A 53 -11.25 3.94 7.88
N GLU A 54 -10.72 5.12 8.07
CA GLU A 54 -11.13 6.28 7.21
C GLU A 54 -10.57 6.12 5.80
N LEU A 55 -9.31 5.78 5.70
CA LEU A 55 -8.67 5.63 4.35
C LEU A 55 -9.42 4.59 3.51
N ALA A 56 -9.81 3.48 4.09
CA ALA A 56 -10.55 2.45 3.30
C ALA A 56 -11.98 2.91 3.01
N ALA A 57 -12.70 3.32 4.01
CA ALA A 57 -14.10 3.78 3.78
C ALA A 57 -14.10 5.01 2.86
N LYS A 58 -13.17 5.91 3.07
CA LYS A 58 -13.11 7.12 2.21
C LYS A 58 -12.97 6.69 0.74
N LEU A 59 -12.14 5.72 0.47
CA LEU A 59 -11.97 5.25 -0.93
C LEU A 59 -13.31 4.85 -1.51
N VAL A 60 -14.13 4.17 -0.76
CA VAL A 60 -15.47 3.78 -1.29
C VAL A 60 -16.20 5.04 -1.73
N ALA A 61 -15.96 6.14 -1.06
CA ALA A 61 -16.62 7.43 -1.43
C ALA A 61 -15.97 8.01 -2.68
N LEU A 62 -14.70 7.78 -2.86
CA LEU A 62 -13.99 8.31 -4.06
C LEU A 62 -14.43 7.54 -5.29
N GLY A 63 -14.86 6.32 -5.10
CA GLY A 63 -15.31 5.47 -6.25
C GLY A 63 -14.46 4.20 -6.30
N ILE A 64 -13.60 4.00 -5.32
CA ILE A 64 -12.73 2.79 -5.31
C ILE A 64 -13.20 1.83 -4.22
N ASN A 65 -13.14 0.55 -4.44
CA ASN A 65 -13.56 -0.38 -3.36
C ASN A 65 -12.34 -0.62 -2.48
N ALA A 66 -12.33 -0.07 -1.31
CA ALA A 66 -11.13 -0.24 -0.44
C ALA A 66 -11.50 -0.87 0.89
N VAL A 67 -10.60 -1.64 1.44
CA VAL A 67 -10.88 -2.29 2.75
C VAL A 67 -9.66 -2.16 3.66
N ALA A 68 -9.87 -1.94 4.92
CA ALA A 68 -8.70 -1.82 5.83
C ALA A 68 -8.57 -3.10 6.68
N TYR A 69 -7.37 -3.62 6.81
CA TYR A 69 -7.20 -4.85 7.61
C TYR A 69 -6.11 -4.67 8.68
N TYR A 70 -6.40 -5.03 9.89
CA TYR A 70 -5.40 -4.89 10.99
C TYR A 70 -5.87 -5.69 12.22
N ARG A 71 -5.06 -5.75 13.23
CA ARG A 71 -5.46 -6.53 14.45
C ARG A 71 -6.85 -6.11 14.94
N GLY A 72 -7.80 -7.00 14.88
CA GLY A 72 -9.18 -6.66 15.36
C GLY A 72 -10.03 -6.20 14.17
N LEU A 73 -9.78 -6.72 13.00
CA LEU A 73 -10.59 -6.31 11.82
C LEU A 73 -11.36 -7.52 11.26
N ASP A 74 -12.42 -7.28 10.55
CA ASP A 74 -13.22 -8.41 9.99
C ASP A 74 -12.82 -8.68 8.54
N VAL A 75 -12.92 -9.90 8.10
CA VAL A 75 -12.56 -10.20 6.70
C VAL A 75 -13.51 -9.45 5.76
N SER A 76 -13.00 -8.47 5.06
CA SER A 76 -13.86 -7.68 4.14
C SER A 76 -13.19 -7.50 2.77
N VAL A 77 -11.90 -7.44 2.74
CA VAL A 77 -11.20 -7.26 1.42
C VAL A 77 -11.65 -8.35 0.45
N ILE A 78 -11.88 -7.99 -0.79
CA ILE A 78 -12.33 -9.00 -1.79
C ILE A 78 -11.61 -8.80 -3.14
N PRO A 79 -10.62 -9.63 -3.38
CA PRO A 79 -9.88 -9.54 -4.66
C PRO A 79 -10.63 -10.30 -5.75
N THR A 80 -11.88 -9.97 -5.96
CA THR A 80 -12.67 -10.69 -7.01
C THR A 80 -13.74 -9.78 -7.61
N ASN A 81 -13.57 -8.49 -7.51
CA ASN A 81 -14.60 -7.56 -8.08
C ASN A 81 -13.94 -6.61 -9.08
N GLY A 82 -14.62 -5.56 -9.45
CA GLY A 82 -14.03 -4.59 -10.42
C GLY A 82 -12.65 -4.15 -9.94
N ASP A 83 -12.59 -3.08 -9.18
CA ASP A 83 -11.27 -2.61 -8.68
C ASP A 83 -11.32 -2.46 -7.16
N VAL A 84 -10.59 -3.29 -6.49
CA VAL A 84 -10.55 -3.24 -5.01
C VAL A 84 -9.14 -2.92 -4.53
N VAL A 85 -9.03 -2.01 -3.63
CA VAL A 85 -7.69 -1.64 -3.10
C VAL A 85 -7.62 -2.06 -1.62
N VAL A 86 -6.64 -2.83 -1.25
CA VAL A 86 -6.55 -3.27 0.16
C VAL A 86 -5.59 -2.38 0.93
N VAL A 87 -6.04 -1.74 1.98
CA VAL A 87 -5.11 -0.87 2.76
C VAL A 87 -4.94 -1.46 4.16
N ALA A 88 -3.87 -2.17 4.39
CA ALA A 88 -3.69 -2.81 5.72
C ALA A 88 -2.22 -2.84 6.13
N THR A 89 -1.96 -3.08 7.40
CA THR A 89 -0.56 -3.14 7.89
C THR A 89 0.02 -4.55 7.65
N ASP A 90 0.74 -5.09 8.59
CA ASP A 90 1.30 -6.47 8.38
C ASP A 90 0.31 -7.53 8.84
N ALA A 91 -0.94 -7.17 9.04
CA ALA A 91 -1.94 -8.18 9.48
C ALA A 91 -2.55 -8.88 8.27
N LEU A 92 -2.48 -8.27 7.11
CA LEU A 92 -3.06 -8.92 5.89
C LEU A 92 -2.12 -10.02 5.40
N MET A 93 -0.86 -9.93 5.72
CA MET A 93 0.10 -10.97 5.24
C MET A 93 -0.04 -11.13 3.73
N THR A 94 0.34 -12.26 3.19
CA THR A 94 0.22 -12.46 1.72
C THR A 94 -0.06 -13.93 1.41
N GLY A 95 -0.70 -14.63 2.31
CA GLY A 95 -1.00 -16.07 2.07
C GLY A 95 -1.73 -16.21 0.74
N PHE A 96 -2.62 -15.30 0.44
CA PHE A 96 -3.37 -15.37 -0.85
C PHE A 96 -3.32 -14.02 -1.58
N THR A 97 -2.32 -13.23 -1.32
CA THR A 97 -2.21 -11.91 -2.00
C THR A 97 -1.07 -11.94 -3.02
N GLY A 98 -0.73 -10.81 -3.59
CA GLY A 98 0.39 -10.79 -4.57
C GLY A 98 -0.12 -10.24 -5.91
N ASP A 99 -1.38 -10.39 -6.19
CA ASP A 99 -1.91 -9.87 -7.49
C ASP A 99 -2.25 -8.38 -7.36
N PHE A 100 -1.26 -7.55 -7.16
CA PHE A 100 -1.52 -6.09 -7.04
C PHE A 100 -0.81 -5.32 -8.14
N ASP A 101 -1.40 -4.29 -8.63
CA ASP A 101 -0.75 -3.49 -9.70
C ASP A 101 0.30 -2.56 -9.08
N SER A 102 0.06 -2.11 -7.87
CA SER A 102 1.04 -1.20 -7.20
C SER A 102 0.82 -1.17 -5.69
N VAL A 103 1.78 -0.69 -4.95
CA VAL A 103 1.62 -0.62 -3.45
C VAL A 103 1.97 0.79 -2.96
N ILE A 104 1.04 1.46 -2.35
CA ILE A 104 1.32 2.82 -1.83
C ILE A 104 1.74 2.72 -0.35
N ASP A 105 2.94 3.15 -0.04
CA ASP A 105 3.40 3.05 1.37
C ASP A 105 3.93 4.39 1.90
N CYS A 106 4.00 4.52 3.19
CA CYS A 106 4.54 5.77 3.78
C CYS A 106 6.00 5.52 4.19
N ASN A 107 6.47 4.30 4.05
CA ASN A 107 7.88 3.98 4.42
C ASN A 107 8.19 4.35 5.88
N THR A 108 7.19 4.62 6.68
CA THR A 108 7.44 4.98 8.09
C THR A 108 6.36 4.34 8.98
N SER A 109 6.76 3.64 9.99
CA SER A 109 5.75 2.98 10.88
C SER A 109 5.71 3.67 12.25
N ASP A 110 4.56 4.12 12.66
CA ASP A 110 4.44 4.79 13.99
C ASP A 110 5.35 6.02 14.08
N GLY A 111 5.54 6.73 13.00
CA GLY A 111 6.42 7.93 13.04
C GLY A 111 7.86 7.56 12.66
N LYS A 112 8.29 6.39 13.02
CA LYS A 112 9.69 5.98 12.67
C LYS A 112 9.72 5.37 11.27
N PRO A 113 10.87 5.43 10.65
CA PRO A 113 11.02 4.87 9.27
C PRO A 113 10.83 3.35 9.27
N GLN A 114 10.12 2.84 8.29
CA GLN A 114 9.86 1.38 8.22
C GLN A 114 11.17 0.59 8.38
N ASP A 115 11.06 -0.65 8.80
CA ASP A 115 12.28 -1.49 8.98
C ASP A 115 12.83 -1.92 7.62
N ALA A 116 14.05 -2.37 7.58
CA ALA A 116 14.66 -2.79 6.28
C ALA A 116 13.85 -3.92 5.62
N VAL A 117 13.46 -4.92 6.36
CA VAL A 117 12.70 -6.05 5.75
C VAL A 117 11.26 -5.67 5.37
N SER A 118 10.63 -4.77 6.08
CA SER A 118 9.22 -4.43 5.71
C SER A 118 9.15 -4.05 4.24
N ARG A 119 9.90 -3.09 3.81
CA ARG A 119 9.85 -2.74 2.36
C ARG A 119 10.26 -3.97 1.56
N THR A 120 11.19 -4.74 2.07
CA THR A 120 11.60 -5.96 1.35
C THR A 120 10.39 -6.90 1.24
N GLN A 121 9.73 -7.15 2.33
CA GLN A 121 8.52 -8.03 2.28
C GLN A 121 7.35 -7.27 1.64
N ARG A 122 7.11 -6.06 2.07
CA ARG A 122 5.98 -5.28 1.50
C ARG A 122 6.17 -5.05 -0.01
N ARG A 123 7.35 -4.68 -0.44
CA ARG A 123 7.55 -4.46 -1.91
C ARG A 123 7.15 -5.74 -2.67
N GLY A 124 7.46 -6.88 -2.13
CA GLY A 124 7.09 -8.15 -2.81
C GLY A 124 5.57 -8.32 -2.80
N ARG A 125 4.89 -7.53 -3.58
CA ARG A 125 3.40 -7.63 -3.64
C ARG A 125 2.96 -7.32 -5.07
N THR A 126 3.42 -6.23 -5.61
CA THR A 126 3.05 -5.86 -7.01
C THR A 126 4.14 -6.37 -7.95
N GLY A 127 3.78 -6.83 -9.09
CA GLY A 127 4.82 -7.32 -10.04
C GLY A 127 4.71 -8.84 -10.22
N ARG A 128 3.72 -9.46 -9.64
CA ARG A 128 3.59 -10.94 -9.80
C ARG A 128 3.39 -11.30 -11.28
N GLY A 129 4.46 -11.44 -12.00
CA GLY A 129 4.35 -11.77 -13.45
C GLY A 129 4.63 -10.51 -14.27
N LYS A 130 4.09 -9.40 -13.84
CA LYS A 130 4.32 -8.11 -14.57
C LYS A 130 5.18 -7.19 -13.70
N PRO A 131 5.32 -5.96 -14.13
CA PRO A 131 6.12 -4.99 -13.36
C PRO A 131 5.22 -4.24 -12.38
N GLY A 132 5.33 -4.51 -11.11
CA GLY A 132 4.47 -3.81 -10.12
C GLY A 132 5.03 -2.42 -9.84
N ILE A 133 4.25 -1.58 -9.22
CA ILE A 133 4.73 -0.21 -8.90
C ILE A 133 4.71 -0.01 -7.38
N TYR A 134 5.69 0.64 -6.84
CA TYR A 134 5.69 0.87 -5.38
C TYR A 134 5.92 2.35 -5.07
N ARG A 135 4.94 3.00 -4.50
CA ARG A 135 5.09 4.44 -4.17
C ARG A 135 5.45 4.60 -2.69
N PHE A 136 6.41 5.43 -2.38
CA PHE A 136 6.79 5.62 -0.96
C PHE A 136 6.79 7.11 -0.62
N VAL A 137 6.48 7.46 0.60
CA VAL A 137 6.48 8.91 0.97
C VAL A 137 7.91 9.39 1.25
N ALA A 138 8.61 8.73 2.12
CA ALA A 138 10.01 9.14 2.42
C ALA A 138 10.99 8.44 1.48
N PRO A 139 11.92 9.20 0.95
CA PRO A 139 12.93 8.61 0.03
C PRO A 139 13.94 7.78 0.81
N GLY A 140 14.54 8.34 1.82
CA GLY A 140 15.54 7.57 2.61
C GLY A 140 16.67 8.52 3.06
N GLU A 141 17.47 8.96 2.14
CA GLU A 141 18.59 9.88 2.51
C GLU A 141 19.43 9.25 3.62
N ARG A 142 20.51 8.61 3.26
CA ARG A 142 21.37 7.97 4.30
C ARG A 142 22.81 7.84 3.78
N GLY A 5 23.80 -2.11 7.06
CA GLY A 5 23.80 -3.46 7.71
C GLY A 5 22.77 -4.35 7.02
N SER A 6 21.76 -3.77 6.44
CA SER A 6 20.72 -4.58 5.75
C SER A 6 20.73 -4.30 4.24
N VAL A 7 20.80 -5.33 3.45
CA VAL A 7 20.81 -5.11 1.97
C VAL A 7 19.53 -5.68 1.35
N THR A 8 18.63 -4.81 0.99
CA THR A 8 17.35 -5.27 0.38
C THR A 8 17.60 -5.77 -1.05
N VAL A 9 16.88 -6.77 -1.48
CA VAL A 9 17.09 -7.28 -2.87
C VAL A 9 16.68 -6.22 -3.89
N PRO A 10 17.36 -6.24 -5.01
CA PRO A 10 17.10 -5.27 -6.08
C PRO A 10 15.89 -5.66 -6.93
N HIS A 11 15.94 -6.81 -7.55
CA HIS A 11 14.84 -7.28 -8.43
C HIS A 11 14.25 -6.13 -9.26
N PRO A 12 14.83 -5.92 -10.43
CA PRO A 12 14.35 -4.83 -11.31
C PRO A 12 13.03 -5.21 -11.99
N ASN A 13 12.02 -5.51 -11.21
CA ASN A 13 10.70 -5.87 -11.81
C ASN A 13 9.63 -4.90 -11.34
N ILE A 14 9.87 -4.18 -10.27
CA ILE A 14 8.85 -3.21 -9.76
C ILE A 14 9.32 -1.78 -10.02
N GLU A 15 8.44 -0.94 -10.47
CA GLU A 15 8.84 0.49 -10.71
C GLU A 15 8.77 1.26 -9.40
N GLU A 16 9.81 1.95 -9.04
CA GLU A 16 9.80 2.71 -7.75
C GLU A 16 9.28 4.13 -8.00
N VAL A 17 8.41 4.61 -7.14
CA VAL A 17 7.86 5.97 -7.33
C VAL A 17 7.81 6.72 -5.99
N ALA A 18 7.81 8.02 -6.03
CA ALA A 18 7.75 8.80 -4.76
C ALA A 18 6.38 9.48 -4.63
N LEU A 19 5.60 9.08 -3.67
CA LEU A 19 4.26 9.71 -3.50
C LEU A 19 4.39 11.23 -3.44
N SER A 20 3.47 11.95 -4.01
CA SER A 20 3.55 13.44 -3.98
C SER A 20 2.17 14.03 -3.72
N THR A 21 2.09 15.32 -3.54
CA THR A 21 0.78 15.98 -3.29
C THR A 21 -0.04 16.01 -4.58
N THR A 22 -0.53 14.89 -5.02
CA THR A 22 -1.34 14.87 -6.27
C THR A 22 -2.46 13.84 -6.16
N GLY A 23 -3.69 14.28 -6.08
CA GLY A 23 -4.80 13.29 -5.99
C GLY A 23 -5.93 13.82 -5.12
N GLU A 24 -6.88 12.98 -4.81
CA GLU A 24 -8.02 13.41 -3.97
C GLU A 24 -7.93 12.77 -2.60
N ILE A 25 -7.30 11.62 -2.50
CA ILE A 25 -7.22 10.96 -1.18
C ILE A 25 -5.89 11.32 -0.48
N PRO A 26 -5.97 12.24 0.45
CA PRO A 26 -4.76 12.67 1.20
C PRO A 26 -4.14 11.48 1.95
N PHE A 27 -2.87 11.54 2.23
CA PHE A 27 -2.22 10.39 2.93
C PHE A 27 -0.83 10.76 3.46
N TYR A 28 -0.75 11.17 4.70
CA TYR A 28 0.57 11.53 5.31
C TYR A 28 1.25 12.67 4.55
N GLY A 29 0.69 13.85 4.63
CA GLY A 29 1.29 15.02 3.93
C GLY A 29 1.42 14.73 2.43
N LYS A 30 0.76 13.72 1.95
CA LYS A 30 0.85 13.40 0.50
C LYS A 30 -0.56 13.22 -0.06
N ALA A 31 -0.75 13.38 -1.33
CA ALA A 31 -2.11 13.20 -1.90
C ALA A 31 -2.09 12.01 -2.86
N ILE A 32 -2.69 10.92 -2.47
CA ILE A 32 -2.69 9.74 -3.37
C ILE A 32 -3.61 9.98 -4.58
N PRO A 33 -3.01 10.06 -5.75
CA PRO A 33 -3.83 10.23 -6.96
C PRO A 33 -4.54 8.90 -7.20
N LEU A 34 -5.84 8.91 -7.40
CA LEU A 34 -6.55 7.62 -7.59
C LEU A 34 -5.92 6.82 -8.73
N GLU A 35 -5.18 7.45 -9.60
CA GLU A 35 -4.56 6.68 -10.71
C GLU A 35 -3.63 5.59 -10.15
N VAL A 36 -3.27 5.67 -8.91
CA VAL A 36 -2.37 4.63 -8.32
C VAL A 36 -3.19 3.51 -7.65
N ILE A 37 -4.38 3.79 -7.22
CA ILE A 37 -5.19 2.73 -6.54
C ILE A 37 -6.48 2.45 -7.34
N LYS A 38 -6.86 3.32 -8.23
CA LYS A 38 -8.10 3.08 -9.02
C LYS A 38 -7.73 2.48 -10.38
N GLY A 39 -8.60 1.66 -10.92
CA GLY A 39 -8.31 1.04 -12.23
C GLY A 39 -7.85 -0.41 -12.02
N GLY A 40 -7.71 -0.84 -10.79
CA GLY A 40 -7.27 -2.23 -10.55
C GLY A 40 -7.15 -2.49 -9.05
N ARG A 41 -6.40 -3.49 -8.67
CA ARG A 41 -6.25 -3.81 -7.22
C ARG A 41 -4.94 -3.24 -6.68
N HIS A 42 -4.98 -2.59 -5.54
CA HIS A 42 -3.73 -2.01 -4.97
C HIS A 42 -3.69 -2.21 -3.46
N LEU A 43 -2.52 -2.39 -2.91
CA LEU A 43 -2.40 -2.58 -1.44
C LEU A 43 -1.78 -1.33 -0.80
N ILE A 44 -2.52 -0.63 0.00
CA ILE A 44 -1.96 0.58 0.66
C ILE A 44 -1.50 0.22 2.06
N PHE A 45 -0.28 0.54 2.37
CA PHE A 45 0.25 0.21 3.72
C PHE A 45 0.10 1.42 4.66
N CYS A 46 -0.56 1.24 5.77
CA CYS A 46 -0.73 2.39 6.72
C CYS A 46 -0.05 2.09 8.05
N HIS A 47 0.21 3.11 8.81
CA HIS A 47 0.86 2.90 10.13
C HIS A 47 -0.16 3.13 11.27
N SER A 48 -1.36 3.54 10.94
CA SER A 48 -2.38 3.79 12.00
C SER A 48 -3.69 3.09 11.66
N LYS A 49 -4.29 2.49 12.64
CA LYS A 49 -5.57 1.77 12.42
C LYS A 49 -6.72 2.76 12.18
N LYS A 50 -6.76 3.83 12.92
CA LYS A 50 -7.85 4.84 12.73
C LYS A 50 -7.83 5.36 11.29
N LYS A 51 -6.66 5.50 10.73
CA LYS A 51 -6.57 6.00 9.32
C LYS A 51 -7.04 4.90 8.36
N CYS A 52 -6.76 3.67 8.69
CA CYS A 52 -7.19 2.56 7.80
C CYS A 52 -8.71 2.56 7.68
N ASP A 53 -9.40 2.92 8.73
CA ASP A 53 -10.88 2.94 8.67
C ASP A 53 -11.36 4.05 7.72
N GLU A 54 -10.85 5.24 7.87
CA GLU A 54 -11.27 6.36 6.98
C GLU A 54 -10.71 6.17 5.58
N LEU A 55 -9.47 5.78 5.48
CA LEU A 55 -8.85 5.59 4.13
C LEU A 55 -9.64 4.59 3.28
N ALA A 56 -10.10 3.51 3.86
CA ALA A 56 -10.87 2.52 3.06
C ALA A 56 -12.29 3.03 2.77
N ALA A 57 -13.00 3.45 3.79
CA ALA A 57 -14.38 3.96 3.55
C ALA A 57 -14.32 5.18 2.63
N LYS A 58 -13.35 6.02 2.82
CA LYS A 58 -13.21 7.22 1.96
C LYS A 58 -13.09 6.79 0.50
N LEU A 59 -12.26 5.81 0.23
CA LEU A 59 -12.10 5.32 -1.17
C LEU A 59 -13.46 4.92 -1.75
N VAL A 60 -14.28 4.26 -0.98
CA VAL A 60 -15.62 3.86 -1.50
C VAL A 60 -16.36 5.11 -1.98
N ALA A 61 -16.15 6.22 -1.32
CA ALA A 61 -16.83 7.49 -1.74
C ALA A 61 -16.16 8.05 -3.01
N LEU A 62 -14.89 7.83 -3.16
CA LEU A 62 -14.17 8.33 -4.37
C LEU A 62 -14.58 7.50 -5.58
N GLY A 63 -14.98 6.29 -5.34
CA GLY A 63 -15.40 5.39 -6.46
C GLY A 63 -14.53 4.12 -6.45
N ILE A 64 -13.70 3.97 -5.46
CA ILE A 64 -12.83 2.77 -5.39
C ILE A 64 -13.29 1.84 -4.28
N ASN A 65 -13.21 0.54 -4.47
CA ASN A 65 -13.63 -0.37 -3.39
C ASN A 65 -12.42 -0.56 -2.48
N ALA A 66 -12.44 0.01 -1.32
CA ALA A 66 -11.26 -0.11 -0.44
C ALA A 66 -11.61 -0.76 0.90
N VAL A 67 -10.68 -1.49 1.45
CA VAL A 67 -10.95 -2.14 2.77
C VAL A 67 -9.73 -1.95 3.67
N ALA A 68 -9.94 -1.88 4.96
CA ALA A 68 -8.77 -1.71 5.87
C ALA A 68 -8.60 -2.96 6.72
N TYR A 69 -7.38 -3.41 6.88
CA TYR A 69 -7.15 -4.63 7.70
C TYR A 69 -6.16 -4.35 8.83
N TYR A 70 -6.52 -4.68 10.04
CA TYR A 70 -5.62 -4.43 11.20
C TYR A 70 -5.95 -5.42 12.33
N ARG A 71 -5.25 -5.34 13.42
CA ARG A 71 -5.51 -6.28 14.56
C ARG A 71 -7.00 -6.28 14.93
N GLY A 72 -7.62 -7.43 14.90
CA GLY A 72 -9.07 -7.52 15.27
C GLY A 72 -9.93 -6.93 14.14
N LEU A 73 -9.69 -7.32 12.92
CA LEU A 73 -10.51 -6.79 11.80
C LEU A 73 -11.27 -7.94 11.13
N ASP A 74 -12.39 -7.65 10.53
CA ASP A 74 -13.19 -8.74 9.88
C ASP A 74 -12.77 -8.93 8.43
N VAL A 75 -12.86 -10.13 7.94
CA VAL A 75 -12.49 -10.36 6.52
C VAL A 75 -13.43 -9.57 5.60
N SER A 76 -12.92 -8.57 4.96
CA SER A 76 -13.78 -7.74 4.06
C SER A 76 -13.10 -7.54 2.70
N VAL A 77 -11.81 -7.35 2.70
CA VAL A 77 -11.08 -7.14 1.42
C VAL A 77 -11.49 -8.21 0.40
N ILE A 78 -11.70 -7.81 -0.83
CA ILE A 78 -12.10 -8.80 -1.87
C ILE A 78 -11.33 -8.54 -3.18
N PRO A 79 -10.20 -9.19 -3.32
CA PRO A 79 -9.37 -9.01 -4.54
C PRO A 79 -9.94 -9.86 -5.69
N THR A 80 -11.19 -9.66 -6.02
CA THR A 80 -11.80 -10.46 -7.13
C THR A 80 -12.99 -9.70 -7.74
N ASN A 81 -12.95 -8.39 -7.74
CA ASN A 81 -14.08 -7.62 -8.31
C ASN A 81 -13.55 -6.58 -9.31
N GLY A 82 -14.35 -5.61 -9.67
CA GLY A 82 -13.88 -4.57 -10.64
C GLY A 82 -12.53 -4.02 -10.19
N ASP A 83 -12.52 -3.23 -9.17
CA ASP A 83 -11.22 -2.66 -8.67
C ASP A 83 -11.30 -2.43 -7.16
N VAL A 84 -10.59 -3.23 -6.43
CA VAL A 84 -10.57 -3.10 -4.96
C VAL A 84 -9.17 -2.75 -4.46
N VAL A 85 -9.09 -1.81 -3.59
CA VAL A 85 -7.76 -1.43 -3.04
C VAL A 85 -7.69 -1.82 -1.56
N VAL A 86 -6.70 -2.56 -1.19
CA VAL A 86 -6.61 -3.00 0.23
C VAL A 86 -5.67 -2.08 1.01
N VAL A 87 -6.15 -1.40 2.01
CA VAL A 87 -5.25 -0.50 2.79
C VAL A 87 -5.08 -1.08 4.20
N ALA A 88 -4.00 -1.74 4.45
CA ALA A 88 -3.82 -2.35 5.79
C ALA A 88 -2.37 -2.26 6.26
N THR A 89 -2.15 -2.42 7.53
CA THR A 89 -0.77 -2.36 8.07
C THR A 89 -0.12 -3.74 7.98
N ASP A 90 0.68 -4.11 8.93
CA ASP A 90 1.33 -5.46 8.88
C ASP A 90 0.32 -6.56 9.21
N ALA A 91 -0.89 -6.20 9.56
CA ALA A 91 -1.90 -7.25 9.90
C ALA A 91 -2.18 -8.13 8.68
N LEU A 92 -2.25 -7.56 7.51
CA LEU A 92 -2.51 -8.38 6.29
C LEU A 92 -1.29 -9.26 6.00
N MET A 93 -0.12 -8.69 6.01
CA MET A 93 1.10 -9.48 5.72
C MET A 93 0.95 -10.21 4.38
N THR A 94 0.08 -9.73 3.54
CA THR A 94 -0.14 -10.39 2.21
C THR A 94 -0.66 -11.82 2.39
N GLY A 95 0.17 -12.74 2.81
CA GLY A 95 -0.29 -14.14 3.00
C GLY A 95 -0.92 -14.65 1.69
N PHE A 96 -2.22 -14.62 1.60
CA PHE A 96 -2.89 -15.09 0.36
C PHE A 96 -3.03 -13.92 -0.62
N THR A 97 -1.96 -13.20 -0.82
CA THR A 97 -2.01 -12.04 -1.75
C THR A 97 -0.62 -11.80 -2.36
N GLY A 98 -0.28 -10.57 -2.62
CA GLY A 98 1.07 -10.28 -3.22
C GLY A 98 0.91 -9.78 -4.65
N ASP A 99 -0.12 -10.21 -5.34
CA ASP A 99 -0.32 -9.76 -6.74
C ASP A 99 -1.08 -8.43 -6.76
N PHE A 100 -0.40 -7.33 -6.55
CA PHE A 100 -1.09 -6.01 -6.58
C PHE A 100 -0.48 -5.14 -7.68
N ASP A 101 -1.28 -4.34 -8.32
CA ASP A 101 -0.73 -3.47 -9.39
C ASP A 101 0.27 -2.49 -8.78
N SER A 102 0.01 -2.06 -7.58
CA SER A 102 0.96 -1.10 -6.92
C SER A 102 0.73 -1.08 -5.41
N VAL A 103 1.68 -0.55 -4.68
CA VAL A 103 1.54 -0.49 -3.19
C VAL A 103 1.85 0.91 -2.69
N ILE A 104 0.88 1.56 -2.09
CA ILE A 104 1.12 2.92 -1.54
C ILE A 104 1.52 2.78 -0.07
N ASP A 105 2.74 3.10 0.26
CA ASP A 105 3.20 2.94 1.67
C ASP A 105 3.65 4.27 2.28
N CYS A 106 3.70 4.32 3.58
CA CYS A 106 4.16 5.55 4.27
C CYS A 106 5.60 5.33 4.76
N ASN A 107 6.21 4.22 4.39
CA ASN A 107 7.61 3.93 4.82
C ASN A 107 7.81 4.23 6.32
N THR A 108 6.75 4.16 7.09
CA THR A 108 6.88 4.43 8.55
C THR A 108 5.88 3.57 9.33
N SER A 109 6.34 2.85 10.32
CA SER A 109 5.40 2.00 11.11
C SER A 109 5.30 2.52 12.55
N ASP A 110 4.10 2.61 13.07
CA ASP A 110 3.92 3.10 14.47
C ASP A 110 4.62 4.45 14.65
N GLY A 111 4.73 5.20 13.59
CA GLY A 111 5.39 6.54 13.70
C GLY A 111 6.88 6.42 13.37
N LYS A 112 7.48 5.29 13.68
CA LYS A 112 8.92 5.10 13.38
C LYS A 112 9.13 4.79 11.90
N PRO A 113 10.31 5.07 11.41
CA PRO A 113 10.61 4.82 9.97
C PRO A 113 10.62 3.30 9.70
N GLN A 114 9.98 2.88 8.65
CA GLN A 114 9.93 1.43 8.32
C GLN A 114 11.34 0.81 8.39
N ASP A 115 11.42 -0.48 8.45
CA ASP A 115 12.77 -1.14 8.52
C ASP A 115 13.23 -1.58 7.13
N ALA A 116 14.51 -1.79 6.96
CA ALA A 116 15.05 -2.20 5.63
C ALA A 116 14.24 -3.33 5.00
N VAL A 117 13.98 -4.38 5.73
CA VAL A 117 13.22 -5.52 5.15
C VAL A 117 11.76 -5.14 4.91
N SER A 118 11.22 -4.26 5.71
CA SER A 118 9.79 -3.85 5.53
C SER A 118 9.50 -3.55 4.06
N ARG A 119 10.23 -2.64 3.48
CA ARG A 119 10.01 -2.33 2.04
C ARG A 119 10.44 -3.53 1.21
N THR A 120 11.47 -4.22 1.63
CA THR A 120 11.91 -5.41 0.86
C THR A 120 10.76 -6.42 0.80
N GLN A 121 10.18 -6.71 1.94
CA GLN A 121 9.03 -7.66 1.97
C GLN A 121 7.77 -6.98 1.40
N ARG A 122 7.58 -5.72 1.70
CA ARG A 122 6.36 -5.01 1.18
C ARG A 122 6.49 -4.78 -0.33
N ARG A 123 7.63 -4.36 -0.78
CA ARG A 123 7.81 -4.12 -2.25
C ARG A 123 7.44 -5.37 -3.05
N GLY A 124 7.74 -6.53 -2.54
CA GLY A 124 7.42 -7.79 -3.27
C GLY A 124 5.93 -7.87 -3.63
N ARG A 125 5.09 -7.08 -3.01
CA ARG A 125 3.63 -7.16 -3.33
C ARG A 125 3.33 -6.58 -4.72
N THR A 126 4.31 -6.05 -5.40
CA THR A 126 4.03 -5.48 -6.76
C THR A 126 4.88 -6.18 -7.83
N GLY A 127 4.33 -6.37 -8.99
CA GLY A 127 5.11 -7.03 -10.08
C GLY A 127 5.23 -8.52 -9.83
N ARG A 128 4.49 -9.07 -8.91
CA ARG A 128 4.57 -10.53 -8.66
C ARG A 128 4.17 -11.28 -9.94
N GLY A 129 5.12 -11.54 -10.80
CA GLY A 129 4.80 -12.23 -12.08
C GLY A 129 4.57 -11.18 -13.18
N LYS A 130 5.01 -9.97 -12.94
CA LYS A 130 4.84 -8.89 -13.96
C LYS A 130 5.55 -7.61 -13.44
N PRO A 131 5.43 -6.54 -14.19
CA PRO A 131 6.07 -5.28 -13.76
C PRO A 131 5.12 -4.47 -12.86
N GLY A 132 5.37 -4.45 -11.57
CA GLY A 132 4.46 -3.69 -10.66
C GLY A 132 5.06 -2.33 -10.32
N ILE A 133 4.32 -1.50 -9.63
CA ILE A 133 4.83 -0.16 -9.26
C ILE A 133 4.77 0.00 -7.73
N TYR A 134 5.73 0.66 -7.14
CA TYR A 134 5.69 0.84 -5.67
C TYR A 134 5.92 2.31 -5.30
N ARG A 135 4.92 2.95 -4.74
CA ARG A 135 5.07 4.39 -4.36
C ARG A 135 5.37 4.48 -2.85
N PHE A 136 6.16 5.43 -2.44
CA PHE A 136 6.47 5.56 -0.99
C PHE A 136 6.45 7.04 -0.57
N VAL A 137 6.24 7.30 0.70
CA VAL A 137 6.22 8.72 1.17
C VAL A 137 7.64 9.17 1.50
N ALA A 138 8.45 8.30 2.01
CA ALA A 138 9.85 8.68 2.35
C ALA A 138 10.85 7.71 1.71
N PRO A 139 12.09 8.15 1.59
CA PRO A 139 13.14 7.30 0.98
C PRO A 139 13.55 6.20 1.96
N GLY A 140 13.68 6.52 3.21
CA GLY A 140 14.08 5.48 4.22
C GLY A 140 15.53 5.05 3.94
N GLU A 141 16.48 5.74 4.52
CA GLU A 141 17.90 5.36 4.29
C GLU A 141 18.28 4.14 5.14
N ARG A 142 18.88 3.14 4.54
CA ARG A 142 19.27 1.94 5.33
C ARG A 142 18.07 1.39 6.09
N GLY A 5 24.01 0.55 8.65
CA GLY A 5 22.74 0.49 7.85
C GLY A 5 22.70 -0.82 7.07
N SER A 6 21.55 -1.18 6.57
CA SER A 6 21.44 -2.44 5.79
C SER A 6 21.19 -2.14 4.31
N VAL A 7 21.54 -3.04 3.44
CA VAL A 7 21.31 -2.81 1.99
C VAL A 7 20.27 -3.80 1.46
N THR A 8 19.07 -3.34 1.25
CA THR A 8 18.01 -4.25 0.75
C THR A 8 18.35 -4.75 -0.66
N VAL A 9 18.11 -6.01 -0.92
CA VAL A 9 18.42 -6.55 -2.27
C VAL A 9 17.47 -5.92 -3.30
N PRO A 10 17.98 -5.77 -4.50
CA PRO A 10 17.16 -5.19 -5.59
C PRO A 10 16.07 -6.17 -6.03
N HIS A 11 15.43 -5.86 -7.12
CA HIS A 11 14.35 -6.74 -7.65
C HIS A 11 13.82 -6.16 -8.96
N PRO A 12 14.53 -6.46 -10.03
CA PRO A 12 14.13 -5.95 -11.37
C PRO A 12 12.77 -6.52 -11.78
N ASN A 13 11.72 -5.83 -11.41
CA ASN A 13 10.35 -6.30 -11.76
C ASN A 13 9.31 -5.27 -11.28
N ILE A 14 9.56 -4.63 -10.17
CA ILE A 14 8.59 -3.62 -9.66
C ILE A 14 9.11 -2.21 -9.92
N GLU A 15 8.27 -1.34 -10.41
CA GLU A 15 8.71 0.05 -10.67
C GLU A 15 8.57 0.86 -9.37
N GLU A 16 9.60 1.53 -8.96
CA GLU A 16 9.52 2.32 -7.70
C GLU A 16 9.02 3.73 -7.98
N VAL A 17 8.22 4.26 -7.10
CA VAL A 17 7.68 5.64 -7.32
C VAL A 17 7.75 6.44 -6.02
N ALA A 18 7.76 7.74 -6.11
CA ALA A 18 7.81 8.56 -4.86
C ALA A 18 6.47 9.26 -4.66
N LEU A 19 5.72 8.84 -3.67
CA LEU A 19 4.40 9.48 -3.42
C LEU A 19 4.59 10.99 -3.24
N SER A 20 3.77 11.77 -3.87
CA SER A 20 3.90 13.25 -3.74
C SER A 20 2.52 13.89 -3.58
N THR A 21 2.47 15.19 -3.47
CA THR A 21 1.15 15.87 -3.31
C THR A 21 0.42 15.89 -4.65
N THR A 22 0.13 14.74 -5.19
CA THR A 22 -0.59 14.68 -6.49
C THR A 22 -1.76 13.70 -6.41
N GLY A 23 -2.97 14.18 -6.45
CA GLY A 23 -4.12 13.23 -6.38
C GLY A 23 -5.27 13.85 -5.61
N GLU A 24 -6.19 13.04 -5.17
CA GLU A 24 -7.36 13.54 -4.41
C GLU A 24 -7.40 12.94 -3.01
N ILE A 25 -6.76 11.81 -2.80
CA ILE A 25 -6.79 11.21 -1.44
C ILE A 25 -5.51 11.59 -0.67
N PRO A 26 -5.67 12.46 0.30
CA PRO A 26 -4.51 12.90 1.12
C PRO A 26 -3.97 11.70 1.90
N PHE A 27 -2.71 11.73 2.26
CA PHE A 27 -2.14 10.56 2.99
C PHE A 27 -0.76 10.88 3.56
N TYR A 28 -0.71 11.35 4.79
CA TYR A 28 0.60 11.66 5.45
C TYR A 28 1.38 12.72 4.67
N GLY A 29 0.86 13.93 4.64
CA GLY A 29 1.56 15.03 3.91
C GLY A 29 1.74 14.66 2.43
N LYS A 30 1.05 13.65 1.96
CA LYS A 30 1.18 13.24 0.54
C LYS A 30 -0.22 13.09 -0.06
N ALA A 31 -0.35 13.21 -1.35
CA ALA A 31 -1.71 13.03 -1.94
C ALA A 31 -1.67 11.87 -2.93
N ILE A 32 -2.25 10.77 -2.56
CA ILE A 32 -2.25 9.59 -3.46
C ILE A 32 -3.11 9.86 -4.71
N PRO A 33 -2.48 9.90 -5.85
CA PRO A 33 -3.25 10.07 -7.11
C PRO A 33 -4.06 8.79 -7.31
N LEU A 34 -5.34 8.91 -7.51
CA LEU A 34 -6.18 7.68 -7.66
C LEU A 34 -5.64 6.81 -8.81
N GLU A 35 -4.89 7.36 -9.72
CA GLU A 35 -4.37 6.53 -10.84
C GLU A 35 -3.50 5.38 -10.30
N VAL A 36 -3.08 5.46 -9.06
CA VAL A 36 -2.23 4.38 -8.50
C VAL A 36 -3.09 3.32 -7.81
N ILE A 37 -4.26 3.67 -7.35
CA ILE A 37 -5.12 2.67 -6.66
C ILE A 37 -6.43 2.46 -7.42
N LYS A 38 -6.77 3.34 -8.31
CA LYS A 38 -8.04 3.17 -9.07
C LYS A 38 -7.77 2.54 -10.44
N GLY A 39 -8.70 1.78 -10.92
CA GLY A 39 -8.51 1.11 -12.24
C GLY A 39 -8.01 -0.31 -12.03
N GLY A 40 -7.77 -0.71 -10.81
CA GLY A 40 -7.28 -2.11 -10.59
C GLY A 40 -7.19 -2.40 -9.09
N ARG A 41 -6.41 -3.39 -8.72
CA ARG A 41 -6.27 -3.73 -7.28
C ARG A 41 -4.94 -3.23 -6.72
N HIS A 42 -4.94 -2.62 -5.57
CA HIS A 42 -3.67 -2.11 -4.99
C HIS A 42 -3.63 -2.33 -3.47
N LEU A 43 -2.47 -2.56 -2.92
CA LEU A 43 -2.37 -2.78 -1.46
C LEU A 43 -1.69 -1.58 -0.79
N ILE A 44 -2.39 -0.89 0.06
CA ILE A 44 -1.78 0.28 0.75
C ILE A 44 -1.34 -0.12 2.15
N PHE A 45 -0.12 0.15 2.48
CA PHE A 45 0.38 -0.21 3.84
C PHE A 45 0.28 1.00 4.77
N CYS A 46 -0.40 0.85 5.88
CA CYS A 46 -0.54 2.00 6.82
C CYS A 46 0.12 1.69 8.15
N HIS A 47 0.43 2.71 8.91
CA HIS A 47 1.06 2.49 10.23
C HIS A 47 0.02 2.73 11.35
N SER A 48 -1.15 3.22 11.01
CA SER A 48 -2.17 3.46 12.06
C SER A 48 -3.49 2.80 11.69
N LYS A 49 -4.13 2.21 12.66
CA LYS A 49 -5.43 1.52 12.41
C LYS A 49 -6.55 2.55 12.16
N LYS A 50 -6.56 3.62 12.89
CA LYS A 50 -7.62 4.66 12.72
C LYS A 50 -7.61 5.22 11.30
N LYS A 51 -6.45 5.37 10.73
CA LYS A 51 -6.37 5.92 9.34
C LYS A 51 -6.90 4.90 8.34
N CYS A 52 -6.66 3.64 8.59
CA CYS A 52 -7.16 2.60 7.65
C CYS A 52 -8.68 2.67 7.60
N ASP A 53 -9.31 2.96 8.70
CA ASP A 53 -10.80 3.04 8.68
C ASP A 53 -11.27 4.19 7.79
N GLU A 54 -10.73 5.36 7.99
CA GLU A 54 -11.12 6.52 7.15
C GLU A 54 -10.54 6.39 5.74
N LEU A 55 -9.29 6.05 5.65
CA LEU A 55 -8.62 5.91 4.33
C LEU A 55 -9.35 4.90 3.44
N ALA A 56 -9.81 3.81 4.00
CA ALA A 56 -10.54 2.81 3.14
C ALA A 56 -11.95 3.30 2.82
N ALA A 57 -12.70 3.69 3.82
CA ALA A 57 -14.09 4.18 3.55
C ALA A 57 -14.04 5.39 2.61
N LYS A 58 -13.09 6.25 2.82
CA LYS A 58 -12.97 7.45 1.94
C LYS A 58 -12.82 7.00 0.49
N LEU A 59 -11.99 6.02 0.24
CA LEU A 59 -11.82 5.53 -1.15
C LEU A 59 -13.17 5.15 -1.74
N VAL A 60 -14.00 4.49 -0.98
CA VAL A 60 -15.34 4.12 -1.52
C VAL A 60 -16.05 5.39 -1.98
N ALA A 61 -15.77 6.50 -1.34
CA ALA A 61 -16.41 7.79 -1.74
C ALA A 61 -15.78 8.31 -3.03
N LEU A 62 -14.51 8.05 -3.22
CA LEU A 62 -13.82 8.52 -4.45
C LEU A 62 -14.28 7.69 -5.66
N GLY A 63 -14.72 6.49 -5.40
CA GLY A 63 -15.19 5.60 -6.50
C GLY A 63 -14.35 4.31 -6.50
N ILE A 64 -13.50 4.15 -5.53
CA ILE A 64 -12.65 2.93 -5.46
C ILE A 64 -13.14 2.02 -4.33
N ASN A 65 -13.08 0.73 -4.51
CA ASN A 65 -13.53 -0.16 -3.41
C ASN A 65 -12.31 -0.39 -2.53
N ALA A 66 -12.28 0.21 -1.38
CA ALA A 66 -11.08 0.04 -0.53
C ALA A 66 -11.41 -0.64 0.79
N VAL A 67 -10.49 -1.44 1.27
CA VAL A 67 -10.72 -2.16 2.57
C VAL A 67 -9.57 -1.88 3.53
N ALA A 68 -9.84 -1.85 4.80
CA ALA A 68 -8.74 -1.62 5.76
C ALA A 68 -8.60 -2.83 6.68
N TYR A 69 -7.47 -3.48 6.64
CA TYR A 69 -7.28 -4.69 7.50
C TYR A 69 -6.31 -4.40 8.64
N TYR A 70 -6.70 -4.75 9.84
CA TYR A 70 -5.80 -4.52 11.01
C TYR A 70 -6.14 -5.51 12.13
N ARG A 71 -5.61 -5.29 13.30
CA ARG A 71 -5.88 -6.22 14.44
C ARG A 71 -7.38 -6.37 14.69
N GLY A 72 -7.88 -7.59 14.65
CA GLY A 72 -9.33 -7.82 14.90
C GLY A 72 -10.17 -7.16 13.82
N LEU A 73 -9.98 -7.54 12.58
CA LEU A 73 -10.78 -6.93 11.48
C LEU A 73 -11.62 -8.02 10.80
N ASP A 74 -12.74 -7.66 10.25
CA ASP A 74 -13.60 -8.67 9.57
C ASP A 74 -13.16 -8.89 8.13
N VAL A 75 -13.34 -10.07 7.61
CA VAL A 75 -12.94 -10.30 6.21
C VAL A 75 -13.77 -9.40 5.29
N SER A 76 -13.15 -8.43 4.69
CA SER A 76 -13.89 -7.49 3.79
C SER A 76 -13.16 -7.33 2.46
N VAL A 77 -11.85 -7.40 2.47
CA VAL A 77 -11.08 -7.25 1.21
C VAL A 77 -11.62 -8.22 0.15
N ILE A 78 -11.89 -7.76 -1.03
CA ILE A 78 -12.43 -8.67 -2.09
C ILE A 78 -11.69 -8.46 -3.41
N PRO A 79 -10.82 -9.38 -3.74
CA PRO A 79 -10.06 -9.29 -5.00
C PRO A 79 -10.85 -9.94 -6.14
N THR A 80 -12.14 -9.69 -6.22
CA THR A 80 -12.95 -10.31 -7.31
C THR A 80 -13.91 -9.30 -7.93
N ASN A 81 -13.84 -8.06 -7.54
CA ASN A 81 -14.76 -7.04 -8.12
C ASN A 81 -14.04 -6.21 -9.18
N GLY A 82 -14.64 -5.14 -9.62
CA GLY A 82 -13.98 -4.29 -10.67
C GLY A 82 -12.58 -3.88 -10.18
N ASP A 83 -12.51 -3.02 -9.21
CA ASP A 83 -11.18 -2.59 -8.70
C ASP A 83 -11.24 -2.36 -7.19
N VAL A 84 -10.55 -3.18 -6.46
CA VAL A 84 -10.52 -3.06 -4.98
C VAL A 84 -9.11 -2.75 -4.50
N VAL A 85 -9.00 -1.79 -3.64
CA VAL A 85 -7.66 -1.44 -3.09
C VAL A 85 -7.62 -1.79 -1.61
N VAL A 86 -6.71 -2.62 -1.20
CA VAL A 86 -6.66 -3.03 0.23
C VAL A 86 -5.64 -2.18 0.99
N VAL A 87 -6.07 -1.48 2.01
CA VAL A 87 -5.09 -0.66 2.78
C VAL A 87 -4.96 -1.27 4.18
N ALA A 88 -3.92 -2.01 4.41
CA ALA A 88 -3.76 -2.65 5.74
C ALA A 88 -2.32 -2.61 6.23
N THR A 89 -2.13 -2.82 7.50
CA THR A 89 -0.75 -2.82 8.06
C THR A 89 -0.21 -4.26 8.07
N ASP A 90 0.43 -4.68 9.13
CA ASP A 90 0.97 -6.07 9.17
C ASP A 90 -0.15 -7.09 9.44
N ALA A 91 -1.34 -6.63 9.71
CA ALA A 91 -2.46 -7.59 9.98
C ALA A 91 -2.69 -8.46 8.74
N LEU A 92 -2.65 -7.89 7.57
CA LEU A 92 -2.85 -8.72 6.35
C LEU A 92 -1.71 -9.72 6.23
N MET A 93 -0.55 -9.33 6.69
CA MET A 93 0.64 -10.23 6.64
C MET A 93 0.74 -10.93 5.29
N THR A 94 0.35 -10.26 4.25
CA THR A 94 0.41 -10.87 2.88
C THR A 94 -0.19 -12.29 2.90
N GLY A 95 0.50 -13.28 2.37
CA GLY A 95 -0.06 -14.66 2.37
C GLY A 95 -0.81 -14.88 1.06
N PHE A 96 -2.05 -14.49 1.00
CA PHE A 96 -2.83 -14.67 -0.26
C PHE A 96 -2.76 -13.39 -1.11
N THR A 97 -1.82 -12.53 -0.82
CA THR A 97 -1.68 -11.27 -1.60
C THR A 97 -0.71 -11.47 -2.77
N GLY A 98 -0.05 -10.42 -3.18
CA GLY A 98 0.93 -10.53 -4.29
C GLY A 98 0.26 -10.18 -5.62
N ASP A 99 -1.00 -10.46 -5.76
CA ASP A 99 -1.70 -10.15 -7.04
C ASP A 99 -2.15 -8.68 -7.05
N PHE A 100 -1.23 -7.77 -6.89
CA PHE A 100 -1.61 -6.33 -6.90
C PHE A 100 -0.87 -5.60 -8.01
N ASP A 101 -1.45 -4.54 -8.52
CA ASP A 101 -0.77 -3.78 -9.60
C ASP A 101 0.26 -2.81 -8.99
N SER A 102 0.03 -2.37 -7.79
CA SER A 102 1.00 -1.43 -7.15
C SER A 102 0.82 -1.41 -5.62
N VAL A 103 1.79 -0.90 -4.91
CA VAL A 103 1.67 -0.84 -3.42
C VAL A 103 2.00 0.57 -2.92
N ILE A 104 1.14 1.14 -2.14
CA ILE A 104 1.41 2.51 -1.60
C ILE A 104 1.79 2.38 -0.12
N ASP A 105 3.02 2.64 0.21
CA ASP A 105 3.45 2.49 1.64
C ASP A 105 3.87 3.82 2.25
N CYS A 106 3.90 3.88 3.55
CA CYS A 106 4.32 5.13 4.24
C CYS A 106 5.81 5.00 4.62
N ASN A 107 6.41 3.87 4.36
CA ASN A 107 7.84 3.68 4.73
C ASN A 107 8.05 3.98 6.21
N THR A 108 7.01 3.92 6.99
CA THR A 108 7.14 4.19 8.46
C THR A 108 6.19 3.29 9.25
N SER A 109 6.71 2.57 10.20
CA SER A 109 5.83 1.68 11.02
C SER A 109 5.76 2.20 12.45
N ASP A 110 4.60 2.16 13.06
CA ASP A 110 4.49 2.67 14.46
C ASP A 110 5.02 4.11 14.53
N GLY A 111 5.66 4.47 15.60
CA GLY A 111 6.20 5.85 15.72
C GLY A 111 7.64 5.90 15.20
N LYS A 112 7.99 4.99 14.31
CA LYS A 112 9.38 4.97 13.75
C LYS A 112 9.33 4.64 12.25
N PRO A 113 10.36 5.03 11.55
CA PRO A 113 10.43 4.77 10.09
C PRO A 113 10.52 3.26 9.82
N GLN A 114 10.23 2.86 8.62
CA GLN A 114 10.28 1.40 8.28
C GLN A 114 11.73 0.87 8.39
N ASP A 115 11.88 -0.43 8.37
CA ASP A 115 13.24 -1.03 8.46
C ASP A 115 13.69 -1.54 7.09
N ALA A 116 14.97 -1.76 6.92
CA ALA A 116 15.49 -2.25 5.60
C ALA A 116 14.62 -3.36 5.00
N VAL A 117 14.45 -4.45 5.68
CA VAL A 117 13.63 -5.57 5.11
C VAL A 117 12.16 -5.15 4.93
N SER A 118 11.67 -4.25 5.75
CA SER A 118 10.23 -3.85 5.62
C SER A 118 9.89 -3.54 4.15
N ARG A 119 10.60 -2.65 3.53
CA ARG A 119 10.31 -2.35 2.11
C ARG A 119 10.70 -3.56 1.27
N THR A 120 11.74 -4.26 1.64
CA THR A 120 12.12 -5.47 0.86
C THR A 120 10.94 -6.43 0.87
N GLN A 121 10.40 -6.70 2.04
CA GLN A 121 9.23 -7.61 2.11
C GLN A 121 7.98 -6.91 1.57
N ARG A 122 7.84 -5.63 1.83
CA ARG A 122 6.63 -4.89 1.33
C ARG A 122 6.68 -4.70 -0.19
N ARG A 123 7.80 -4.30 -0.72
CA ARG A 123 7.89 -4.11 -2.20
C ARG A 123 7.52 -5.40 -2.92
N GLY A 124 7.99 -6.53 -2.43
CA GLY A 124 7.67 -7.83 -3.08
C GLY A 124 6.17 -8.15 -2.95
N ARG A 125 5.35 -7.34 -3.54
CA ARG A 125 3.88 -7.58 -3.50
C ARG A 125 3.31 -7.38 -4.89
N THR A 126 3.72 -6.32 -5.54
CA THR A 126 3.24 -6.04 -6.92
C THR A 126 4.21 -6.63 -7.94
N GLY A 127 3.72 -7.12 -9.03
CA GLY A 127 4.64 -7.69 -10.06
C GLY A 127 4.56 -9.21 -10.07
N ARG A 128 3.69 -9.79 -9.28
CA ARG A 128 3.59 -11.29 -9.28
C ARG A 128 3.14 -11.76 -10.67
N GLY A 129 4.08 -11.99 -11.55
CA GLY A 129 3.71 -12.43 -12.93
C GLY A 129 3.62 -11.21 -13.84
N LYS A 130 4.22 -10.12 -13.44
CA LYS A 130 4.18 -8.87 -14.26
C LYS A 130 5.04 -7.80 -13.56
N PRO A 131 5.08 -6.62 -14.14
CA PRO A 131 5.89 -5.53 -13.54
C PRO A 131 5.03 -4.74 -12.54
N GLY A 132 5.24 -4.93 -11.26
CA GLY A 132 4.43 -4.18 -10.25
C GLY A 132 4.98 -2.76 -10.05
N ILE A 133 4.31 -1.98 -9.24
CA ILE A 133 4.76 -0.58 -8.97
C ILE A 133 4.73 -0.33 -7.46
N TYR A 134 5.67 0.41 -6.94
CA TYR A 134 5.65 0.66 -5.48
C TYR A 134 5.79 2.15 -5.17
N ARG A 135 4.77 2.72 -4.58
CA ARG A 135 4.84 4.17 -4.23
C ARG A 135 5.02 4.32 -2.73
N PHE A 136 5.94 5.14 -2.30
CA PHE A 136 6.15 5.31 -0.83
C PHE A 136 6.17 6.81 -0.47
N VAL A 137 5.89 7.13 0.76
CA VAL A 137 5.90 8.56 1.18
C VAL A 137 7.35 9.05 1.33
N ALA A 138 8.10 8.46 2.21
CA ALA A 138 9.52 8.89 2.41
C ALA A 138 10.48 7.81 1.90
N PRO A 139 11.61 8.24 1.38
CA PRO A 139 12.62 7.29 0.86
C PRO A 139 13.34 6.59 2.02
N GLY A 140 13.84 7.35 2.96
CA GLY A 140 14.55 6.73 4.11
C GLY A 140 15.79 5.99 3.61
N GLU A 141 16.88 6.68 3.45
CA GLU A 141 18.12 6.00 2.96
C GLU A 141 19.00 5.58 4.14
N ARG A 142 18.70 4.46 4.74
CA ARG A 142 19.51 3.99 5.90
C ARG A 142 20.06 2.57 5.63
N GLY A 5 23.06 -2.97 8.52
CA GLY A 5 23.36 -4.37 8.92
C GLY A 5 22.55 -5.34 8.06
N SER A 6 21.25 -5.22 8.08
CA SER A 6 20.41 -6.14 7.25
C SER A 6 20.55 -5.79 5.77
N VAL A 7 20.63 -6.77 4.92
CA VAL A 7 20.75 -6.50 3.47
C VAL A 7 19.49 -6.96 2.75
N THR A 8 18.67 -6.03 2.36
CA THR A 8 17.40 -6.41 1.65
C THR A 8 17.73 -6.94 0.26
N VAL A 9 17.06 -7.99 -0.16
CA VAL A 9 17.34 -8.54 -1.51
C VAL A 9 16.88 -7.54 -2.58
N PRO A 10 17.60 -7.51 -3.67
CA PRO A 10 17.24 -6.60 -4.78
C PRO A 10 16.00 -7.10 -5.50
N HIS A 11 15.64 -6.46 -6.57
CA HIS A 11 14.42 -6.89 -7.34
C HIS A 11 14.17 -5.91 -8.50
N PRO A 12 14.94 -6.04 -9.53
CA PRO A 12 14.79 -5.15 -10.71
C PRO A 12 13.56 -5.54 -11.55
N ASN A 13 12.41 -5.62 -10.93
CA ASN A 13 11.18 -5.98 -11.69
C ASN A 13 10.00 -5.11 -11.24
N ILE A 14 10.24 -4.11 -10.43
CA ILE A 14 9.14 -3.23 -9.96
C ILE A 14 9.53 -1.77 -10.22
N GLU A 15 8.60 -0.97 -10.69
CA GLU A 15 8.93 0.46 -10.95
C GLU A 15 8.84 1.25 -9.64
N GLU A 16 9.88 1.99 -9.32
CA GLU A 16 9.86 2.76 -8.04
C GLU A 16 9.25 4.14 -8.26
N VAL A 17 8.36 4.54 -7.39
CA VAL A 17 7.71 5.87 -7.54
C VAL A 17 7.81 6.65 -6.22
N ALA A 18 7.74 7.95 -6.29
CA ALA A 18 7.82 8.75 -5.03
C ALA A 18 6.47 9.39 -4.75
N LEU A 19 5.80 8.96 -3.72
CA LEU A 19 4.48 9.56 -3.38
C LEU A 19 4.65 11.06 -3.14
N SER A 20 3.79 11.85 -3.70
CA SER A 20 3.91 13.34 -3.51
C SER A 20 2.52 13.95 -3.30
N THR A 21 2.45 15.25 -3.21
CA THR A 21 1.13 15.92 -3.01
C THR A 21 0.37 15.95 -4.34
N THR A 22 -0.27 14.88 -4.69
CA THR A 22 -1.03 14.86 -5.98
C THR A 22 -2.18 13.84 -5.90
N GLY A 23 -3.39 14.29 -5.86
CA GLY A 23 -4.52 13.32 -5.81
C GLY A 23 -5.66 13.87 -4.96
N GLU A 24 -6.58 13.02 -4.58
CA GLU A 24 -7.72 13.49 -3.75
C GLU A 24 -7.71 12.79 -2.40
N ILE A 25 -7.06 11.65 -2.30
CA ILE A 25 -7.04 10.96 -0.98
C ILE A 25 -5.75 11.31 -0.23
N PRO A 26 -5.90 12.06 0.84
CA PRO A 26 -4.73 12.48 1.65
C PRO A 26 -4.06 11.26 2.29
N PHE A 27 -2.80 11.35 2.61
CA PHE A 27 -2.11 10.18 3.20
C PHE A 27 -0.72 10.55 3.74
N TYR A 28 -0.63 10.87 5.00
CA TYR A 28 0.69 11.23 5.62
C TYR A 28 1.34 12.43 4.91
N GLY A 29 0.75 13.59 5.03
CA GLY A 29 1.32 14.80 4.37
C GLY A 29 1.46 14.57 2.86
N LYS A 30 0.83 13.56 2.33
CA LYS A 30 0.94 13.30 0.87
C LYS A 30 -0.46 13.09 0.29
N ALA A 31 -0.64 13.30 -0.98
CA ALA A 31 -1.98 13.10 -1.58
C ALA A 31 -1.93 11.95 -2.57
N ILE A 32 -2.50 10.85 -2.22
CA ILE A 32 -2.48 9.67 -3.13
C ILE A 32 -3.38 9.95 -4.35
N PRO A 33 -2.76 10.05 -5.51
CA PRO A 33 -3.55 10.23 -6.74
C PRO A 33 -4.29 8.93 -7.01
N LEU A 34 -5.57 8.97 -7.25
CA LEU A 34 -6.32 7.70 -7.45
C LEU A 34 -5.71 6.90 -8.60
N GLU A 35 -4.93 7.51 -9.45
CA GLU A 35 -4.32 6.74 -10.57
C GLU A 35 -3.45 5.59 -10.01
N VAL A 36 -3.10 5.65 -8.75
CA VAL A 36 -2.26 4.58 -8.15
C VAL A 36 -3.13 3.50 -7.49
N ILE A 37 -4.33 3.84 -7.07
CA ILE A 37 -5.20 2.83 -6.40
C ILE A 37 -6.48 2.59 -7.21
N LYS A 38 -6.87 3.52 -8.02
CA LYS A 38 -8.10 3.34 -8.84
C LYS A 38 -7.76 2.76 -10.20
N GLY A 39 -8.64 1.98 -10.76
CA GLY A 39 -8.36 1.37 -12.08
C GLY A 39 -7.88 -0.07 -11.89
N GLY A 40 -7.67 -0.50 -10.67
CA GLY A 40 -7.20 -1.90 -10.47
C GLY A 40 -7.09 -2.23 -8.98
N ARG A 41 -6.37 -3.27 -8.65
CA ARG A 41 -6.22 -3.66 -7.22
C ARG A 41 -4.91 -3.11 -6.65
N HIS A 42 -4.98 -2.44 -5.53
CA HIS A 42 -3.74 -1.89 -4.93
C HIS A 42 -3.74 -2.09 -3.41
N LEU A 43 -2.59 -2.30 -2.84
CA LEU A 43 -2.52 -2.51 -1.36
C LEU A 43 -1.88 -1.29 -0.70
N ILE A 44 -2.62 -0.62 0.14
CA ILE A 44 -2.05 0.57 0.84
C ILE A 44 -1.50 0.13 2.20
N PHE A 45 -0.26 0.40 2.48
CA PHE A 45 0.31 -0.02 3.78
C PHE A 45 0.18 1.12 4.79
N CYS A 46 -0.48 0.89 5.89
CA CYS A 46 -0.64 1.96 6.91
C CYS A 46 0.00 1.55 8.24
N HIS A 47 0.46 2.51 8.99
CA HIS A 47 1.07 2.19 10.31
C HIS A 47 0.08 2.54 11.44
N SER A 48 -1.10 2.97 11.09
CA SER A 48 -2.11 3.32 12.14
C SER A 48 -3.46 2.70 11.80
N LYS A 49 -4.10 2.12 12.77
CA LYS A 49 -5.42 1.48 12.54
C LYS A 49 -6.51 2.53 12.30
N LYS A 50 -6.43 3.63 12.99
CA LYS A 50 -7.46 4.71 12.80
C LYS A 50 -7.45 5.22 11.36
N LYS A 51 -6.30 5.31 10.76
CA LYS A 51 -6.22 5.81 9.36
C LYS A 51 -6.75 4.76 8.40
N CYS A 52 -6.51 3.51 8.69
CA CYS A 52 -7.02 2.43 7.79
C CYS A 52 -8.54 2.50 7.72
N ASP A 53 -9.18 2.87 8.79
CA ASP A 53 -10.67 2.95 8.77
C ASP A 53 -11.13 4.12 7.90
N GLU A 54 -10.58 5.28 8.09
CA GLU A 54 -10.99 6.46 7.27
C GLU A 54 -10.48 6.31 5.83
N LEU A 55 -9.27 5.87 5.66
CA LEU A 55 -8.70 5.72 4.30
C LEU A 55 -9.58 4.83 3.42
N ALA A 56 -10.04 3.72 3.94
CA ALA A 56 -10.91 2.82 3.10
C ALA A 56 -12.25 3.49 2.83
N ALA A 57 -12.91 3.96 3.86
CA ALA A 57 -14.22 4.64 3.65
C ALA A 57 -14.03 5.80 2.67
N LYS A 58 -12.89 6.41 2.70
CA LYS A 58 -12.62 7.55 1.78
C LYS A 58 -12.68 7.04 0.33
N LEU A 59 -12.05 5.95 0.05
CA LEU A 59 -12.05 5.41 -1.34
C LEU A 59 -13.47 5.08 -1.79
N VAL A 60 -14.27 4.50 -0.93
CA VAL A 60 -15.66 4.17 -1.35
C VAL A 60 -16.36 5.45 -1.84
N ALA A 61 -16.04 6.57 -1.24
CA ALA A 61 -16.67 7.87 -1.66
C ALA A 61 -16.06 8.36 -2.98
N LEU A 62 -14.80 8.12 -3.18
CA LEU A 62 -14.12 8.57 -4.44
C LEU A 62 -14.60 7.71 -5.60
N GLY A 63 -15.03 6.52 -5.33
CA GLY A 63 -15.51 5.61 -6.40
C GLY A 63 -14.65 4.33 -6.40
N ILE A 64 -13.83 4.17 -5.40
CA ILE A 64 -12.95 2.97 -5.32
C ILE A 64 -13.43 2.05 -4.20
N ASN A 65 -13.36 0.76 -4.38
CA ASN A 65 -13.79 -0.13 -3.28
C ASN A 65 -12.58 -0.39 -2.41
N ALA A 66 -12.53 0.20 -1.26
CA ALA A 66 -11.33 0.04 -0.41
C ALA A 66 -11.68 -0.61 0.93
N VAL A 67 -10.78 -1.41 1.43
CA VAL A 67 -11.04 -2.05 2.76
C VAL A 67 -9.82 -1.88 3.66
N ALA A 68 -10.04 -1.81 4.94
CA ALA A 68 -8.87 -1.66 5.85
C ALA A 68 -8.73 -2.92 6.69
N TYR A 69 -7.55 -3.49 6.73
CA TYR A 69 -7.34 -4.72 7.54
C TYR A 69 -6.27 -4.47 8.60
N TYR A 70 -6.53 -4.90 9.80
CA TYR A 70 -5.54 -4.69 10.90
C TYR A 70 -5.94 -5.53 12.12
N ARG A 71 -5.19 -5.44 13.19
CA ARG A 71 -5.52 -6.25 14.40
C ARG A 71 -6.94 -5.92 14.89
N GLY A 72 -7.82 -6.88 14.86
CA GLY A 72 -9.22 -6.64 15.33
C GLY A 72 -10.08 -6.17 14.16
N LEU A 73 -9.84 -6.69 12.98
CA LEU A 73 -10.65 -6.26 11.81
C LEU A 73 -11.43 -7.46 11.24
N ASP A 74 -12.50 -7.20 10.54
CA ASP A 74 -13.31 -8.31 9.97
C ASP A 74 -12.92 -8.54 8.51
N VAL A 75 -13.02 -9.75 8.04
CA VAL A 75 -12.67 -10.01 6.62
C VAL A 75 -13.63 -9.22 5.72
N SER A 76 -13.12 -8.24 5.05
CA SER A 76 -14.00 -7.42 4.16
C SER A 76 -13.38 -7.28 2.77
N VAL A 77 -12.07 -7.20 2.69
CA VAL A 77 -11.41 -7.07 1.36
C VAL A 77 -11.96 -8.14 0.41
N ILE A 78 -11.97 -7.88 -0.88
CA ILE A 78 -12.52 -8.90 -1.82
C ILE A 78 -11.56 -9.15 -3.00
N PRO A 79 -10.82 -10.22 -2.92
CA PRO A 79 -9.88 -10.58 -4.01
C PRO A 79 -10.63 -11.29 -5.14
N THR A 80 -11.59 -10.63 -5.72
CA THR A 80 -12.36 -11.25 -6.83
C THR A 80 -12.53 -10.23 -7.95
N ASN A 81 -11.45 -9.79 -8.52
CA ASN A 81 -11.51 -8.78 -9.62
C ASN A 81 -12.12 -7.48 -9.09
N GLY A 82 -12.72 -6.71 -9.96
CA GLY A 82 -13.32 -5.42 -9.50
C GLY A 82 -12.19 -4.52 -8.99
N ASP A 83 -12.36 -3.22 -9.07
CA ASP A 83 -11.27 -2.32 -8.58
C ASP A 83 -11.34 -2.18 -7.07
N VAL A 84 -10.61 -3.00 -6.40
CA VAL A 84 -10.58 -2.96 -4.91
C VAL A 84 -9.18 -2.60 -4.43
N VAL A 85 -9.11 -1.66 -3.55
CA VAL A 85 -7.78 -1.27 -2.99
C VAL A 85 -7.75 -1.66 -1.52
N VAL A 86 -6.82 -2.48 -1.14
CA VAL A 86 -6.77 -2.94 0.28
C VAL A 86 -5.78 -2.09 1.07
N VAL A 87 -6.25 -1.40 2.09
CA VAL A 87 -5.30 -0.56 2.89
C VAL A 87 -5.13 -1.21 4.26
N ALA A 88 -4.06 -1.91 4.46
CA ALA A 88 -3.87 -2.58 5.77
C ALA A 88 -2.41 -2.56 6.19
N THR A 89 -2.15 -2.77 7.45
CA THR A 89 -0.74 -2.77 7.95
C THR A 89 -0.14 -4.17 7.75
N ASP A 90 0.58 -4.69 8.71
CA ASP A 90 1.17 -6.04 8.54
C ASP A 90 0.13 -7.12 8.88
N ALA A 91 -0.95 -6.75 9.50
CA ALA A 91 -2.00 -7.76 9.85
C ALA A 91 -2.39 -8.57 8.60
N LEU A 92 -2.55 -7.93 7.49
CA LEU A 92 -2.93 -8.67 6.25
C LEU A 92 -1.81 -9.65 5.88
N MET A 93 -0.59 -9.19 5.86
CA MET A 93 0.54 -10.08 5.49
C MET A 93 0.27 -10.75 4.14
N THR A 94 -0.59 -10.16 3.35
CA THR A 94 -0.91 -10.73 2.00
C THR A 94 -1.16 -12.24 2.11
N GLY A 95 -2.07 -12.65 2.95
CA GLY A 95 -2.36 -14.11 3.09
C GLY A 95 -2.99 -14.61 1.79
N PHE A 96 -4.18 -14.18 1.49
CA PHE A 96 -4.84 -14.61 0.22
C PHE A 96 -4.55 -13.60 -0.88
N THR A 97 -3.50 -12.83 -0.73
CA THR A 97 -3.15 -11.82 -1.76
C THR A 97 -1.69 -11.98 -2.17
N GLY A 98 -1.15 -11.03 -2.88
CA GLY A 98 0.28 -11.13 -3.30
C GLY A 98 0.49 -10.39 -4.61
N ASP A 99 -0.32 -10.66 -5.60
CA ASP A 99 -0.16 -9.97 -6.91
C ASP A 99 -0.94 -8.64 -6.92
N PHE A 100 -0.28 -7.55 -6.65
CA PHE A 100 -0.97 -6.24 -6.66
C PHE A 100 -0.38 -5.36 -7.76
N ASP A 101 -1.16 -4.47 -8.29
CA ASP A 101 -0.62 -3.59 -9.35
C ASP A 101 0.39 -2.62 -8.75
N SER A 102 0.19 -2.22 -7.52
CA SER A 102 1.16 -1.28 -6.88
C SER A 102 0.99 -1.29 -5.35
N VAL A 103 1.97 -0.77 -4.66
CA VAL A 103 1.90 -0.72 -3.17
C VAL A 103 2.24 0.69 -2.67
N ILE A 104 1.30 1.39 -2.12
CA ILE A 104 1.59 2.76 -1.61
C ILE A 104 1.92 2.69 -0.12
N ASP A 105 3.12 3.02 0.25
CA ASP A 105 3.51 2.93 1.69
C ASP A 105 4.12 4.23 2.18
N CYS A 106 4.14 4.42 3.47
CA CYS A 106 4.75 5.64 4.04
C CYS A 106 6.24 5.37 4.34
N ASN A 107 6.66 4.13 4.22
CA ASN A 107 8.10 3.79 4.48
C ASN A 107 8.54 4.20 5.89
N THR A 108 7.61 4.53 6.76
CA THR A 108 7.99 4.92 8.13
C THR A 108 6.93 4.39 9.11
N SER A 109 7.30 3.42 9.91
CA SER A 109 6.31 2.85 10.87
C SER A 109 6.31 3.64 12.18
N ASP A 110 5.15 4.04 12.63
CA ASP A 110 5.05 4.80 13.92
C ASP A 110 5.96 6.04 13.90
N GLY A 111 6.13 6.66 12.76
CA GLY A 111 7.01 7.86 12.71
C GLY A 111 8.47 7.46 12.48
N LYS A 112 8.79 6.20 12.67
CA LYS A 112 10.19 5.75 12.45
C LYS A 112 10.33 5.12 11.06
N PRO A 113 11.53 5.12 10.55
CA PRO A 113 11.78 4.52 9.21
C PRO A 113 11.44 3.03 9.20
N GLN A 114 10.62 2.61 8.28
CA GLN A 114 10.22 1.17 8.19
C GLN A 114 11.43 0.25 8.38
N ASP A 115 11.18 -0.97 8.77
CA ASP A 115 12.31 -1.93 8.97
C ASP A 115 12.85 -2.39 7.61
N ALA A 116 14.03 -2.94 7.59
CA ALA A 116 14.62 -3.37 6.29
C ALA A 116 13.73 -4.41 5.59
N VAL A 117 13.19 -5.36 6.30
CA VAL A 117 12.36 -6.41 5.62
C VAL A 117 10.99 -5.88 5.17
N SER A 118 10.42 -4.93 5.84
CA SER A 118 9.07 -4.45 5.40
C SER A 118 9.10 -4.08 3.92
N ARG A 119 9.98 -3.20 3.52
CA ARG A 119 10.05 -2.86 2.09
C ARG A 119 10.44 -4.12 1.31
N THR A 120 11.27 -4.94 1.90
CA THR A 120 11.67 -6.19 1.21
C THR A 120 10.42 -7.04 0.98
N GLN A 121 9.64 -7.25 2.01
CA GLN A 121 8.39 -8.05 1.86
C GLN A 121 7.34 -7.21 1.12
N ARG A 122 7.15 -5.98 1.53
CA ARG A 122 6.14 -5.12 0.85
C ARG A 122 6.48 -4.97 -0.64
N ARG A 123 7.73 -4.71 -0.97
CA ARG A 123 8.09 -4.57 -2.41
C ARG A 123 7.82 -5.89 -3.15
N GLY A 124 8.03 -7.00 -2.50
CA GLY A 124 7.81 -8.31 -3.17
C GLY A 124 6.32 -8.52 -3.49
N ARG A 125 5.45 -7.64 -3.07
CA ARG A 125 4.00 -7.83 -3.37
C ARG A 125 3.64 -7.21 -4.72
N THR A 126 4.55 -6.55 -5.36
CA THR A 126 4.24 -5.93 -6.69
C THR A 126 5.15 -6.54 -7.76
N GLY A 127 4.61 -6.79 -8.92
CA GLY A 127 5.45 -7.38 -10.01
C GLY A 127 5.35 -8.90 -9.96
N ARG A 128 4.35 -9.44 -9.33
CA ARG A 128 4.20 -10.92 -9.27
C ARG A 128 3.86 -11.47 -10.66
N GLY A 129 4.85 -11.72 -11.47
CA GLY A 129 4.59 -12.24 -12.84
C GLY A 129 4.61 -11.08 -13.84
N LYS A 130 4.97 -9.90 -13.41
CA LYS A 130 5.01 -8.74 -14.34
C LYS A 130 5.77 -7.59 -13.67
N PRO A 131 5.81 -6.45 -14.31
CA PRO A 131 6.51 -5.29 -13.74
C PRO A 131 5.56 -4.55 -12.78
N GLY A 132 5.72 -4.71 -11.50
CA GLY A 132 4.81 -4.02 -10.55
C GLY A 132 5.34 -2.62 -10.24
N ILE A 133 4.58 -1.85 -9.52
CA ILE A 133 5.02 -0.47 -9.18
C ILE A 133 5.04 -0.30 -7.65
N TYR A 134 6.00 0.41 -7.13
CA TYR A 134 6.04 0.60 -5.66
C TYR A 134 6.12 2.10 -5.33
N ARG A 135 5.12 2.61 -4.69
CA ARG A 135 5.12 4.06 -4.32
C ARG A 135 5.39 4.21 -2.83
N PHE A 136 6.25 5.11 -2.46
CA PHE A 136 6.55 5.30 -1.00
C PHE A 136 6.61 6.79 -0.65
N VAL A 137 6.22 7.15 0.54
CA VAL A 137 6.26 8.59 0.95
C VAL A 137 7.72 9.04 1.10
N ALA A 138 8.48 8.36 1.91
CA ALA A 138 9.90 8.76 2.10
C ALA A 138 10.83 7.61 1.67
N PRO A 139 12.06 7.96 1.37
CA PRO A 139 13.05 6.94 0.95
C PRO A 139 13.46 6.06 2.14
N GLY A 140 13.31 6.55 3.33
CA GLY A 140 13.69 5.75 4.52
C GLY A 140 14.85 6.43 5.26
N GLU A 141 15.98 6.51 4.63
CA GLU A 141 17.15 7.16 5.29
C GLU A 141 17.08 8.68 5.12
N ARG A 142 16.86 9.15 3.92
CA ARG A 142 16.78 10.61 3.69
C ARG A 142 15.73 11.23 4.61
N GLY A 5 25.46 -3.80 8.57
CA GLY A 5 24.65 -2.83 7.78
C GLY A 5 23.36 -3.50 7.31
N SER A 6 22.41 -2.72 6.89
CA SER A 6 21.12 -3.32 6.41
C SER A 6 21.05 -3.29 4.88
N VAL A 7 21.21 -4.42 4.24
CA VAL A 7 21.15 -4.46 2.76
C VAL A 7 19.91 -5.24 2.31
N THR A 8 18.89 -4.55 1.87
CA THR A 8 17.65 -5.24 1.41
C THR A 8 17.88 -5.89 0.04
N VAL A 9 17.32 -7.05 -0.17
CA VAL A 9 17.50 -7.70 -1.50
C VAL A 9 16.76 -6.91 -2.58
N PRO A 10 17.33 -6.92 -3.75
CA PRO A 10 16.71 -6.21 -4.89
C PRO A 10 15.46 -6.95 -5.37
N HIS A 11 14.94 -6.57 -6.50
CA HIS A 11 13.72 -7.24 -7.03
C HIS A 11 13.42 -6.71 -8.44
N PRO A 12 14.11 -7.25 -9.42
CA PRO A 12 13.92 -6.82 -10.82
C PRO A 12 12.53 -7.20 -11.33
N ASN A 13 11.57 -6.35 -11.12
CA ASN A 13 10.16 -6.62 -11.59
C ASN A 13 9.14 -5.58 -11.07
N ILE A 14 9.52 -4.68 -10.21
CA ILE A 14 8.55 -3.67 -9.70
C ILE A 14 9.09 -2.25 -9.96
N GLU A 15 8.25 -1.38 -10.44
CA GLU A 15 8.71 0.02 -10.71
C GLU A 15 8.60 0.85 -9.42
N GLU A 16 9.66 1.53 -9.05
CA GLU A 16 9.62 2.35 -7.81
C GLU A 16 9.12 3.76 -8.13
N VAL A 17 8.33 4.33 -7.28
CA VAL A 17 7.79 5.70 -7.56
C VAL A 17 7.89 6.58 -6.30
N ALA A 18 7.97 7.86 -6.48
CA ALA A 18 8.05 8.76 -5.30
C ALA A 18 6.71 9.45 -5.10
N LEU A 19 5.98 9.07 -4.08
CA LEU A 19 4.66 9.71 -3.83
C LEU A 19 4.83 11.22 -3.71
N SER A 20 3.96 11.98 -4.31
CA SER A 20 4.08 13.46 -4.23
C SER A 20 2.72 14.09 -3.93
N THR A 21 2.61 15.38 -4.07
CA THR A 21 1.30 16.05 -3.80
C THR A 21 0.46 16.07 -5.07
N THR A 22 -0.08 14.94 -5.46
CA THR A 22 -0.91 14.89 -6.69
C THR A 22 -2.03 13.87 -6.53
N GLY A 23 -3.26 14.30 -6.47
CA GLY A 23 -4.37 13.31 -6.35
C GLY A 23 -5.49 13.88 -5.50
N GLU A 24 -6.37 13.01 -5.06
CA GLU A 24 -7.51 13.48 -4.22
C GLU A 24 -7.43 12.86 -2.83
N ILE A 25 -6.73 11.76 -2.68
CA ILE A 25 -6.64 11.14 -1.33
C ILE A 25 -5.32 11.54 -0.66
N PRO A 26 -5.41 12.42 0.31
CA PRO A 26 -4.19 12.87 1.03
C PRO A 26 -3.57 11.68 1.76
N PHE A 27 -2.29 11.74 2.03
CA PHE A 27 -1.64 10.59 2.71
C PHE A 27 -0.23 10.94 3.21
N TYR A 28 -0.12 11.35 4.45
CA TYR A 28 1.22 11.70 5.03
C TYR A 28 1.89 12.83 4.24
N GLY A 29 1.34 14.02 4.28
CA GLY A 29 1.95 15.16 3.55
C GLY A 29 2.07 14.84 2.06
N LYS A 30 1.40 13.81 1.60
CA LYS A 30 1.46 13.45 0.15
C LYS A 30 0.05 13.26 -0.37
N ALA A 31 -0.17 13.39 -1.65
CA ALA A 31 -1.54 13.19 -2.18
C ALA A 31 -1.55 12.02 -3.16
N ILE A 32 -2.13 10.93 -2.76
CA ILE A 32 -2.16 9.75 -3.66
C ILE A 32 -3.12 10.00 -4.84
N PRO A 33 -2.56 10.05 -6.02
CA PRO A 33 -3.41 10.20 -7.22
C PRO A 33 -4.18 8.88 -7.38
N LEU A 34 -5.48 8.94 -7.51
CA LEU A 34 -6.24 7.66 -7.62
C LEU A 34 -5.71 6.81 -8.78
N GLU A 35 -5.01 7.39 -9.70
CA GLU A 35 -4.47 6.57 -10.83
C GLU A 35 -3.56 5.45 -10.29
N VAL A 36 -3.11 5.55 -9.06
CA VAL A 36 -2.22 4.49 -8.50
C VAL A 36 -3.02 3.41 -7.78
N ILE A 37 -4.19 3.72 -7.30
CA ILE A 37 -4.99 2.70 -6.58
C ILE A 37 -6.31 2.43 -7.31
N LYS A 38 -6.74 3.33 -8.15
CA LYS A 38 -8.02 3.13 -8.89
C LYS A 38 -7.74 2.53 -10.27
N GLY A 39 -8.65 1.75 -10.77
CA GLY A 39 -8.46 1.13 -12.10
C GLY A 39 -8.00 -0.31 -11.94
N GLY A 40 -7.77 -0.75 -10.72
CA GLY A 40 -7.32 -2.15 -10.53
C GLY A 40 -7.19 -2.46 -9.04
N ARG A 41 -6.42 -3.46 -8.69
CA ARG A 41 -6.26 -3.83 -7.26
C ARG A 41 -4.93 -3.29 -6.71
N HIS A 42 -4.97 -2.63 -5.58
CA HIS A 42 -3.70 -2.08 -5.02
C HIS A 42 -3.69 -2.25 -3.50
N LEU A 43 -2.53 -2.45 -2.92
CA LEU A 43 -2.44 -2.62 -1.45
C LEU A 43 -1.78 -1.41 -0.81
N ILE A 44 -2.47 -0.74 0.09
CA ILE A 44 -1.87 0.45 0.76
C ILE A 44 -1.35 0.03 2.13
N PHE A 45 -0.11 0.30 2.42
CA PHE A 45 0.43 -0.07 3.75
C PHE A 45 0.36 1.14 4.69
N CYS A 46 -0.29 0.98 5.80
CA CYS A 46 -0.42 2.13 6.76
C CYS A 46 0.26 1.80 8.09
N HIS A 47 0.63 2.81 8.84
CA HIS A 47 1.27 2.57 10.16
C HIS A 47 0.28 2.87 11.29
N SER A 48 -0.97 3.11 10.95
CA SER A 48 -1.98 3.42 12.01
C SER A 48 -3.29 2.68 11.71
N LYS A 49 -3.91 2.17 12.73
CA LYS A 49 -5.19 1.43 12.54
C LYS A 49 -6.33 2.39 12.20
N LYS A 50 -6.35 3.54 12.81
CA LYS A 50 -7.43 4.54 12.54
C LYS A 50 -7.38 5.00 11.08
N LYS A 51 -6.21 5.17 10.55
CA LYS A 51 -6.09 5.63 9.14
C LYS A 51 -6.67 4.57 8.20
N CYS A 52 -6.49 3.33 8.53
CA CYS A 52 -7.04 2.24 7.67
C CYS A 52 -8.56 2.41 7.58
N ASP A 53 -9.16 2.85 8.65
CA ASP A 53 -10.65 3.02 8.63
C ASP A 53 -11.04 4.16 7.67
N GLU A 54 -10.39 5.29 7.80
CA GLU A 54 -10.72 6.45 6.91
C GLU A 54 -10.24 6.18 5.49
N LEU A 55 -9.03 5.70 5.35
CA LEU A 55 -8.47 5.44 3.98
C LEU A 55 -9.37 4.49 3.19
N ALA A 56 -9.88 3.46 3.80
CA ALA A 56 -10.75 2.51 3.05
C ALA A 56 -12.13 3.13 2.81
N ALA A 57 -12.76 3.63 3.85
CA ALA A 57 -14.10 4.25 3.65
C ALA A 57 -13.98 5.46 2.73
N LYS A 58 -12.96 6.24 2.91
CA LYS A 58 -12.77 7.44 2.03
C LYS A 58 -12.68 6.98 0.58
N LEU A 59 -11.90 5.97 0.32
CA LEU A 59 -11.75 5.47 -1.07
C LEU A 59 -13.13 5.10 -1.65
N VAL A 60 -13.96 4.46 -0.88
CA VAL A 60 -15.30 4.09 -1.40
C VAL A 60 -16.02 5.35 -1.88
N ALA A 61 -15.77 6.47 -1.23
CA ALA A 61 -16.42 7.75 -1.66
C ALA A 61 -15.74 8.29 -2.92
N LEU A 62 -14.47 8.03 -3.07
CA LEU A 62 -13.74 8.52 -4.27
C LEU A 62 -14.17 7.71 -5.49
N GLY A 63 -14.60 6.50 -5.27
CA GLY A 63 -15.04 5.62 -6.40
C GLY A 63 -14.21 4.33 -6.39
N ILE A 64 -13.38 4.15 -5.38
CA ILE A 64 -12.54 2.93 -5.31
C ILE A 64 -13.05 2.00 -4.21
N ASN A 65 -12.99 0.71 -4.41
CA ASN A 65 -13.44 -0.19 -3.33
C ASN A 65 -12.23 -0.43 -2.43
N ALA A 66 -12.22 0.16 -1.28
CA ALA A 66 -11.03 0.00 -0.41
C ALA A 66 -11.37 -0.73 0.89
N VAL A 67 -10.49 -1.58 1.33
CA VAL A 67 -10.74 -2.31 2.61
C VAL A 67 -9.60 -2.07 3.58
N ALA A 68 -9.87 -2.06 4.86
CA ALA A 68 -8.77 -1.86 5.83
C ALA A 68 -8.61 -3.12 6.68
N TYR A 69 -7.42 -3.65 6.76
CA TYR A 69 -7.21 -4.87 7.58
C TYR A 69 -6.20 -4.61 8.69
N TYR A 70 -6.63 -4.74 9.92
CA TYR A 70 -5.71 -4.51 11.07
C TYR A 70 -6.09 -5.44 12.23
N ARG A 71 -5.33 -5.43 13.28
CA ARG A 71 -5.64 -6.32 14.44
C ARG A 71 -7.09 -6.15 14.88
N GLY A 72 -7.86 -7.20 14.85
CA GLY A 72 -9.30 -7.11 15.28
C GLY A 72 -10.15 -6.64 14.11
N LEU A 73 -9.85 -7.07 12.92
CA LEU A 73 -10.66 -6.65 11.73
C LEU A 73 -11.33 -7.87 11.09
N ASP A 74 -12.41 -7.65 10.39
CA ASP A 74 -13.14 -8.79 9.75
C ASP A 74 -12.70 -8.95 8.29
N VAL A 75 -12.70 -10.14 7.78
CA VAL A 75 -12.29 -10.32 6.37
C VAL A 75 -13.26 -9.55 5.47
N SER A 76 -12.80 -8.49 4.87
CA SER A 76 -13.67 -7.66 4.00
C SER A 76 -12.98 -7.35 2.67
N VAL A 77 -11.72 -7.65 2.55
CA VAL A 77 -11.00 -7.37 1.28
C VAL A 77 -11.48 -8.35 0.20
N ILE A 78 -11.75 -7.86 -0.98
CA ILE A 78 -12.23 -8.78 -2.05
C ILE A 78 -11.55 -8.47 -3.40
N PRO A 79 -10.61 -9.30 -3.77
CA PRO A 79 -9.89 -9.11 -5.05
C PRO A 79 -10.62 -9.84 -6.18
N THR A 80 -11.93 -9.87 -6.16
CA THR A 80 -12.67 -10.58 -7.24
C THR A 80 -13.74 -9.68 -7.88
N ASN A 81 -14.02 -8.56 -7.29
CA ASN A 81 -15.07 -7.66 -7.88
C ASN A 81 -14.41 -6.45 -8.56
N GLY A 82 -15.10 -5.34 -8.60
CA GLY A 82 -14.51 -4.13 -9.25
C GLY A 82 -13.12 -3.85 -8.68
N ASP A 83 -12.42 -2.89 -9.22
CA ASP A 83 -11.06 -2.58 -8.68
C ASP A 83 -11.14 -2.31 -7.18
N VAL A 84 -10.51 -3.15 -6.42
CA VAL A 84 -10.51 -2.99 -4.96
C VAL A 84 -9.10 -2.72 -4.45
N VAL A 85 -8.97 -1.78 -3.57
CA VAL A 85 -7.62 -1.46 -3.01
C VAL A 85 -7.58 -1.86 -1.54
N VAL A 86 -6.61 -2.64 -1.15
CA VAL A 86 -6.54 -3.10 0.26
C VAL A 86 -5.58 -2.22 1.07
N VAL A 87 -6.07 -1.52 2.07
CA VAL A 87 -5.15 -0.67 2.87
C VAL A 87 -5.01 -1.28 4.27
N ALA A 88 -3.95 -1.99 4.51
CA ALA A 88 -3.79 -2.64 5.84
C ALA A 88 -2.35 -2.54 6.34
N THR A 89 -2.16 -2.73 7.61
CA THR A 89 -0.78 -2.67 8.17
C THR A 89 -0.14 -4.05 8.12
N ASP A 90 0.47 -4.50 9.19
CA ASP A 90 1.09 -5.86 9.16
C ASP A 90 0.07 -6.90 9.63
N ALA A 91 -1.15 -6.79 9.20
CA ALA A 91 -2.19 -7.78 9.60
C ALA A 91 -2.63 -8.60 8.40
N LEU A 92 -2.62 -8.00 7.23
CA LEU A 92 -3.02 -8.76 6.01
C LEU A 92 -1.85 -9.65 5.57
N MET A 93 -0.64 -9.17 5.77
CA MET A 93 0.55 -9.95 5.38
C MET A 93 0.39 -10.54 3.96
N THR A 94 -0.04 -11.77 3.84
CA THR A 94 -0.22 -12.37 2.49
C THR A 94 -0.65 -13.83 2.58
N GLY A 95 -1.74 -14.10 3.25
CA GLY A 95 -2.21 -15.51 3.35
C GLY A 95 -2.52 -16.02 1.94
N PHE A 96 -3.29 -15.28 1.20
CA PHE A 96 -3.63 -15.69 -0.19
C PHE A 96 -3.55 -14.49 -1.13
N THR A 97 -2.58 -13.64 -0.94
CA THR A 97 -2.45 -12.44 -1.81
C THR A 97 -1.41 -12.68 -2.92
N GLY A 98 -0.81 -11.64 -3.42
CA GLY A 98 0.22 -11.80 -4.49
C GLY A 98 -0.31 -11.27 -5.82
N ASP A 99 -1.45 -10.64 -5.82
CA ASP A 99 -2.00 -10.12 -7.11
C ASP A 99 -2.30 -8.62 -7.00
N PHE A 100 -1.28 -7.80 -6.91
CA PHE A 100 -1.53 -6.32 -6.81
C PHE A 100 -0.87 -5.61 -7.99
N ASP A 101 -1.42 -4.50 -8.38
CA ASP A 101 -0.80 -3.74 -9.51
C ASP A 101 0.23 -2.77 -8.96
N SER A 102 0.05 -2.32 -7.75
CA SER A 102 1.02 -1.36 -7.16
C SER A 102 0.89 -1.34 -5.63
N VAL A 103 1.87 -0.82 -4.95
CA VAL A 103 1.81 -0.76 -3.45
C VAL A 103 2.16 0.65 -2.97
N ILE A 104 1.23 1.34 -2.36
CA ILE A 104 1.54 2.71 -1.85
C ILE A 104 1.92 2.60 -0.38
N ASP A 105 3.16 2.84 -0.04
CA ASP A 105 3.59 2.72 1.39
C ASP A 105 4.12 4.04 1.93
N CYS A 106 4.16 4.16 3.23
CA CYS A 106 4.71 5.39 3.85
C CYS A 106 6.13 5.13 4.34
N ASN A 107 6.70 3.99 4.01
CA ASN A 107 8.08 3.69 4.46
C ASN A 107 8.24 3.87 5.97
N THR A 108 7.16 3.79 6.70
CA THR A 108 7.24 3.95 8.19
C THR A 108 6.24 3.03 8.87
N SER A 109 6.67 2.25 9.81
CA SER A 109 5.73 1.34 10.52
C SER A 109 5.56 1.76 11.98
N ASP A 110 4.35 1.79 12.47
CA ASP A 110 4.13 2.20 13.88
C ASP A 110 4.78 3.57 14.16
N GLY A 111 4.66 4.49 13.24
CA GLY A 111 5.27 5.83 13.45
C GLY A 111 6.79 5.71 13.51
N LYS A 112 7.33 4.64 12.98
CA LYS A 112 8.82 4.46 13.00
C LYS A 112 9.32 4.18 11.58
N PRO A 113 10.59 4.44 11.35
CA PRO A 113 11.17 4.21 10.02
C PRO A 113 11.12 2.72 9.67
N GLN A 114 10.51 2.40 8.56
CA GLN A 114 10.39 0.97 8.14
C GLN A 114 11.75 0.25 8.24
N ASP A 115 11.73 -1.01 8.56
CA ASP A 115 13.02 -1.77 8.66
C ASP A 115 13.40 -2.35 7.30
N ALA A 116 14.66 -2.69 7.14
CA ALA A 116 15.14 -3.24 5.84
C ALA A 116 14.22 -4.31 5.24
N VAL A 117 13.91 -5.34 5.98
CA VAL A 117 13.05 -6.43 5.39
C VAL A 117 11.60 -6.00 5.23
N SER A 118 11.09 -5.15 6.07
CA SER A 118 9.67 -4.73 5.95
C SER A 118 9.36 -4.33 4.50
N ARG A 119 10.10 -3.39 3.97
CA ARG A 119 9.86 -2.99 2.56
C ARG A 119 10.22 -4.15 1.66
N THR A 120 11.23 -4.90 2.02
CA THR A 120 11.61 -6.07 1.18
C THR A 120 10.42 -7.01 1.09
N GLN A 121 9.82 -7.32 2.21
CA GLN A 121 8.62 -8.21 2.19
C GLN A 121 7.43 -7.45 1.59
N ARG A 122 7.34 -6.17 1.86
CA ARG A 122 6.19 -5.38 1.31
C ARG A 122 6.35 -5.16 -0.21
N ARG A 123 7.53 -4.80 -0.65
CA ARG A 123 7.72 -4.58 -2.12
C ARG A 123 7.29 -5.82 -2.90
N GLY A 124 7.68 -6.98 -2.44
CA GLY A 124 7.30 -8.24 -3.15
C GLY A 124 5.80 -8.49 -3.05
N ARG A 125 5.02 -7.62 -3.64
CA ARG A 125 3.55 -7.80 -3.63
C ARG A 125 3.00 -7.48 -5.02
N THR A 126 3.48 -6.42 -5.60
CA THR A 126 3.03 -6.05 -6.97
C THR A 126 4.04 -6.58 -7.99
N GLY A 127 3.57 -7.02 -9.12
CA GLY A 127 4.52 -7.52 -10.15
C GLY A 127 4.48 -9.05 -10.23
N ARG A 128 3.55 -9.68 -9.57
CA ARG A 128 3.48 -11.17 -9.64
C ARG A 128 3.23 -11.60 -11.08
N GLY A 129 4.27 -11.76 -11.86
CA GLY A 129 4.10 -12.15 -13.29
C GLY A 129 4.09 -10.90 -14.16
N LYS A 130 4.07 -9.73 -13.56
CA LYS A 130 4.06 -8.47 -14.36
C LYS A 130 4.93 -7.42 -13.66
N PRO A 131 4.94 -6.21 -14.17
CA PRO A 131 5.74 -5.14 -13.56
C PRO A 131 4.91 -4.39 -12.50
N GLY A 132 5.07 -4.73 -11.24
CA GLY A 132 4.29 -4.03 -10.18
C GLY A 132 4.85 -2.63 -9.96
N ILE A 133 4.16 -1.84 -9.18
CA ILE A 133 4.65 -0.45 -8.89
C ILE A 133 4.69 -0.24 -7.39
N TYR A 134 5.68 0.46 -6.91
CA TYR A 134 5.76 0.69 -5.44
C TYR A 134 5.94 2.18 -5.16
N ARG A 135 4.97 2.78 -4.52
CA ARG A 135 5.08 4.23 -4.20
C ARG A 135 5.38 4.40 -2.71
N PHE A 136 6.45 5.06 -2.38
CA PHE A 136 6.80 5.23 -0.94
C PHE A 136 6.89 6.72 -0.59
N VAL A 137 6.74 7.05 0.66
CA VAL A 137 6.83 8.49 1.06
C VAL A 137 8.25 8.78 1.55
N ALA A 138 8.72 8.04 2.51
CA ALA A 138 10.10 8.26 3.05
C ALA A 138 10.21 9.66 3.68
N PRO A 139 11.00 9.76 4.71
CA PRO A 139 11.18 11.05 5.42
C PRO A 139 12.00 12.02 4.55
N GLY A 140 13.14 11.58 4.10
CA GLY A 140 13.99 12.48 3.26
C GLY A 140 15.43 11.97 3.25
N GLU A 141 16.38 12.85 3.09
CA GLU A 141 17.80 12.42 3.08
C GLU A 141 18.35 12.37 4.50
N ARG A 142 19.40 11.63 4.72
CA ARG A 142 19.99 11.55 6.09
C ARG A 142 21.51 11.71 6.03
N GLY A 5 25.38 -2.00 8.61
CA GLY A 5 24.13 -1.55 7.93
C GLY A 5 23.45 -2.75 7.27
N SER A 6 22.15 -2.70 7.13
CA SER A 6 21.43 -3.84 6.50
C SER A 6 21.47 -3.71 4.97
N VAL A 7 21.52 -4.82 4.28
CA VAL A 7 21.54 -4.77 2.79
C VAL A 7 20.24 -5.35 2.23
N THR A 8 19.37 -4.51 1.78
CA THR A 8 18.07 -5.02 1.22
C THR A 8 18.25 -5.52 -0.20
N VAL A 9 17.52 -6.53 -0.57
CA VAL A 9 17.63 -7.06 -1.97
C VAL A 9 16.93 -6.12 -2.93
N PRO A 10 17.44 -6.06 -4.13
CA PRO A 10 16.87 -5.18 -5.18
C PRO A 10 15.51 -5.67 -5.69
N HIS A 11 15.39 -6.95 -5.93
CA HIS A 11 14.12 -7.52 -6.48
C HIS A 11 13.55 -6.61 -7.57
N PRO A 12 14.03 -6.80 -8.77
CA PRO A 12 13.56 -5.97 -9.92
C PRO A 12 12.11 -6.31 -10.25
N ASN A 13 11.65 -5.97 -11.43
CA ASN A 13 10.23 -6.24 -11.86
C ASN A 13 9.28 -5.21 -11.24
N ILE A 14 9.51 -4.77 -10.03
CA ILE A 14 8.60 -3.76 -9.43
C ILE A 14 9.16 -2.35 -9.63
N GLU A 15 8.39 -1.47 -10.21
CA GLU A 15 8.88 -0.09 -10.43
C GLU A 15 8.60 0.76 -9.18
N GLU A 16 9.60 1.41 -8.66
CA GLU A 16 9.38 2.24 -7.45
C GLU A 16 8.99 3.67 -7.84
N VAL A 17 7.97 4.20 -7.24
CA VAL A 17 7.53 5.58 -7.60
C VAL A 17 7.57 6.49 -6.37
N ALA A 18 7.81 7.76 -6.57
CA ALA A 18 7.84 8.70 -5.42
C ALA A 18 6.49 9.41 -5.29
N LEU A 19 5.73 9.08 -4.28
CA LEU A 19 4.40 9.75 -4.12
C LEU A 19 4.57 11.26 -4.12
N SER A 20 3.66 11.97 -4.73
CA SER A 20 3.78 13.45 -4.77
C SER A 20 2.43 14.10 -4.48
N THR A 21 2.37 15.41 -4.51
CA THR A 21 1.08 16.11 -4.24
C THR A 21 0.20 16.08 -5.49
N THR A 22 -0.32 14.93 -5.83
CA THR A 22 -1.18 14.83 -7.05
C THR A 22 -2.28 13.80 -6.82
N GLY A 23 -3.52 14.21 -6.76
CA GLY A 23 -4.59 13.21 -6.57
C GLY A 23 -5.75 13.79 -5.75
N GLU A 24 -6.62 12.94 -5.31
CA GLU A 24 -7.79 13.40 -4.50
C GLU A 24 -7.70 12.86 -3.08
N ILE A 25 -6.97 11.79 -2.87
CA ILE A 25 -6.88 11.25 -1.49
C ILE A 25 -5.60 11.75 -0.80
N PRO A 26 -5.77 12.65 0.13
CA PRO A 26 -4.60 13.21 0.86
C PRO A 26 -3.89 12.14 1.68
N PHE A 27 -2.66 11.87 1.35
CA PHE A 27 -1.88 10.83 2.08
C PHE A 27 -0.86 11.47 3.03
N TYR A 28 0.01 10.68 3.60
CA TYR A 28 1.04 11.21 4.54
C TYR A 28 1.91 12.29 3.88
N GLY A 29 1.44 13.50 3.83
CA GLY A 29 2.25 14.60 3.22
C GLY A 29 2.23 14.48 1.68
N LYS A 30 1.59 13.49 1.14
CA LYS A 30 1.54 13.34 -0.33
C LYS A 30 0.09 13.13 -0.78
N ALA A 31 -0.22 13.44 -2.01
CA ALA A 31 -1.62 13.25 -2.48
C ALA A 31 -1.69 12.05 -3.40
N ILE A 32 -2.24 10.96 -2.94
CA ILE A 32 -2.31 9.75 -3.79
C ILE A 32 -3.28 9.97 -4.96
N PRO A 33 -2.74 9.99 -6.15
CA PRO A 33 -3.59 10.11 -7.35
C PRO A 33 -4.37 8.80 -7.47
N LEU A 34 -5.67 8.86 -7.58
CA LEU A 34 -6.45 7.60 -7.65
C LEU A 34 -5.95 6.72 -8.79
N GLU A 35 -5.23 7.26 -9.73
CA GLU A 35 -4.73 6.43 -10.86
C GLU A 35 -3.83 5.30 -10.32
N VAL A 36 -3.37 5.40 -9.10
CA VAL A 36 -2.47 4.34 -8.55
C VAL A 36 -3.29 3.26 -7.81
N ILE A 37 -4.45 3.60 -7.32
CA ILE A 37 -5.26 2.58 -6.59
C ILE A 37 -6.61 2.36 -7.31
N LYS A 38 -7.05 3.35 -8.04
CA LYS A 38 -8.34 3.21 -8.77
C LYS A 38 -8.11 2.67 -10.18
N GLY A 39 -9.05 1.92 -10.69
CA GLY A 39 -8.89 1.36 -12.05
C GLY A 39 -8.44 -0.10 -11.94
N GLY A 40 -8.19 -0.58 -10.75
CA GLY A 40 -7.75 -2.00 -10.62
C GLY A 40 -7.61 -2.38 -9.15
N ARG A 41 -6.73 -3.30 -8.85
CA ARG A 41 -6.53 -3.72 -7.44
C ARG A 41 -5.18 -3.23 -6.93
N HIS A 42 -5.15 -2.65 -5.76
CA HIS A 42 -3.84 -2.15 -5.22
C HIS A 42 -3.75 -2.40 -3.72
N LEU A 43 -2.55 -2.53 -3.21
CA LEU A 43 -2.37 -2.77 -1.75
C LEU A 43 -1.71 -1.55 -1.10
N ILE A 44 -2.41 -0.87 -0.25
CA ILE A 44 -1.81 0.31 0.41
C ILE A 44 -1.30 -0.08 1.80
N PHE A 45 -0.08 0.25 2.09
CA PHE A 45 0.49 -0.11 3.43
C PHE A 45 0.32 1.08 4.39
N CYS A 46 -0.31 0.86 5.50
CA CYS A 46 -0.50 1.97 6.47
C CYS A 46 0.21 1.69 7.78
N HIS A 47 0.50 2.71 8.55
CA HIS A 47 1.17 2.50 9.85
C HIS A 47 0.20 2.80 11.01
N SER A 48 -1.04 3.08 10.71
CA SER A 48 -2.02 3.37 11.79
C SER A 48 -3.35 2.68 11.51
N LYS A 49 -3.94 2.10 12.52
CA LYS A 49 -5.24 1.41 12.33
C LYS A 49 -6.36 2.42 12.12
N LYS A 50 -6.36 3.49 12.88
CA LYS A 50 -7.42 4.52 12.71
C LYS A 50 -7.39 5.10 11.30
N LYS A 51 -6.23 5.30 10.75
CA LYS A 51 -6.13 5.86 9.37
C LYS A 51 -6.63 4.82 8.37
N CYS A 52 -6.39 3.57 8.64
CA CYS A 52 -6.86 2.50 7.72
C CYS A 52 -8.39 2.54 7.64
N ASP A 53 -9.03 2.89 8.72
CA ASP A 53 -10.53 2.94 8.70
C ASP A 53 -11.00 4.08 7.80
N GLU A 54 -10.46 5.26 7.97
CA GLU A 54 -10.89 6.41 7.12
C GLU A 54 -10.35 6.24 5.70
N LEU A 55 -9.11 5.86 5.58
CA LEU A 55 -8.50 5.68 4.22
C LEU A 55 -9.30 4.66 3.40
N ALA A 56 -9.73 3.59 3.99
CA ALA A 56 -10.50 2.58 3.22
C ALA A 56 -11.93 3.08 2.97
N ALA A 57 -12.62 3.51 4.00
CA ALA A 57 -14.01 4.01 3.81
C ALA A 57 -13.99 5.23 2.87
N LYS A 58 -13.03 6.09 3.03
CA LYS A 58 -12.95 7.29 2.15
C LYS A 58 -12.87 6.84 0.69
N LEU A 59 -12.05 5.86 0.41
CA LEU A 59 -11.92 5.37 -0.98
C LEU A 59 -13.29 4.98 -1.53
N VAL A 60 -14.09 4.31 -0.74
CA VAL A 60 -15.45 3.93 -1.22
C VAL A 60 -16.19 5.20 -1.66
N ALA A 61 -15.92 6.31 -1.02
CA ALA A 61 -16.58 7.59 -1.40
C ALA A 61 -15.96 8.13 -2.69
N LEU A 62 -14.70 7.86 -2.91
CA LEU A 62 -14.01 8.32 -4.14
C LEU A 62 -14.52 7.53 -5.34
N GLY A 63 -14.98 6.33 -5.08
CA GLY A 63 -15.48 5.46 -6.19
C GLY A 63 -14.62 4.18 -6.25
N ILE A 64 -13.76 3.99 -5.29
CA ILE A 64 -12.89 2.79 -5.27
C ILE A 64 -13.32 1.84 -4.15
N ASN A 65 -13.26 0.56 -4.38
CA ASN A 65 -13.63 -0.39 -3.29
C ASN A 65 -12.37 -0.58 -2.44
N ALA A 66 -12.36 -0.02 -1.27
CA ALA A 66 -11.13 -0.15 -0.44
C ALA A 66 -11.44 -0.81 0.91
N VAL A 67 -10.51 -1.59 1.40
CA VAL A 67 -10.73 -2.25 2.72
C VAL A 67 -9.50 -2.03 3.60
N ALA A 68 -9.70 -1.85 4.87
CA ALA A 68 -8.53 -1.66 5.76
C ALA A 68 -8.33 -2.88 6.65
N TYR A 69 -7.22 -3.54 6.54
CA TYR A 69 -6.97 -4.75 7.38
C TYR A 69 -5.82 -4.50 8.35
N TYR A 70 -6.02 -4.89 9.59
CA TYR A 70 -4.95 -4.70 10.63
C TYR A 70 -5.30 -5.51 11.88
N ARG A 71 -4.54 -5.35 12.92
CA ARG A 71 -4.81 -6.12 14.18
C ARG A 71 -6.23 -5.84 14.68
N GLY A 72 -7.01 -6.87 14.91
CA GLY A 72 -8.39 -6.67 15.42
C GLY A 72 -9.31 -6.22 14.28
N LEU A 73 -9.08 -6.73 13.09
CA LEU A 73 -9.95 -6.33 11.95
C LEU A 73 -10.70 -7.55 11.41
N ASP A 74 -11.82 -7.33 10.77
CA ASP A 74 -12.61 -8.48 10.22
C ASP A 74 -12.29 -8.70 8.75
N VAL A 75 -12.36 -9.92 8.29
CA VAL A 75 -12.07 -10.16 6.86
C VAL A 75 -13.09 -9.41 6.01
N SER A 76 -12.65 -8.39 5.33
CA SER A 76 -13.59 -7.58 4.49
C SER A 76 -13.01 -7.34 3.08
N VAL A 77 -11.74 -7.55 2.90
CA VAL A 77 -11.15 -7.32 1.56
C VAL A 77 -11.68 -8.36 0.57
N ILE A 78 -12.01 -7.95 -0.62
CA ILE A 78 -12.55 -8.92 -1.62
C ILE A 78 -11.93 -8.68 -3.00
N PRO A 79 -10.93 -9.46 -3.33
CA PRO A 79 -10.28 -9.34 -4.65
C PRO A 79 -11.09 -10.06 -5.73
N THR A 80 -12.36 -9.79 -5.83
CA THR A 80 -13.19 -10.48 -6.86
C THR A 80 -14.23 -9.53 -7.47
N ASN A 81 -14.14 -8.25 -7.17
CA ASN A 81 -15.12 -7.29 -7.74
C ASN A 81 -14.44 -6.41 -8.79
N GLY A 82 -15.07 -5.33 -9.18
CA GLY A 82 -14.44 -4.44 -10.19
C GLY A 82 -13.03 -4.07 -9.76
N ASP A 83 -12.86 -2.99 -9.06
CA ASP A 83 -11.50 -2.61 -8.59
C ASP A 83 -11.49 -2.44 -7.08
N VAL A 84 -10.77 -3.29 -6.42
CA VAL A 84 -10.69 -3.24 -4.94
C VAL A 84 -9.27 -2.92 -4.50
N VAL A 85 -9.14 -1.98 -3.63
CA VAL A 85 -7.79 -1.61 -3.13
C VAL A 85 -7.68 -1.98 -1.66
N VAL A 86 -6.72 -2.79 -1.31
CA VAL A 86 -6.60 -3.21 0.11
C VAL A 86 -5.57 -2.35 0.84
N VAL A 87 -5.98 -1.63 1.85
CA VAL A 87 -5.01 -0.78 2.58
C VAL A 87 -4.80 -1.36 3.97
N ALA A 88 -3.73 -2.08 4.18
CA ALA A 88 -3.50 -2.70 5.51
C ALA A 88 -2.02 -2.64 5.89
N THR A 89 -1.73 -2.82 7.14
CA THR A 89 -0.31 -2.79 7.60
C THR A 89 0.28 -4.21 7.53
N ASP A 90 1.05 -4.61 8.51
CA ASP A 90 1.64 -5.98 8.46
C ASP A 90 0.65 -6.98 9.07
N ALA A 91 -0.59 -6.94 8.66
CA ALA A 91 -1.59 -7.89 9.21
C ALA A 91 -2.21 -8.74 8.10
N LEU A 92 -2.10 -8.31 6.87
CA LEU A 92 -2.67 -9.11 5.75
C LEU A 92 -1.97 -10.47 5.68
N MET A 93 -0.77 -10.55 6.19
CA MET A 93 -0.03 -11.84 6.16
C MET A 93 -0.04 -12.45 4.76
N THR A 94 0.06 -11.61 3.75
CA THR A 94 0.10 -12.08 2.33
C THR A 94 -0.74 -13.35 2.10
N GLY A 95 -1.90 -13.41 2.68
CA GLY A 95 -2.76 -14.61 2.48
C GLY A 95 -3.22 -14.66 1.02
N PHE A 96 -3.53 -13.52 0.46
CA PHE A 96 -3.99 -13.50 -0.95
C PHE A 96 -3.31 -12.35 -1.72
N THR A 97 -2.30 -11.75 -1.17
CA THR A 97 -1.61 -10.63 -1.88
C THR A 97 -0.89 -11.14 -3.13
N GLY A 98 0.07 -10.41 -3.61
CA GLY A 98 0.83 -10.85 -4.81
C GLY A 98 0.17 -10.33 -6.09
N ASP A 99 -1.11 -10.54 -6.23
CA ASP A 99 -1.79 -10.05 -7.47
C ASP A 99 -2.19 -8.58 -7.33
N PHE A 100 -1.25 -7.71 -7.13
CA PHE A 100 -1.59 -6.26 -7.03
C PHE A 100 -0.89 -5.48 -8.13
N ASP A 101 -1.53 -4.46 -8.63
CA ASP A 101 -0.89 -3.65 -9.69
C ASP A 101 0.19 -2.77 -9.08
N SER A 102 0.00 -2.32 -7.87
CA SER A 102 1.02 -1.46 -7.21
C SER A 102 0.81 -1.40 -5.70
N VAL A 103 1.80 -0.96 -4.96
CA VAL A 103 1.65 -0.86 -3.48
C VAL A 103 2.03 0.55 -3.01
N ILE A 104 1.09 1.27 -2.46
CA ILE A 104 1.39 2.65 -1.97
C ILE A 104 1.76 2.58 -0.48
N ASP A 105 2.96 2.97 -0.14
CA ASP A 105 3.38 2.90 1.29
C ASP A 105 3.90 4.25 1.79
N CYS A 106 3.94 4.41 3.08
CA CYS A 106 4.46 5.67 3.67
C CYS A 106 5.90 5.43 4.17
N ASN A 107 6.45 4.28 3.90
CA ASN A 107 7.84 3.99 4.36
C ASN A 107 8.00 4.33 5.86
N THR A 108 6.98 4.15 6.64
CA THR A 108 7.09 4.46 8.09
C THR A 108 6.21 3.52 8.92
N SER A 109 6.77 2.93 9.95
CA SER A 109 5.96 2.02 10.81
C SER A 109 5.82 2.60 12.20
N ASP A 110 4.61 2.70 12.70
CA ASP A 110 4.40 3.27 14.07
C ASP A 110 5.04 4.67 14.17
N GLY A 111 5.12 5.38 13.08
CA GLY A 111 5.72 6.73 13.12
C GLY A 111 7.21 6.66 12.73
N LYS A 112 7.87 5.61 13.13
CA LYS A 112 9.32 5.47 12.79
C LYS A 112 9.47 5.04 11.32
N PRO A 113 10.61 5.32 10.76
CA PRO A 113 10.86 4.94 9.34
C PRO A 113 10.87 3.42 9.20
N GLN A 114 10.29 2.92 8.15
CA GLN A 114 10.25 1.43 7.96
C GLN A 114 11.64 0.82 8.13
N ASP A 115 11.70 -0.41 8.57
CA ASP A 115 13.03 -1.06 8.76
C ASP A 115 13.54 -1.58 7.41
N ALA A 116 14.81 -1.84 7.31
CA ALA A 116 15.39 -2.33 6.02
C ALA A 116 14.53 -3.42 5.38
N VAL A 117 14.29 -4.50 6.09
CA VAL A 117 13.48 -5.61 5.50
C VAL A 117 12.03 -5.18 5.25
N SER A 118 11.51 -4.25 6.02
CA SER A 118 10.09 -3.82 5.83
C SER A 118 9.80 -3.57 4.34
N ARG A 119 10.55 -2.71 3.72
CA ARG A 119 10.32 -2.45 2.27
C ARG A 119 10.70 -3.70 1.48
N THR A 120 11.73 -4.39 1.90
CA THR A 120 12.13 -5.62 1.17
C THR A 120 10.95 -6.59 1.20
N GLN A 121 10.39 -6.82 2.35
CA GLN A 121 9.22 -7.74 2.44
C GLN A 121 7.98 -7.05 1.87
N ARG A 122 7.85 -5.76 2.06
CA ARG A 122 6.65 -5.05 1.52
C ARG A 122 6.72 -4.94 0.00
N ARG A 123 7.85 -4.59 -0.54
CA ARG A 123 7.94 -4.47 -2.03
C ARG A 123 7.50 -5.79 -2.68
N GLY A 124 7.86 -6.90 -2.08
CA GLY A 124 7.47 -8.22 -2.66
C GLY A 124 5.95 -8.38 -2.59
N ARG A 125 5.24 -7.73 -3.48
CA ARG A 125 3.76 -7.83 -3.50
C ARG A 125 3.26 -7.57 -4.92
N THR A 126 3.73 -6.51 -5.51
CA THR A 126 3.34 -6.20 -6.91
C THR A 126 4.37 -6.81 -7.86
N GLY A 127 3.96 -7.30 -8.99
CA GLY A 127 4.95 -7.90 -9.93
C GLY A 127 4.66 -9.38 -10.14
N ARG A 128 3.49 -9.83 -9.79
CA ARG A 128 3.17 -11.28 -9.98
C ARG A 128 2.49 -11.48 -11.34
N GLY A 129 3.26 -11.59 -12.39
CA GLY A 129 2.67 -11.77 -13.74
C GLY A 129 3.16 -10.64 -14.65
N LYS A 130 3.48 -9.52 -14.07
CA LYS A 130 3.97 -8.37 -14.87
C LYS A 130 4.84 -7.48 -13.96
N PRO A 131 5.14 -6.29 -14.40
CA PRO A 131 5.97 -5.38 -13.57
C PRO A 131 5.10 -4.66 -12.51
N GLY A 132 5.34 -4.93 -11.25
CA GLY A 132 4.53 -4.26 -10.20
C GLY A 132 5.05 -2.84 -9.97
N ILE A 133 4.36 -2.05 -9.20
CA ILE A 133 4.81 -0.66 -8.93
C ILE A 133 4.74 -0.38 -7.42
N TYR A 134 5.67 0.34 -6.90
CA TYR A 134 5.64 0.64 -5.44
C TYR A 134 5.79 2.15 -5.21
N ARG A 135 4.78 2.78 -4.68
CA ARG A 135 4.88 4.24 -4.42
C ARG A 135 5.16 4.46 -2.93
N PHE A 136 6.23 5.13 -2.61
CA PHE A 136 6.54 5.36 -1.16
C PHE A 136 6.53 6.86 -0.85
N VAL A 137 6.18 7.23 0.35
CA VAL A 137 6.16 8.68 0.72
C VAL A 137 7.57 9.19 0.98
N ALA A 138 8.23 8.63 1.95
CA ALA A 138 9.62 9.09 2.27
C ALA A 138 10.63 7.95 2.03
N PRO A 139 11.89 8.30 2.09
CA PRO A 139 12.95 7.28 1.87
C PRO A 139 13.09 6.37 3.09
N GLY A 140 13.20 6.94 4.25
CA GLY A 140 13.33 6.12 5.48
C GLY A 140 14.73 6.29 6.08
N GLU A 141 14.91 7.29 6.90
CA GLU A 141 16.25 7.52 7.51
C GLU A 141 16.42 6.66 8.76
N ARG A 142 17.40 6.96 9.57
CA ARG A 142 17.62 6.16 10.81
C ARG A 142 16.33 6.10 11.64
N GLY A 5 23.68 -1.34 9.88
CA GLY A 5 24.29 -1.68 8.56
C GLY A 5 23.49 -2.79 7.87
N SER A 6 22.22 -2.57 7.66
CA SER A 6 21.39 -3.63 7.01
C SER A 6 21.39 -3.42 5.50
N VAL A 7 21.50 -4.47 4.74
CA VAL A 7 21.50 -4.34 3.26
C VAL A 7 20.24 -4.98 2.68
N THR A 8 19.30 -4.18 2.29
CA THR A 8 18.03 -4.73 1.71
C THR A 8 18.28 -5.26 0.30
N VAL A 9 17.78 -6.42 -0.01
CA VAL A 9 17.99 -6.98 -1.37
C VAL A 9 17.26 -6.10 -2.40
N PRO A 10 17.83 -6.01 -3.57
CA PRO A 10 17.20 -5.20 -4.64
C PRO A 10 15.97 -5.91 -5.20
N HIS A 11 15.47 -5.41 -6.30
CA HIS A 11 14.25 -6.02 -6.93
C HIS A 11 13.79 -5.15 -8.10
N PRO A 12 14.44 -5.32 -9.23
CA PRO A 12 14.11 -4.52 -10.42
C PRO A 12 12.75 -4.95 -11.02
N ASN A 13 12.16 -5.98 -10.50
CA ASN A 13 10.84 -6.43 -11.05
C ASN A 13 9.75 -5.42 -10.71
N ILE A 14 10.00 -4.53 -9.80
CA ILE A 14 8.97 -3.52 -9.43
C ILE A 14 9.46 -2.10 -9.71
N GLU A 15 8.63 -1.28 -10.29
CA GLU A 15 9.06 0.13 -10.58
C GLU A 15 8.85 0.99 -9.33
N GLU A 16 9.86 1.71 -8.93
CA GLU A 16 9.72 2.56 -7.72
C GLU A 16 9.19 3.95 -8.08
N VAL A 17 8.20 4.42 -7.38
CA VAL A 17 7.63 5.77 -7.69
C VAL A 17 7.70 6.67 -6.47
N ALA A 18 7.68 7.96 -6.67
CA ALA A 18 7.74 8.90 -5.51
C ALA A 18 6.37 9.53 -5.29
N LEU A 19 5.72 9.18 -4.21
CA LEU A 19 4.38 9.77 -3.94
C LEU A 19 4.51 11.28 -3.75
N SER A 20 3.64 12.04 -4.35
CA SER A 20 3.74 13.52 -4.21
C SER A 20 2.35 14.10 -3.92
N THR A 21 2.27 15.40 -3.75
CA THR A 21 0.93 16.02 -3.47
C THR A 21 0.11 16.08 -4.76
N THR A 22 -0.40 14.96 -5.19
CA THR A 22 -1.21 14.95 -6.44
C THR A 22 -2.36 13.94 -6.34
N GLY A 23 -3.56 14.40 -6.29
CA GLY A 23 -4.70 13.44 -6.19
C GLY A 23 -5.79 13.98 -5.28
N GLU A 24 -6.63 13.11 -4.78
CA GLU A 24 -7.73 13.57 -3.88
C GLU A 24 -7.60 12.91 -2.51
N ILE A 25 -6.97 11.76 -2.42
CA ILE A 25 -6.85 11.11 -1.10
C ILE A 25 -5.51 11.46 -0.44
N PRO A 26 -5.57 12.28 0.59
CA PRO A 26 -4.34 12.68 1.31
C PRO A 26 -3.69 11.46 1.97
N PHE A 27 -2.41 11.50 2.19
CA PHE A 27 -1.72 10.32 2.80
C PHE A 27 -0.30 10.68 3.25
N TYR A 28 -0.13 11.03 4.49
CA TYR A 28 1.22 11.39 5.03
C TYR A 28 1.80 12.59 4.29
N GLY A 29 1.19 13.73 4.42
CA GLY A 29 1.70 14.96 3.73
C GLY A 29 1.78 14.71 2.22
N LYS A 30 1.13 13.69 1.74
CA LYS A 30 1.17 13.40 0.28
C LYS A 30 -0.26 13.19 -0.23
N ALA A 31 -0.49 13.37 -1.50
CA ALA A 31 -1.87 13.17 -2.02
C ALA A 31 -1.90 12.00 -3.00
N ILE A 32 -2.45 10.89 -2.61
CA ILE A 32 -2.48 9.72 -3.52
C ILE A 32 -3.45 9.98 -4.69
N PRO A 33 -2.91 10.07 -5.87
CA PRO A 33 -3.78 10.23 -7.05
C PRO A 33 -4.53 8.91 -7.23
N LEU A 34 -5.83 8.94 -7.37
CA LEU A 34 -6.57 7.66 -7.49
C LEU A 34 -6.01 6.82 -8.64
N GLU A 35 -5.29 7.41 -9.55
CA GLU A 35 -4.73 6.62 -10.69
C GLU A 35 -3.82 5.49 -10.17
N VAL A 36 -3.40 5.56 -8.93
CA VAL A 36 -2.51 4.50 -8.39
C VAL A 36 -3.32 3.39 -7.71
N ILE A 37 -4.49 3.70 -7.24
CA ILE A 37 -5.31 2.66 -6.55
C ILE A 37 -6.62 2.39 -7.32
N LYS A 38 -7.05 3.34 -8.12
CA LYS A 38 -8.30 3.14 -8.91
C LYS A 38 -7.96 2.58 -10.29
N GLY A 39 -8.84 1.79 -10.85
CA GLY A 39 -8.56 1.20 -12.18
C GLY A 39 -8.18 -0.27 -12.02
N GLY A 40 -8.03 -0.75 -10.82
CA GLY A 40 -7.65 -2.18 -10.64
C GLY A 40 -7.53 -2.50 -9.15
N ARG A 41 -6.72 -3.47 -8.81
CA ARG A 41 -6.56 -3.84 -7.38
C ARG A 41 -5.21 -3.33 -6.85
N HIS A 42 -5.22 -2.68 -5.71
CA HIS A 42 -3.93 -2.16 -5.17
C HIS A 42 -3.83 -2.43 -3.65
N LEU A 43 -2.63 -2.53 -3.14
CA LEU A 43 -2.46 -2.78 -1.68
C LEU A 43 -1.79 -1.58 -1.02
N ILE A 44 -2.46 -0.95 -0.08
CA ILE A 44 -1.85 0.22 0.61
C ILE A 44 -1.40 -0.20 2.01
N PHE A 45 -0.18 0.08 2.34
CA PHE A 45 0.33 -0.30 3.69
C PHE A 45 0.21 0.90 4.64
N CYS A 46 -0.48 0.74 5.74
CA CYS A 46 -0.62 1.86 6.71
C CYS A 46 0.00 1.49 8.05
N HIS A 47 0.33 2.46 8.85
CA HIS A 47 0.92 2.17 10.19
C HIS A 47 -0.09 2.49 11.30
N SER A 48 -1.32 2.76 10.95
CA SER A 48 -2.34 3.09 11.99
C SER A 48 -3.67 2.39 11.70
N LYS A 49 -4.28 1.84 12.71
CA LYS A 49 -5.58 1.15 12.52
C LYS A 49 -6.70 2.17 12.25
N LYS A 50 -6.67 3.27 12.96
CA LYS A 50 -7.73 4.30 12.75
C LYS A 50 -7.64 4.88 11.34
N LYS A 51 -6.46 5.03 10.81
CA LYS A 51 -6.31 5.59 9.45
C LYS A 51 -6.81 4.57 8.42
N CYS A 52 -6.59 3.32 8.68
CA CYS A 52 -7.06 2.26 7.73
C CYS A 52 -8.58 2.32 7.63
N ASP A 53 -9.25 2.64 8.70
CA ASP A 53 -10.74 2.72 8.66
C ASP A 53 -11.18 3.87 7.75
N GLU A 54 -10.63 5.04 7.97
CA GLU A 54 -11.01 6.20 7.12
C GLU A 54 -10.44 6.05 5.71
N LEU A 55 -9.20 5.67 5.61
CA LEU A 55 -8.56 5.51 4.27
C LEU A 55 -9.36 4.52 3.41
N ALA A 56 -9.81 3.44 3.99
CA ALA A 56 -10.59 2.44 3.21
C ALA A 56 -12.02 2.95 2.97
N ALA A 57 -12.70 3.37 4.01
CA ALA A 57 -14.08 3.88 3.83
C ALA A 57 -14.06 5.12 2.92
N LYS A 58 -13.11 5.98 3.13
CA LYS A 58 -13.03 7.20 2.27
C LYS A 58 -12.93 6.79 0.80
N LEU A 59 -12.12 5.82 0.50
CA LEU A 59 -11.97 5.37 -0.91
C LEU A 59 -13.35 5.00 -1.47
N VAL A 60 -14.15 4.33 -0.69
CA VAL A 60 -15.51 3.96 -1.19
C VAL A 60 -16.25 5.24 -1.63
N ALA A 61 -15.98 6.33 -0.95
CA ALA A 61 -16.63 7.63 -1.32
C ALA A 61 -15.98 8.21 -2.58
N LEU A 62 -14.71 7.97 -2.77
CA LEU A 62 -14.01 8.50 -3.97
C LEU A 62 -14.46 7.74 -5.21
N GLY A 63 -14.89 6.53 -5.02
CA GLY A 63 -15.35 5.70 -6.18
C GLY A 63 -14.55 4.39 -6.22
N ILE A 64 -13.68 4.17 -5.26
CA ILE A 64 -12.87 2.93 -5.25
C ILE A 64 -13.34 2.00 -4.14
N ASN A 65 -13.31 0.70 -4.36
CA ASN A 65 -13.74 -0.21 -3.28
C ASN A 65 -12.51 -0.48 -2.42
N ALA A 66 -12.48 0.07 -1.24
CA ALA A 66 -11.27 -0.11 -0.40
C ALA A 66 -11.61 -0.77 0.93
N VAL A 67 -10.71 -1.55 1.44
CA VAL A 67 -10.96 -2.22 2.75
C VAL A 67 -9.73 -2.11 3.63
N ALA A 68 -9.89 -2.04 4.92
CA ALA A 68 -8.72 -1.95 5.81
C ALA A 68 -8.56 -3.24 6.62
N TYR A 69 -7.41 -3.84 6.58
CA TYR A 69 -7.20 -5.11 7.33
C TYR A 69 -6.11 -4.93 8.40
N TYR A 70 -6.43 -5.24 9.63
CA TYR A 70 -5.42 -5.09 10.72
C TYR A 70 -5.80 -6.00 11.90
N ARG A 71 -5.08 -5.91 12.98
CA ARG A 71 -5.36 -6.77 14.16
C ARG A 71 -6.84 -6.66 14.59
N GLY A 72 -7.52 -7.77 14.64
CA GLY A 72 -8.96 -7.74 15.06
C GLY A 72 -9.82 -7.12 13.96
N LEU A 73 -9.65 -7.54 12.74
CA LEU A 73 -10.48 -6.96 11.63
C LEU A 73 -11.34 -8.06 11.01
N ASP A 74 -12.44 -7.70 10.39
CA ASP A 74 -13.33 -8.73 9.77
C ASP A 74 -12.97 -8.94 8.31
N VAL A 75 -13.15 -10.13 7.81
CA VAL A 75 -12.83 -10.38 6.39
C VAL A 75 -13.73 -9.51 5.50
N SER A 76 -13.17 -8.53 4.85
CA SER A 76 -13.99 -7.65 3.97
C SER A 76 -13.32 -7.42 2.62
N VAL A 77 -12.02 -7.34 2.59
CA VAL A 77 -11.31 -7.12 1.30
C VAL A 77 -11.79 -8.14 0.26
N ILE A 78 -12.06 -7.70 -0.94
CA ILE A 78 -12.53 -8.65 -2.00
C ILE A 78 -11.81 -8.39 -3.32
N PRO A 79 -10.76 -9.14 -3.56
CA PRO A 79 -9.99 -8.98 -4.82
C PRO A 79 -10.65 -9.74 -5.97
N THR A 80 -11.92 -9.49 -6.21
CA THR A 80 -12.61 -10.21 -7.32
C THR A 80 -13.73 -9.34 -7.91
N ASN A 81 -13.71 -8.06 -7.65
CA ASN A 81 -14.78 -7.18 -8.19
C ASN A 81 -14.18 -6.22 -9.23
N GLY A 82 -14.91 -5.20 -9.60
CA GLY A 82 -14.39 -4.23 -10.61
C GLY A 82 -13.00 -3.74 -10.19
N ASP A 83 -12.93 -3.02 -9.10
CA ASP A 83 -11.60 -2.53 -8.63
C ASP A 83 -11.61 -2.35 -7.12
N VAL A 84 -10.87 -3.18 -6.45
CA VAL A 84 -10.81 -3.09 -4.97
C VAL A 84 -9.39 -2.78 -4.52
N VAL A 85 -9.25 -1.86 -3.64
CA VAL A 85 -7.90 -1.50 -3.13
C VAL A 85 -7.80 -1.93 -1.67
N VAL A 86 -6.83 -2.73 -1.35
CA VAL A 86 -6.70 -3.20 0.06
C VAL A 86 -5.70 -2.35 0.83
N VAL A 87 -6.11 -1.73 1.90
CA VAL A 87 -5.15 -0.90 2.67
C VAL A 87 -4.99 -1.51 4.07
N ALA A 88 -3.94 -2.24 4.29
CA ALA A 88 -3.77 -2.89 5.61
C ALA A 88 -2.32 -2.79 6.10
N THR A 89 -2.12 -2.99 7.38
CA THR A 89 -0.75 -2.91 7.95
C THR A 89 -0.05 -4.28 7.84
N ASP A 90 0.55 -4.77 8.89
CA ASP A 90 1.23 -6.10 8.81
C ASP A 90 0.27 -7.22 9.22
N ALA A 91 -1.00 -7.06 8.95
CA ALA A 91 -1.98 -8.12 9.32
C ALA A 91 -2.35 -8.94 8.09
N LEU A 92 -2.38 -8.32 6.94
CA LEU A 92 -2.74 -9.06 5.70
C LEU A 92 -1.53 -9.91 5.26
N MET A 93 -0.36 -9.31 5.27
CA MET A 93 0.87 -10.06 4.87
C MET A 93 0.69 -10.69 3.50
N THR A 94 -0.24 -10.21 2.71
CA THR A 94 -0.44 -10.78 1.35
C THR A 94 -0.52 -12.31 1.42
N GLY A 95 -1.04 -12.85 2.50
CA GLY A 95 -1.14 -14.33 2.62
C GLY A 95 -1.86 -14.91 1.40
N PHE A 96 -3.12 -14.61 1.25
CA PHE A 96 -3.86 -15.12 0.06
C PHE A 96 -3.90 -14.04 -1.01
N THR A 97 -2.86 -13.27 -1.09
CA THR A 97 -2.81 -12.18 -2.11
C THR A 97 -1.49 -12.22 -2.87
N GLY A 98 -1.03 -11.09 -3.35
CA GLY A 98 0.25 -11.07 -4.11
C GLY A 98 0.03 -10.45 -5.49
N ASP A 99 -1.10 -10.69 -6.09
CA ASP A 99 -1.35 -10.12 -7.44
C ASP A 99 -1.90 -8.70 -7.34
N PHE A 100 -1.04 -7.73 -7.13
CA PHE A 100 -1.52 -6.31 -7.04
C PHE A 100 -0.87 -5.49 -8.14
N ASP A 101 -1.55 -4.50 -8.63
CA ASP A 101 -0.97 -3.64 -9.69
C ASP A 101 0.07 -2.70 -9.06
N SER A 102 -0.14 -2.30 -7.84
CA SER A 102 0.84 -1.38 -7.19
C SER A 102 0.67 -1.37 -5.66
N VAL A 103 1.64 -0.88 -4.96
CA VAL A 103 1.53 -0.82 -3.46
C VAL A 103 1.93 0.58 -2.96
N ILE A 104 0.99 1.30 -2.41
CA ILE A 104 1.31 2.66 -1.87
C ILE A 104 1.66 2.54 -0.39
N ASP A 105 2.86 2.89 -0.01
CA ASP A 105 3.26 2.76 1.43
C ASP A 105 3.62 4.09 2.04
N CYS A 106 3.61 4.14 3.34
CA CYS A 106 4.00 5.40 4.06
C CYS A 106 5.51 5.33 4.38
N ASN A 107 6.12 4.17 4.21
CA ASN A 107 7.58 4.02 4.49
C ASN A 107 7.96 4.46 5.91
N THR A 108 7.02 4.67 6.79
CA THR A 108 7.37 5.09 8.16
C THR A 108 6.34 4.51 9.15
N SER A 109 6.79 3.76 10.11
CA SER A 109 5.86 3.18 11.11
C SER A 109 5.92 3.96 12.42
N ASP A 110 4.80 4.32 12.96
CA ASP A 110 4.78 5.08 14.25
C ASP A 110 5.62 6.36 14.14
N GLY A 111 5.70 6.94 12.98
CA GLY A 111 6.49 8.20 12.82
C GLY A 111 7.91 7.87 12.38
N LYS A 112 8.43 6.73 12.75
CA LYS A 112 9.81 6.36 12.34
C LYS A 112 9.79 5.72 10.95
N PRO A 113 10.90 5.81 10.26
CA PRO A 113 11.00 5.22 8.90
C PRO A 113 10.91 3.70 8.98
N GLN A 114 10.21 3.09 8.07
CA GLN A 114 10.06 1.60 8.09
C GLN A 114 11.43 0.92 8.27
N ASP A 115 11.44 -0.33 8.62
CA ASP A 115 12.73 -1.04 8.80
C ASP A 115 13.19 -1.65 7.47
N ALA A 116 14.46 -1.96 7.35
CA ALA A 116 14.99 -2.52 6.08
C ALA A 116 14.08 -3.61 5.49
N VAL A 117 13.69 -4.58 6.26
CA VAL A 117 12.82 -5.66 5.70
C VAL A 117 11.41 -5.16 5.40
N SER A 118 10.94 -4.18 6.14
CA SER A 118 9.55 -3.66 5.89
C SER A 118 9.33 -3.41 4.40
N ARG A 119 10.16 -2.62 3.78
CA ARG A 119 10.01 -2.36 2.33
C ARG A 119 10.37 -3.65 1.58
N THR A 120 11.32 -4.39 2.08
CA THR A 120 11.69 -5.65 1.39
C THR A 120 10.46 -6.55 1.33
N GLN A 121 9.80 -6.74 2.45
CA GLN A 121 8.58 -7.57 2.45
C GLN A 121 7.42 -6.81 1.80
N ARG A 122 7.32 -5.52 2.06
CA ARG A 122 6.21 -4.74 1.44
C ARG A 122 6.39 -4.64 -0.08
N ARG A 123 7.59 -4.38 -0.53
CA ARG A 123 7.81 -4.28 -2.00
C ARG A 123 7.46 -5.61 -2.68
N GLY A 124 7.80 -6.71 -2.05
CA GLY A 124 7.49 -8.04 -2.67
C GLY A 124 5.98 -8.26 -2.66
N ARG A 125 5.26 -7.49 -3.42
CA ARG A 125 3.78 -7.64 -3.49
C ARG A 125 3.33 -7.37 -4.92
N THR A 126 3.81 -6.32 -5.51
CA THR A 126 3.44 -6.01 -6.92
C THR A 126 4.51 -6.59 -7.85
N GLY A 127 4.11 -7.11 -8.98
CA GLY A 127 5.11 -7.68 -9.92
C GLY A 127 4.97 -9.19 -10.00
N ARG A 128 3.93 -9.75 -9.46
CA ARG A 128 3.77 -11.24 -9.53
C ARG A 128 3.47 -11.65 -10.98
N GLY A 129 4.49 -11.86 -11.76
CA GLY A 129 4.27 -12.26 -13.18
C GLY A 129 4.22 -10.99 -14.05
N LYS A 130 4.80 -9.92 -13.57
CA LYS A 130 4.79 -8.64 -14.33
C LYS A 130 5.60 -7.60 -13.55
N PRO A 131 5.68 -6.39 -14.07
CA PRO A 131 6.42 -5.33 -13.38
C PRO A 131 5.49 -4.57 -12.41
N GLY A 132 5.61 -4.82 -11.14
CA GLY A 132 4.71 -4.12 -10.17
C GLY A 132 5.19 -2.69 -9.92
N ILE A 133 4.31 -1.83 -9.49
CA ILE A 133 4.71 -0.43 -9.21
C ILE A 133 4.64 -0.18 -7.70
N TYR A 134 5.55 0.57 -7.16
CA TYR A 134 5.52 0.83 -5.70
C TYR A 134 5.69 2.33 -5.41
N ARG A 135 4.71 2.92 -4.78
CA ARG A 135 4.81 4.37 -4.45
C ARG A 135 5.17 4.53 -2.97
N PHE A 136 6.23 5.21 -2.68
CA PHE A 136 6.63 5.39 -1.25
C PHE A 136 6.60 6.88 -0.87
N VAL A 137 6.45 7.17 0.39
CA VAL A 137 6.42 8.61 0.82
C VAL A 137 7.81 9.04 1.28
N ALA A 138 8.62 8.11 1.69
CA ALA A 138 10.00 8.47 2.16
C ALA A 138 10.97 7.33 1.84
N PRO A 139 12.03 7.65 1.12
CA PRO A 139 13.04 6.62 0.76
C PRO A 139 13.93 6.30 1.97
N GLY A 140 14.47 7.31 2.60
CA GLY A 140 15.35 7.05 3.78
C GLY A 140 16.63 6.33 3.33
N GLU A 141 17.75 6.99 3.41
CA GLU A 141 19.03 6.34 2.99
C GLU A 141 19.79 5.83 4.21
N ARG A 142 19.47 4.65 4.68
CA ARG A 142 20.18 4.11 5.87
C ARG A 142 20.06 2.58 5.90
N GLY A 5 24.40 -3.36 10.79
CA GLY A 5 24.20 -2.78 9.43
C GLY A 5 22.92 -3.33 8.81
N SER A 6 22.00 -2.47 8.45
CA SER A 6 20.73 -2.97 7.84
C SER A 6 20.91 -3.20 6.33
N VAL A 7 20.98 -4.44 5.93
CA VAL A 7 21.15 -4.73 4.48
C VAL A 7 19.90 -5.41 3.92
N THR A 8 19.10 -4.68 3.20
CA THR A 8 17.87 -5.28 2.62
C THR A 8 18.16 -5.90 1.26
N VAL A 9 17.65 -7.09 1.00
CA VAL A 9 17.90 -7.73 -0.31
C VAL A 9 17.20 -6.93 -1.42
N PRO A 10 17.82 -6.93 -2.57
CA PRO A 10 17.25 -6.22 -3.73
C PRO A 10 16.18 -7.07 -4.42
N HIS A 11 15.75 -6.64 -5.57
CA HIS A 11 14.72 -7.40 -6.36
C HIS A 11 14.24 -6.54 -7.52
N PRO A 12 15.02 -6.52 -8.57
CA PRO A 12 14.67 -5.72 -9.78
C PRO A 12 13.40 -6.25 -10.44
N ASN A 13 12.33 -5.51 -10.32
CA ASN A 13 11.03 -5.93 -10.94
C ASN A 13 9.96 -4.88 -10.63
N ILE A 14 10.05 -4.24 -9.50
CA ILE A 14 9.03 -3.20 -9.16
C ILE A 14 9.63 -1.81 -9.35
N GLU A 15 8.89 -0.92 -9.94
CA GLU A 15 9.40 0.47 -10.15
C GLU A 15 9.20 1.28 -8.87
N GLU A 16 10.22 1.93 -8.40
CA GLU A 16 10.08 2.72 -7.14
C GLU A 16 9.61 4.14 -7.46
N VAL A 17 8.54 4.55 -6.84
CA VAL A 17 7.99 5.91 -7.10
C VAL A 17 8.03 6.74 -5.81
N ALA A 18 8.07 8.04 -5.93
CA ALA A 18 8.09 8.89 -4.71
C ALA A 18 6.73 9.55 -4.50
N LEU A 19 5.99 9.07 -3.54
CA LEU A 19 4.64 9.68 -3.28
C LEU A 19 4.79 11.17 -3.01
N SER A 20 4.00 11.98 -3.65
CA SER A 20 4.10 13.45 -3.43
C SER A 20 2.72 14.08 -3.28
N THR A 21 2.64 15.38 -3.34
CA THR A 21 1.31 16.05 -3.20
C THR A 21 0.57 16.03 -4.54
N THR A 22 -0.10 14.97 -4.84
CA THR A 22 -0.84 14.89 -6.13
C THR A 22 -1.96 13.87 -6.05
N GLY A 23 -3.20 14.29 -6.06
CA GLY A 23 -4.30 13.32 -5.99
C GLY A 23 -5.48 13.87 -5.21
N GLU A 24 -6.37 13.01 -4.80
CA GLU A 24 -7.57 13.47 -4.04
C GLU A 24 -7.56 12.87 -2.63
N ILE A 25 -6.91 11.76 -2.44
CA ILE A 25 -6.91 11.16 -1.08
C ILE A 25 -5.67 11.62 -0.30
N PRO A 26 -5.88 12.56 0.60
CA PRO A 26 -4.77 13.10 1.41
C PRO A 26 -4.13 11.99 2.26
N PHE A 27 -2.87 11.73 2.02
CA PHE A 27 -2.16 10.66 2.77
C PHE A 27 -1.15 11.26 3.77
N TYR A 28 -0.31 10.43 4.33
CA TYR A 28 0.70 10.92 5.34
C TYR A 28 1.58 12.02 4.75
N GLY A 29 1.10 13.25 4.75
CA GLY A 29 1.93 14.38 4.21
C GLY A 29 1.98 14.33 2.68
N LYS A 30 1.37 13.35 2.07
CA LYS A 30 1.39 13.25 0.58
C LYS A 30 -0.03 13.06 0.07
N ALA A 31 -0.30 13.41 -1.16
CA ALA A 31 -1.67 13.22 -1.69
C ALA A 31 -1.68 12.03 -2.65
N ILE A 32 -2.23 10.92 -2.24
CA ILE A 32 -2.23 9.74 -3.13
C ILE A 32 -3.13 9.99 -4.36
N PRO A 33 -2.51 10.05 -5.51
CA PRO A 33 -3.30 10.20 -6.76
C PRO A 33 -4.05 8.88 -6.96
N LEU A 34 -5.34 8.94 -7.14
CA LEU A 34 -6.11 7.67 -7.28
C LEU A 34 -5.54 6.81 -8.42
N GLU A 35 -4.78 7.38 -9.31
CA GLU A 35 -4.21 6.57 -10.41
C GLU A 35 -3.34 5.43 -9.85
N VAL A 36 -2.95 5.52 -8.60
CA VAL A 36 -2.10 4.44 -8.01
C VAL A 36 -2.96 3.35 -7.36
N ILE A 37 -4.16 3.69 -6.95
CA ILE A 37 -5.02 2.66 -6.29
C ILE A 37 -6.30 2.43 -7.12
N LYS A 38 -6.64 3.35 -7.98
CA LYS A 38 -7.87 3.16 -8.82
C LYS A 38 -7.49 2.61 -10.19
N GLY A 39 -8.35 1.84 -10.77
CA GLY A 39 -8.06 1.26 -12.10
C GLY A 39 -7.75 -0.24 -11.95
N GLY A 40 -7.68 -0.73 -10.73
CA GLY A 40 -7.39 -2.18 -10.55
C GLY A 40 -7.31 -2.51 -9.06
N ARG A 41 -6.43 -3.39 -8.68
CA ARG A 41 -6.30 -3.76 -7.25
C ARG A 41 -4.97 -3.26 -6.68
N HIS A 42 -4.99 -2.66 -5.52
CA HIS A 42 -3.71 -2.16 -4.94
C HIS A 42 -3.65 -2.38 -3.43
N LEU A 43 -2.49 -2.55 -2.89
CA LEU A 43 -2.35 -2.78 -1.42
C LEU A 43 -1.72 -1.55 -0.76
N ILE A 44 -2.44 -0.88 0.09
CA ILE A 44 -1.86 0.32 0.76
C ILE A 44 -1.39 -0.06 2.16
N PHE A 45 -0.17 0.24 2.46
CA PHE A 45 0.37 -0.08 3.81
C PHE A 45 0.24 1.13 4.74
N CYS A 46 -0.40 0.95 5.88
CA CYS A 46 -0.55 2.11 6.82
C CYS A 46 0.16 1.82 8.13
N HIS A 47 0.50 2.84 8.87
CA HIS A 47 1.18 2.64 10.16
C HIS A 47 0.19 2.80 11.33
N SER A 48 -1.04 3.14 11.04
CA SER A 48 -2.04 3.30 12.13
C SER A 48 -3.34 2.57 11.78
N LYS A 49 -3.90 1.87 12.72
CA LYS A 49 -5.16 1.12 12.45
C LYS A 49 -6.34 2.08 12.27
N LYS A 50 -6.37 3.15 13.03
CA LYS A 50 -7.50 4.13 12.89
C LYS A 50 -7.53 4.71 11.48
N LYS A 51 -6.39 4.91 10.88
CA LYS A 51 -6.36 5.47 9.51
C LYS A 51 -6.84 4.40 8.52
N CYS A 52 -6.56 3.16 8.80
CA CYS A 52 -7.02 2.07 7.90
C CYS A 52 -8.54 2.10 7.81
N ASP A 53 -9.20 2.44 8.88
CA ASP A 53 -10.68 2.50 8.84
C ASP A 53 -11.15 3.64 7.93
N GLU A 54 -10.61 4.81 8.11
CA GLU A 54 -11.03 5.97 7.27
C GLU A 54 -10.50 5.82 5.83
N LEU A 55 -9.27 5.43 5.70
CA LEU A 55 -8.67 5.28 4.34
C LEU A 55 -9.48 4.30 3.48
N ALA A 56 -9.96 3.24 4.06
CA ALA A 56 -10.75 2.27 3.25
C ALA A 56 -12.15 2.81 2.97
N ALA A 57 -12.85 3.23 3.99
CA ALA A 57 -14.23 3.77 3.76
C ALA A 57 -14.15 5.01 2.87
N LYS A 58 -13.18 5.85 3.09
CA LYS A 58 -13.04 7.07 2.25
C LYS A 58 -12.92 6.67 0.79
N LEU A 59 -12.10 5.70 0.50
CA LEU A 59 -11.92 5.24 -0.91
C LEU A 59 -13.28 4.87 -1.51
N VAL A 60 -14.12 4.21 -0.75
CA VAL A 60 -15.46 3.85 -1.29
C VAL A 60 -16.17 5.12 -1.76
N ALA A 61 -15.94 6.22 -1.09
CA ALA A 61 -16.59 7.51 -1.50
C ALA A 61 -15.90 8.08 -2.75
N LEU A 62 -14.63 7.81 -2.90
CA LEU A 62 -13.89 8.31 -4.09
C LEU A 62 -14.34 7.55 -5.33
N GLY A 63 -14.81 6.36 -5.13
CA GLY A 63 -15.26 5.51 -6.27
C GLY A 63 -14.43 4.23 -6.31
N ILE A 64 -13.60 4.03 -5.32
CA ILE A 64 -12.73 2.81 -5.27
C ILE A 64 -13.22 1.87 -4.17
N ASN A 65 -13.16 0.57 -4.38
CA ASN A 65 -13.58 -0.34 -3.30
C ASN A 65 -12.37 -0.59 -2.43
N ALA A 66 -12.33 -0.03 -1.26
CA ALA A 66 -11.13 -0.21 -0.43
C ALA A 66 -11.44 -0.92 0.89
N VAL A 67 -10.51 -1.71 1.37
CA VAL A 67 -10.74 -2.43 2.66
C VAL A 67 -9.57 -2.20 3.59
N ALA A 68 -9.80 -2.21 4.87
CA ALA A 68 -8.67 -2.02 5.81
C ALA A 68 -8.45 -3.29 6.63
N TYR A 69 -7.27 -3.84 6.60
CA TYR A 69 -7.00 -5.08 7.36
C TYR A 69 -6.00 -4.84 8.49
N TYR A 70 -6.29 -5.35 9.66
CA TYR A 70 -5.35 -5.16 10.82
C TYR A 70 -5.80 -6.03 12.00
N ARG A 71 -5.08 -5.97 13.09
CA ARG A 71 -5.45 -6.81 14.27
C ARG A 71 -6.91 -6.61 14.66
N GLY A 72 -7.66 -7.68 14.75
CA GLY A 72 -9.10 -7.57 15.15
C GLY A 72 -9.90 -6.97 13.98
N LEU A 73 -9.70 -7.45 12.79
CA LEU A 73 -10.47 -6.91 11.63
C LEU A 73 -11.35 -8.02 11.02
N ASP A 74 -12.41 -7.65 10.36
CA ASP A 74 -13.32 -8.67 9.76
C ASP A 74 -12.93 -8.94 8.30
N VAL A 75 -13.16 -10.12 7.83
CA VAL A 75 -12.81 -10.40 6.41
C VAL A 75 -13.65 -9.48 5.51
N SER A 76 -13.01 -8.55 4.87
CA SER A 76 -13.74 -7.61 3.98
C SER A 76 -13.05 -7.47 2.62
N VAL A 77 -11.74 -7.54 2.59
CA VAL A 77 -11.01 -7.43 1.30
C VAL A 77 -11.66 -8.34 0.25
N ILE A 78 -12.04 -7.81 -0.88
CA ILE A 78 -12.72 -8.66 -1.91
C ILE A 78 -12.18 -8.36 -3.32
N PRO A 79 -11.51 -9.33 -3.90
CA PRO A 79 -10.98 -9.18 -5.27
C PRO A 79 -12.02 -9.63 -6.31
N THR A 80 -13.26 -9.30 -6.10
CA THR A 80 -14.31 -9.73 -7.07
C THR A 80 -15.38 -8.63 -7.25
N ASN A 81 -14.95 -7.41 -7.45
CA ASN A 81 -15.95 -6.30 -7.62
C ASN A 81 -15.39 -5.23 -8.56
N GLY A 82 -14.52 -5.62 -9.44
CA GLY A 82 -13.93 -4.63 -10.39
C GLY A 82 -12.55 -4.21 -9.89
N ASP A 83 -12.46 -3.13 -9.17
CA ASP A 83 -11.15 -2.68 -8.64
C ASP A 83 -11.22 -2.45 -7.14
N VAL A 84 -10.56 -3.27 -6.40
CA VAL A 84 -10.57 -3.15 -4.93
C VAL A 84 -9.15 -2.87 -4.43
N VAL A 85 -9.03 -1.95 -3.54
CA VAL A 85 -7.70 -1.61 -2.98
C VAL A 85 -7.65 -1.98 -1.50
N VAL A 86 -6.74 -2.82 -1.11
CA VAL A 86 -6.69 -3.24 0.31
C VAL A 86 -5.66 -2.42 1.08
N VAL A 87 -6.09 -1.67 2.06
CA VAL A 87 -5.11 -0.85 2.83
C VAL A 87 -4.95 -1.47 4.22
N ALA A 88 -3.91 -2.22 4.43
CA ALA A 88 -3.71 -2.86 5.76
C ALA A 88 -2.28 -2.65 6.25
N THR A 89 -2.06 -2.83 7.52
CA THR A 89 -0.69 -2.62 8.08
C THR A 89 0.11 -3.93 8.04
N ASP A 90 -0.54 -5.05 8.25
CA ASP A 90 0.20 -6.34 8.24
C ASP A 90 -0.76 -7.53 8.45
N ALA A 91 -1.85 -7.32 9.17
CA ALA A 91 -2.81 -8.43 9.41
C ALA A 91 -3.09 -9.23 8.13
N LEU A 92 -3.10 -8.57 7.00
CA LEU A 92 -3.35 -9.29 5.72
C LEU A 92 -2.19 -10.24 5.43
N MET A 93 -1.01 -9.86 5.80
CA MET A 93 0.19 -10.73 5.55
C MET A 93 0.29 -11.09 4.07
N THR A 94 -0.37 -12.14 3.64
CA THR A 94 -0.29 -12.53 2.19
C THR A 94 -1.13 -13.79 1.93
N GLY A 95 -0.56 -14.95 2.02
CA GLY A 95 -1.35 -16.19 1.77
C GLY A 95 -1.71 -16.29 0.29
N PHE A 96 -2.51 -15.38 -0.21
CA PHE A 96 -2.89 -15.44 -1.66
C PHE A 96 -2.64 -14.09 -2.34
N THR A 97 -1.90 -13.22 -1.71
CA THR A 97 -1.63 -11.89 -2.33
C THR A 97 -0.60 -12.02 -3.46
N GLY A 98 -0.07 -10.93 -3.93
CA GLY A 98 0.96 -11.00 -5.01
C GLY A 98 0.40 -10.38 -6.30
N ASP A 99 -0.86 -10.59 -6.58
CA ASP A 99 -1.42 -10.02 -7.83
C ASP A 99 -1.86 -8.57 -7.61
N PHE A 100 -0.94 -7.68 -7.36
CA PHE A 100 -1.32 -6.26 -7.16
C PHE A 100 -0.63 -5.39 -8.20
N ASP A 101 -1.26 -4.31 -8.58
CA ASP A 101 -0.64 -3.42 -9.58
C ASP A 101 0.33 -2.45 -8.91
N SER A 102 0.09 -2.12 -7.67
CA SER A 102 1.01 -1.18 -6.96
C SER A 102 0.84 -1.26 -5.44
N VAL A 103 1.80 -0.75 -4.70
CA VAL A 103 1.70 -0.76 -3.21
C VAL A 103 2.02 0.62 -2.65
N ILE A 104 1.06 1.27 -2.05
CA ILE A 104 1.31 2.63 -1.47
C ILE A 104 1.71 2.48 0.01
N ASP A 105 2.91 2.85 0.35
CA ASP A 105 3.35 2.69 1.77
C ASP A 105 3.81 4.03 2.37
N CYS A 106 3.84 4.11 3.67
CA CYS A 106 4.31 5.35 4.33
C CYS A 106 5.77 5.17 4.78
N ASN A 107 6.37 4.05 4.47
CA ASN A 107 7.79 3.81 4.89
C ASN A 107 8.00 4.13 6.37
N THR A 108 6.95 4.09 7.16
CA THR A 108 7.10 4.38 8.62
C THR A 108 6.11 3.54 9.43
N SER A 109 6.56 2.96 10.51
CA SER A 109 5.64 2.14 11.35
C SER A 109 5.46 2.79 12.73
N ASP A 110 4.24 2.91 13.19
CA ASP A 110 4.01 3.54 14.52
C ASP A 110 4.70 4.91 14.56
N GLY A 111 5.26 5.28 15.69
CA GLY A 111 5.95 6.60 15.78
C GLY A 111 7.41 6.46 15.33
N LYS A 112 7.73 5.40 14.64
CA LYS A 112 9.13 5.19 14.17
C LYS A 112 9.13 4.88 12.67
N PRO A 113 10.23 5.15 12.03
CA PRO A 113 10.34 4.88 10.57
C PRO A 113 10.23 3.38 10.29
N GLN A 114 10.05 3.01 9.05
CA GLN A 114 9.91 1.57 8.71
C GLN A 114 11.25 0.84 8.86
N ASP A 115 11.19 -0.44 9.08
CA ASP A 115 12.45 -1.24 9.24
C ASP A 115 12.93 -1.73 7.88
N ALA A 116 14.17 -2.11 7.78
CA ALA A 116 14.74 -2.58 6.48
C ALA A 116 13.88 -3.68 5.83
N VAL A 117 13.74 -4.80 6.48
CA VAL A 117 12.95 -5.92 5.88
C VAL A 117 11.51 -5.50 5.54
N SER A 118 10.96 -4.59 6.30
CA SER A 118 9.55 -4.17 6.02
C SER A 118 9.36 -3.89 4.52
N ARG A 119 10.15 -3.01 3.96
CA ARG A 119 10.01 -2.72 2.51
C ARG A 119 10.42 -3.97 1.72
N THR A 120 11.37 -4.72 2.21
CA THR A 120 11.77 -5.96 1.49
C THR A 120 10.55 -6.88 1.40
N GLN A 121 9.90 -7.11 2.51
CA GLN A 121 8.69 -7.98 2.50
C GLN A 121 7.51 -7.24 1.85
N ARG A 122 7.38 -5.96 2.11
CA ARG A 122 6.25 -5.18 1.52
C ARG A 122 6.44 -4.96 0.03
N ARG A 123 7.61 -4.58 -0.41
CA ARG A 123 7.81 -4.36 -1.87
C ARG A 123 7.39 -5.61 -2.64
N GLY A 124 7.81 -6.76 -2.18
CA GLY A 124 7.44 -8.03 -2.87
C GLY A 124 5.92 -8.20 -2.86
N ARG A 125 5.24 -7.56 -3.75
CA ARG A 125 3.76 -7.67 -3.83
C ARG A 125 3.32 -7.34 -5.25
N THR A 126 3.77 -6.22 -5.76
CA THR A 126 3.43 -5.83 -7.15
C THR A 126 4.52 -6.34 -8.09
N GLY A 127 4.17 -6.77 -9.26
CA GLY A 127 5.21 -7.26 -10.19
C GLY A 127 5.01 -8.75 -10.51
N ARG A 128 3.99 -9.34 -9.96
CA ARG A 128 3.75 -10.79 -10.23
C ARG A 128 3.31 -11.00 -11.68
N GLY A 129 4.25 -11.11 -12.58
CA GLY A 129 3.90 -11.30 -14.03
C GLY A 129 4.48 -10.13 -14.83
N LYS A 130 4.45 -8.96 -14.26
CA LYS A 130 5.00 -7.77 -14.95
C LYS A 130 5.80 -6.94 -13.92
N PRO A 131 6.15 -5.73 -14.26
CA PRO A 131 6.90 -4.88 -13.32
C PRO A 131 5.93 -4.16 -12.38
N GLY A 132 5.96 -4.45 -11.11
CA GLY A 132 5.02 -3.78 -10.17
C GLY A 132 5.46 -2.34 -9.90
N ILE A 133 4.61 -1.57 -9.29
CA ILE A 133 4.97 -0.17 -8.96
C ILE A 133 4.89 0.02 -7.44
N TYR A 134 5.83 0.71 -6.86
CA TYR A 134 5.77 0.91 -5.39
C TYR A 134 5.92 2.38 -5.04
N ARG A 135 4.93 2.94 -4.41
CA ARG A 135 5.00 4.38 -4.03
C ARG A 135 5.23 4.51 -2.52
N PHE A 136 6.22 5.25 -2.12
CA PHE A 136 6.49 5.42 -0.66
C PHE A 136 6.36 6.90 -0.29
N VAL A 137 6.13 7.19 0.97
CA VAL A 137 6.02 8.61 1.40
C VAL A 137 7.40 9.22 1.63
N ALA A 138 8.23 8.56 2.39
CA ALA A 138 9.60 9.09 2.69
C ALA A 138 10.32 9.52 1.40
N PRO A 139 11.35 10.32 1.56
CA PRO A 139 12.13 10.80 0.40
C PRO A 139 13.04 9.69 -0.12
N GLY A 140 13.85 9.13 0.73
CA GLY A 140 14.76 8.04 0.29
C GLY A 140 16.22 8.47 0.49
N GLU A 141 17.15 7.61 0.20
CA GLU A 141 18.58 7.98 0.37
C GLU A 141 19.02 8.95 -0.73
N ARG A 142 18.48 8.79 -1.92
CA ARG A 142 18.87 9.69 -3.03
C ARG A 142 17.87 9.57 -4.18
N GLY A 5 25.97 -3.21 9.38
CA GLY A 5 25.72 -2.87 7.95
C GLY A 5 24.43 -3.55 7.47
N SER A 6 23.30 -3.02 7.84
CA SER A 6 22.02 -3.65 7.41
C SER A 6 21.76 -3.34 5.93
N VAL A 7 21.92 -4.32 5.08
CA VAL A 7 21.68 -4.08 3.63
C VAL A 7 20.46 -4.88 3.16
N THR A 8 19.36 -4.22 2.97
CA THR A 8 18.13 -4.94 2.52
C THR A 8 18.34 -5.46 1.10
N VAL A 9 17.85 -6.64 0.81
CA VAL A 9 18.02 -7.18 -0.57
C VAL A 9 17.21 -6.33 -1.56
N PRO A 10 17.74 -6.23 -2.75
CA PRO A 10 17.06 -5.44 -3.81
C PRO A 10 15.75 -6.12 -4.23
N HIS A 11 15.17 -5.66 -5.30
CA HIS A 11 13.88 -6.26 -5.77
C HIS A 11 13.43 -5.56 -7.05
N PRO A 12 14.00 -5.96 -8.15
CA PRO A 12 13.61 -5.36 -9.46
C PRO A 12 12.19 -5.78 -9.83
N ASN A 13 11.78 -5.49 -11.05
CA ASN A 13 10.39 -5.85 -11.52
C ASN A 13 9.33 -4.89 -10.95
N ILE A 14 9.67 -4.11 -9.95
CA ILE A 14 8.67 -3.16 -9.39
C ILE A 14 9.15 -1.71 -9.60
N GLU A 15 8.28 -0.85 -10.03
CA GLU A 15 8.69 0.57 -10.24
C GLU A 15 8.56 1.35 -8.94
N GLU A 16 9.60 2.03 -8.52
CA GLU A 16 9.52 2.80 -7.25
C GLU A 16 9.05 4.23 -7.54
N VAL A 17 8.16 4.74 -6.73
CA VAL A 17 7.65 6.13 -6.98
C VAL A 17 7.66 6.92 -5.66
N ALA A 18 7.69 8.22 -5.75
CA ALA A 18 7.67 9.03 -4.50
C ALA A 18 6.31 9.67 -4.30
N LEU A 19 5.59 9.25 -3.29
CA LEU A 19 4.25 9.86 -3.05
C LEU A 19 4.39 11.38 -2.94
N SER A 20 3.40 12.12 -3.36
CA SER A 20 3.51 13.60 -3.28
C SER A 20 2.13 14.23 -3.07
N THR A 21 2.07 15.53 -2.98
CA THR A 21 0.75 16.20 -2.78
C THR A 21 -0.02 16.25 -4.11
N THR A 22 -0.55 15.14 -4.53
CA THR A 22 -1.31 15.13 -5.83
C THR A 22 -2.37 14.03 -5.81
N GLY A 23 -3.63 14.38 -5.73
CA GLY A 23 -4.67 13.34 -5.74
C GLY A 23 -5.88 13.76 -4.91
N GLU A 24 -6.76 12.84 -4.62
CA GLU A 24 -7.97 13.17 -3.82
C GLU A 24 -7.90 12.49 -2.46
N ILE A 25 -7.18 11.42 -2.34
CA ILE A 25 -7.11 10.74 -1.03
C ILE A 25 -5.87 11.22 -0.25
N PRO A 26 -6.11 12.11 0.69
CA PRO A 26 -4.99 12.67 1.49
C PRO A 26 -4.27 11.57 2.28
N PHE A 27 -2.97 11.50 2.14
CA PHE A 27 -2.18 10.45 2.84
C PHE A 27 -1.20 11.09 3.84
N TYR A 28 -0.34 10.30 4.40
CA TYR A 28 0.66 10.82 5.39
C TYR A 28 1.52 11.93 4.78
N GLY A 29 1.04 13.15 4.78
CA GLY A 29 1.84 14.28 4.23
C GLY A 29 1.82 14.27 2.69
N LYS A 30 1.22 13.29 2.09
CA LYS A 30 1.18 13.24 0.60
C LYS A 30 -0.24 12.99 0.12
N ALA A 31 -0.56 13.38 -1.08
CA ALA A 31 -1.94 13.15 -1.59
C ALA A 31 -1.91 12.02 -2.60
N ILE A 32 -2.42 10.87 -2.25
CA ILE A 32 -2.38 9.73 -3.20
C ILE A 32 -3.32 10.00 -4.41
N PRO A 33 -2.73 10.16 -5.56
CA PRO A 33 -3.54 10.33 -6.78
C PRO A 33 -4.25 9.00 -7.04
N LEU A 34 -5.53 9.01 -7.25
CA LEU A 34 -6.24 7.71 -7.47
C LEU A 34 -5.62 6.94 -8.64
N GLU A 35 -4.85 7.59 -9.47
CA GLU A 35 -4.24 6.85 -10.61
C GLU A 35 -3.35 5.71 -10.10
N VAL A 36 -3.00 5.72 -8.85
CA VAL A 36 -2.13 4.63 -8.31
C VAL A 36 -2.98 3.53 -7.65
N ILE A 37 -4.17 3.86 -7.21
CA ILE A 37 -5.03 2.84 -6.55
C ILE A 37 -6.32 2.59 -7.37
N LYS A 38 -6.60 3.44 -8.33
CA LYS A 38 -7.84 3.24 -9.14
C LYS A 38 -7.48 2.64 -10.50
N GLY A 39 -8.35 1.86 -11.05
CA GLY A 39 -8.07 1.22 -12.36
C GLY A 39 -7.80 -0.27 -12.15
N GLY A 40 -7.74 -0.72 -10.92
CA GLY A 40 -7.47 -2.17 -10.67
C GLY A 40 -7.40 -2.44 -9.17
N ARG A 41 -6.47 -3.25 -8.75
CA ARG A 41 -6.34 -3.56 -7.30
C ARG A 41 -5.00 -3.07 -6.76
N HIS A 42 -5.01 -2.45 -5.61
CA HIS A 42 -3.74 -1.94 -5.03
C HIS A 42 -3.67 -2.16 -3.53
N LEU A 43 -2.49 -2.27 -2.98
CA LEU A 43 -2.35 -2.49 -1.52
C LEU A 43 -1.71 -1.28 -0.85
N ILE A 44 -2.42 -0.62 0.02
CA ILE A 44 -1.83 0.58 0.70
C ILE A 44 -1.37 0.18 2.10
N PHE A 45 -0.16 0.48 2.43
CA PHE A 45 0.37 0.13 3.78
C PHE A 45 0.23 1.32 4.73
N CYS A 46 -0.45 1.13 5.85
CA CYS A 46 -0.62 2.24 6.81
C CYS A 46 0.06 1.92 8.14
N HIS A 47 0.35 2.92 8.93
CA HIS A 47 0.99 2.67 10.25
C HIS A 47 -0.03 2.85 11.39
N SER A 48 -1.23 3.27 11.07
CA SER A 48 -2.25 3.46 12.15
C SER A 48 -3.58 2.81 11.76
N LYS A 49 -4.22 2.16 12.70
CA LYS A 49 -5.51 1.48 12.41
C LYS A 49 -6.62 2.52 12.21
N LYS A 50 -6.64 3.55 13.00
CA LYS A 50 -7.70 4.60 12.86
C LYS A 50 -7.66 5.22 11.47
N LYS A 51 -6.49 5.36 10.90
CA LYS A 51 -6.38 5.96 9.55
C LYS A 51 -6.87 4.97 8.49
N CYS A 52 -6.59 3.71 8.69
CA CYS A 52 -7.05 2.70 7.70
C CYS A 52 -8.57 2.70 7.61
N ASP A 53 -9.23 2.96 8.71
CA ASP A 53 -10.73 2.97 8.68
C ASP A 53 -11.24 4.15 7.86
N GLU A 54 -10.75 5.33 8.13
CA GLU A 54 -11.20 6.53 7.36
C GLU A 54 -10.65 6.50 5.94
N LEU A 55 -9.41 6.11 5.80
CA LEU A 55 -8.77 6.07 4.45
C LEU A 55 -9.50 5.11 3.50
N ALA A 56 -9.90 3.96 3.96
CA ALA A 56 -10.61 3.01 3.05
C ALA A 56 -11.99 3.55 2.70
N ALA A 57 -12.77 3.94 3.68
CA ALA A 57 -14.12 4.49 3.39
C ALA A 57 -13.98 5.69 2.46
N LYS A 58 -12.92 6.44 2.61
CA LYS A 58 -12.71 7.62 1.72
C LYS A 58 -12.69 7.15 0.27
N LEU A 59 -11.95 6.12 -0.01
CA LEU A 59 -11.88 5.60 -1.40
C LEU A 59 -13.27 5.23 -1.93
N VAL A 60 -14.08 4.60 -1.12
CA VAL A 60 -15.45 4.25 -1.60
C VAL A 60 -16.15 5.52 -2.09
N ALA A 61 -15.79 6.65 -1.53
CA ALA A 61 -16.41 7.94 -1.95
C ALA A 61 -15.84 8.38 -3.30
N LEU A 62 -14.58 8.13 -3.55
CA LEU A 62 -13.97 8.54 -4.85
C LEU A 62 -14.48 7.63 -5.96
N GLY A 63 -14.86 6.45 -5.62
CA GLY A 63 -15.37 5.48 -6.64
C GLY A 63 -14.50 4.22 -6.60
N ILE A 64 -13.62 4.11 -5.64
CA ILE A 64 -12.74 2.91 -5.54
C ILE A 64 -13.22 2.03 -4.39
N ASN A 65 -13.15 0.73 -4.53
CA ASN A 65 -13.56 -0.13 -3.41
C ASN A 65 -12.35 -0.32 -2.52
N ALA A 66 -12.33 0.31 -1.38
CA ALA A 66 -11.16 0.20 -0.51
C ALA A 66 -11.53 -0.40 0.84
N VAL A 67 -10.63 -1.16 1.41
CA VAL A 67 -10.93 -1.78 2.74
C VAL A 67 -9.69 -1.70 3.61
N ALA A 68 -9.87 -1.62 4.90
CA ALA A 68 -8.68 -1.54 5.79
C ALA A 68 -8.55 -2.81 6.62
N TYR A 69 -7.36 -3.34 6.71
CA TYR A 69 -7.16 -4.58 7.51
C TYR A 69 -6.07 -4.37 8.56
N TYR A 70 -6.35 -4.68 9.79
CA TYR A 70 -5.36 -4.51 10.88
C TYR A 70 -5.65 -5.49 12.02
N ARG A 71 -4.98 -5.35 13.13
CA ARG A 71 -5.23 -6.29 14.27
C ARG A 71 -6.66 -6.14 14.79
N GLY A 72 -7.40 -7.22 14.85
CA GLY A 72 -8.80 -7.15 15.35
C GLY A 72 -9.72 -6.63 14.25
N LEU A 73 -9.44 -6.97 13.02
CA LEU A 73 -10.30 -6.49 11.89
C LEU A 73 -10.94 -7.69 11.18
N ASP A 74 -12.04 -7.47 10.51
CA ASP A 74 -12.73 -8.60 9.81
C ASP A 74 -12.31 -8.67 8.35
N VAL A 75 -12.26 -9.84 7.79
CA VAL A 75 -11.87 -9.96 6.35
C VAL A 75 -12.91 -9.22 5.50
N SER A 76 -12.52 -8.13 4.90
CA SER A 76 -13.50 -7.37 4.07
C SER A 76 -12.91 -7.03 2.70
N VAL A 77 -11.63 -7.21 2.50
CA VAL A 77 -11.05 -6.88 1.17
C VAL A 77 -11.01 -8.14 0.30
N ILE A 78 -11.38 -8.04 -0.94
CA ILE A 78 -11.36 -9.25 -1.82
C ILE A 78 -10.79 -8.89 -3.21
N PRO A 79 -9.50 -9.06 -3.35
CA PRO A 79 -8.84 -8.75 -4.65
C PRO A 79 -9.10 -9.86 -5.66
N THR A 80 -10.34 -10.14 -5.95
CA THR A 80 -10.66 -11.22 -6.93
C THR A 80 -11.43 -10.64 -8.12
N ASN A 81 -12.23 -9.63 -7.90
CA ASN A 81 -13.00 -9.03 -9.02
C ASN A 81 -13.26 -7.55 -8.74
N GLY A 82 -13.57 -6.78 -9.75
CA GLY A 82 -13.83 -5.33 -9.54
C GLY A 82 -12.54 -4.66 -9.07
N ASP A 83 -12.50 -3.35 -9.09
CA ASP A 83 -11.26 -2.65 -8.65
C ASP A 83 -11.31 -2.38 -7.16
N VAL A 84 -10.60 -3.17 -6.41
CA VAL A 84 -10.57 -3.01 -4.94
C VAL A 84 -9.16 -2.66 -4.48
N VAL A 85 -9.06 -1.71 -3.61
CA VAL A 85 -7.72 -1.33 -3.08
C VAL A 85 -7.66 -1.70 -1.60
N VAL A 86 -6.71 -2.51 -1.22
CA VAL A 86 -6.63 -2.93 0.20
C VAL A 86 -5.62 -2.06 0.96
N VAL A 87 -6.08 -1.35 1.95
CA VAL A 87 -5.13 -0.48 2.71
C VAL A 87 -4.97 -1.05 4.13
N ALA A 88 -3.92 -1.78 4.37
CA ALA A 88 -3.75 -2.39 5.71
C ALA A 88 -2.29 -2.30 6.17
N THR A 89 -2.08 -2.41 7.46
CA THR A 89 -0.69 -2.34 7.99
C THR A 89 -0.01 -3.72 7.85
N ASP A 90 0.59 -4.23 8.90
CA ASP A 90 1.26 -5.55 8.78
C ASP A 90 0.30 -6.67 9.21
N ALA A 91 -0.98 -6.46 9.07
CA ALA A 91 -1.95 -7.50 9.47
C ALA A 91 -2.33 -8.36 8.26
N LEU A 92 -2.41 -7.77 7.09
CA LEU A 92 -2.76 -8.58 5.89
C LEU A 92 -1.60 -9.51 5.54
N MET A 93 -0.40 -9.09 5.80
CA MET A 93 0.78 -9.95 5.49
C MET A 93 0.73 -10.39 4.02
N THR A 94 0.11 -11.51 3.72
CA THR A 94 0.05 -11.97 2.30
C THR A 94 -0.68 -13.31 2.22
N GLY A 95 -1.75 -13.45 2.96
CA GLY A 95 -2.51 -14.73 2.92
C GLY A 95 -3.07 -14.95 1.52
N PHE A 96 -3.68 -13.94 0.96
CA PHE A 96 -4.24 -14.08 -0.42
C PHE A 96 -3.79 -12.92 -1.31
N THR A 97 -2.59 -12.43 -1.09
CA THR A 97 -2.10 -11.30 -1.94
C THR A 97 -1.24 -11.84 -3.09
N GLY A 98 -0.32 -11.05 -3.57
CA GLY A 98 0.55 -11.53 -4.69
C GLY A 98 0.02 -11.03 -6.04
N ASP A 99 -1.16 -10.48 -6.07
CA ASP A 99 -1.71 -9.99 -7.37
C ASP A 99 -2.09 -8.51 -7.28
N PHE A 100 -1.16 -7.63 -7.08
CA PHE A 100 -1.50 -6.19 -7.00
C PHE A 100 -0.76 -5.40 -8.08
N ASP A 101 -1.33 -4.32 -8.52
CA ASP A 101 -0.65 -3.51 -9.56
C ASP A 101 0.39 -2.62 -8.89
N SER A 102 0.16 -2.21 -7.68
CA SER A 102 1.14 -1.33 -6.98
C SER A 102 0.91 -1.34 -5.47
N VAL A 103 1.88 -0.89 -4.72
CA VAL A 103 1.73 -0.84 -3.23
C VAL A 103 2.13 0.55 -2.72
N ILE A 104 1.19 1.28 -2.16
CA ILE A 104 1.52 2.63 -1.63
C ILE A 104 1.87 2.52 -0.14
N ASP A 105 3.07 2.87 0.23
CA ASP A 105 3.47 2.74 1.65
C ASP A 105 3.94 4.08 2.23
N CYS A 106 3.95 4.19 3.52
CA CYS A 106 4.44 5.44 4.15
C CYS A 106 5.85 5.20 4.72
N ASN A 107 6.44 4.08 4.40
CA ASN A 107 7.82 3.79 4.91
C ASN A 107 7.89 3.96 6.43
N THR A 108 6.77 3.89 7.10
CA THR A 108 6.79 4.06 8.58
C THR A 108 5.78 3.11 9.24
N SER A 109 6.18 2.44 10.28
CA SER A 109 5.25 1.51 10.99
C SER A 109 4.98 2.04 12.39
N ASP A 110 3.74 2.09 12.81
CA ASP A 110 3.42 2.61 14.17
C ASP A 110 4.03 4.02 14.32
N GLY A 111 4.54 4.34 15.48
CA GLY A 111 5.15 5.69 15.68
C GLY A 111 6.65 5.64 15.33
N LYS A 112 7.04 4.70 14.50
CA LYS A 112 8.48 4.59 14.12
C LYS A 112 8.59 4.27 12.62
N PRO A 113 9.72 4.57 12.04
CA PRO A 113 9.93 4.31 10.59
C PRO A 113 9.91 2.80 10.32
N GLN A 114 9.81 2.41 9.09
CA GLN A 114 9.77 0.95 8.76
C GLN A 114 11.15 0.32 8.95
N ASP A 115 11.20 -0.99 9.04
CA ASP A 115 12.51 -1.68 9.21
C ASP A 115 13.09 -2.08 7.85
N ALA A 116 14.35 -2.37 7.80
CA ALA A 116 14.98 -2.76 6.50
C ALA A 116 14.17 -3.85 5.77
N VAL A 117 13.84 -4.92 6.44
CA VAL A 117 13.10 -6.02 5.74
C VAL A 117 11.65 -5.67 5.42
N SER A 118 10.98 -4.86 6.20
CA SER A 118 9.56 -4.56 5.88
C SER A 118 9.44 -4.07 4.45
N ARG A 119 10.15 -3.05 4.07
CA ARG A 119 10.06 -2.60 2.65
C ARG A 119 10.51 -3.75 1.76
N THR A 120 11.49 -4.50 2.19
CA THR A 120 11.95 -5.65 1.38
C THR A 120 10.78 -6.61 1.19
N GLN A 121 10.13 -6.96 2.28
CA GLN A 121 8.95 -7.89 2.17
C GLN A 121 7.76 -7.13 1.59
N ARG A 122 7.48 -5.96 2.08
CA ARG A 122 6.33 -5.17 1.55
C ARG A 122 6.47 -4.93 0.05
N ARG A 123 7.64 -4.52 -0.40
CA ARG A 123 7.81 -4.30 -1.87
C ARG A 123 7.50 -5.59 -2.62
N GLY A 124 7.92 -6.71 -2.10
CA GLY A 124 7.66 -8.01 -2.78
C GLY A 124 6.16 -8.32 -2.73
N ARG A 125 5.37 -7.56 -3.44
CA ARG A 125 3.90 -7.80 -3.47
C ARG A 125 3.37 -7.45 -4.85
N THR A 126 3.78 -6.33 -5.37
CA THR A 126 3.34 -5.92 -6.73
C THR A 126 4.37 -6.37 -7.75
N GLY A 127 3.96 -6.81 -8.90
CA GLY A 127 4.95 -7.24 -9.91
C GLY A 127 4.74 -8.72 -10.27
N ARG A 128 3.71 -9.33 -9.75
CA ARG A 128 3.47 -10.77 -10.08
C ARG A 128 2.90 -10.90 -11.50
N GLY A 129 3.76 -10.93 -12.48
CA GLY A 129 3.28 -11.05 -13.89
C GLY A 129 3.63 -9.78 -14.66
N LYS A 130 3.41 -8.64 -14.04
CA LYS A 130 3.72 -7.34 -14.69
C LYS A 130 4.68 -6.55 -13.79
N PRO A 131 4.90 -5.30 -14.11
CA PRO A 131 5.79 -4.46 -13.27
C PRO A 131 4.96 -3.81 -12.14
N GLY A 132 5.18 -4.22 -10.92
CA GLY A 132 4.39 -3.62 -9.80
C GLY A 132 4.93 -2.23 -9.47
N ILE A 133 4.07 -1.34 -9.06
CA ILE A 133 4.56 0.03 -8.72
C ILE A 133 4.54 0.20 -7.20
N TYR A 134 5.53 0.86 -6.65
CA TYR A 134 5.54 1.05 -5.18
C TYR A 134 5.73 2.53 -4.83
N ARG A 135 4.74 3.12 -4.22
CA ARG A 135 4.84 4.56 -3.86
C ARG A 135 5.15 4.68 -2.36
N PHE A 136 6.23 5.35 -2.01
CA PHE A 136 6.58 5.49 -0.57
C PHE A 136 6.50 6.97 -0.16
N VAL A 137 6.33 7.24 1.12
CA VAL A 137 6.26 8.67 1.56
C VAL A 137 7.67 9.18 1.88
N ALA A 138 8.50 8.36 2.47
CA ALA A 138 9.88 8.81 2.80
C ALA A 138 10.87 8.37 1.70
N PRO A 139 11.68 9.29 1.25
CA PRO A 139 12.66 8.98 0.19
C PRO A 139 13.86 8.20 0.76
N GLY A 140 14.06 8.27 2.05
CA GLY A 140 15.20 7.53 2.67
C GLY A 140 15.16 6.06 2.24
N GLU A 141 16.03 5.68 1.35
CA GLU A 141 16.06 4.26 0.89
C GLU A 141 17.49 3.74 0.85
N ARG A 142 17.72 2.61 0.23
CA ARG A 142 19.09 2.06 0.15
C ARG A 142 19.71 1.97 1.56
N GLY A 5 22.93 -2.58 10.25
CA GLY A 5 21.92 -3.59 10.68
C GLY A 5 21.85 -4.72 9.65
N SER A 6 20.78 -4.79 8.91
CA SER A 6 20.65 -5.88 7.90
C SER A 6 20.63 -5.28 6.48
N VAL A 7 20.98 -6.06 5.50
CA VAL A 7 20.96 -5.54 4.10
C VAL A 7 19.88 -6.25 3.30
N THR A 8 18.79 -5.59 3.05
CA THR A 8 17.69 -6.23 2.28
C THR A 8 18.12 -6.48 0.84
N VAL A 9 17.80 -7.64 0.31
CA VAL A 9 18.18 -7.93 -1.09
C VAL A 9 17.29 -7.11 -2.04
N PRO A 10 17.86 -6.77 -3.16
CA PRO A 10 17.12 -5.98 -4.17
C PRO A 10 16.19 -6.87 -5.00
N HIS A 11 15.70 -6.33 -6.09
CA HIS A 11 14.79 -7.09 -7.00
C HIS A 11 14.26 -6.12 -8.05
N PRO A 12 15.06 -5.92 -9.08
CA PRO A 12 14.69 -4.98 -10.17
C PRO A 12 13.45 -5.45 -10.95
N ASN A 13 12.34 -5.61 -10.28
CA ASN A 13 11.09 -6.02 -10.96
C ASN A 13 9.93 -5.10 -10.55
N ILE A 14 10.19 -4.10 -9.75
CA ILE A 14 9.12 -3.17 -9.32
C ILE A 14 9.56 -1.73 -9.58
N GLU A 15 8.69 -0.90 -10.08
CA GLU A 15 9.07 0.51 -10.34
C GLU A 15 8.94 1.31 -9.05
N GLU A 16 9.97 2.03 -8.67
CA GLU A 16 9.90 2.83 -7.40
C GLU A 16 9.36 4.22 -7.69
N VAL A 17 8.36 4.63 -6.96
CA VAL A 17 7.78 5.98 -7.19
C VAL A 17 7.83 6.81 -5.90
N ALA A 18 7.84 8.10 -6.02
CA ALA A 18 7.87 8.96 -4.81
C ALA A 18 6.51 9.61 -4.59
N LEU A 19 5.80 9.21 -3.57
CA LEU A 19 4.47 9.81 -3.31
C LEU A 19 4.60 11.33 -3.17
N SER A 20 3.73 12.07 -3.80
CA SER A 20 3.80 13.55 -3.69
C SER A 20 2.41 14.14 -3.46
N THR A 21 2.33 15.41 -3.18
CA THR A 21 1.00 16.04 -2.94
C THR A 21 0.19 16.08 -4.24
N THR A 22 -0.24 14.94 -4.71
CA THR A 22 -1.04 14.91 -5.98
C THR A 22 -2.17 13.89 -5.87
N GLY A 23 -3.40 14.34 -5.85
CA GLY A 23 -4.52 13.37 -5.75
C GLY A 23 -5.63 13.91 -4.86
N GLU A 24 -6.50 13.05 -4.42
CA GLU A 24 -7.61 13.50 -3.54
C GLU A 24 -7.53 12.80 -2.18
N ILE A 25 -6.89 11.66 -2.11
CA ILE A 25 -6.81 10.96 -0.80
C ILE A 25 -5.49 11.27 -0.09
N PRO A 26 -5.56 12.09 0.94
CA PRO A 26 -4.33 12.46 1.68
C PRO A 26 -3.73 11.22 2.34
N PHE A 27 -2.45 11.26 2.65
CA PHE A 27 -1.81 10.07 3.27
C PHE A 27 -0.39 10.41 3.77
N TYR A 28 -0.27 10.76 5.02
CA TYR A 28 1.08 11.11 5.59
C TYR A 28 1.72 12.28 4.86
N GLY A 29 1.16 13.45 5.01
CA GLY A 29 1.72 14.66 4.32
C GLY A 29 1.83 14.41 2.81
N LYS A 30 1.16 13.42 2.31
CA LYS A 30 1.21 13.15 0.85
C LYS A 30 -0.21 12.97 0.32
N ALA A 31 -0.42 13.20 -0.95
CA ALA A 31 -1.79 13.03 -1.50
C ALA A 31 -1.79 11.90 -2.51
N ILE A 32 -2.36 10.78 -2.16
CA ILE A 32 -2.38 9.65 -3.10
C ILE A 32 -3.31 9.93 -4.30
N PRO A 33 -2.73 10.04 -5.47
CA PRO A 33 -3.56 10.23 -6.67
C PRO A 33 -4.28 8.91 -6.91
N LEU A 34 -5.57 8.92 -7.11
CA LEU A 34 -6.29 7.63 -7.30
C LEU A 34 -5.66 6.83 -8.43
N GLU A 35 -4.91 7.45 -9.30
CA GLU A 35 -4.28 6.69 -10.41
C GLU A 35 -3.37 5.58 -9.87
N VAL A 36 -3.01 5.64 -8.62
CA VAL A 36 -2.11 4.59 -8.04
C VAL A 36 -2.93 3.46 -7.41
N ILE A 37 -4.14 3.74 -7.00
CA ILE A 37 -4.97 2.67 -6.37
C ILE A 37 -6.23 2.39 -7.21
N LYS A 38 -6.59 3.29 -8.09
CA LYS A 38 -7.79 3.07 -8.93
C LYS A 38 -7.39 2.51 -10.29
N GLY A 39 -8.23 1.70 -10.88
CA GLY A 39 -7.91 1.11 -12.19
C GLY A 39 -7.71 -0.40 -12.03
N GLY A 40 -7.69 -0.89 -10.82
CA GLY A 40 -7.49 -2.35 -10.63
C GLY A 40 -7.39 -2.69 -9.14
N ARG A 41 -6.46 -3.53 -8.78
CA ARG A 41 -6.32 -3.92 -7.34
C ARG A 41 -5.01 -3.35 -6.78
N HIS A 42 -5.06 -2.68 -5.66
CA HIS A 42 -3.82 -2.12 -5.08
C HIS A 42 -3.75 -2.36 -3.57
N LEU A 43 -2.57 -2.54 -3.05
CA LEU A 43 -2.42 -2.79 -1.58
C LEU A 43 -1.77 -1.58 -0.91
N ILE A 44 -2.48 -0.91 -0.04
CA ILE A 44 -1.90 0.25 0.65
C ILE A 44 -1.40 -0.16 2.04
N PHE A 45 -0.18 0.13 2.35
CA PHE A 45 0.35 -0.26 3.68
C PHE A 45 0.22 0.90 4.67
N CYS A 46 -0.45 0.68 5.77
CA CYS A 46 -0.61 1.77 6.78
C CYS A 46 0.03 1.36 8.11
N HIS A 47 0.42 2.32 8.91
CA HIS A 47 1.02 1.99 10.23
C HIS A 47 0.03 2.37 11.34
N SER A 48 -1.18 2.74 10.98
CA SER A 48 -2.18 3.13 12.02
C SER A 48 -3.53 2.48 11.71
N LYS A 49 -4.17 1.95 12.71
CA LYS A 49 -5.49 1.29 12.50
C LYS A 49 -6.58 2.33 12.23
N LYS A 50 -6.57 3.41 12.95
CA LYS A 50 -7.60 4.47 12.75
C LYS A 50 -7.56 4.98 11.31
N LYS A 51 -6.39 5.08 10.75
CA LYS A 51 -6.27 5.58 9.35
C LYS A 51 -6.78 4.52 8.38
N CYS A 52 -6.53 3.27 8.68
CA CYS A 52 -7.01 2.18 7.78
C CYS A 52 -8.54 2.23 7.68
N ASP A 53 -9.20 2.60 8.74
CA ASP A 53 -10.70 2.67 8.69
C ASP A 53 -11.17 3.81 7.79
N GLU A 54 -10.63 4.98 7.97
CA GLU A 54 -11.05 6.14 7.12
C GLU A 54 -10.51 5.98 5.70
N LEU A 55 -9.28 5.59 5.57
CA LEU A 55 -8.68 5.42 4.22
C LEU A 55 -9.50 4.46 3.37
N ALA A 56 -9.96 3.38 3.93
CA ALA A 56 -10.76 2.41 3.13
C ALA A 56 -12.18 2.95 2.88
N ALA A 57 -12.85 3.38 3.92
CA ALA A 57 -14.23 3.93 3.72
C ALA A 57 -14.16 5.17 2.84
N LYS A 58 -13.21 6.03 3.08
CA LYS A 58 -13.09 7.25 2.25
C LYS A 58 -12.93 6.86 0.78
N LEU A 59 -12.11 5.87 0.51
CA LEU A 59 -11.92 5.43 -0.90
C LEU A 59 -13.28 5.08 -1.52
N VAL A 60 -14.12 4.40 -0.80
CA VAL A 60 -15.45 4.05 -1.35
C VAL A 60 -16.15 5.34 -1.78
N ALA A 61 -15.87 6.43 -1.11
CA ALA A 61 -16.49 7.74 -1.47
C ALA A 61 -15.81 8.31 -2.72
N LEU A 62 -14.54 8.06 -2.89
CA LEU A 62 -13.81 8.58 -4.08
C LEU A 62 -14.25 7.82 -5.33
N GLY A 63 -14.69 6.61 -5.14
CA GLY A 63 -15.13 5.77 -6.28
C GLY A 63 -14.34 4.47 -6.32
N ILE A 64 -13.50 4.23 -5.33
CA ILE A 64 -12.69 2.99 -5.30
C ILE A 64 -13.21 2.05 -4.23
N ASN A 65 -13.19 0.76 -4.46
CA ASN A 65 -13.64 -0.18 -3.40
C ASN A 65 -12.45 -0.45 -2.50
N ALA A 66 -12.45 0.09 -1.32
CA ALA A 66 -11.28 -0.10 -0.44
C ALA A 66 -11.65 -0.76 0.89
N VAL A 67 -10.76 -1.55 1.42
CA VAL A 67 -11.04 -2.20 2.73
C VAL A 67 -9.80 -2.10 3.60
N ALA A 68 -9.97 -2.06 4.89
CA ALA A 68 -8.77 -1.97 5.77
C ALA A 68 -8.62 -3.26 6.59
N TYR A 69 -7.45 -3.81 6.62
CA TYR A 69 -7.24 -5.07 7.39
C TYR A 69 -6.19 -4.88 8.47
N TYR A 70 -6.53 -5.13 9.70
CA TYR A 70 -5.56 -4.98 10.82
C TYR A 70 -5.97 -5.88 11.99
N ARG A 71 -5.20 -5.89 13.04
CA ARG A 71 -5.55 -6.76 14.20
C ARG A 71 -6.99 -6.52 14.65
N GLY A 72 -7.78 -7.56 14.76
CA GLY A 72 -9.19 -7.39 15.21
C GLY A 72 -10.04 -6.85 14.05
N LEU A 73 -9.80 -7.31 12.85
CA LEU A 73 -10.61 -6.81 11.69
C LEU A 73 -11.39 -7.97 11.08
N ASP A 74 -12.48 -7.68 10.41
CA ASP A 74 -13.30 -8.77 9.81
C ASP A 74 -12.94 -8.98 8.34
N VAL A 75 -13.06 -10.18 7.85
CA VAL A 75 -12.74 -10.42 6.42
C VAL A 75 -13.68 -9.59 5.56
N SER A 76 -13.17 -8.60 4.89
CA SER A 76 -14.04 -7.74 4.04
C SER A 76 -13.39 -7.50 2.67
N VAL A 77 -12.09 -7.37 2.62
CA VAL A 77 -11.42 -7.12 1.31
C VAL A 77 -11.88 -8.16 0.29
N ILE A 78 -12.21 -7.74 -0.90
CA ILE A 78 -12.68 -8.70 -1.94
C ILE A 78 -12.03 -8.39 -3.30
N PRO A 79 -11.14 -9.27 -3.73
CA PRO A 79 -10.47 -9.08 -5.03
C PRO A 79 -11.31 -9.70 -6.16
N THR A 80 -12.60 -9.42 -6.18
CA THR A 80 -13.45 -10.02 -7.25
C THR A 80 -14.32 -8.94 -7.93
N ASN A 81 -14.34 -7.75 -7.40
CA ASN A 81 -15.18 -6.68 -8.03
C ASN A 81 -14.36 -5.93 -9.09
N GLY A 82 -14.90 -4.87 -9.62
CA GLY A 82 -14.17 -4.08 -10.66
C GLY A 82 -12.76 -3.75 -10.14
N ASP A 83 -12.65 -2.74 -9.32
CA ASP A 83 -11.31 -2.37 -8.78
C ASP A 83 -11.39 -2.20 -7.26
N VAL A 84 -10.72 -3.06 -6.56
CA VAL A 84 -10.72 -2.99 -5.08
C VAL A 84 -9.32 -2.71 -4.57
N VAL A 85 -9.20 -1.82 -3.66
CA VAL A 85 -7.86 -1.50 -3.10
C VAL A 85 -7.79 -1.94 -1.64
N VAL A 86 -6.83 -2.75 -1.30
CA VAL A 86 -6.74 -3.24 0.10
C VAL A 86 -5.73 -2.39 0.88
N VAL A 87 -6.16 -1.70 1.90
CA VAL A 87 -5.21 -0.87 2.68
C VAL A 87 -5.06 -1.47 4.08
N ALA A 88 -4.01 -2.22 4.29
CA ALA A 88 -3.84 -2.87 5.61
C ALA A 88 -2.38 -2.80 6.06
N THR A 89 -2.15 -3.00 7.33
CA THR A 89 -0.75 -2.96 7.84
C THR A 89 -0.15 -4.37 7.80
N ASP A 90 0.48 -4.82 8.86
CA ASP A 90 1.07 -6.19 8.84
C ASP A 90 0.03 -7.22 9.30
N ALA A 91 -1.19 -7.11 8.85
CA ALA A 91 -2.23 -8.08 9.27
C ALA A 91 -2.72 -8.89 8.06
N LEU A 92 -2.69 -8.31 6.89
CA LEU A 92 -3.15 -9.06 5.69
C LEU A 92 -2.14 -10.18 5.38
N MET A 93 -0.90 -9.96 5.74
CA MET A 93 0.14 -10.98 5.47
C MET A 93 0.18 -11.36 3.99
N THR A 94 -0.63 -12.29 3.56
CA THR A 94 -0.63 -12.69 2.12
C THR A 94 -1.55 -13.89 1.90
N GLY A 95 -2.71 -13.88 2.50
CA GLY A 95 -3.65 -15.03 2.31
C GLY A 95 -3.93 -15.20 0.82
N PHE A 96 -4.21 -14.12 0.14
CA PHE A 96 -4.49 -14.19 -1.31
C PHE A 96 -3.81 -13.02 -2.04
N THR A 97 -2.73 -12.52 -1.51
CA THR A 97 -2.04 -11.38 -2.16
C THR A 97 -1.06 -11.89 -3.23
N GLY A 98 -0.11 -11.08 -3.61
CA GLY A 98 0.89 -11.51 -4.62
C GLY A 98 0.53 -10.94 -6.00
N ASP A 99 -0.73 -10.77 -6.28
CA ASP A 99 -1.11 -10.22 -7.61
C ASP A 99 -1.61 -8.78 -7.50
N PHE A 100 -0.73 -7.85 -7.30
CA PHE A 100 -1.16 -6.43 -7.21
C PHE A 100 -0.50 -5.59 -8.30
N ASP A 101 -1.13 -4.54 -8.71
CA ASP A 101 -0.53 -3.68 -9.76
C ASP A 101 0.41 -2.66 -9.12
N SER A 102 0.17 -2.32 -7.88
CA SER A 102 1.06 -1.33 -7.21
C SER A 102 0.89 -1.36 -5.69
N VAL A 103 1.83 -0.80 -4.97
CA VAL A 103 1.73 -0.77 -3.48
C VAL A 103 2.06 0.64 -2.96
N ILE A 104 1.18 1.22 -2.17
CA ILE A 104 1.47 2.58 -1.64
C ILE A 104 1.84 2.46 -0.15
N ASP A 105 3.08 2.73 0.18
CA ASP A 105 3.51 2.62 1.61
C ASP A 105 4.05 3.93 2.14
N CYS A 106 4.09 4.07 3.44
CA CYS A 106 4.65 5.29 4.05
C CYS A 106 6.12 5.06 4.42
N ASN A 107 6.59 3.84 4.28
CA ASN A 107 8.01 3.51 4.61
C ASN A 107 8.37 3.86 6.06
N THR A 108 7.40 4.17 6.90
CA THR A 108 7.71 4.50 8.30
C THR A 108 6.56 4.04 9.21
N SER A 109 6.86 3.27 10.22
CA SER A 109 5.79 2.78 11.14
C SER A 109 5.78 3.63 12.42
N ASP A 110 4.65 4.13 12.81
CA ASP A 110 4.57 4.96 14.05
C ASP A 110 5.51 6.16 13.96
N GLY A 111 5.77 6.63 12.77
CA GLY A 111 6.67 7.81 12.63
C GLY A 111 8.10 7.33 12.34
N LYS A 112 8.47 6.19 12.85
CA LYS A 112 9.86 5.68 12.61
C LYS A 112 9.93 4.99 11.24
N PRO A 113 11.11 4.94 10.68
CA PRO A 113 11.32 4.29 9.37
C PRO A 113 11.02 2.79 9.46
N GLN A 114 10.34 2.26 8.49
CA GLN A 114 10.00 0.79 8.52
C GLN A 114 11.25 -0.06 8.77
N ASP A 115 11.07 -1.30 9.15
CA ASP A 115 12.25 -2.18 9.40
C ASP A 115 12.75 -2.78 8.08
N ALA A 116 13.97 -3.26 8.07
CA ALA A 116 14.55 -3.84 6.82
C ALA A 116 13.55 -4.74 6.07
N VAL A 117 13.11 -5.81 6.69
CA VAL A 117 12.16 -6.72 5.99
C VAL A 117 10.86 -6.01 5.60
N SER A 118 10.45 -5.00 6.35
CA SER A 118 9.17 -4.30 6.01
C SER A 118 9.10 -3.96 4.52
N ARG A 119 10.07 -3.25 4.01
CA ARG A 119 10.05 -2.92 2.56
C ARG A 119 10.23 -4.22 1.77
N THR A 120 11.01 -5.14 2.28
CA THR A 120 11.19 -6.43 1.56
C THR A 120 9.83 -7.10 1.43
N GLN A 121 9.11 -7.21 2.51
CA GLN A 121 7.76 -7.83 2.45
C GLN A 121 6.76 -6.88 1.79
N ARG A 122 6.87 -5.60 2.08
CA ARG A 122 5.91 -4.61 1.48
C ARG A 122 6.17 -4.44 -0.03
N ARG A 123 7.42 -4.31 -0.42
CA ARG A 123 7.70 -4.13 -1.88
C ARG A 123 7.42 -5.43 -2.63
N GLY A 124 7.78 -6.55 -2.05
CA GLY A 124 7.52 -7.85 -2.75
C GLY A 124 6.02 -8.14 -2.78
N ARG A 125 5.28 -7.31 -3.44
CA ARG A 125 3.81 -7.50 -3.55
C ARG A 125 3.40 -7.22 -4.99
N THR A 126 3.88 -6.14 -5.54
CA THR A 126 3.57 -5.81 -6.96
C THR A 126 4.68 -6.34 -7.86
N GLY A 127 4.34 -6.83 -9.01
CA GLY A 127 5.38 -7.33 -9.92
C GLY A 127 5.64 -8.81 -9.69
N ARG A 128 4.75 -9.49 -9.03
CA ARG A 128 4.96 -10.95 -8.78
C ARG A 128 5.28 -11.65 -10.11
N GLY A 129 4.64 -11.25 -11.16
CA GLY A 129 4.90 -11.86 -12.49
C GLY A 129 5.00 -10.75 -13.54
N LYS A 130 5.42 -9.58 -13.11
CA LYS A 130 5.53 -8.44 -14.06
C LYS A 130 6.20 -7.25 -13.32
N PRO A 131 6.17 -6.08 -13.93
CA PRO A 131 6.77 -4.90 -13.30
C PRO A 131 5.76 -4.21 -12.37
N GLY A 132 5.82 -4.49 -11.09
CA GLY A 132 4.86 -3.86 -10.14
C GLY A 132 5.32 -2.44 -9.80
N ILE A 133 4.43 -1.60 -9.37
CA ILE A 133 4.84 -0.22 -9.00
C ILE A 133 4.82 -0.08 -7.48
N TYR A 134 5.75 0.63 -6.92
CA TYR A 134 5.75 0.79 -5.44
C TYR A 134 5.88 2.26 -5.07
N ARG A 135 4.88 2.83 -4.47
CA ARG A 135 4.96 4.26 -4.08
C ARG A 135 5.26 4.37 -2.59
N PHE A 136 6.32 5.03 -2.24
CA PHE A 136 6.68 5.17 -0.80
C PHE A 136 6.73 6.65 -0.42
N VAL A 137 6.52 6.97 0.83
CA VAL A 137 6.55 8.40 1.25
C VAL A 137 7.98 8.82 1.60
N ALA A 138 8.71 7.96 2.27
CA ALA A 138 10.11 8.32 2.63
C ALA A 138 11.10 7.63 1.68
N PRO A 139 11.76 8.42 0.86
CA PRO A 139 12.75 7.85 -0.09
C PRO A 139 14.00 7.37 0.65
N GLY A 140 14.52 8.17 1.54
CA GLY A 140 15.74 7.76 2.30
C GLY A 140 16.98 8.35 1.64
N GLU A 141 17.82 8.99 2.42
CA GLU A 141 19.05 9.60 1.84
C GLU A 141 18.70 10.50 0.65
N ARG A 142 18.30 11.71 0.89
CA ARG A 142 17.94 12.63 -0.22
C ARG A 142 16.96 11.94 -1.18
N GLY A 5 24.41 -9.00 9.08
CA GLY A 5 24.08 -7.61 8.68
C GLY A 5 22.67 -7.57 8.09
N SER A 6 22.27 -6.44 7.55
CA SER A 6 20.91 -6.34 6.96
C SER A 6 20.96 -6.59 5.46
N VAL A 7 20.58 -7.76 5.02
CA VAL A 7 20.61 -8.06 3.57
C VAL A 7 19.18 -8.24 3.05
N THR A 8 18.67 -7.26 2.36
CA THR A 8 17.29 -7.36 1.83
C THR A 8 17.30 -7.74 0.35
N VAL A 9 16.39 -8.58 -0.06
CA VAL A 9 16.36 -8.98 -1.50
C VAL A 9 15.96 -7.76 -2.35
N PRO A 10 16.48 -7.73 -3.54
CA PRO A 10 16.21 -6.59 -4.47
C PRO A 10 14.81 -6.63 -5.07
N HIS A 11 14.18 -7.77 -5.05
CA HIS A 11 12.80 -7.89 -5.67
C HIS A 11 12.75 -7.16 -7.02
N PRO A 12 13.33 -7.77 -8.02
CA PRO A 12 13.32 -7.15 -9.36
C PRO A 12 11.92 -7.20 -9.97
N ASN A 13 11.78 -6.78 -11.20
CA ASN A 13 10.44 -6.79 -11.88
C ASN A 13 9.47 -5.80 -11.20
N ILE A 14 9.93 -5.02 -10.27
CA ILE A 14 9.01 -4.04 -9.61
C ILE A 14 9.52 -2.61 -9.88
N GLU A 15 8.68 -1.76 -10.39
CA GLU A 15 9.10 -0.36 -10.67
C GLU A 15 8.92 0.49 -9.41
N GLU A 16 9.95 1.19 -9.00
CA GLU A 16 9.83 2.03 -7.77
C GLU A 16 9.37 3.44 -8.15
N VAL A 17 8.46 3.99 -7.41
CA VAL A 17 7.96 5.36 -7.73
C VAL A 17 7.99 6.23 -6.46
N ALA A 18 8.08 7.51 -6.62
CA ALA A 18 8.12 8.41 -5.43
C ALA A 18 6.77 9.09 -5.24
N LEU A 19 6.08 8.76 -4.18
CA LEU A 19 4.76 9.40 -3.92
C LEU A 19 4.95 10.91 -3.81
N SER A 20 4.04 11.68 -4.34
CA SER A 20 4.19 13.16 -4.27
C SER A 20 2.83 13.83 -4.00
N THR A 21 2.80 15.13 -3.94
CA THR A 21 1.52 15.84 -3.70
C THR A 21 0.68 15.85 -4.98
N THR A 22 0.35 14.71 -5.50
CA THR A 22 -0.47 14.66 -6.75
C THR A 22 -1.62 13.68 -6.60
N GLY A 23 -2.83 14.16 -6.52
CA GLY A 23 -3.97 13.22 -6.40
C GLY A 23 -5.10 13.84 -5.58
N GLU A 24 -6.04 13.03 -5.18
CA GLU A 24 -7.18 13.56 -4.37
C GLU A 24 -7.17 12.94 -2.97
N ILE A 25 -6.49 11.84 -2.79
CA ILE A 25 -6.46 11.23 -1.43
C ILE A 25 -5.16 11.61 -0.71
N PRO A 26 -5.28 12.54 0.23
CA PRO A 26 -4.08 12.99 0.98
C PRO A 26 -3.47 11.86 1.80
N PHE A 27 -2.19 11.66 1.65
CA PHE A 27 -1.51 10.57 2.39
C PHE A 27 -0.43 11.16 3.31
N TYR A 28 0.45 10.35 3.83
CA TYR A 28 1.52 10.85 4.74
C TYR A 28 2.37 11.94 4.07
N GLY A 29 1.91 13.16 4.06
CA GLY A 29 2.69 14.27 3.43
C GLY A 29 2.67 14.16 1.91
N LYS A 30 2.00 13.19 1.37
CA LYS A 30 1.95 13.04 -0.12
C LYS A 30 0.49 12.86 -0.56
N ALA A 31 0.19 13.18 -1.79
CA ALA A 31 -1.22 13.01 -2.25
C ALA A 31 -1.30 11.83 -3.22
N ILE A 32 -1.88 10.75 -2.79
CA ILE A 32 -1.98 9.57 -3.67
C ILE A 32 -2.90 9.85 -4.86
N PRO A 33 -2.34 9.88 -6.03
CA PRO A 33 -3.17 10.06 -7.24
C PRO A 33 -4.00 8.78 -7.40
N LEU A 34 -5.29 8.89 -7.59
CA LEU A 34 -6.12 7.66 -7.70
C LEU A 34 -5.59 6.74 -8.81
N GLU A 35 -4.79 7.26 -9.71
CA GLU A 35 -4.26 6.39 -10.80
C GLU A 35 -3.45 5.23 -10.21
N VAL A 36 -3.06 5.32 -8.97
CA VAL A 36 -2.25 4.21 -8.36
C VAL A 36 -3.16 3.20 -7.63
N ILE A 37 -4.33 3.62 -7.23
CA ILE A 37 -5.23 2.66 -6.51
C ILE A 37 -6.55 2.48 -7.28
N LYS A 38 -6.89 3.40 -8.13
CA LYS A 38 -8.15 3.25 -8.92
C LYS A 38 -7.86 2.62 -10.28
N GLY A 39 -8.79 1.87 -10.79
CA GLY A 39 -8.58 1.22 -12.11
C GLY A 39 -8.14 -0.22 -11.90
N GLY A 40 -7.92 -0.64 -10.67
CA GLY A 40 -7.49 -2.05 -10.45
C GLY A 40 -7.36 -2.34 -8.95
N ARG A 41 -6.60 -3.34 -8.61
CA ARG A 41 -6.43 -3.68 -7.17
C ARG A 41 -5.07 -3.20 -6.65
N HIS A 42 -5.04 -2.55 -5.52
CA HIS A 42 -3.75 -2.07 -4.98
C HIS A 42 -3.70 -2.25 -3.47
N LEU A 43 -2.54 -2.52 -2.93
CA LEU A 43 -2.41 -2.71 -1.46
C LEU A 43 -1.69 -1.52 -0.83
N ILE A 44 -2.30 -0.85 0.10
CA ILE A 44 -1.64 0.31 0.75
C ILE A 44 -1.09 -0.14 2.11
N PHE A 45 0.18 0.08 2.35
CA PHE A 45 0.76 -0.33 3.66
C PHE A 45 0.78 0.86 4.62
N CYS A 46 0.13 0.74 5.74
CA CYS A 46 0.13 1.87 6.73
C CYS A 46 0.76 1.42 8.06
N HIS A 47 1.24 2.35 8.83
CA HIS A 47 1.84 1.97 10.15
C HIS A 47 0.85 2.29 11.29
N SER A 48 -0.34 2.73 10.96
CA SER A 48 -1.33 3.06 12.02
C SER A 48 -2.69 2.42 11.68
N LYS A 49 -3.31 1.83 12.66
CA LYS A 49 -4.62 1.18 12.44
C LYS A 49 -5.73 2.23 12.26
N LYS A 50 -5.59 3.35 12.91
CA LYS A 50 -6.64 4.42 12.79
C LYS A 50 -6.66 5.01 11.38
N LYS A 51 -5.53 5.08 10.75
CA LYS A 51 -5.47 5.65 9.38
C LYS A 51 -6.08 4.68 8.38
N CYS A 52 -5.88 3.40 8.58
CA CYS A 52 -6.47 2.40 7.65
C CYS A 52 -7.99 2.51 7.67
N ASP A 53 -8.56 2.75 8.82
CA ASP A 53 -10.04 2.86 8.88
C ASP A 53 -10.52 4.09 8.09
N GLU A 54 -9.92 5.22 8.33
CA GLU A 54 -10.35 6.45 7.60
C GLU A 54 -9.91 6.39 6.13
N LEU A 55 -8.69 6.02 5.89
CA LEU A 55 -8.17 5.96 4.49
C LEU A 55 -9.05 5.04 3.61
N ALA A 56 -9.47 3.92 4.12
CA ALA A 56 -10.32 3.02 3.29
C ALA A 56 -11.66 3.69 3.00
N ALA A 57 -12.33 4.17 4.01
CA ALA A 57 -13.63 4.84 3.79
C ALA A 57 -13.43 6.03 2.84
N LYS A 58 -12.28 6.66 2.93
CA LYS A 58 -12.00 7.82 2.04
C LYS A 58 -12.04 7.37 0.57
N LEU A 59 -11.62 6.17 0.31
CA LEU A 59 -11.62 5.65 -1.09
C LEU A 59 -13.05 5.32 -1.53
N VAL A 60 -13.82 4.70 -0.69
CA VAL A 60 -15.22 4.38 -1.08
C VAL A 60 -15.95 5.66 -1.51
N ALA A 61 -15.61 6.77 -0.90
CA ALA A 61 -16.25 8.06 -1.26
C ALA A 61 -15.69 8.57 -2.59
N LEU A 62 -14.43 8.29 -2.85
CA LEU A 62 -13.79 8.74 -4.12
C LEU A 62 -14.32 7.92 -5.29
N GLY A 63 -14.77 6.73 -5.01
CA GLY A 63 -15.29 5.84 -6.09
C GLY A 63 -14.47 4.54 -6.11
N ILE A 64 -13.55 4.39 -5.20
CA ILE A 64 -12.71 3.17 -5.14
C ILE A 64 -13.17 2.27 -4.00
N ASN A 65 -13.13 0.98 -4.17
CA ASN A 65 -13.55 0.09 -3.06
C ASN A 65 -12.31 -0.16 -2.22
N ALA A 66 -12.22 0.43 -1.07
CA ALA A 66 -11.00 0.25 -0.25
C ALA A 66 -11.31 -0.42 1.08
N VAL A 67 -10.39 -1.23 1.54
CA VAL A 67 -10.59 -1.94 2.83
C VAL A 67 -9.37 -1.75 3.74
N ALA A 68 -9.57 -1.81 5.03
CA ALA A 68 -8.40 -1.67 5.93
C ALA A 68 -8.24 -2.95 6.75
N TYR A 69 -7.15 -3.65 6.59
CA TYR A 69 -6.96 -4.91 7.36
C TYR A 69 -5.96 -4.71 8.49
N TYR A 70 -6.35 -5.07 9.69
CA TYR A 70 -5.42 -4.92 10.83
C TYR A 70 -5.78 -5.90 11.95
N ARG A 71 -5.08 -5.88 13.04
CA ARG A 71 -5.39 -6.82 14.15
C ARG A 71 -6.87 -6.75 14.54
N GLY A 72 -7.54 -7.88 14.56
CA GLY A 72 -8.98 -7.89 14.94
C GLY A 72 -9.81 -7.21 13.86
N LEU A 73 -9.67 -7.63 12.63
CA LEU A 73 -10.48 -6.99 11.54
C LEU A 73 -11.39 -8.04 10.91
N ASP A 74 -12.48 -7.61 10.33
CA ASP A 74 -13.43 -8.58 9.70
C ASP A 74 -13.09 -8.78 8.23
N VAL A 75 -13.35 -9.94 7.71
CA VAL A 75 -13.04 -10.18 6.27
C VAL A 75 -13.86 -9.19 5.42
N SER A 76 -13.20 -8.25 4.82
CA SER A 76 -13.92 -7.25 3.97
C SER A 76 -13.20 -7.09 2.63
N VAL A 77 -11.89 -7.12 2.63
CA VAL A 77 -11.13 -6.98 1.36
C VAL A 77 -11.70 -7.96 0.32
N ILE A 78 -11.94 -7.51 -0.88
CA ILE A 78 -12.50 -8.44 -1.91
C ILE A 78 -11.74 -8.28 -3.23
N PRO A 79 -10.69 -9.06 -3.38
CA PRO A 79 -9.87 -9.03 -4.60
C PRO A 79 -10.39 -10.03 -5.63
N THR A 80 -11.65 -9.96 -5.96
CA THR A 80 -12.21 -10.92 -6.96
C THR A 80 -12.90 -10.18 -8.11
N ASN A 81 -13.38 -8.99 -7.87
CA ASN A 81 -14.07 -8.24 -8.96
C ASN A 81 -14.00 -6.74 -8.71
N GLY A 82 -14.33 -5.94 -9.70
CA GLY A 82 -14.30 -4.46 -9.53
C GLY A 82 -12.91 -4.05 -9.05
N ASP A 83 -12.65 -2.77 -8.95
CA ASP A 83 -11.31 -2.31 -8.49
C ASP A 83 -11.34 -2.06 -6.98
N VAL A 84 -10.67 -2.89 -6.25
CA VAL A 84 -10.62 -2.75 -4.78
C VAL A 84 -9.18 -2.47 -4.32
N VAL A 85 -9.03 -1.54 -3.45
CA VAL A 85 -7.67 -1.22 -2.93
C VAL A 85 -7.60 -1.59 -1.45
N VAL A 86 -6.71 -2.46 -1.09
CA VAL A 86 -6.63 -2.90 0.34
C VAL A 86 -5.55 -2.12 1.10
N VAL A 87 -5.93 -1.41 2.13
CA VAL A 87 -4.90 -0.66 2.92
C VAL A 87 -4.76 -1.31 4.30
N ALA A 88 -3.77 -2.12 4.48
CA ALA A 88 -3.60 -2.80 5.79
C ALA A 88 -2.17 -2.63 6.30
N THR A 89 -1.98 -2.70 7.59
CA THR A 89 -0.60 -2.52 8.15
C THR A 89 0.15 -3.86 8.16
N ASP A 90 -0.49 -4.92 8.57
CA ASP A 90 0.20 -6.24 8.60
C ASP A 90 -0.76 -7.35 9.08
N ALA A 91 -2.03 -7.21 8.82
CA ALA A 91 -3.00 -8.24 9.26
C ALA A 91 -3.34 -9.14 8.06
N LEU A 92 -3.39 -8.56 6.89
CA LEU A 92 -3.69 -9.37 5.67
C LEU A 92 -2.55 -10.34 5.41
N MET A 93 -1.33 -9.88 5.56
CA MET A 93 -0.14 -10.75 5.32
C MET A 93 -0.28 -11.48 3.97
N THR A 94 -1.05 -10.93 3.06
CA THR A 94 -1.23 -11.57 1.73
C THR A 94 -1.68 -13.03 1.89
N GLY A 95 -0.78 -13.96 2.06
CA GLY A 95 -1.20 -15.38 2.21
C GLY A 95 -1.83 -15.84 0.90
N PHE A 96 -3.09 -15.56 0.72
CA PHE A 96 -3.76 -15.95 -0.56
C PHE A 96 -3.79 -14.73 -1.47
N THR A 97 -2.72 -13.97 -1.45
CA THR A 97 -2.66 -12.75 -2.30
C THR A 97 -1.28 -12.62 -2.95
N GLY A 98 -0.99 -11.50 -3.53
CA GLY A 98 0.35 -11.31 -4.18
C GLY A 98 0.15 -10.71 -5.57
N ASP A 99 -1.02 -10.79 -6.12
CA ASP A 99 -1.25 -10.23 -7.48
C ASP A 99 -1.80 -8.80 -7.40
N PHE A 100 -0.95 -7.85 -7.09
CA PHE A 100 -1.42 -6.44 -6.99
C PHE A 100 -0.79 -5.60 -8.11
N ASP A 101 -1.47 -4.59 -8.55
CA ASP A 101 -0.89 -3.74 -9.62
C ASP A 101 0.17 -2.82 -9.03
N SER A 102 -0.02 -2.40 -7.81
CA SER A 102 0.99 -1.50 -7.18
C SER A 102 0.86 -1.51 -5.66
N VAL A 103 1.87 -1.04 -4.97
CA VAL A 103 1.80 -0.99 -3.47
C VAL A 103 2.25 0.38 -2.97
N ILE A 104 1.35 1.14 -2.40
CA ILE A 104 1.73 2.49 -1.86
C ILE A 104 2.09 2.34 -0.38
N ASP A 105 3.34 2.54 -0.05
CA ASP A 105 3.74 2.38 1.38
C ASP A 105 4.30 3.68 1.96
N CYS A 106 4.33 3.76 3.25
CA CYS A 106 4.88 4.97 3.91
C CYS A 106 6.40 4.77 4.11
N ASN A 107 6.87 3.55 3.94
CA ASN A 107 8.34 3.27 4.13
C ASN A 107 8.83 3.66 5.52
N THR A 108 7.95 3.96 6.44
CA THR A 108 8.40 4.32 7.80
C THR A 108 7.35 3.86 8.82
N SER A 109 7.76 3.17 9.86
CA SER A 109 6.79 2.69 10.87
C SER A 109 6.92 3.50 12.16
N ASP A 110 5.81 3.92 12.74
CA ASP A 110 5.86 4.70 14.01
C ASP A 110 6.74 5.95 13.84
N GLY A 111 6.75 6.52 12.67
CA GLY A 111 7.58 7.76 12.46
C GLY A 111 9.05 7.37 12.26
N LYS A 112 9.33 6.13 12.05
CA LYS A 112 10.75 5.70 11.85
C LYS A 112 10.88 4.97 10.50
N PRO A 113 12.06 4.97 9.96
CA PRO A 113 12.30 4.30 8.65
C PRO A 113 12.04 2.80 8.77
N GLN A 114 11.23 2.27 7.89
CA GLN A 114 10.89 0.82 7.92
C GLN A 114 12.13 -0.05 8.15
N ASP A 115 11.96 -1.27 8.57
CA ASP A 115 13.11 -2.17 8.81
C ASP A 115 13.50 -2.91 7.52
N ALA A 116 14.70 -3.41 7.46
CA ALA A 116 15.18 -4.12 6.25
C ALA A 116 14.12 -5.05 5.63
N VAL A 117 13.58 -5.96 6.40
CA VAL A 117 12.57 -6.89 5.82
C VAL A 117 11.24 -6.18 5.51
N SER A 118 10.92 -5.16 6.25
CA SER A 118 9.63 -4.45 6.00
C SER A 118 9.46 -4.16 4.50
N ARG A 119 10.40 -3.48 3.91
CA ARG A 119 10.29 -3.20 2.46
C ARG A 119 10.44 -4.50 1.68
N THR A 120 11.26 -5.39 2.17
CA THR A 120 11.42 -6.69 1.47
C THR A 120 10.05 -7.38 1.41
N GLN A 121 9.38 -7.47 2.53
CA GLN A 121 8.04 -8.11 2.54
C GLN A 121 7.01 -7.18 1.88
N ARG A 122 7.15 -5.89 2.07
CA ARG A 122 6.18 -4.93 1.47
C ARG A 122 6.37 -4.84 -0.05
N ARG A 123 7.59 -4.74 -0.52
CA ARG A 123 7.82 -4.63 -1.98
C ARG A 123 7.38 -5.92 -2.68
N GLY A 124 7.58 -7.05 -2.05
CA GLY A 124 7.17 -8.33 -2.69
C GLY A 124 5.65 -8.44 -2.72
N ARG A 125 5.01 -7.55 -3.43
CA ARG A 125 3.52 -7.58 -3.52
C ARG A 125 3.10 -7.38 -4.98
N THR A 126 3.74 -6.45 -5.64
CA THR A 126 3.40 -6.19 -7.08
C THR A 126 4.47 -6.83 -7.98
N GLY A 127 4.06 -7.38 -9.08
CA GLY A 127 5.07 -8.01 -9.99
C GLY A 127 4.87 -9.53 -10.04
N ARG A 128 3.78 -10.01 -9.50
CA ARG A 128 3.54 -11.49 -9.52
C ARG A 128 3.14 -11.93 -10.93
N GLY A 129 4.11 -12.18 -11.78
CA GLY A 129 3.79 -12.60 -13.17
C GLY A 129 3.83 -11.39 -14.10
N LYS A 130 4.41 -10.29 -13.66
CA LYS A 130 4.49 -9.07 -14.51
C LYS A 130 5.34 -8.01 -13.79
N PRO A 131 5.39 -6.82 -14.36
CA PRO A 131 6.17 -5.73 -13.75
C PRO A 131 5.31 -4.95 -12.74
N GLY A 132 5.47 -5.20 -11.47
CA GLY A 132 4.66 -4.46 -10.46
C GLY A 132 5.23 -3.07 -10.23
N ILE A 133 4.44 -2.18 -9.70
CA ILE A 133 4.94 -0.80 -9.42
C ILE A 133 4.86 -0.54 -7.92
N TYR A 134 5.82 0.16 -7.37
CA TYR A 134 5.77 0.41 -5.90
C TYR A 134 5.96 1.89 -5.60
N ARG A 135 4.98 2.51 -5.02
CA ARG A 135 5.10 3.96 -4.68
C ARG A 135 5.40 4.10 -3.18
N PHE A 136 6.47 4.75 -2.84
CA PHE A 136 6.80 4.90 -1.39
C PHE A 136 6.76 6.39 -0.99
N VAL A 137 6.55 6.66 0.27
CA VAL A 137 6.51 8.08 0.73
C VAL A 137 7.94 8.57 1.00
N ALA A 138 8.57 8.03 2.01
CA ALA A 138 9.95 8.45 2.33
C ALA A 138 10.03 9.97 2.48
N PRO A 139 9.92 10.44 3.70
CA PRO A 139 9.98 11.90 3.96
C PRO A 139 11.40 12.41 3.78
N GLY A 140 12.38 11.62 4.14
CA GLY A 140 13.80 12.07 3.98
C GLY A 140 14.05 13.28 4.88
N GLU A 141 15.18 13.92 4.72
CA GLU A 141 15.50 15.11 5.56
C GLU A 141 14.47 16.22 5.32
N ARG A 142 13.80 16.64 6.35
CA ARG A 142 12.79 17.73 6.19
C ARG A 142 13.37 19.07 6.61
N GLY A 5 24.30 -0.27 8.11
CA GLY A 5 24.03 -0.10 6.65
C GLY A 5 23.36 -1.37 6.10
N SER A 6 22.06 -1.37 6.00
CA SER A 6 21.36 -2.58 5.47
C SER A 6 21.03 -2.40 3.99
N VAL A 7 21.31 -3.38 3.18
CA VAL A 7 21.01 -3.26 1.73
C VAL A 7 19.91 -4.26 1.34
N THR A 8 18.72 -3.78 1.14
CA THR A 8 17.60 -4.68 0.76
C THR A 8 17.85 -5.27 -0.64
N VAL A 9 17.46 -6.49 -0.85
CA VAL A 9 17.68 -7.11 -2.19
C VAL A 9 16.82 -6.40 -3.24
N PRO A 10 17.34 -6.34 -4.43
CA PRO A 10 16.61 -5.70 -5.55
C PRO A 10 15.44 -6.56 -6.00
N HIS A 11 14.85 -6.20 -7.11
CA HIS A 11 13.70 -6.98 -7.66
C HIS A 11 13.26 -6.34 -8.97
N PRO A 12 13.94 -6.70 -10.03
CA PRO A 12 13.62 -6.13 -11.37
C PRO A 12 12.23 -6.57 -11.84
N ASN A 13 11.23 -5.81 -11.49
CA ASN A 13 9.83 -6.16 -11.90
C ASN A 13 8.87 -5.09 -11.37
N ILE A 14 9.15 -4.56 -10.21
CA ILE A 14 8.24 -3.52 -9.65
C ILE A 14 8.80 -2.12 -9.95
N GLU A 15 7.97 -1.24 -10.40
CA GLU A 15 8.44 0.14 -10.70
C GLU A 15 8.43 0.98 -9.42
N GLU A 16 9.51 1.62 -9.09
CA GLU A 16 9.56 2.44 -7.85
C GLU A 16 9.09 3.87 -8.15
N VAL A 17 8.07 4.32 -7.49
CA VAL A 17 7.56 5.69 -7.75
C VAL A 17 7.73 6.56 -6.49
N ALA A 18 7.78 7.85 -6.67
CA ALA A 18 7.92 8.74 -5.48
C ALA A 18 6.57 9.40 -5.16
N LEU A 19 5.91 8.94 -4.14
CA LEU A 19 4.59 9.54 -3.79
C LEU A 19 4.74 11.06 -3.64
N SER A 20 3.87 11.81 -4.23
CA SER A 20 3.96 13.29 -4.11
C SER A 20 2.58 13.90 -3.90
N THR A 21 2.48 15.20 -3.87
CA THR A 21 1.16 15.85 -3.66
C THR A 21 0.35 15.83 -4.97
N THR A 22 0.02 14.67 -5.44
CA THR A 22 -0.76 14.57 -6.71
C THR A 22 -1.93 13.60 -6.53
N GLY A 23 -3.14 14.09 -6.55
CA GLY A 23 -4.29 13.17 -6.39
C GLY A 23 -5.37 13.82 -5.52
N GLU A 24 -6.28 13.03 -5.03
CA GLU A 24 -7.37 13.58 -4.18
C GLU A 24 -7.36 12.93 -2.79
N ILE A 25 -6.79 11.77 -2.67
CA ILE A 25 -6.78 11.11 -1.34
C ILE A 25 -5.47 11.43 -0.60
N PRO A 26 -5.60 12.19 0.48
CA PRO A 26 -4.41 12.59 1.28
C PRO A 26 -3.76 11.34 1.89
N PHE A 27 -2.46 11.37 2.11
CA PHE A 27 -1.79 10.17 2.67
C PHE A 27 -0.41 10.52 3.24
N TYR A 28 -0.35 10.90 4.49
CA TYR A 28 0.96 11.24 5.13
C TYR A 28 1.64 12.41 4.41
N GLY A 29 1.07 13.58 4.48
CA GLY A 29 1.68 14.76 3.80
C GLY A 29 1.81 14.51 2.30
N LYS A 30 1.16 13.50 1.79
CA LYS A 30 1.25 13.21 0.34
C LYS A 30 -0.16 13.02 -0.23
N ALA A 31 -0.35 13.24 -1.51
CA ALA A 31 -1.70 13.07 -2.08
C ALA A 31 -1.70 11.87 -3.02
N ILE A 32 -2.31 10.78 -2.61
CA ILE A 32 -2.32 9.59 -3.48
C ILE A 32 -3.21 9.83 -4.72
N PRO A 33 -2.60 9.85 -5.86
CA PRO A 33 -3.39 10.00 -7.11
C PRO A 33 -4.15 8.69 -7.31
N LEU A 34 -5.43 8.74 -7.55
CA LEU A 34 -6.19 7.46 -7.71
C LEU A 34 -5.59 6.61 -8.82
N GLU A 35 -4.80 7.18 -9.68
CA GLU A 35 -4.18 6.37 -10.76
C GLU A 35 -3.31 5.26 -10.18
N VAL A 36 -2.96 5.35 -8.92
CA VAL A 36 -2.10 4.30 -8.30
C VAL A 36 -2.95 3.22 -7.61
N ILE A 37 -4.13 3.55 -7.19
CA ILE A 37 -4.98 2.54 -6.50
C ILE A 37 -6.27 2.29 -7.29
N LYS A 38 -6.72 3.27 -8.01
CA LYS A 38 -7.97 3.10 -8.81
C LYS A 38 -7.65 2.53 -10.19
N GLY A 39 -8.54 1.76 -10.72
CA GLY A 39 -8.30 1.15 -12.06
C GLY A 39 -7.99 -0.34 -11.88
N GLY A 40 -7.88 -0.82 -10.66
CA GLY A 40 -7.58 -2.27 -10.48
C GLY A 40 -7.44 -2.59 -8.99
N ARG A 41 -6.57 -3.51 -8.66
CA ARG A 41 -6.39 -3.87 -7.22
C ARG A 41 -5.04 -3.35 -6.71
N HIS A 42 -5.03 -2.73 -5.56
CA HIS A 42 -3.74 -2.21 -5.03
C HIS A 42 -3.65 -2.40 -3.52
N LEU A 43 -2.46 -2.57 -3.01
CA LEU A 43 -2.29 -2.76 -1.54
C LEU A 43 -1.61 -1.53 -0.92
N ILE A 44 -2.30 -0.81 -0.10
CA ILE A 44 -1.69 0.39 0.54
C ILE A 44 -1.20 0.03 1.94
N PHE A 45 0.04 0.31 2.22
CA PHE A 45 0.57 -0.01 3.57
C PHE A 45 0.48 1.22 4.49
N CYS A 46 -0.16 1.08 5.61
CA CYS A 46 -0.29 2.25 6.54
C CYS A 46 0.43 1.96 7.85
N HIS A 47 0.76 2.99 8.59
CA HIS A 47 1.44 2.77 9.90
C HIS A 47 0.47 3.05 11.06
N SER A 48 -0.74 3.45 10.75
CA SER A 48 -1.72 3.74 11.84
C SER A 48 -3.08 3.12 11.50
N LYS A 49 -3.71 2.51 12.47
CA LYS A 49 -5.04 1.88 12.24
C LYS A 49 -6.12 2.94 12.05
N LYS A 50 -6.05 4.02 12.80
CA LYS A 50 -7.08 5.08 12.67
C LYS A 50 -7.11 5.63 11.24
N LYS A 51 -5.97 5.71 10.60
CA LYS A 51 -5.93 6.23 9.20
C LYS A 51 -6.49 5.19 8.24
N CYS A 52 -6.26 3.93 8.52
CA CYS A 52 -6.79 2.87 7.63
C CYS A 52 -8.32 2.91 7.61
N ASP A 53 -8.92 3.27 8.71
CA ASP A 53 -10.41 3.35 8.74
C ASP A 53 -10.91 4.49 7.86
N GLU A 54 -10.36 5.66 8.04
CA GLU A 54 -10.81 6.82 7.20
C GLU A 54 -10.29 6.67 5.78
N LEU A 55 -9.05 6.28 5.63
CA LEU A 55 -8.45 6.12 4.28
C LEU A 55 -9.26 5.14 3.42
N ALA A 56 -9.70 4.05 3.97
CA ALA A 56 -10.48 3.08 3.16
C ALA A 56 -11.85 3.68 2.82
N ALA A 57 -12.56 4.16 3.81
CA ALA A 57 -13.89 4.76 3.53
C ALA A 57 -13.74 5.90 2.52
N LYS A 58 -12.64 6.61 2.60
CA LYS A 58 -12.40 7.71 1.64
C LYS A 58 -12.45 7.16 0.20
N LEU A 59 -11.80 6.07 -0.03
CA LEU A 59 -11.79 5.48 -1.40
C LEU A 59 -13.20 5.12 -1.85
N VAL A 60 -14.00 4.55 -0.99
CA VAL A 60 -15.39 4.21 -1.41
C VAL A 60 -16.10 5.48 -1.92
N ALA A 61 -15.79 6.61 -1.33
CA ALA A 61 -16.44 7.88 -1.78
C ALA A 61 -15.82 8.36 -3.11
N LEU A 62 -14.55 8.12 -3.30
CA LEU A 62 -13.89 8.54 -4.56
C LEU A 62 -14.36 7.65 -5.72
N GLY A 63 -14.77 6.47 -5.39
CA GLY A 63 -15.25 5.52 -6.45
C GLY A 63 -14.41 4.24 -6.42
N ILE A 64 -13.56 4.10 -5.42
CA ILE A 64 -12.70 2.89 -5.32
C ILE A 64 -13.17 2.00 -4.16
N ASN A 65 -13.11 0.71 -4.31
CA ASN A 65 -13.53 -0.15 -3.17
C ASN A 65 -12.29 -0.38 -2.32
N ALA A 66 -12.22 0.25 -1.19
CA ALA A 66 -11.01 0.09 -0.37
C ALA A 66 -11.32 -0.53 0.98
N VAL A 67 -10.40 -1.33 1.49
CA VAL A 67 -10.63 -1.98 2.81
C VAL A 67 -9.40 -1.78 3.68
N ALA A 68 -9.60 -1.60 4.96
CA ALA A 68 -8.42 -1.42 5.84
C ALA A 68 -8.23 -2.68 6.70
N TYR A 69 -7.08 -3.30 6.62
CA TYR A 69 -6.86 -4.53 7.43
C TYR A 69 -5.85 -4.27 8.56
N TYR A 70 -6.19 -4.66 9.76
CA TYR A 70 -5.26 -4.46 10.90
C TYR A 70 -5.73 -5.28 12.11
N ARG A 71 -5.01 -5.23 13.19
CA ARG A 71 -5.41 -6.02 14.39
C ARG A 71 -6.85 -5.70 14.80
N GLY A 72 -7.68 -6.71 14.91
CA GLY A 72 -9.10 -6.47 15.31
C GLY A 72 -9.90 -5.98 14.11
N LEU A 73 -9.67 -6.57 12.96
CA LEU A 73 -10.42 -6.14 11.75
C LEU A 73 -11.27 -7.30 11.21
N ASP A 74 -12.31 -6.99 10.46
CA ASP A 74 -13.19 -8.08 9.92
C ASP A 74 -12.82 -8.38 8.48
N VAL A 75 -13.00 -9.60 8.06
CA VAL A 75 -12.67 -9.94 6.64
C VAL A 75 -13.56 -9.12 5.71
N SER A 76 -12.98 -8.19 5.00
CA SER A 76 -13.77 -7.34 4.06
C SER A 76 -13.06 -7.23 2.71
N VAL A 77 -11.77 -7.14 2.72
CA VAL A 77 -11.00 -7.03 1.44
C VAL A 77 -11.49 -8.06 0.41
N ILE A 78 -11.74 -7.63 -0.79
CA ILE A 78 -12.22 -8.59 -1.83
C ILE A 78 -11.52 -8.33 -3.17
N PRO A 79 -10.42 -9.00 -3.39
CA PRO A 79 -9.68 -8.84 -4.65
C PRO A 79 -10.18 -9.85 -5.69
N THR A 80 -11.48 -9.99 -5.81
CA THR A 80 -12.03 -10.96 -6.79
C THR A 80 -13.00 -10.27 -7.77
N ASN A 81 -13.55 -9.15 -7.40
CA ASN A 81 -14.50 -8.46 -8.32
C ASN A 81 -14.28 -6.95 -8.32
N GLY A 82 -14.56 -6.30 -9.42
CA GLY A 82 -14.38 -4.82 -9.49
C GLY A 82 -12.97 -4.45 -9.02
N ASP A 83 -12.67 -3.18 -8.98
CA ASP A 83 -11.31 -2.75 -8.54
C ASP A 83 -11.33 -2.43 -7.05
N VAL A 84 -10.66 -3.23 -6.28
CA VAL A 84 -10.61 -3.03 -4.81
C VAL A 84 -9.19 -2.73 -4.36
N VAL A 85 -9.04 -1.77 -3.53
CA VAL A 85 -7.67 -1.42 -3.03
C VAL A 85 -7.58 -1.78 -1.55
N VAL A 86 -6.64 -2.60 -1.19
CA VAL A 86 -6.53 -3.02 0.23
C VAL A 86 -5.50 -2.16 0.96
N VAL A 87 -5.91 -1.43 1.96
CA VAL A 87 -4.92 -0.59 2.69
C VAL A 87 -4.75 -1.17 4.10
N ALA A 88 -3.72 -1.93 4.31
CA ALA A 88 -3.51 -2.55 5.65
C ALA A 88 -2.07 -2.34 6.11
N THR A 89 -1.83 -2.38 7.39
CA THR A 89 -0.45 -2.15 7.91
C THR A 89 0.30 -3.47 8.10
N ASP A 90 -0.39 -4.53 8.41
CA ASP A 90 0.33 -5.84 8.61
C ASP A 90 -0.66 -6.98 8.88
N ALA A 91 -1.81 -6.71 9.44
CA ALA A 91 -2.80 -7.79 9.72
C ALA A 91 -2.96 -8.69 8.48
N LEU A 92 -2.99 -8.10 7.32
CA LEU A 92 -3.10 -8.93 6.08
C LEU A 92 -1.84 -9.78 5.97
N MET A 93 -0.71 -9.21 6.28
CA MET A 93 0.58 -9.96 6.21
C MET A 93 0.68 -10.77 4.91
N THR A 94 0.02 -10.33 3.87
CA THR A 94 0.08 -11.07 2.57
C THR A 94 -0.04 -12.59 2.79
N GLY A 95 0.80 -13.38 2.16
CA GLY A 95 0.72 -14.85 2.35
C GLY A 95 -0.11 -15.45 1.20
N PHE A 96 -1.41 -15.32 1.27
CA PHE A 96 -2.26 -15.88 0.17
C PHE A 96 -2.59 -14.76 -0.83
N THR A 97 -1.83 -13.69 -0.81
CA THR A 97 -2.10 -12.58 -1.76
C THR A 97 -1.15 -12.66 -2.97
N GLY A 98 -0.79 -11.54 -3.53
CA GLY A 98 0.14 -11.58 -4.70
C GLY A 98 -0.57 -11.05 -5.95
N ASP A 99 -1.65 -10.34 -5.79
CA ASP A 99 -2.37 -9.81 -6.98
C ASP A 99 -2.55 -8.30 -6.86
N PHE A 100 -1.47 -7.56 -6.77
CA PHE A 100 -1.62 -6.08 -6.65
C PHE A 100 -0.90 -5.38 -7.81
N ASP A 101 -1.52 -4.41 -8.40
CA ASP A 101 -0.87 -3.69 -9.53
C ASP A 101 0.19 -2.74 -8.98
N SER A 102 0.01 -2.27 -7.77
CA SER A 102 1.02 -1.34 -7.17
C SER A 102 0.87 -1.32 -5.64
N VAL A 103 1.87 -0.83 -4.95
CA VAL A 103 1.78 -0.77 -3.45
C VAL A 103 2.16 0.63 -2.96
N ILE A 104 1.22 1.32 -2.35
CA ILE A 104 1.51 2.68 -1.82
C ILE A 104 1.93 2.56 -0.34
N ASP A 105 3.15 2.88 -0.02
CA ASP A 105 3.61 2.74 1.39
C ASP A 105 4.12 4.06 1.96
N CYS A 106 4.19 4.15 3.25
CA CYS A 106 4.72 5.38 3.90
C CYS A 106 6.15 5.13 4.39
N ASN A 107 6.73 4.01 4.02
CA ASN A 107 8.11 3.69 4.45
C ASN A 107 8.26 3.81 5.96
N THR A 108 7.18 3.70 6.69
CA THR A 108 7.27 3.80 8.18
C THR A 108 6.27 2.85 8.84
N SER A 109 6.69 2.18 9.88
CA SER A 109 5.78 1.24 10.59
C SER A 109 5.43 1.80 11.96
N ASP A 110 4.17 2.01 12.25
CA ASP A 110 3.79 2.57 13.58
C ASP A 110 4.53 3.88 13.81
N GLY A 111 4.97 4.15 15.00
CA GLY A 111 5.71 5.41 15.27
C GLY A 111 7.18 5.27 14.86
N LYS A 112 7.54 4.20 14.20
CA LYS A 112 8.96 4.01 13.79
C LYS A 112 9.04 3.75 12.28
N PRO A 113 10.17 4.06 11.70
CA PRO A 113 10.36 3.86 10.24
C PRO A 113 10.36 2.36 9.91
N GLN A 114 10.13 2.02 8.67
CA GLN A 114 10.11 0.58 8.27
C GLN A 114 11.51 -0.03 8.37
N ASP A 115 11.60 -1.30 8.69
CA ASP A 115 12.94 -1.94 8.79
C ASP A 115 13.40 -2.42 7.41
N ALA A 116 14.67 -2.65 7.26
CA ALA A 116 15.22 -3.09 5.93
C ALA A 116 14.35 -4.16 5.26
N VAL A 117 14.11 -5.26 5.91
CA VAL A 117 13.30 -6.34 5.26
C VAL A 117 11.83 -5.93 5.09
N SER A 118 11.32 -5.09 5.96
CA SER A 118 9.90 -4.67 5.84
C SER A 118 9.57 -4.27 4.41
N ARG A 119 10.29 -3.34 3.86
CA ARG A 119 10.02 -2.94 2.45
C ARG A 119 10.45 -4.06 1.53
N THR A 120 11.51 -4.76 1.86
CA THR A 120 11.95 -5.89 1.00
C THR A 120 10.80 -6.89 0.91
N GLN A 121 10.24 -7.27 2.02
CA GLN A 121 9.10 -8.23 2.01
C GLN A 121 7.83 -7.51 1.51
N ARG A 122 7.67 -6.25 1.86
CA ARG A 122 6.44 -5.52 1.42
C ARG A 122 6.51 -5.22 -0.08
N ARG A 123 7.63 -4.75 -0.59
CA ARG A 123 7.74 -4.46 -2.05
C ARG A 123 7.30 -5.68 -2.85
N GLY A 124 7.71 -6.85 -2.43
CA GLY A 124 7.34 -8.09 -3.17
C GLY A 124 5.83 -8.35 -3.05
N ARG A 125 5.03 -7.46 -3.56
CA ARG A 125 3.56 -7.63 -3.51
C ARG A 125 2.98 -7.37 -4.91
N THR A 126 3.46 -6.34 -5.55
CA THR A 126 2.98 -6.01 -6.92
C THR A 126 3.95 -6.57 -7.96
N GLY A 127 3.46 -7.02 -9.07
CA GLY A 127 4.37 -7.57 -10.11
C GLY A 127 4.31 -9.10 -10.12
N ARG A 128 3.40 -9.68 -9.41
CA ARG A 128 3.30 -11.17 -9.39
C ARG A 128 2.90 -11.66 -10.78
N GLY A 129 3.85 -11.88 -11.64
CA GLY A 129 3.52 -12.33 -13.03
C GLY A 129 3.37 -11.10 -13.92
N LYS A 130 3.98 -10.01 -13.53
CA LYS A 130 3.89 -8.75 -14.32
C LYS A 130 4.73 -7.68 -13.62
N PRO A 131 4.77 -6.50 -14.17
CA PRO A 131 5.56 -5.42 -13.55
C PRO A 131 4.72 -4.62 -12.53
N GLY A 132 4.96 -4.82 -11.26
CA GLY A 132 4.16 -4.08 -10.23
C GLY A 132 4.73 -2.67 -10.05
N ILE A 133 4.13 -1.90 -9.19
CA ILE A 133 4.62 -0.52 -8.95
C ILE A 133 4.66 -0.26 -7.44
N TYR A 134 5.65 0.45 -6.97
CA TYR A 134 5.70 0.71 -5.50
C TYR A 134 5.90 2.20 -5.22
N ARG A 135 4.93 2.81 -4.59
CA ARG A 135 5.05 4.25 -4.26
C ARG A 135 5.45 4.41 -2.79
N PHE A 136 6.40 5.24 -2.50
CA PHE A 136 6.82 5.40 -1.07
C PHE A 136 6.77 6.88 -0.65
N VAL A 137 6.64 7.14 0.62
CA VAL A 137 6.59 8.56 1.09
C VAL A 137 8.00 9.03 1.49
N ALA A 138 8.71 8.23 2.23
CA ALA A 138 10.08 8.64 2.66
C ALA A 138 11.12 7.63 2.14
N PRO A 139 11.83 8.02 1.10
CA PRO A 139 12.85 7.12 0.51
C PRO A 139 14.07 7.02 1.44
N GLY A 140 14.26 7.96 2.30
CA GLY A 140 15.43 7.91 3.22
C GLY A 140 14.94 7.82 4.67
N GLU A 141 15.60 7.03 5.48
CA GLU A 141 15.18 6.90 6.91
C GLU A 141 15.46 8.20 7.66
N ARG A 142 16.47 8.93 7.26
CA ARG A 142 16.80 10.21 7.95
C ARG A 142 16.86 11.35 6.95
N GLY A 5 26.50 -3.97 6.07
CA GLY A 5 25.31 -3.55 6.86
C GLY A 5 24.06 -4.22 6.30
N SER A 6 22.89 -3.77 6.72
CA SER A 6 21.64 -4.38 6.19
C SER A 6 21.42 -3.99 4.73
N VAL A 7 21.60 -4.92 3.83
CA VAL A 7 21.40 -4.61 2.39
C VAL A 7 20.19 -5.37 1.85
N THR A 8 19.10 -4.68 1.64
CA THR A 8 17.88 -5.37 1.12
C THR A 8 18.14 -5.94 -0.28
N VAL A 9 17.56 -7.06 -0.59
CA VAL A 9 17.77 -7.66 -1.94
C VAL A 9 17.08 -6.82 -3.01
N PRO A 10 17.68 -6.80 -4.18
CA PRO A 10 17.12 -6.04 -5.31
C PRO A 10 15.93 -6.79 -5.93
N HIS A 11 15.43 -6.27 -7.03
CA HIS A 11 14.29 -6.93 -7.72
C HIS A 11 13.95 -6.14 -8.99
N PRO A 12 14.67 -6.43 -10.05
CA PRO A 12 14.45 -5.72 -11.34
C PRO A 12 13.12 -6.11 -11.97
N ASN A 13 12.02 -5.90 -11.28
CA ASN A 13 10.70 -6.25 -11.86
C ASN A 13 9.60 -5.30 -11.34
N ILE A 14 9.96 -4.26 -10.64
CA ILE A 14 8.93 -3.31 -10.11
C ILE A 14 9.29 -1.86 -10.47
N GLU A 15 8.32 -1.09 -10.90
CA GLU A 15 8.60 0.33 -11.23
C GLU A 15 8.56 1.16 -9.94
N GLU A 16 9.56 1.94 -9.67
CA GLU A 16 9.57 2.75 -8.42
C GLU A 16 8.91 4.11 -8.65
N VAL A 17 8.18 4.59 -7.68
CA VAL A 17 7.51 5.91 -7.84
C VAL A 17 7.63 6.74 -6.56
N ALA A 18 7.49 8.03 -6.67
CA ALA A 18 7.59 8.89 -5.46
C ALA A 18 6.24 9.58 -5.22
N LEU A 19 5.54 9.20 -4.20
CA LEU A 19 4.23 9.83 -3.92
C LEU A 19 4.38 11.35 -3.85
N SER A 20 3.48 12.07 -4.44
CA SER A 20 3.58 13.56 -4.41
C SER A 20 2.21 14.18 -4.15
N THR A 21 2.15 15.48 -3.99
CA THR A 21 0.84 16.14 -3.73
C THR A 21 0.00 16.14 -5.01
N THR A 22 -0.64 15.03 -5.30
CA THR A 22 -1.48 14.97 -6.53
C THR A 22 -2.56 13.90 -6.39
N GLY A 23 -3.80 14.29 -6.26
CA GLY A 23 -4.87 13.26 -6.14
C GLY A 23 -6.02 13.76 -5.30
N GLU A 24 -6.92 12.88 -4.96
CA GLU A 24 -8.10 13.29 -4.13
C GLU A 24 -8.01 12.67 -2.74
N ILE A 25 -7.24 11.62 -2.58
CA ILE A 25 -7.14 10.99 -1.22
C ILE A 25 -5.85 11.48 -0.53
N PRO A 26 -6.01 12.38 0.40
CA PRO A 26 -4.85 12.93 1.14
C PRO A 26 -4.13 11.83 1.92
N PHE A 27 -2.86 11.68 1.69
CA PHE A 27 -2.07 10.62 2.39
C PHE A 27 -1.04 11.26 3.33
N TYR A 28 -0.10 10.48 3.82
CA TYR A 28 0.93 11.01 4.75
C TYR A 28 1.72 12.16 4.12
N GLY A 29 1.19 13.35 4.14
CA GLY A 29 1.91 14.52 3.56
C GLY A 29 1.90 14.43 2.02
N LYS A 30 1.27 13.45 1.46
CA LYS A 30 1.24 13.32 -0.02
C LYS A 30 -0.20 13.11 -0.48
N ALA A 31 -0.52 13.44 -1.70
CA ALA A 31 -1.92 13.23 -2.16
C ALA A 31 -1.95 12.05 -3.13
N ILE A 32 -2.49 10.94 -2.69
CA ILE A 32 -2.54 9.76 -3.59
C ILE A 32 -3.52 9.99 -4.74
N PRO A 33 -2.98 10.07 -5.94
CA PRO A 33 -3.86 10.21 -7.12
C PRO A 33 -4.61 8.89 -7.29
N LEU A 34 -5.91 8.93 -7.42
CA LEU A 34 -6.66 7.64 -7.54
C LEU A 34 -6.12 6.79 -8.69
N GLU A 35 -5.40 7.38 -9.61
CA GLU A 35 -4.87 6.57 -10.74
C GLU A 35 -3.96 5.45 -10.23
N VAL A 36 -3.52 5.52 -9.01
CA VAL A 36 -2.62 4.45 -8.46
C VAL A 36 -3.45 3.38 -7.73
N ILE A 37 -4.60 3.73 -7.23
CA ILE A 37 -5.42 2.73 -6.50
C ILE A 37 -6.72 2.44 -7.25
N LYS A 38 -7.17 3.34 -8.07
CA LYS A 38 -8.43 3.11 -8.83
C LYS A 38 -8.10 2.52 -10.20
N GLY A 39 -8.97 1.70 -10.72
CA GLY A 39 -8.73 1.08 -12.04
C GLY A 39 -8.23 -0.35 -11.86
N GLY A 40 -8.04 -0.80 -10.64
CA GLY A 40 -7.56 -2.20 -10.45
C GLY A 40 -7.45 -2.54 -8.97
N ARG A 41 -6.55 -3.41 -8.62
CA ARG A 41 -6.38 -3.80 -7.19
C ARG A 41 -5.08 -3.23 -6.64
N HIS A 42 -5.11 -2.56 -5.52
CA HIS A 42 -3.85 -1.99 -4.97
C HIS A 42 -3.78 -2.18 -3.46
N LEU A 43 -2.60 -2.32 -2.93
CA LEU A 43 -2.46 -2.52 -1.45
C LEU A 43 -1.83 -1.28 -0.82
N ILE A 44 -2.54 -0.62 0.06
CA ILE A 44 -1.97 0.60 0.72
C ILE A 44 -1.43 0.22 2.10
N PHE A 45 -0.19 0.53 2.36
CA PHE A 45 0.39 0.18 3.69
C PHE A 45 0.36 1.42 4.60
N CYS A 46 -0.26 1.31 5.74
CA CYS A 46 -0.31 2.48 6.67
C CYS A 46 0.40 2.16 7.98
N HIS A 47 0.80 3.18 8.70
CA HIS A 47 1.49 2.93 10.00
C HIS A 47 0.49 3.07 11.17
N SER A 48 -0.69 3.56 10.90
CA SER A 48 -1.69 3.72 11.99
C SER A 48 -3.01 3.08 11.58
N LYS A 49 -3.68 2.44 12.51
CA LYS A 49 -4.97 1.78 12.20
C LYS A 49 -6.07 2.84 11.99
N LYS A 50 -5.98 3.95 12.66
CA LYS A 50 -7.02 5.01 12.50
C LYS A 50 -7.09 5.47 11.04
N LYS A 51 -5.97 5.54 10.38
CA LYS A 51 -5.96 5.98 8.96
C LYS A 51 -6.52 4.87 8.07
N CYS A 52 -6.27 3.64 8.43
CA CYS A 52 -6.80 2.51 7.63
C CYS A 52 -8.32 2.57 7.61
N ASP A 53 -8.92 3.00 8.69
CA ASP A 53 -10.41 3.09 8.73
C ASP A 53 -10.90 4.18 7.76
N GLU A 54 -10.32 5.34 7.84
CA GLU A 54 -10.76 6.45 6.94
C GLU A 54 -10.32 6.18 5.49
N LEU A 55 -9.11 5.74 5.31
CA LEU A 55 -8.60 5.49 3.93
C LEU A 55 -9.51 4.51 3.19
N ALA A 56 -9.99 3.49 3.85
CA ALA A 56 -10.89 2.51 3.16
C ALA A 56 -12.28 3.11 2.97
N ALA A 57 -12.88 3.62 4.02
CA ALA A 57 -14.23 4.21 3.88
C ALA A 57 -14.17 5.41 2.94
N LYS A 58 -13.16 6.23 3.07
CA LYS A 58 -13.04 7.41 2.18
C LYS A 58 -13.01 6.95 0.71
N LEU A 59 -12.23 5.96 0.42
CA LEU A 59 -12.13 5.45 -0.97
C LEU A 59 -13.52 5.03 -1.48
N VAL A 60 -14.29 4.37 -0.66
CA VAL A 60 -15.65 3.96 -1.11
C VAL A 60 -16.42 5.20 -1.59
N ALA A 61 -16.20 6.32 -0.96
CA ALA A 61 -16.91 7.57 -1.38
C ALA A 61 -16.28 8.11 -2.68
N LEU A 62 -15.01 7.87 -2.87
CA LEU A 62 -14.33 8.34 -4.10
C LEU A 62 -14.80 7.51 -5.30
N GLY A 63 -15.22 6.32 -5.04
CA GLY A 63 -15.69 5.42 -6.13
C GLY A 63 -14.82 4.15 -6.15
N ILE A 64 -13.95 4.00 -5.19
CA ILE A 64 -13.06 2.81 -5.13
C ILE A 64 -13.49 1.89 -4.00
N ASN A 65 -13.40 0.60 -4.19
CA ASN A 65 -13.77 -0.30 -3.07
C ASN A 65 -12.52 -0.49 -2.22
N ALA A 66 -12.47 0.10 -1.08
CA ALA A 66 -11.25 -0.02 -0.26
C ALA A 66 -11.53 -0.69 1.09
N VAL A 67 -10.60 -1.47 1.55
CA VAL A 67 -10.81 -2.16 2.87
C VAL A 67 -9.60 -1.96 3.76
N ALA A 68 -9.80 -1.79 5.03
CA ALA A 68 -8.63 -1.61 5.93
C ALA A 68 -8.41 -2.88 6.75
N TYR A 69 -7.28 -3.52 6.58
CA TYR A 69 -7.01 -4.78 7.34
C TYR A 69 -6.02 -4.52 8.48
N TYR A 70 -6.45 -4.73 9.70
CA TYR A 70 -5.54 -4.52 10.86
C TYR A 70 -5.92 -5.49 12.00
N ARG A 71 -5.22 -5.43 13.10
CA ARG A 71 -5.54 -6.37 14.22
C ARG A 71 -7.01 -6.21 14.64
N GLY A 72 -7.73 -7.31 14.74
CA GLY A 72 -9.15 -7.25 15.14
C GLY A 72 -10.00 -6.71 13.98
N LEU A 73 -9.76 -7.20 12.80
CA LEU A 73 -10.55 -6.73 11.62
C LEU A 73 -11.35 -7.88 11.03
N ASP A 74 -12.43 -7.57 10.36
CA ASP A 74 -13.29 -8.64 9.77
C ASP A 74 -12.90 -8.89 8.30
N VAL A 75 -13.06 -10.08 7.83
CA VAL A 75 -12.72 -10.33 6.40
C VAL A 75 -13.57 -9.44 5.51
N SER A 76 -12.98 -8.48 4.88
CA SER A 76 -13.75 -7.55 4.01
C SER A 76 -13.04 -7.37 2.65
N VAL A 77 -11.74 -7.39 2.65
CA VAL A 77 -11.00 -7.21 1.37
C VAL A 77 -11.46 -8.26 0.35
N ILE A 78 -11.71 -7.86 -0.86
CA ILE A 78 -12.16 -8.85 -1.90
C ILE A 78 -11.45 -8.59 -3.23
N PRO A 79 -10.36 -9.28 -3.44
CA PRO A 79 -9.60 -9.13 -4.70
C PRO A 79 -10.27 -9.93 -5.82
N THR A 80 -11.49 -9.62 -6.15
CA THR A 80 -12.18 -10.37 -7.23
C THR A 80 -13.40 -9.59 -7.73
N ASN A 81 -13.29 -8.30 -7.86
CA ASN A 81 -14.43 -7.49 -8.36
C ASN A 81 -13.93 -6.38 -9.29
N GLY A 82 -14.73 -5.38 -9.55
CA GLY A 82 -14.30 -4.28 -10.45
C GLY A 82 -12.91 -3.78 -10.02
N ASP A 83 -12.84 -3.04 -8.95
CA ASP A 83 -11.52 -2.54 -8.48
C ASP A 83 -11.53 -2.34 -6.97
N VAL A 84 -10.78 -3.14 -6.28
CA VAL A 84 -10.72 -3.04 -4.80
C VAL A 84 -9.30 -2.69 -4.35
N VAL A 85 -9.19 -1.77 -3.47
CA VAL A 85 -7.84 -1.39 -2.96
C VAL A 85 -7.74 -1.78 -1.49
N VAL A 86 -6.76 -2.55 -1.14
CA VAL A 86 -6.64 -3.00 0.27
C VAL A 86 -5.66 -2.13 1.04
N VAL A 87 -6.10 -1.46 2.07
CA VAL A 87 -5.15 -0.61 2.85
C VAL A 87 -4.96 -1.24 4.23
N ALA A 88 -3.90 -1.96 4.42
CA ALA A 88 -3.67 -2.61 5.74
C ALA A 88 -2.26 -2.31 6.24
N THR A 89 -2.02 -2.48 7.51
CA THR A 89 -0.66 -2.18 8.05
C THR A 89 0.15 -3.46 8.29
N ASP A 90 -0.51 -4.56 8.50
CA ASP A 90 0.24 -5.85 8.74
C ASP A 90 -0.72 -7.01 8.96
N ALA A 91 -1.89 -6.76 9.49
CA ALA A 91 -2.85 -7.88 9.72
C ALA A 91 -2.98 -8.75 8.47
N LEU A 92 -2.99 -8.15 7.31
CA LEU A 92 -3.08 -8.94 6.05
C LEU A 92 -1.83 -9.83 5.95
N MET A 93 -0.74 -9.36 6.50
CA MET A 93 0.54 -10.12 6.47
C MET A 93 0.79 -10.73 5.08
N THR A 94 0.27 -10.11 4.05
CA THR A 94 0.49 -10.63 2.67
C THR A 94 0.37 -12.16 2.61
N GLY A 95 -0.71 -12.70 3.10
CA GLY A 95 -0.88 -14.17 3.08
C GLY A 95 -1.07 -14.65 1.64
N PHE A 96 -2.16 -14.28 1.01
CA PHE A 96 -2.41 -14.71 -0.39
C PHE A 96 -2.29 -13.52 -1.34
N THR A 97 -1.59 -12.50 -0.93
CA THR A 97 -1.44 -11.30 -1.81
C THR A 97 -0.38 -11.56 -2.89
N GLY A 98 0.33 -10.55 -3.30
CA GLY A 98 1.38 -10.74 -4.34
C GLY A 98 0.88 -10.24 -5.70
N ASP A 99 -0.34 -10.54 -6.05
CA ASP A 99 -0.86 -10.09 -7.37
C ASP A 99 -1.44 -8.67 -7.27
N PHE A 100 -0.63 -7.68 -7.02
CA PHE A 100 -1.15 -6.30 -6.93
C PHE A 100 -0.50 -5.40 -7.98
N ASP A 101 -1.20 -4.42 -8.44
CA ASP A 101 -0.62 -3.51 -9.45
C ASP A 101 0.37 -2.54 -8.80
N SER A 102 0.13 -2.17 -7.57
CA SER A 102 1.08 -1.23 -6.90
C SER A 102 0.90 -1.24 -5.37
N VAL A 103 1.87 -0.71 -4.67
CA VAL A 103 1.78 -0.67 -3.17
C VAL A 103 2.06 0.76 -2.68
N ILE A 104 1.09 1.41 -2.10
CA ILE A 104 1.31 2.79 -1.59
C ILE A 104 1.70 2.70 -0.11
N ASP A 105 2.88 3.10 0.24
CA ASP A 105 3.32 2.98 1.67
C ASP A 105 3.88 4.28 2.21
N CYS A 106 3.93 4.40 3.51
CA CYS A 106 4.50 5.62 4.13
C CYS A 106 5.97 5.37 4.49
N ASN A 107 6.47 4.18 4.22
CA ASN A 107 7.89 3.87 4.53
C ASN A 107 8.21 4.15 6.00
N THR A 108 7.21 4.19 6.85
CA THR A 108 7.47 4.46 8.30
C THR A 108 6.53 3.64 9.17
N SER A 109 7.02 3.11 10.27
CA SER A 109 6.15 2.30 11.17
C SER A 109 6.00 3.01 12.52
N ASP A 110 4.79 3.22 12.97
CA ASP A 110 4.57 3.91 14.27
C ASP A 110 5.35 5.23 14.31
N GLY A 111 5.53 5.86 13.19
CA GLY A 111 6.28 7.15 13.17
C GLY A 111 7.76 6.90 12.87
N LYS A 112 8.27 5.78 13.31
CA LYS A 112 9.71 5.47 13.06
C LYS A 112 9.89 5.00 11.61
N PRO A 113 11.09 5.15 11.10
CA PRO A 113 11.38 4.73 9.71
C PRO A 113 11.25 3.21 9.57
N GLN A 114 10.57 2.76 8.55
CA GLN A 114 10.38 1.29 8.34
C GLN A 114 11.71 0.55 8.50
N ASP A 115 11.66 -0.75 8.61
CA ASP A 115 12.92 -1.54 8.75
C ASP A 115 13.34 -2.11 7.40
N ALA A 116 14.58 -2.49 7.27
CA ALA A 116 15.10 -3.03 5.97
C ALA A 116 14.13 -4.03 5.33
N VAL A 117 13.67 -5.00 6.07
CA VAL A 117 12.74 -6.01 5.46
C VAL A 117 11.36 -5.40 5.17
N SER A 118 10.94 -4.43 5.95
CA SER A 118 9.60 -3.82 5.72
C SER A 118 9.41 -3.50 4.24
N ARG A 119 10.28 -2.74 3.66
CA ARG A 119 10.14 -2.42 2.22
C ARG A 119 10.41 -3.69 1.41
N THR A 120 11.31 -4.52 1.87
CA THR A 120 11.60 -5.78 1.13
C THR A 120 10.31 -6.60 1.06
N GLN A 121 9.67 -6.79 2.19
CA GLN A 121 8.40 -7.56 2.20
C GLN A 121 7.29 -6.72 1.57
N ARG A 122 7.28 -5.44 1.82
CA ARG A 122 6.22 -4.57 1.24
C ARG A 122 6.38 -4.47 -0.28
N ARG A 123 7.58 -4.27 -0.75
CA ARG A 123 7.79 -4.17 -2.24
C ARG A 123 7.35 -5.47 -2.93
N GLY A 124 7.75 -6.59 -2.40
CA GLY A 124 7.38 -7.90 -3.03
C GLY A 124 5.91 -7.94 -3.45
N ARG A 125 5.07 -7.18 -2.81
CA ARG A 125 3.62 -7.19 -3.16
C ARG A 125 3.42 -7.03 -4.66
N THR A 126 3.97 -6.01 -5.25
CA THR A 126 3.80 -5.81 -6.71
C THR A 126 4.98 -6.47 -7.44
N GLY A 127 4.75 -7.07 -8.58
CA GLY A 127 5.86 -7.72 -9.31
C GLY A 127 5.71 -9.24 -9.28
N ARG A 128 4.57 -9.73 -8.88
CA ARG A 128 4.38 -11.21 -8.85
C ARG A 128 3.55 -11.66 -10.06
N GLY A 129 4.16 -11.72 -11.21
CA GLY A 129 3.42 -12.15 -12.43
C GLY A 129 3.50 -11.03 -13.47
N LYS A 130 3.55 -9.82 -13.03
CA LYS A 130 3.64 -8.66 -13.97
C LYS A 130 4.51 -7.57 -13.33
N PRO A 131 4.91 -6.61 -14.12
CA PRO A 131 5.75 -5.51 -13.56
C PRO A 131 4.95 -4.73 -12.51
N GLY A 132 5.35 -4.82 -11.27
CA GLY A 132 4.60 -4.12 -10.19
C GLY A 132 5.13 -2.69 -10.04
N ILE A 133 4.41 -1.87 -9.34
CA ILE A 133 4.87 -0.47 -9.13
C ILE A 133 4.91 -0.21 -7.62
N TYR A 134 5.89 0.52 -7.15
CA TYR A 134 5.94 0.80 -5.69
C TYR A 134 6.04 2.29 -5.41
N ARG A 135 5.04 2.84 -4.80
CA ARG A 135 5.07 4.29 -4.48
C ARG A 135 5.28 4.47 -2.97
N PHE A 136 6.33 5.16 -2.59
CA PHE A 136 6.60 5.36 -1.13
C PHE A 136 6.58 6.86 -0.81
N VAL A 137 6.36 7.20 0.44
CA VAL A 137 6.34 8.65 0.82
C VAL A 137 7.76 9.12 1.13
N ALA A 138 8.53 8.34 1.84
CA ALA A 138 9.93 8.75 2.17
C ALA A 138 10.93 7.75 1.59
N PRO A 139 12.14 8.23 1.37
CA PRO A 139 13.20 7.36 0.81
C PRO A 139 13.77 6.44 1.90
N GLY A 140 14.27 7.00 2.96
CA GLY A 140 14.84 6.16 4.06
C GLY A 140 15.72 7.02 4.95
N GLU A 141 15.13 7.83 5.78
CA GLU A 141 15.93 8.70 6.69
C GLU A 141 16.43 7.89 7.89
N ARG A 142 17.50 7.16 7.72
CA ARG A 142 18.02 6.35 8.86
C ARG A 142 18.63 7.26 9.92
N GLY A 5 24.83 -2.67 8.40
CA GLY A 5 23.40 -2.88 8.78
C GLY A 5 22.82 -4.03 7.95
N SER A 6 21.53 -4.03 7.74
CA SER A 6 20.91 -5.13 6.95
C SER A 6 20.92 -4.77 5.46
N VAL A 7 20.97 -5.77 4.61
CA VAL A 7 20.98 -5.49 3.14
C VAL A 7 19.69 -6.02 2.51
N THR A 8 18.79 -5.14 2.20
CA THR A 8 17.51 -5.58 1.57
C THR A 8 17.74 -6.10 0.17
N VAL A 9 17.10 -7.17 -0.20
CA VAL A 9 17.29 -7.73 -1.57
C VAL A 9 16.72 -6.76 -2.60
N PRO A 10 17.35 -6.73 -3.75
CA PRO A 10 16.90 -5.83 -4.83
C PRO A 10 15.59 -6.31 -5.45
N HIS A 11 15.20 -5.73 -6.55
CA HIS A 11 13.91 -6.14 -7.22
C HIS A 11 13.62 -5.18 -8.38
N PRO A 12 14.31 -5.37 -9.48
CA PRO A 12 14.12 -4.49 -10.66
C PRO A 12 12.76 -4.74 -11.32
N ASN A 13 12.07 -5.79 -10.93
CA ASN A 13 10.74 -6.06 -11.54
C ASN A 13 9.69 -5.08 -11.01
N ILE A 14 10.00 -4.35 -9.98
CA ILE A 14 9.02 -3.38 -9.41
C ILE A 14 9.51 -1.94 -9.66
N GLU A 15 8.64 -1.07 -10.08
CA GLU A 15 9.04 0.35 -10.29
C GLU A 15 8.91 1.10 -8.97
N GLU A 16 9.96 1.73 -8.52
CA GLU A 16 9.88 2.47 -7.23
C GLU A 16 9.42 3.90 -7.46
N VAL A 17 8.43 4.33 -6.73
CA VAL A 17 7.91 5.72 -6.91
C VAL A 17 7.93 6.47 -5.58
N ALA A 18 7.93 7.77 -5.63
CA ALA A 18 7.93 8.57 -4.37
C ALA A 18 6.59 9.30 -4.23
N LEU A 19 5.82 8.94 -3.25
CA LEU A 19 4.50 9.63 -3.07
C LEU A 19 4.70 11.14 -3.04
N SER A 20 3.78 11.89 -3.59
CA SER A 20 3.92 13.37 -3.60
C SER A 20 2.56 14.04 -3.38
N THR A 21 2.52 15.34 -3.40
CA THR A 21 1.22 16.05 -3.20
C THR A 21 0.41 16.06 -4.50
N THR A 22 0.11 14.89 -5.01
CA THR A 22 -0.67 14.83 -6.28
C THR A 22 -1.82 13.82 -6.16
N GLY A 23 -3.04 14.28 -6.10
CA GLY A 23 -4.16 13.30 -5.99
C GLY A 23 -5.32 13.88 -5.19
N GLU A 24 -6.29 13.06 -4.89
CA GLU A 24 -7.47 13.55 -4.12
C GLU A 24 -7.51 12.88 -2.74
N ILE A 25 -6.89 11.75 -2.58
CA ILE A 25 -6.93 11.10 -1.24
C ILE A 25 -5.68 11.52 -0.44
N PRO A 26 -5.90 12.32 0.57
CA PRO A 26 -4.78 12.83 1.41
C PRO A 26 -4.06 11.70 2.13
N PHE A 27 -2.77 11.84 2.29
CA PHE A 27 -1.97 10.77 2.98
C PHE A 27 -0.97 11.39 3.96
N TYR A 28 -0.01 10.64 4.40
CA TYR A 28 1.00 11.17 5.36
C TYR A 28 1.78 12.34 4.74
N GLY A 29 1.20 13.51 4.73
CA GLY A 29 1.90 14.68 4.13
C GLY A 29 1.98 14.52 2.60
N LYS A 30 1.33 13.51 2.07
CA LYS A 30 1.37 13.30 0.59
C LYS A 30 -0.06 13.11 0.07
N ALA A 31 -0.29 13.38 -1.19
CA ALA A 31 -1.66 13.19 -1.73
C ALA A 31 -1.65 12.02 -2.71
N ILE A 32 -2.21 10.92 -2.32
CA ILE A 32 -2.21 9.74 -3.22
C ILE A 32 -3.09 10.00 -4.46
N PRO A 33 -2.45 10.06 -5.60
CA PRO A 33 -3.23 10.22 -6.85
C PRO A 33 -3.96 8.90 -7.08
N LEU A 34 -5.24 8.94 -7.34
CA LEU A 34 -5.99 7.66 -7.52
C LEU A 34 -5.34 6.81 -8.61
N GLU A 35 -4.53 7.39 -9.46
CA GLU A 35 -3.89 6.58 -10.53
C GLU A 35 -3.04 5.45 -9.92
N VAL A 36 -2.72 5.54 -8.65
CA VAL A 36 -1.90 4.46 -8.02
C VAL A 36 -2.78 3.39 -7.38
N ILE A 37 -4.00 3.72 -7.03
CA ILE A 37 -4.89 2.70 -6.40
C ILE A 37 -6.11 2.45 -7.28
N LYS A 38 -6.51 3.40 -8.08
CA LYS A 38 -7.67 3.21 -8.98
C LYS A 38 -7.23 2.65 -10.33
N GLY A 39 -8.05 1.88 -10.96
CA GLY A 39 -7.68 1.28 -12.26
C GLY A 39 -7.52 -0.23 -12.10
N GLY A 40 -7.65 -0.74 -10.90
CA GLY A 40 -7.51 -2.22 -10.72
C GLY A 40 -7.40 -2.55 -9.23
N ARG A 41 -6.43 -3.35 -8.87
CA ARG A 41 -6.27 -3.72 -7.44
C ARG A 41 -4.95 -3.19 -6.89
N HIS A 42 -4.98 -2.54 -5.76
CA HIS A 42 -3.71 -1.99 -5.20
C HIS A 42 -3.68 -2.16 -3.68
N LEU A 43 -2.51 -2.37 -3.14
CA LEU A 43 -2.40 -2.54 -1.66
C LEU A 43 -1.76 -1.29 -1.04
N ILE A 44 -2.39 -0.72 -0.06
CA ILE A 44 -1.81 0.48 0.60
C ILE A 44 -1.32 0.12 2.00
N PHE A 45 -0.11 0.44 2.30
CA PHE A 45 0.43 0.12 3.66
C PHE A 45 0.27 1.32 4.58
N CYS A 46 -0.37 1.15 5.70
CA CYS A 46 -0.56 2.29 6.64
C CYS A 46 0.15 2.04 7.98
N HIS A 47 0.41 3.06 8.71
CA HIS A 47 1.08 2.88 10.04
C HIS A 47 0.08 3.10 11.18
N SER A 48 -1.16 3.34 10.87
CA SER A 48 -2.17 3.57 11.94
C SER A 48 -3.47 2.82 11.64
N LYS A 49 -4.03 2.20 12.63
CA LYS A 49 -5.31 1.44 12.43
C LYS A 49 -6.48 2.41 12.23
N LYS A 50 -6.48 3.51 12.93
CA LYS A 50 -7.59 4.50 12.79
C LYS A 50 -7.60 5.10 11.39
N LYS A 51 -6.44 5.27 10.81
CA LYS A 51 -6.37 5.84 9.44
C LYS A 51 -6.84 4.82 8.42
N CYS A 52 -6.55 3.57 8.66
CA CYS A 52 -6.98 2.50 7.71
C CYS A 52 -8.51 2.50 7.62
N ASP A 53 -9.17 2.75 8.71
CA ASP A 53 -10.66 2.75 8.69
C ASP A 53 -11.19 3.93 7.86
N GLU A 54 -10.70 5.11 8.10
CA GLU A 54 -11.17 6.30 7.33
C GLU A 54 -10.60 6.24 5.91
N LEU A 55 -9.34 5.94 5.78
CA LEU A 55 -8.70 5.88 4.44
C LEU A 55 -9.43 4.90 3.51
N ALA A 56 -9.80 3.74 4.01
CA ALA A 56 -10.52 2.77 3.13
C ALA A 56 -11.91 3.31 2.78
N ALA A 57 -12.66 3.71 3.78
CA ALA A 57 -14.02 4.26 3.50
C ALA A 57 -13.90 5.45 2.53
N LYS A 58 -12.85 6.21 2.67
CA LYS A 58 -12.65 7.38 1.76
C LYS A 58 -12.63 6.87 0.31
N LEU A 59 -11.89 5.85 0.04
CA LEU A 59 -11.82 5.31 -1.34
C LEU A 59 -13.21 4.93 -1.85
N VAL A 60 -14.01 4.31 -1.03
CA VAL A 60 -15.37 3.93 -1.49
C VAL A 60 -16.11 5.18 -1.99
N ALA A 61 -15.83 6.31 -1.39
CA ALA A 61 -16.50 7.57 -1.83
C ALA A 61 -15.90 8.09 -3.13
N LEU A 62 -14.62 7.88 -3.33
CA LEU A 62 -13.96 8.34 -4.57
C LEU A 62 -14.41 7.49 -5.76
N GLY A 63 -14.83 6.29 -5.48
CA GLY A 63 -15.29 5.38 -6.57
C GLY A 63 -14.44 4.10 -6.56
N ILE A 64 -13.56 3.98 -5.59
CA ILE A 64 -12.69 2.77 -5.49
C ILE A 64 -13.18 1.88 -4.36
N ASN A 65 -13.11 0.58 -4.53
CA ASN A 65 -13.54 -0.31 -3.42
C ASN A 65 -12.32 -0.53 -2.55
N ALA A 66 -12.28 0.07 -1.40
CA ALA A 66 -11.08 -0.09 -0.55
C ALA A 66 -11.40 -0.75 0.78
N VAL A 67 -10.47 -1.52 1.27
CA VAL A 67 -10.70 -2.21 2.57
C VAL A 67 -9.52 -1.93 3.49
N ALA A 68 -9.75 -1.89 4.78
CA ALA A 68 -8.61 -1.65 5.70
C ALA A 68 -8.41 -2.88 6.59
N TYR A 69 -7.28 -3.51 6.50
CA TYR A 69 -7.03 -4.72 7.33
C TYR A 69 -5.94 -4.44 8.36
N TYR A 70 -6.09 -4.97 9.54
CA TYR A 70 -5.07 -4.74 10.60
C TYR A 70 -5.40 -5.56 11.84
N ARG A 71 -4.63 -5.42 12.89
CA ARG A 71 -4.90 -6.20 14.14
C ARG A 71 -6.34 -5.99 14.63
N GLY A 72 -7.10 -7.04 14.70
CA GLY A 72 -8.51 -6.92 15.18
C GLY A 72 -9.42 -6.41 14.07
N LEU A 73 -9.23 -6.90 12.87
CA LEU A 73 -10.10 -6.44 11.74
C LEU A 73 -10.91 -7.62 11.18
N ASP A 74 -12.01 -7.34 10.57
CA ASP A 74 -12.86 -8.44 10.00
C ASP A 74 -12.51 -8.67 8.53
N VAL A 75 -12.65 -9.88 8.06
CA VAL A 75 -12.34 -10.15 6.64
C VAL A 75 -13.29 -9.33 5.75
N SER A 76 -12.77 -8.34 5.08
CA SER A 76 -13.62 -7.50 4.21
C SER A 76 -12.98 -7.30 2.82
N VAL A 77 -11.69 -7.49 2.72
CA VAL A 77 -11.02 -7.32 1.40
C VAL A 77 -11.56 -8.35 0.41
N ILE A 78 -11.99 -7.92 -0.74
CA ILE A 78 -12.53 -8.90 -1.74
C ILE A 78 -12.00 -8.59 -3.15
N PRO A 79 -10.98 -9.30 -3.55
CA PRO A 79 -10.40 -9.11 -4.90
C PRO A 79 -11.26 -9.80 -5.96
N THR A 80 -12.55 -9.53 -5.98
CA THR A 80 -13.44 -10.19 -6.98
C THR A 80 -14.69 -9.35 -7.20
N ASN A 81 -14.56 -8.06 -7.25
CA ASN A 81 -15.75 -7.19 -7.48
C ASN A 81 -15.39 -5.97 -8.32
N GLY A 82 -14.44 -6.12 -9.21
CA GLY A 82 -14.03 -4.97 -10.06
C GLY A 82 -12.65 -4.49 -9.63
N ASP A 83 -12.56 -3.28 -9.15
CA ASP A 83 -11.23 -2.75 -8.71
C ASP A 83 -11.25 -2.48 -7.21
N VAL A 84 -10.54 -3.28 -6.48
CA VAL A 84 -10.48 -3.12 -5.01
C VAL A 84 -9.07 -2.79 -4.55
N VAL A 85 -8.96 -1.84 -3.68
CA VAL A 85 -7.62 -1.47 -3.15
C VAL A 85 -7.55 -1.83 -1.66
N VAL A 86 -6.62 -2.63 -1.28
CA VAL A 86 -6.55 -3.03 0.16
C VAL A 86 -5.54 -2.17 0.92
N VAL A 87 -5.99 -1.45 1.90
CA VAL A 87 -5.05 -0.59 2.67
C VAL A 87 -4.86 -1.19 4.08
N ALA A 88 -3.79 -1.89 4.29
CA ALA A 88 -3.58 -2.53 5.62
C ALA A 88 -2.12 -2.45 6.07
N THR A 89 -1.86 -2.68 7.33
CA THR A 89 -0.47 -2.63 7.83
C THR A 89 0.16 -4.03 7.75
N ASP A 90 0.93 -4.42 8.73
CA ASP A 90 1.55 -5.78 8.68
C ASP A 90 0.57 -6.82 9.24
N ALA A 91 -0.64 -6.84 8.73
CA ALA A 91 -1.63 -7.83 9.24
C ALA A 91 -2.15 -8.72 8.10
N LEU A 92 -2.01 -8.30 6.87
CA LEU A 92 -2.51 -9.14 5.74
C LEU A 92 -1.74 -10.45 5.72
N MET A 93 -0.54 -10.46 6.21
CA MET A 93 0.27 -11.72 6.23
C MET A 93 0.22 -12.41 4.88
N THR A 94 0.09 -11.64 3.82
CA THR A 94 0.06 -12.20 2.43
C THR A 94 -0.65 -13.56 2.37
N GLY A 95 -0.10 -14.52 1.67
CA GLY A 95 -0.77 -15.84 1.56
C GLY A 95 -1.63 -15.83 0.29
N PHE A 96 -2.43 -14.81 0.13
CA PHE A 96 -3.28 -14.70 -1.08
C PHE A 96 -3.01 -13.35 -1.77
N THR A 97 -1.88 -12.75 -1.51
CA THR A 97 -1.57 -11.44 -2.13
C THR A 97 -0.57 -11.63 -3.29
N GLY A 98 0.17 -10.60 -3.62
CA GLY A 98 1.16 -10.72 -4.72
C GLY A 98 0.54 -10.29 -6.04
N ASP A 99 -0.73 -10.55 -6.23
CA ASP A 99 -1.39 -10.16 -7.51
C ASP A 99 -1.84 -8.70 -7.46
N PHE A 100 -0.92 -7.78 -7.24
CA PHE A 100 -1.30 -6.34 -7.19
C PHE A 100 -0.57 -5.57 -8.28
N ASP A 101 -1.14 -4.49 -8.73
CA ASP A 101 -0.48 -3.68 -9.78
C ASP A 101 0.51 -2.71 -9.13
N SER A 102 0.24 -2.30 -7.92
CA SER A 102 1.18 -1.35 -7.24
C SER A 102 0.95 -1.34 -5.72
N VAL A 103 1.88 -0.83 -4.97
CA VAL A 103 1.73 -0.76 -3.49
C VAL A 103 2.06 0.65 -2.99
N ILE A 104 1.16 1.26 -2.25
CA ILE A 104 1.43 2.63 -1.71
C ILE A 104 1.79 2.52 -0.23
N ASP A 105 3.02 2.80 0.12
CA ASP A 105 3.44 2.67 1.56
C ASP A 105 3.87 4.01 2.14
N CYS A 106 3.90 4.10 3.43
CA CYS A 106 4.35 5.36 4.10
C CYS A 106 5.79 5.19 4.62
N ASN A 107 6.45 4.10 4.27
CA ASN A 107 7.85 3.87 4.74
C ASN A 107 7.98 4.13 6.24
N THR A 108 6.92 4.02 6.99
CA THR A 108 7.00 4.25 8.46
C THR A 108 6.02 3.34 9.20
N SER A 109 6.46 2.76 10.28
CA SER A 109 5.55 1.86 11.06
C SER A 109 5.25 2.48 12.43
N ASP A 110 4.00 2.61 12.76
CA ASP A 110 3.62 3.20 14.08
C ASP A 110 4.31 4.56 14.28
N GLY A 111 4.46 5.32 13.22
CA GLY A 111 5.12 6.65 13.36
C GLY A 111 6.65 6.51 13.30
N LYS A 112 7.15 5.31 13.28
CA LYS A 112 8.63 5.12 13.22
C LYS A 112 9.08 4.82 11.79
N PRO A 113 10.32 5.09 11.51
CA PRO A 113 10.86 4.84 10.14
C PRO A 113 10.89 3.34 9.85
N GLN A 114 10.35 2.94 8.73
CA GLN A 114 10.32 1.50 8.37
C GLN A 114 11.71 0.88 8.49
N ASP A 115 11.77 -0.39 8.76
CA ASP A 115 13.10 -1.07 8.87
C ASP A 115 13.50 -1.67 7.52
N ALA A 116 14.76 -1.95 7.34
CA ALA A 116 15.25 -2.51 6.04
C ALA A 116 14.32 -3.59 5.47
N VAL A 117 13.97 -4.58 6.26
CA VAL A 117 13.08 -5.66 5.73
C VAL A 117 11.65 -5.14 5.51
N SER A 118 11.23 -4.16 6.26
CA SER A 118 9.83 -3.65 6.10
C SER A 118 9.53 -3.40 4.62
N ARG A 119 10.31 -2.60 3.96
CA ARG A 119 10.07 -2.34 2.51
C ARG A 119 10.34 -3.63 1.74
N THR A 120 11.31 -4.41 2.17
CA THR A 120 11.58 -5.69 1.47
C THR A 120 10.33 -6.55 1.53
N GLN A 121 9.77 -6.71 2.70
CA GLN A 121 8.54 -7.52 2.84
C GLN A 121 7.34 -6.75 2.29
N ARG A 122 7.31 -5.46 2.48
CA ARG A 122 6.16 -4.65 1.96
C ARG A 122 6.21 -4.56 0.43
N ARG A 123 7.37 -4.30 -0.12
CA ARG A 123 7.47 -4.21 -1.61
C ARG A 123 7.01 -5.52 -2.24
N GLY A 124 7.41 -6.64 -1.68
CA GLY A 124 7.00 -7.95 -2.25
C GLY A 124 5.47 -8.04 -2.29
N ARG A 125 4.89 -7.61 -3.37
CA ARG A 125 3.41 -7.66 -3.51
C ARG A 125 3.04 -7.33 -4.96
N THR A 126 3.67 -6.32 -5.50
CA THR A 126 3.39 -5.95 -6.92
C THR A 126 4.54 -6.47 -7.79
N GLY A 127 4.24 -7.10 -8.88
CA GLY A 127 5.34 -7.61 -9.75
C GLY A 127 5.13 -9.09 -10.09
N ARG A 128 4.01 -9.66 -9.76
CA ARG A 128 3.78 -11.10 -10.07
C ARG A 128 3.25 -11.25 -11.50
N GLY A 129 4.13 -11.24 -12.47
CA GLY A 129 3.68 -11.37 -13.88
C GLY A 129 4.07 -10.09 -14.64
N LYS A 130 3.68 -8.97 -14.11
CA LYS A 130 4.01 -7.68 -14.76
C LYS A 130 4.93 -6.86 -13.83
N PRO A 131 5.34 -5.71 -14.29
CA PRO A 131 6.21 -4.85 -13.46
C PRO A 131 5.36 -4.16 -12.38
N GLY A 132 5.53 -4.54 -11.14
CA GLY A 132 4.72 -3.91 -10.06
C GLY A 132 5.25 -2.51 -9.75
N ILE A 133 4.45 -1.69 -9.11
CA ILE A 133 4.90 -0.32 -8.77
C ILE A 133 4.86 -0.14 -7.25
N TYR A 134 5.80 0.56 -6.69
CA TYR A 134 5.81 0.75 -5.21
C TYR A 134 5.97 2.23 -4.87
N ARG A 135 4.98 2.83 -4.27
CA ARG A 135 5.06 4.27 -3.90
C ARG A 135 5.33 4.41 -2.40
N PHE A 136 6.26 5.25 -2.03
CA PHE A 136 6.56 5.43 -0.58
C PHE A 136 6.50 6.91 -0.20
N VAL A 137 6.18 7.21 1.04
CA VAL A 137 6.11 8.64 1.46
C VAL A 137 7.53 9.20 1.67
N ALA A 138 8.36 8.46 2.36
CA ALA A 138 9.75 8.95 2.60
C ALA A 138 10.55 9.04 1.30
N PRO A 139 10.94 10.25 0.93
CA PRO A 139 11.71 10.45 -0.31
C PRO A 139 13.15 9.97 -0.14
N GLY A 140 13.64 9.92 1.07
CA GLY A 140 15.04 9.45 1.29
C GLY A 140 15.09 7.93 1.24
N GLU A 141 16.17 7.36 0.77
CA GLU A 141 16.28 5.88 0.70
C GLU A 141 16.46 5.30 2.11
N ARG A 142 17.41 5.80 2.85
CA ARG A 142 17.63 5.28 4.23
C ARG A 142 17.79 3.75 4.20
N GLY A 5 22.49 -6.27 10.98
CA GLY A 5 22.29 -5.60 9.67
C GLY A 5 21.65 -6.57 8.68
N SER A 6 20.54 -6.19 8.09
CA SER A 6 19.87 -7.10 7.12
C SER A 6 20.06 -6.58 5.69
N VAL A 7 20.01 -7.46 4.73
CA VAL A 7 20.19 -7.02 3.32
C VAL A 7 18.89 -7.23 2.54
N THR A 8 18.17 -6.17 2.28
CA THR A 8 16.90 -6.30 1.52
C THR A 8 17.18 -6.76 0.10
N VAL A 9 16.32 -7.57 -0.45
CA VAL A 9 16.55 -8.05 -1.85
C VAL A 9 16.23 -6.92 -2.83
N PRO A 10 16.94 -6.92 -3.93
CA PRO A 10 16.75 -5.90 -4.97
C PRO A 10 15.53 -6.21 -5.86
N HIS A 11 15.55 -7.36 -6.48
CA HIS A 11 14.45 -7.77 -7.40
C HIS A 11 13.92 -6.58 -8.21
N PRO A 12 14.60 -6.30 -9.30
CA PRO A 12 14.18 -5.17 -10.17
C PRO A 12 12.91 -5.52 -10.96
N ASN A 13 11.85 -5.85 -10.26
CA ASN A 13 10.57 -6.19 -10.96
C ASN A 13 9.52 -5.12 -10.63
N ILE A 14 9.63 -4.51 -9.49
CA ILE A 14 8.64 -3.46 -9.13
C ILE A 14 9.25 -2.07 -9.35
N GLU A 15 8.51 -1.16 -9.91
CA GLU A 15 9.05 0.20 -10.14
C GLU A 15 8.91 1.03 -8.87
N GLU A 16 9.97 1.65 -8.43
CA GLU A 16 9.89 2.46 -7.18
C GLU A 16 9.48 3.90 -7.51
N VAL A 17 8.40 4.35 -6.94
CA VAL A 17 7.93 5.74 -7.23
C VAL A 17 7.96 6.57 -5.95
N ALA A 18 8.03 7.87 -6.07
CA ALA A 18 8.05 8.74 -4.86
C ALA A 18 6.70 9.43 -4.69
N LEU A 19 5.96 9.07 -3.68
CA LEU A 19 4.63 9.70 -3.46
C LEU A 19 4.79 11.22 -3.36
N SER A 20 3.89 11.95 -3.95
CA SER A 20 3.99 13.44 -3.90
C SER A 20 2.62 14.06 -3.60
N THR A 21 2.53 15.37 -3.66
CA THR A 21 1.23 16.03 -3.39
C THR A 21 0.38 16.05 -4.67
N THR A 22 -0.33 14.99 -4.94
CA THR A 22 -1.17 14.94 -6.18
C THR A 22 -2.28 13.89 -6.05
N GLY A 23 -3.51 14.31 -5.93
CA GLY A 23 -4.59 13.29 -5.84
C GLY A 23 -5.76 13.82 -5.02
N GLU A 24 -6.73 12.98 -4.78
CA GLU A 24 -7.91 13.41 -3.99
C GLU A 24 -7.89 12.78 -2.60
N ILE A 25 -7.13 11.72 -2.42
CA ILE A 25 -7.09 11.09 -1.08
C ILE A 25 -5.84 11.55 -0.31
N PRO A 26 -6.06 12.41 0.66
CA PRO A 26 -4.93 12.94 1.46
C PRO A 26 -4.23 11.81 2.23
N PHE A 27 -2.94 11.67 2.02
CA PHE A 27 -2.18 10.58 2.70
C PHE A 27 -1.20 11.19 3.72
N TYR A 28 -0.29 10.39 4.22
CA TYR A 28 0.70 10.89 5.22
C TYR A 28 1.53 12.07 4.65
N GLY A 29 0.99 13.25 4.67
CA GLY A 29 1.74 14.43 4.14
C GLY A 29 1.82 14.36 2.61
N LYS A 30 1.19 13.39 2.01
CA LYS A 30 1.23 13.28 0.52
C LYS A 30 -0.19 13.12 -0.01
N ALA A 31 -0.43 13.46 -1.24
CA ALA A 31 -1.80 13.30 -1.79
C ALA A 31 -1.81 12.12 -2.74
N ILE A 32 -2.39 11.02 -2.34
CA ILE A 32 -2.39 9.83 -3.22
C ILE A 32 -3.32 10.07 -4.44
N PRO A 33 -2.73 10.13 -5.60
CA PRO A 33 -3.54 10.27 -6.81
C PRO A 33 -4.28 8.95 -7.02
N LEU A 34 -5.57 8.98 -7.25
CA LEU A 34 -6.32 7.71 -7.40
C LEU A 34 -5.71 6.87 -8.54
N GLU A 35 -4.91 7.47 -9.39
CA GLU A 35 -4.29 6.67 -10.49
C GLU A 35 -3.39 5.56 -9.93
N VAL A 36 -3.02 5.64 -8.67
CA VAL A 36 -2.14 4.59 -8.09
C VAL A 36 -2.96 3.49 -7.41
N ILE A 37 -4.15 3.79 -6.97
CA ILE A 37 -4.97 2.75 -6.30
C ILE A 37 -6.25 2.48 -7.13
N LYS A 38 -6.67 3.45 -7.88
CA LYS A 38 -7.89 3.27 -8.71
C LYS A 38 -7.52 2.74 -10.09
N GLY A 39 -8.39 1.97 -10.67
CA GLY A 39 -8.09 1.41 -12.02
C GLY A 39 -7.73 -0.07 -11.88
N GLY A 40 -7.64 -0.57 -10.67
CA GLY A 40 -7.29 -2.01 -10.51
C GLY A 40 -7.18 -2.37 -9.03
N ARG A 41 -6.33 -3.31 -8.70
CA ARG A 41 -6.19 -3.72 -7.27
C ARG A 41 -4.85 -3.20 -6.71
N HIS A 42 -4.87 -2.55 -5.57
CA HIS A 42 -3.61 -2.02 -4.99
C HIS A 42 -3.55 -2.25 -3.48
N LEU A 43 -2.37 -2.34 -2.93
CA LEU A 43 -2.24 -2.55 -1.45
C LEU A 43 -1.62 -1.31 -0.80
N ILE A 44 -2.36 -0.62 0.02
CA ILE A 44 -1.80 0.59 0.68
C ILE A 44 -1.32 0.21 2.08
N PHE A 45 -0.10 0.52 2.38
CA PHE A 45 0.45 0.19 3.72
C PHE A 45 0.32 1.39 4.66
N CYS A 46 -0.33 1.21 5.79
CA CYS A 46 -0.51 2.35 6.74
C CYS A 46 0.19 2.06 8.06
N HIS A 47 0.47 3.08 8.83
CA HIS A 47 1.12 2.86 10.14
C HIS A 47 0.11 3.03 11.28
N SER A 48 -1.10 3.44 10.96
CA SER A 48 -2.13 3.63 12.03
C SER A 48 -3.40 2.84 11.69
N LYS A 49 -3.96 2.19 12.67
CA LYS A 49 -5.20 1.40 12.44
C LYS A 49 -6.41 2.31 12.22
N LYS A 50 -6.53 3.36 12.99
CA LYS A 50 -7.68 4.29 12.82
C LYS A 50 -7.66 4.93 11.43
N LYS A 51 -6.50 5.23 10.93
CA LYS A 51 -6.40 5.86 9.58
C LYS A 51 -6.85 4.85 8.53
N CYS A 52 -6.55 3.59 8.73
CA CYS A 52 -6.96 2.55 7.74
C CYS A 52 -8.49 2.54 7.65
N ASP A 53 -9.16 2.77 8.74
CA ASP A 53 -10.66 2.76 8.71
C ASP A 53 -11.18 3.88 7.80
N GLU A 54 -10.69 5.08 7.97
CA GLU A 54 -11.16 6.22 7.12
C GLU A 54 -10.61 6.07 5.69
N LEU A 55 -9.38 5.67 5.56
CA LEU A 55 -8.77 5.51 4.20
C LEU A 55 -9.59 4.55 3.34
N ALA A 56 -10.08 3.48 3.91
CA ALA A 56 -10.89 2.53 3.09
C ALA A 56 -12.29 3.08 2.82
N ALA A 57 -12.97 3.52 3.85
CA ALA A 57 -14.34 4.08 3.63
C ALA A 57 -14.25 5.30 2.70
N LYS A 58 -13.26 6.12 2.89
CA LYS A 58 -13.10 7.32 2.03
C LYS A 58 -12.99 6.88 0.57
N LEU A 59 -12.16 5.90 0.30
CA LEU A 59 -12.00 5.41 -1.09
C LEU A 59 -13.34 4.99 -1.68
N VAL A 60 -14.16 4.31 -0.92
CA VAL A 60 -15.48 3.89 -1.45
C VAL A 60 -16.24 5.14 -1.92
N ALA A 61 -16.04 6.25 -1.27
CA ALA A 61 -16.74 7.51 -1.69
C ALA A 61 -16.08 8.06 -2.95
N LEU A 62 -14.80 7.85 -3.12
CA LEU A 62 -14.08 8.35 -4.31
C LEU A 62 -14.49 7.52 -5.54
N GLY A 63 -14.90 6.31 -5.30
CA GLY A 63 -15.31 5.42 -6.43
C GLY A 63 -14.43 4.16 -6.43
N ILE A 64 -13.60 4.01 -5.43
CA ILE A 64 -12.69 2.83 -5.35
C ILE A 64 -13.15 1.89 -4.25
N ASN A 65 -13.05 0.60 -4.44
CA ASN A 65 -13.46 -0.33 -3.36
C ASN A 65 -12.25 -0.51 -2.45
N ALA A 66 -12.28 0.07 -1.29
CA ALA A 66 -11.09 -0.03 -0.41
C ALA A 66 -11.45 -0.68 0.92
N VAL A 67 -10.54 -1.45 1.46
CA VAL A 67 -10.80 -2.12 2.77
C VAL A 67 -9.58 -1.95 3.65
N ALA A 68 -9.77 -1.80 4.93
CA ALA A 68 -8.59 -1.66 5.82
C ALA A 68 -8.43 -2.93 6.66
N TYR A 69 -7.26 -3.48 6.67
CA TYR A 69 -7.02 -4.72 7.48
C TYR A 69 -5.97 -4.47 8.55
N TYR A 70 -6.21 -4.95 9.74
CA TYR A 70 -5.23 -4.76 10.85
C TYR A 70 -5.63 -5.61 12.05
N ARG A 71 -4.82 -5.64 13.07
CA ARG A 71 -5.16 -6.48 14.26
C ARG A 71 -6.58 -6.16 14.76
N GLY A 72 -7.44 -7.14 14.80
CA GLY A 72 -8.83 -6.91 15.29
C GLY A 72 -9.70 -6.40 14.14
N LEU A 73 -9.46 -6.85 12.95
CA LEU A 73 -10.28 -6.39 11.78
C LEU A 73 -11.05 -7.57 11.18
N ASP A 74 -12.13 -7.30 10.51
CA ASP A 74 -12.93 -8.42 9.91
C ASP A 74 -12.53 -8.67 8.46
N VAL A 75 -12.62 -9.88 8.02
CA VAL A 75 -12.26 -10.17 6.60
C VAL A 75 -13.22 -9.41 5.68
N SER A 76 -12.73 -8.44 4.97
CA SER A 76 -13.61 -7.66 4.06
C SER A 76 -12.94 -7.44 2.70
N VAL A 77 -11.64 -7.30 2.69
CA VAL A 77 -10.93 -7.08 1.39
C VAL A 77 -11.31 -8.17 0.38
N ILE A 78 -11.50 -7.82 -0.85
CA ILE A 78 -11.86 -8.84 -1.88
C ILE A 78 -11.08 -8.60 -3.19
N PRO A 79 -9.94 -9.23 -3.30
CA PRO A 79 -9.12 -9.09 -4.52
C PRO A 79 -9.57 -10.11 -5.57
N THR A 80 -10.83 -10.11 -5.91
CA THR A 80 -11.32 -11.09 -6.91
C THR A 80 -12.13 -10.41 -8.04
N ASN A 81 -12.69 -9.26 -7.77
CA ASN A 81 -13.49 -8.58 -8.84
C ASN A 81 -13.52 -7.07 -8.61
N GLY A 82 -13.79 -6.32 -9.65
CA GLY A 82 -13.85 -4.84 -9.50
C GLY A 82 -12.50 -4.32 -8.99
N ASP A 83 -12.25 -3.05 -9.15
CA ASP A 83 -10.96 -2.51 -8.65
C ASP A 83 -11.03 -2.27 -7.16
N VAL A 84 -10.43 -3.15 -6.42
CA VAL A 84 -10.44 -3.03 -4.94
C VAL A 84 -9.04 -2.70 -4.44
N VAL A 85 -8.95 -1.77 -3.56
CA VAL A 85 -7.61 -1.40 -3.01
C VAL A 85 -7.54 -1.80 -1.55
N VAL A 86 -6.55 -2.56 -1.19
CA VAL A 86 -6.44 -3.02 0.22
C VAL A 86 -5.48 -2.12 0.99
N VAL A 87 -5.96 -1.42 1.99
CA VAL A 87 -5.06 -0.54 2.77
C VAL A 87 -4.88 -1.13 4.17
N ALA A 88 -3.80 -1.80 4.40
CA ALA A 88 -3.61 -2.43 5.75
C ALA A 88 -2.16 -2.35 6.21
N THR A 89 -1.93 -2.55 7.47
CA THR A 89 -0.54 -2.50 8.01
C THR A 89 0.11 -3.89 7.87
N ASP A 90 0.78 -4.36 8.89
CA ASP A 90 1.42 -5.70 8.78
C ASP A 90 0.46 -6.80 9.25
N ALA A 91 -0.78 -6.72 8.86
CA ALA A 91 -1.76 -7.77 9.29
C ALA A 91 -2.24 -8.57 8.07
N LEU A 92 -2.22 -7.99 6.91
CA LEU A 92 -2.66 -8.73 5.69
C LEU A 92 -1.59 -9.73 5.27
N MET A 93 -0.35 -9.42 5.53
CA MET A 93 0.76 -10.34 5.13
C MET A 93 0.60 -10.74 3.65
N THR A 94 0.36 -11.99 3.34
CA THR A 94 0.20 -12.39 1.90
C THR A 94 0.00 -13.90 1.80
N GLY A 95 -0.80 -14.48 2.65
CA GLY A 95 -1.03 -15.94 2.59
C GLY A 95 -1.79 -16.28 1.32
N PHE A 96 -2.59 -15.37 0.83
CA PHE A 96 -3.36 -15.63 -0.42
C PHE A 96 -3.36 -14.40 -1.32
N THR A 97 -2.41 -13.51 -1.15
CA THR A 97 -2.36 -12.30 -2.01
C THR A 97 -1.31 -12.46 -3.12
N GLY A 98 -0.89 -11.39 -3.73
CA GLY A 98 0.14 -11.49 -4.80
C GLY A 98 -0.42 -10.97 -6.13
N ASP A 99 -1.56 -10.32 -6.11
CA ASP A 99 -2.13 -9.80 -7.38
C ASP A 99 -2.39 -8.29 -7.27
N PHE A 100 -1.35 -7.50 -7.14
CA PHE A 100 -1.56 -6.03 -7.04
C PHE A 100 -0.85 -5.31 -8.19
N ASP A 101 -1.34 -4.17 -8.57
CA ASP A 101 -0.69 -3.40 -9.66
C ASP A 101 0.36 -2.46 -9.08
N SER A 102 0.13 -2.00 -7.87
CA SER A 102 1.11 -1.08 -7.22
C SER A 102 0.89 -1.06 -5.70
N VAL A 103 1.85 -0.58 -4.96
CA VAL A 103 1.69 -0.52 -3.47
C VAL A 103 2.05 0.87 -2.95
N ILE A 104 1.13 1.50 -2.26
CA ILE A 104 1.40 2.86 -1.70
C ILE A 104 1.79 2.72 -0.23
N ASP A 105 3.02 3.02 0.11
CA ASP A 105 3.44 2.87 1.53
C ASP A 105 3.94 4.19 2.11
N CYS A 106 3.98 4.29 3.40
CA CYS A 106 4.49 5.53 4.05
C CYS A 106 5.94 5.31 4.52
N ASN A 107 6.52 4.17 4.20
CA ASN A 107 7.92 3.89 4.63
C ASN A 107 8.10 4.18 6.12
N THR A 108 7.06 4.13 6.88
CA THR A 108 7.19 4.39 8.34
C THR A 108 6.20 3.52 9.13
N SER A 109 6.68 2.79 10.09
CA SER A 109 5.79 1.92 10.90
C SER A 109 5.60 2.50 12.30
N ASP A 110 4.37 2.60 12.75
CA ASP A 110 4.13 3.18 14.11
C ASP A 110 4.80 4.54 14.24
N GLY A 111 4.98 5.23 13.14
CA GLY A 111 5.62 6.57 13.20
C GLY A 111 7.13 6.43 12.95
N LYS A 112 7.70 5.34 13.38
CA LYS A 112 9.16 5.13 13.17
C LYS A 112 9.44 4.70 11.73
N PRO A 113 10.65 4.92 11.28
CA PRO A 113 11.02 4.54 9.89
C PRO A 113 10.91 3.03 9.70
N GLN A 114 10.21 2.61 8.68
CA GLN A 114 10.03 1.14 8.42
C GLN A 114 11.36 0.40 8.54
N ASP A 115 11.31 -0.82 9.00
CA ASP A 115 12.58 -1.62 9.15
C ASP A 115 13.03 -2.14 7.77
N ALA A 116 14.27 -2.50 7.66
CA ALA A 116 14.80 -3.00 6.35
C ALA A 116 13.87 -4.03 5.70
N VAL A 117 13.50 -5.07 6.41
CA VAL A 117 12.62 -6.10 5.80
C VAL A 117 11.22 -5.56 5.54
N SER A 118 10.76 -4.61 6.31
CA SER A 118 9.38 -4.06 6.09
C SER A 118 9.15 -3.76 4.62
N ARG A 119 9.99 -2.95 4.02
CA ARG A 119 9.81 -2.65 2.58
C ARG A 119 10.13 -3.90 1.78
N THR A 120 11.07 -4.69 2.23
CA THR A 120 11.39 -5.94 1.49
C THR A 120 10.13 -6.81 1.44
N GLN A 121 9.51 -7.02 2.57
CA GLN A 121 8.27 -7.83 2.59
C GLN A 121 7.11 -7.03 1.99
N ARG A 122 7.07 -5.74 2.23
CA ARG A 122 5.95 -4.91 1.67
C ARG A 122 6.09 -4.76 0.16
N ARG A 123 7.27 -4.49 -0.34
CA ARG A 123 7.45 -4.33 -1.81
C ARG A 123 6.96 -5.59 -2.54
N GLY A 124 7.29 -6.75 -2.04
CA GLY A 124 6.85 -8.01 -2.72
C GLY A 124 5.33 -8.10 -2.67
N ARG A 125 4.67 -7.40 -3.54
CA ARG A 125 3.18 -7.45 -3.60
C ARG A 125 2.75 -7.15 -5.03
N THR A 126 3.34 -6.17 -5.63
CA THR A 126 3.02 -5.82 -7.04
C THR A 126 4.08 -6.40 -7.96
N GLY A 127 3.71 -6.86 -9.12
CA GLY A 127 4.73 -7.42 -10.03
C GLY A 127 4.79 -8.94 -9.88
N ARG A 128 3.82 -9.54 -9.26
CA ARG A 128 3.83 -11.02 -9.10
C ARG A 128 3.90 -11.69 -10.47
N GLY A 129 3.31 -11.09 -11.47
CA GLY A 129 3.34 -11.69 -12.84
C GLY A 129 3.70 -10.61 -13.86
N LYS A 130 4.30 -9.53 -13.41
CA LYS A 130 4.67 -8.43 -14.33
C LYS A 130 5.49 -7.38 -13.54
N PRO A 131 5.66 -6.20 -14.09
CA PRO A 131 6.41 -5.16 -13.37
C PRO A 131 5.50 -4.38 -12.42
N GLY A 132 5.55 -4.66 -11.13
CA GLY A 132 4.67 -3.94 -10.16
C GLY A 132 5.21 -2.53 -9.92
N ILE A 133 4.51 -1.75 -9.15
CA ILE A 133 4.96 -0.35 -8.85
C ILE A 133 4.89 -0.12 -7.34
N TYR A 134 5.82 0.60 -6.79
CA TYR A 134 5.77 0.85 -5.33
C TYR A 134 5.96 2.33 -5.02
N ARG A 135 4.96 2.95 -4.45
CA ARG A 135 5.07 4.40 -4.10
C ARG A 135 5.34 4.53 -2.60
N PHE A 136 6.26 5.37 -2.23
CA PHE A 136 6.56 5.55 -0.77
C PHE A 136 6.54 7.03 -0.41
N VAL A 137 6.17 7.36 0.81
CA VAL A 137 6.14 8.80 1.21
C VAL A 137 7.56 9.31 1.41
N ALA A 138 8.43 8.50 1.94
CA ALA A 138 9.84 8.96 2.16
C ALA A 138 10.82 7.90 1.63
N PRO A 139 11.92 8.36 1.08
CA PRO A 139 12.95 7.43 0.54
C PRO A 139 13.71 6.77 1.69
N GLY A 140 14.20 7.55 2.61
CA GLY A 140 14.96 6.98 3.76
C GLY A 140 16.14 7.88 4.10
N GLU A 141 16.98 8.16 3.13
CA GLU A 141 18.15 9.03 3.39
C GLU A 141 17.79 10.50 3.13
N ARG A 142 17.32 10.81 1.95
CA ARG A 142 16.95 12.23 1.64
C ARG A 142 15.70 12.25 0.76
N GLY A 5 24.82 -1.07 6.45
CA GLY A 5 24.46 -2.12 7.46
C GLY A 5 23.34 -3.00 6.91
N SER A 6 22.15 -2.47 6.86
CA SER A 6 21.01 -3.29 6.35
C SER A 6 20.79 -3.02 4.85
N VAL A 7 21.09 -3.99 4.02
CA VAL A 7 20.90 -3.80 2.56
C VAL A 7 19.79 -4.72 2.05
N THR A 8 18.63 -4.18 1.79
CA THR A 8 17.51 -5.02 1.29
C THR A 8 17.85 -5.60 -0.08
N VAL A 9 17.40 -6.80 -0.36
CA VAL A 9 17.71 -7.42 -1.67
C VAL A 9 16.97 -6.66 -2.79
N PRO A 10 17.62 -6.61 -3.94
CA PRO A 10 17.02 -5.93 -5.12
C PRO A 10 15.85 -6.73 -5.67
N HIS A 11 15.29 -6.27 -6.76
CA HIS A 11 14.15 -6.99 -7.39
C HIS A 11 13.76 -6.27 -8.69
N PRO A 12 14.46 -6.61 -9.74
CA PRO A 12 14.17 -5.98 -11.06
C PRO A 12 12.79 -6.42 -11.58
N ASN A 13 11.77 -5.75 -11.13
CA ASN A 13 10.38 -6.09 -11.57
C ASN A 13 9.40 -5.04 -11.04
N ILE A 14 9.62 -4.56 -9.84
CA ILE A 14 8.70 -3.54 -9.28
C ILE A 14 9.27 -2.13 -9.54
N GLU A 15 8.48 -1.25 -10.11
CA GLU A 15 8.97 0.12 -10.37
C GLU A 15 8.81 0.96 -9.10
N GLU A 16 9.84 1.62 -8.65
CA GLU A 16 9.72 2.43 -7.41
C GLU A 16 9.28 3.84 -7.75
N VAL A 17 8.33 4.37 -7.02
CA VAL A 17 7.84 5.75 -7.31
C VAL A 17 7.86 6.59 -6.04
N ALA A 18 7.89 7.89 -6.19
CA ALA A 18 7.91 8.78 -4.99
C ALA A 18 6.55 9.47 -4.83
N LEU A 19 5.83 9.16 -3.79
CA LEU A 19 4.50 9.80 -3.59
C LEU A 19 4.64 11.32 -3.62
N SER A 20 3.67 12.01 -4.15
CA SER A 20 3.77 13.49 -4.22
C SER A 20 2.40 14.13 -3.90
N THR A 21 2.37 15.42 -3.72
CA THR A 21 1.07 16.09 -3.42
C THR A 21 0.20 16.14 -4.68
N THR A 22 -0.48 15.07 -4.98
CA THR A 22 -1.34 15.04 -6.19
C THR A 22 -2.41 13.97 -6.09
N GLY A 23 -3.66 14.34 -5.97
CA GLY A 23 -4.72 13.31 -5.88
C GLY A 23 -5.90 13.80 -5.07
N GLU A 24 -6.81 12.92 -4.75
CA GLU A 24 -8.00 13.31 -3.95
C GLU A 24 -7.93 12.67 -2.57
N ILE A 25 -7.15 11.63 -2.41
CA ILE A 25 -7.08 10.98 -1.07
C ILE A 25 -5.80 11.46 -0.33
N PRO A 26 -6.00 12.34 0.62
CA PRO A 26 -4.84 12.89 1.38
C PRO A 26 -4.14 11.78 2.17
N PHE A 27 -2.85 11.66 1.97
CA PHE A 27 -2.08 10.61 2.68
C PHE A 27 -1.10 11.25 3.68
N TYR A 28 -0.20 10.47 4.22
CA TYR A 28 0.78 11.01 5.21
C TYR A 28 1.63 12.13 4.59
N GLY A 29 1.12 13.33 4.56
CA GLY A 29 1.90 14.47 4.00
C GLY A 29 1.93 14.40 2.46
N LYS A 30 1.30 13.41 1.88
CA LYS A 30 1.29 13.31 0.39
C LYS A 30 -0.14 13.12 -0.10
N ALA A 31 -0.41 13.46 -1.33
CA ALA A 31 -1.80 13.27 -1.85
C ALA A 31 -1.81 12.11 -2.83
N ILE A 32 -2.37 11.01 -2.43
CA ILE A 32 -2.39 9.83 -3.34
C ILE A 32 -3.34 10.07 -4.52
N PRO A 33 -2.79 10.17 -5.70
CA PRO A 33 -3.64 10.30 -6.90
C PRO A 33 -4.35 8.96 -7.08
N LEU A 34 -5.64 8.97 -7.27
CA LEU A 34 -6.35 7.67 -7.41
C LEU A 34 -5.75 6.85 -8.56
N GLU A 35 -5.02 7.47 -9.44
CA GLU A 35 -4.41 6.70 -10.56
C GLU A 35 -3.49 5.60 -10.02
N VAL A 36 -3.10 5.67 -8.77
CA VAL A 36 -2.20 4.62 -8.20
C VAL A 36 -3.00 3.51 -7.52
N ILE A 37 -4.19 3.81 -7.06
CA ILE A 37 -4.99 2.74 -6.38
C ILE A 37 -6.30 2.47 -7.14
N LYS A 38 -6.69 3.34 -8.04
CA LYS A 38 -7.94 3.11 -8.80
C LYS A 38 -7.63 2.51 -10.18
N GLY A 39 -8.51 1.69 -10.67
CA GLY A 39 -8.28 1.06 -11.99
C GLY A 39 -7.83 -0.39 -11.80
N GLY A 40 -7.65 -0.82 -10.57
CA GLY A 40 -7.21 -2.23 -10.36
C GLY A 40 -7.14 -2.55 -8.87
N ARG A 41 -6.26 -3.43 -8.49
CA ARG A 41 -6.13 -3.80 -7.05
C ARG A 41 -4.82 -3.26 -6.47
N HIS A 42 -4.89 -2.63 -5.33
CA HIS A 42 -3.64 -2.07 -4.72
C HIS A 42 -3.62 -2.30 -3.21
N LEU A 43 -2.46 -2.43 -2.64
CA LEU A 43 -2.36 -2.65 -1.18
C LEU A 43 -1.76 -1.41 -0.50
N ILE A 44 -2.51 -0.74 0.32
CA ILE A 44 -1.97 0.47 1.01
C ILE A 44 -1.47 0.06 2.40
N PHE A 45 -0.24 0.36 2.71
CA PHE A 45 0.29 -0.02 4.05
C PHE A 45 0.14 1.16 5.01
N CYS A 46 -0.54 0.98 6.11
CA CYS A 46 -0.72 2.09 7.08
C CYS A 46 -0.06 1.73 8.42
N HIS A 47 0.23 2.71 9.23
CA HIS A 47 0.83 2.42 10.56
C HIS A 47 -0.20 2.67 11.67
N SER A 48 -1.38 3.12 11.33
CA SER A 48 -2.41 3.37 12.37
C SER A 48 -3.75 2.76 11.94
N LYS A 49 -4.45 2.17 12.87
CA LYS A 49 -5.76 1.55 12.55
C LYS A 49 -6.81 2.64 12.27
N LYS A 50 -6.71 3.74 12.94
CA LYS A 50 -7.70 4.84 12.72
C LYS A 50 -7.62 5.35 11.28
N LYS A 51 -6.44 5.36 10.71
CA LYS A 51 -6.29 5.84 9.30
C LYS A 51 -6.84 4.79 8.35
N CYS A 52 -6.65 3.53 8.66
CA CYS A 52 -7.17 2.45 7.78
C CYS A 52 -8.70 2.57 7.67
N ASP A 53 -9.34 2.89 8.76
CA ASP A 53 -10.83 3.02 8.72
C ASP A 53 -11.23 4.15 7.76
N GLU A 54 -10.58 5.29 7.88
CA GLU A 54 -10.91 6.43 6.99
C GLU A 54 -10.43 6.16 5.55
N LEU A 55 -9.23 5.67 5.40
CA LEU A 55 -8.69 5.40 4.04
C LEU A 55 -9.60 4.45 3.26
N ALA A 56 -10.06 3.39 3.88
CA ALA A 56 -10.93 2.44 3.15
C ALA A 56 -12.32 3.06 2.92
N ALA A 57 -12.94 3.57 3.95
CA ALA A 57 -14.29 4.18 3.77
C ALA A 57 -14.18 5.39 2.84
N LYS A 58 -13.16 6.19 3.00
CA LYS A 58 -13.00 7.38 2.13
C LYS A 58 -12.91 6.93 0.66
N LEU A 59 -12.11 5.94 0.41
CA LEU A 59 -11.96 5.43 -0.98
C LEU A 59 -13.33 5.03 -1.55
N VAL A 60 -14.13 4.36 -0.77
CA VAL A 60 -15.47 3.95 -1.27
C VAL A 60 -16.23 5.20 -1.76
N ALA A 61 -15.99 6.32 -1.12
CA ALA A 61 -16.67 7.58 -1.55
C ALA A 61 -16.02 8.11 -2.84
N LEU A 62 -14.75 7.87 -3.02
CA LEU A 62 -14.05 8.35 -4.24
C LEU A 62 -14.49 7.52 -5.45
N GLY A 63 -14.90 6.31 -5.20
CA GLY A 63 -15.34 5.41 -6.30
C GLY A 63 -14.47 4.14 -6.29
N ILE A 64 -13.60 4.01 -5.32
CA ILE A 64 -12.72 2.82 -5.23
C ILE A 64 -13.20 1.89 -4.13
N ASN A 65 -13.09 0.61 -4.32
CA ASN A 65 -13.51 -0.30 -3.22
C ASN A 65 -12.30 -0.50 -2.33
N ALA A 66 -12.29 0.11 -1.19
CA ALA A 66 -11.10 -0.02 -0.32
C ALA A 66 -11.46 -0.71 1.00
N VAL A 67 -10.56 -1.52 1.49
CA VAL A 67 -10.84 -2.22 2.78
C VAL A 67 -9.67 -2.02 3.74
N ALA A 68 -9.94 -1.81 4.98
CA ALA A 68 -8.82 -1.63 5.95
C ALA A 68 -8.62 -2.94 6.72
N TYR A 69 -7.45 -3.50 6.67
CA TYR A 69 -7.21 -4.79 7.39
C TYR A 69 -6.18 -4.61 8.52
N TYR A 70 -6.47 -5.15 9.67
CA TYR A 70 -5.53 -5.05 10.81
C TYR A 70 -5.97 -5.99 11.94
N ARG A 71 -5.16 -6.15 12.94
CA ARG A 71 -5.52 -7.07 14.06
C ARG A 71 -6.92 -6.74 14.60
N GLY A 72 -7.83 -7.67 14.51
CA GLY A 72 -9.21 -7.41 15.02
C GLY A 72 -10.08 -6.84 13.90
N LEU A 73 -9.88 -7.31 12.69
CA LEU A 73 -10.69 -6.79 11.56
C LEU A 73 -11.54 -7.91 10.95
N ASP A 74 -12.63 -7.56 10.32
CA ASP A 74 -13.51 -8.61 9.70
C ASP A 74 -13.10 -8.87 8.25
N VAL A 75 -13.30 -10.06 7.77
CA VAL A 75 -12.94 -10.34 6.35
C VAL A 75 -13.78 -9.46 5.43
N SER A 76 -13.16 -8.51 4.79
CA SER A 76 -13.91 -7.60 3.88
C SER A 76 -13.16 -7.46 2.55
N VAL A 77 -11.86 -7.38 2.59
CA VAL A 77 -11.06 -7.24 1.34
C VAL A 77 -11.52 -8.27 0.31
N ILE A 78 -11.74 -7.85 -0.91
CA ILE A 78 -12.20 -8.81 -1.95
C ILE A 78 -11.44 -8.61 -3.26
N PRO A 79 -10.45 -9.43 -3.48
CA PRO A 79 -9.65 -9.35 -4.72
C PRO A 79 -10.35 -10.12 -5.85
N THR A 80 -11.63 -9.90 -6.03
CA THR A 80 -12.37 -10.63 -7.10
C THR A 80 -13.49 -9.75 -7.67
N ASN A 81 -13.23 -8.48 -7.85
CA ASN A 81 -14.29 -7.57 -8.40
C ASN A 81 -13.67 -6.53 -9.32
N GLY A 82 -14.41 -5.50 -9.65
CA GLY A 82 -13.86 -4.45 -10.55
C GLY A 82 -12.49 -3.98 -10.05
N ASP A 83 -12.46 -3.18 -9.03
CA ASP A 83 -11.14 -2.70 -8.50
C ASP A 83 -11.23 -2.48 -7.00
N VAL A 84 -10.51 -3.28 -6.26
CA VAL A 84 -10.51 -3.16 -4.78
C VAL A 84 -9.11 -2.81 -4.30
N VAL A 85 -9.03 -1.88 -3.42
CA VAL A 85 -7.70 -1.48 -2.87
C VAL A 85 -7.64 -1.86 -1.39
N VAL A 86 -6.69 -2.65 -1.00
CA VAL A 86 -6.63 -3.09 0.43
C VAL A 86 -5.66 -2.22 1.22
N VAL A 87 -6.14 -1.51 2.22
CA VAL A 87 -5.21 -0.68 3.04
C VAL A 87 -5.04 -1.32 4.41
N ALA A 88 -3.98 -2.03 4.62
CA ALA A 88 -3.78 -2.71 5.93
C ALA A 88 -2.34 -2.52 6.43
N THR A 89 -2.15 -2.62 7.72
CA THR A 89 -0.77 -2.45 8.28
C THR A 89 0.00 -3.77 8.20
N ASP A 90 -0.63 -4.86 8.53
CA ASP A 90 0.07 -6.18 8.48
C ASP A 90 -0.88 -7.31 8.89
N ALA A 91 -2.14 -7.17 8.58
CA ALA A 91 -3.11 -8.23 8.96
C ALA A 91 -3.47 -9.07 7.73
N LEU A 92 -3.46 -8.48 6.57
CA LEU A 92 -3.79 -9.24 5.33
C LEU A 92 -2.67 -10.24 5.02
N MET A 93 -1.52 -10.07 5.62
CA MET A 93 -0.39 -11.00 5.35
C MET A 93 -0.14 -11.10 3.84
N THR A 94 0.60 -12.08 3.42
CA THR A 94 0.87 -12.22 1.97
C THR A 94 0.73 -13.68 1.55
N GLY A 95 -0.11 -14.42 2.22
CA GLY A 95 -0.28 -15.86 1.86
C GLY A 95 -0.91 -15.96 0.47
N PHE A 96 -1.88 -15.14 0.18
CA PHE A 96 -2.54 -15.20 -1.16
C PHE A 96 -2.41 -13.85 -1.89
N THR A 97 -1.54 -12.99 -1.43
CA THR A 97 -1.39 -11.66 -2.09
C THR A 97 -0.50 -11.81 -3.35
N GLY A 98 0.09 -10.72 -3.77
CA GLY A 98 0.98 -10.79 -4.97
C GLY A 98 0.25 -10.24 -6.19
N ASP A 99 -1.04 -10.40 -6.27
CA ASP A 99 -1.78 -9.89 -7.46
C ASP A 99 -2.12 -8.41 -7.26
N PHE A 100 -1.13 -7.58 -7.05
CA PHE A 100 -1.42 -6.13 -6.87
C PHE A 100 -0.70 -5.32 -7.94
N ASP A 101 -1.25 -4.22 -8.33
CA ASP A 101 -0.59 -3.38 -9.36
C ASP A 101 0.46 -2.49 -8.71
N SER A 102 0.23 -2.08 -7.48
CA SER A 102 1.22 -1.20 -6.79
C SER A 102 1.01 -1.20 -5.27
N VAL A 103 2.00 -0.75 -4.53
CA VAL A 103 1.87 -0.69 -3.05
C VAL A 103 2.20 0.73 -2.56
N ILE A 104 1.26 1.40 -1.96
CA ILE A 104 1.51 2.79 -1.47
C ILE A 104 1.85 2.75 0.04
N ASP A 105 3.04 3.14 0.41
CA ASP A 105 3.42 3.09 1.85
C ASP A 105 3.99 4.41 2.33
N CYS A 106 4.01 4.61 3.63
CA CYS A 106 4.59 5.86 4.19
C CYS A 106 6.07 5.63 4.51
N ASN A 107 6.54 4.41 4.40
CA ASN A 107 7.98 4.10 4.70
C ASN A 107 8.36 4.53 6.12
N THR A 108 7.42 4.82 6.96
CA THR A 108 7.76 5.23 8.34
C THR A 108 6.71 4.67 9.31
N SER A 109 7.14 3.90 10.27
CA SER A 109 6.16 3.32 11.25
C SER A 109 6.15 4.14 12.54
N ASP A 110 4.99 4.48 13.03
CA ASP A 110 4.90 5.28 14.29
C ASP A 110 5.79 6.52 14.20
N GLY A 111 5.98 7.04 13.02
CA GLY A 111 6.84 8.26 12.89
C GLY A 111 8.28 7.86 12.57
N LYS A 112 8.70 6.70 13.01
CA LYS A 112 10.09 6.26 12.74
C LYS A 112 10.18 5.68 11.33
N PRO A 113 11.36 5.71 10.76
CA PRO A 113 11.56 5.18 9.39
C PRO A 113 11.35 3.66 9.36
N GLN A 114 10.67 3.17 8.36
CA GLN A 114 10.41 1.71 8.26
C GLN A 114 11.70 0.91 8.44
N ASP A 115 11.60 -0.32 8.87
CA ASP A 115 12.83 -1.14 9.05
C ASP A 115 13.26 -1.72 7.70
N ALA A 116 14.51 -2.10 7.58
CA ALA A 116 15.02 -2.66 6.30
C ALA A 116 14.07 -3.70 5.69
N VAL A 117 13.67 -4.67 6.46
CA VAL A 117 12.76 -5.73 5.92
C VAL A 117 11.36 -5.16 5.63
N SER A 118 10.94 -4.16 6.36
CA SER A 118 9.56 -3.60 6.12
C SER A 118 9.33 -3.38 4.62
N ARG A 119 10.17 -2.62 3.99
CA ARG A 119 10.00 -2.40 2.52
C ARG A 119 10.28 -3.70 1.79
N THR A 120 11.22 -4.47 2.27
CA THR A 120 11.52 -5.77 1.60
C THR A 120 10.25 -6.61 1.62
N GLN A 121 9.61 -6.68 2.76
CA GLN A 121 8.35 -7.48 2.87
C GLN A 121 7.21 -6.72 2.17
N ARG A 122 7.15 -5.42 2.33
CA ARG A 122 6.07 -4.63 1.68
C ARG A 122 6.27 -4.60 0.16
N ARG A 123 7.47 -4.38 -0.29
CA ARG A 123 7.75 -4.34 -1.75
C ARG A 123 7.30 -5.66 -2.40
N GLY A 124 7.59 -6.77 -1.77
CA GLY A 124 7.21 -8.09 -2.34
C GLY A 124 5.67 -8.22 -2.36
N ARG A 125 5.03 -7.51 -3.24
CA ARG A 125 3.55 -7.57 -3.33
C ARG A 125 3.14 -7.31 -4.79
N THR A 126 3.70 -6.30 -5.40
CA THR A 126 3.39 -6.01 -6.81
C THR A 126 4.46 -6.62 -7.71
N GLY A 127 4.09 -7.15 -8.84
CA GLY A 127 5.12 -7.75 -9.73
C GLY A 127 4.77 -9.22 -10.03
N ARG A 128 3.57 -9.63 -9.80
CA ARG A 128 3.20 -11.05 -10.07
C ARG A 128 2.70 -11.19 -11.51
N GLY A 129 3.60 -11.29 -12.45
CA GLY A 129 3.19 -11.42 -13.88
C GLY A 129 3.71 -10.20 -14.64
N LYS A 130 3.43 -9.04 -14.15
CA LYS A 130 3.90 -7.79 -14.80
C LYS A 130 4.84 -7.05 -13.84
N PRO A 131 5.40 -5.95 -14.30
CA PRO A 131 6.29 -5.16 -13.42
C PRO A 131 5.44 -4.42 -12.38
N GLY A 132 5.56 -4.78 -11.14
CA GLY A 132 4.74 -4.10 -10.09
C GLY A 132 5.25 -2.69 -9.86
N ILE A 133 4.61 -1.95 -9.00
CA ILE A 133 5.07 -0.55 -8.72
C ILE A 133 5.06 -0.31 -7.21
N TYR A 134 6.01 0.43 -6.71
CA TYR A 134 6.01 0.71 -5.25
C TYR A 134 6.07 2.22 -5.01
N ARG A 135 5.02 2.76 -4.45
CA ARG A 135 4.99 4.22 -4.17
C ARG A 135 5.18 4.46 -2.67
N PHE A 136 6.17 5.21 -2.29
CA PHE A 136 6.39 5.45 -0.83
C PHE A 136 6.38 6.96 -0.54
N VAL A 137 6.12 7.33 0.68
CA VAL A 137 6.11 8.78 1.03
C VAL A 137 7.55 9.30 1.17
N ALA A 138 8.42 8.52 1.77
CA ALA A 138 9.83 8.96 1.92
C ALA A 138 10.78 7.84 1.47
N PRO A 139 11.88 8.23 0.87
CA PRO A 139 12.87 7.24 0.39
C PRO A 139 13.67 6.66 1.57
N GLY A 140 14.30 7.51 2.34
CA GLY A 140 15.10 7.02 3.49
C GLY A 140 16.53 7.54 3.39
N GLU A 141 17.40 6.79 2.76
CA GLU A 141 18.81 7.25 2.63
C GLU A 141 19.39 7.58 3.99
N ARG A 142 19.58 6.60 4.83
CA ARG A 142 20.15 6.87 6.19
C ARG A 142 21.40 6.01 6.42
#